data_5C0W
#
_entry.id   5C0W
#
_cell.length_a   195.380
_cell.length_b   195.380
_cell.length_c   463.650
_cell.angle_alpha   90.000
_cell.angle_beta   90.000
_cell.angle_gamma   120.000
#
_symmetry.space_group_name_H-M   'P 32 2 1'
#
loop_
_entity.id
_entity.type
_entity.pdbx_description
1 polymer 'Exosome complex component RRP45'
2 polymer 'Exosome complex component SKI6'
3 polymer 'Exosome complex component RRP43'
4 polymer 'Exosome complex component RRP46'
5 polymer 'Exosome complex component RRP42'
6 polymer 'Exosome complex component MTR3'
7 polymer 'Exosome complex component RRP40'
8 polymer 'Exosome complex component RRP4'
9 polymer 'Exosome complex component CSL4'
10 polymer 'Exosome complex exonuclease DIS3'
11 polymer 'Exosome complex exonuclease RRP6'
12 polymer 'Exosome complex protein LRP1'
13 polymer 'RNA synthetic'
14 non-polymer 'MAGNESIUM ION'
15 non-polymer 'ZINC ION'
#
loop_
_entity_poly.entity_id
_entity_poly.type
_entity_poly.pdbx_seq_one_letter_code
_entity_poly.pdbx_strand_id
1 'polypeptide(L)'
;MAKDIEISASESKFILEALRQNYRLDGRSFDQFRDVEITFGKEFGDVSVKMGNTKVHCRISCQIAQPYEDRPFEGLFVIS
TEISPMAGSQFENGNITGEDEVLCSRIIEKSVRRSGALDVEGLCIVAGSKCWAVRADVHFLDCDGGFIDASCIAVMAGLM
HFKKPDITVHGEQIIVHPVNEREPVPLGILHIPICVTFSFFNPQDTEENIKGETNSEISIIDATLKEELLRDGVLTVTLN
KNREVVQVSKAGGLPMDALTLMKCCHEAYSIIEKITDQILQLLKEDSEKRNKYAAMLTSENAREI
;
A
2 'polypeptide(L)'
;GHMSRLEIYSPEGLRLDGRRWNELRRFESSINTHPHAADGSSYMEQGNNKIITLVKGPKEPRLKSQMDTSKALLNVSVNI
TKFSKFERSKSSHKNERRVLEIQTSLVRMFEKNVMLNIYPRTVIDIEIHVLEQDGGIMGSLINGITLALIDAGISMFDYI
SGISVGLYDTTPLLDTNSLEENAMSTVTLGVVGKSEKLSLLLVEDKIPLDRLENVLAIGIAGAHRVRDLMDEELRKHAQK
RVSNASAR
;
B
3 'polypeptide(L)'
;MAESTTLETIEIHPITFPPEVLARISPELSLQRHLSLGIRPCLRKYEEFRDVAIENNTLSRYADAGNIDTKNNILGSNVL
KSGKTIVITSITGGIIEETSASIKDLDDFGEEELFEVTKEEDIIANYASVYPVVEVERGRVGACTDEEMTISQKLHDSIL
HSRILPKKALKVKAGVRSANEDGTFSVLYPDELEDDTLNETNLKMKRKWSYVLYAKIVVLSRTGPVFDLCWNSLMYALQS
VKLPRAFIDERASDLRMTIRTRGRSATIRETYEIICDQTKSVPLMINAKNIAFASNYGIVELDPECQLQNSDNSEEEEVD
IDMDKLNTVLIADLDTEAEETSIHSTISILAAPSGNYKQLTLMGGGAKITPEMIKRSLLLSRVRADDLSTRFNI
;
C
4 'polypeptide(L)'
;GHGNNKEPNTKNRLDSAEKKKKMSVQAEIGILDHVDGSSEFVSQDTKVICSVTGPIEPKARQELPTQLALEIIVRPAKGV
ATTREKVLEDKLRAVLTPLITRHCYPRQLCQITCQILESGEDEAEFSLRELSCCINAAFLALVDAGIALNSMCASIPIAI
IKDTSDIIVDPTAEQLKISLSVHTLALEFVNGGKVVKNVLLLDSNGDFNEDQLFSLLELGEQKCQELVTNIRRIIQDNIS
PRLVV
;
D
5 'polypeptide(L)'
;GHMSLSVAEKSYLYDSLASTPSIRPDGRLPHQFRPIEIFTDFLPSSNGSSRIIASDGSECIVSIKSKVVDHHVENELLQV
DVDIAGQRDDALVVETITSLLNKVLKSGSGVDSSKLQLTKKYSFKIFVDVLVISSHSHPISLISFAIYSALNSTYLPKLI
SAFDDLEVEELPTFHDYDMVKLDINPPLVFILAVVGNNMLLDPAANESEVANNGLIISWSNGKITSPIRSVALNDSNVKS
FKPHLLKQGLAMVEKYAPDVVRSLENL
;
E
6 'polypeptide(L)'
;MNVQDRRRLLGPAAAKPMAFSNTTTHVPEKKSTDLTPKGNESEQELSLHTGFIENCNGSALVEARSLGHQTSLISAVYGP
RSIRGSFTSQGTISIQLKNGLLEKYNTNELKEVSSFLMGIFNSVVNLSRYPKSGIDIFVYLTYDKDLTNNPQDDDSQSKM
TSSQISSLIPHCITSITLALADAGIELVDMAGAGEANGTVVSFIKNGEEIVGFWKDDGDDEDLLECLDRCKEQYNRYRDL
MISCLMNQET
;
F
7 'polypeptide(L)'
;GPHMSTFIFPGDSFPVDPTTPVKLGPGIYCDPNTQEIRPVNTGVLHVSAKGKSGVQTAYIDYSSKRYIPSVNDFVIGVII
GTFSDSYKVSLQNFSSSVSLSYMAFPNASKKNRPTLQVGDLVYARVCTAEKELEAEIECFDSTTGRDAGFGILEDGMIID
VNLNFARQLLFNNDFPLLKVLAAHTKFEVAIGLNGKIWVKCEELSNTLACYRTIMECCQKNDTAAFKDIAKRQFKEILTV
KEE
;
G
8 'polypeptide(L)'
;RSMSEVITITKRNGAFQNSSNLSYNNTGISDDENDEEDIYMHDVNSASKSESDSQIVTPGELVTDDPIWMRGHGTYFLDN
MTYSSVAGTVSRVNRLLSVIPLKGRYAPETGDHVVGRIAEVGNKRWKVDIGGKQHAVLMLGSVNLPGGILRRKSESDELQ
MRSFLKEGDLLNAEVQSLFQDGSASLHTRSLKYGKLRNGMFCQVPSSLIVRAKNHTHNLPGNITVVLGVNGYIWLRKTSQ
MDLARDTPSANNSSSIKSTGPTGAVSLNPSITRLEEESSWQIYSDENDPSISNNIRQAICRYANVIKALAFCEIGITQQR
IVSAYEASMVYSNVGELIEKNVMESIGSDILTAEKMRGNGN
;
H
9 'polypeptide(L)'
;GPHMACNFQFPEIAYPGKLICPQYGTENKDGEDIIFNYVPGPGTKLIQYEHNGRTLEAITATLVGTVRCEEEKKTDQEEE
REGTDQSTEEEKSVDASPNDVTRRTVKNILVSVLPGTEKGRKTNKYANNDFANNLPKEGDIVLTRVTRLSLQRANVEILA
VEDKPSPIDSGIGSNGSGIVAAGGGSGAATFSVSQASSDLGETFRGIIRSQDVRSTDRDRVKVIECFKPGDIVRAQVLSL
GDGTNYYLTTARNDLGVVFARAANGAGGLMYATDWQMMTSPVTGATEKRKCAKPF
;
I
10 'polypeptide(L)'
;GPAMSVPAIAPRRKRLADGLSVTQKVFVRSRNGGATKIVREHYLRSDIPCLSRSCTKCPQIVVPDAQNELPKFILSDSPL
ELSAPIGKHYVVLDTNVVLQAIDLLENPNCFFDVIVPQIVLDEVRNKSYPVYTRLRTLCRDSDDHKRFIVFHNEFSEHTF
VERLPNETINDRNNRAIRKTCQWYSEHLKPYDINVVLVTNDRLNREAATKEVESNIITKSLVQYIELLPNADDIRDSIPQ
MDSFDKDLERDTFSDFTFPEYYSTARVMGGLKNGVLYQGNIQISEYNFLEGSVSLPRFSKPVLIVGQKNLNRAFNGDQVI
VELLPQSEWKAPSSIVLDSEHFDVNDNPDIEAGDDDDNNESSSNTTVISDKQRRLLAKDAMIAQRSKKIQPTAKVVYIQR
RSWRQYVGQLAPSSVDPQSSSTQNVFVILMDKCLPKVRIRTRRAAELLDKRIVISIDSWPTTHKYPLGHFVRDLGTIESA
QAETEALLLEHDVEYRPFSKKVLECLPAEGHDWKAPTKLDDPEAVSKDPLLTKRKDLRDKLICSIDPPGCVDINDALHAK
KLPNGNWEVGVHIADVTHFVKPGTALDAEGAARGTSVYLVDKRIDMLPMLLGTDLCSLKPYVDRFAFSVIWELDDSANIV
NVNFMKSVIRSREAFSYEQAQLRIDDKTQNDELTMGMRALLKLSVKLKQKRLEAGALNLASPEVKVHMDSETSDPNEVEI
KKLLATNSLVEEFMLLANISVARKIYDAFPQTAMLRRHAAPPSTNFEILNEMLNTRKNMSISLESSKALADSLDRCVDPE
DPYFNTLVRIMSTRCMMAAQYFYSGAYSYPDFRHYGLAVDIYTHFTSPIRRYCDVVAHRQLAGAIGYEPLSLTHRDKNKM
DMICRNINRKHRNAQFAGRASIEYYVGQVMRNNESTETGYVIKVFNNGIVVLVPKFGVEGLIRLDNLTEDPNSAAFDEVE
YKLTFVPTNSDKPRDVYVFDKVEVQVRSVMDPITSKRKAELLLK
;
J
11 'polypeptide(L)'
;GAMASENPDVLLSRVINVVRAASSLASQDVDFYKNLDRGFSKDLKSKADKLADMANEIILSIDEHHESFELKEEDISDLW
NNFGNIMDNLLEMSDHSLDKLNCAINSKSRGSDLQYLGEFSGKNFSPTKRVEKPQLKFKSPIDNSESHPFIPLLKEKPNA
LKPLSESLRLVDDDENNPSHYPHPYEYEIDHQEYSPEILQIREEIPSKSWDDSVPIWVDTSTELESMLEDLKNTKEIAVD
LEHHDYRSYYGIVCLMQISTRERDYLVDTLKLRENLHILNEVFTNPSIVKVFHGAFMNIIWLQRDLGLYVVGLFDTYHAS
KAIGLPRHSLAYLLENFANFKTSKKYQLADWRIRPLSKPMTAYARADTHFLLNIYDQLRNKLIESNKLAGVLYESRNVAK
RRFEYSKYRPLTPSSEVYSPIEKESPWKILMYQYNIPPEREVLVRELYQWRDLIARRDDESPRFVMPNQLLAALVAYTPT
DVIGVVSLTNGVTEHVRQNAKLLANLIRDALRNIKNTNEEATPIPSSETKADGILLETISVPQIRDVMERFSVLCNSNIS
KSRAKPVTNSSILLGKILPREEHDIAYSKDGLPNKVKTEDIRIRAQNFKSALANLEDIIFEIEKPLVVPVKLEEIKTVDP
ASAPNHSPEIDNLDDLVVLKKKNIQKKQPAKEKGVTEKDAVDYSKIPNILSNKPG
;
K
12 'polypeptide(L)'
;MEDIEKIKPYVRSFSKALDELKPEIEKLTSKSLDEQLLLLSDERAKLELINRYAYVLSSLMFANMKVLGVKDMSPILGEL
KRVKSYMDKAKQYDNRITKSNEKSQAEQEKAKNIISNVLDGNKNQFEPSISRSNFQGKHTKFENDELAESTTTKIIDSTD
HIRKASSKKSKRLDKVGKKKGGKK
;
L
13 'polyribonucleotide' AAAUAAUAAAUAAAAAAA R,N
#
loop_
_chem_comp.id
_chem_comp.type
_chem_comp.name
_chem_comp.formula
A RNA linking ADENOSINE-5'-MONOPHOSPHATE 'C10 H14 N5 O7 P'
MG non-polymer 'MAGNESIUM ION' 'Mg 2'
U RNA linking URIDINE-5'-MONOPHOSPHATE 'C9 H13 N2 O9 P'
ZN non-polymer 'ZINC ION' 'Zn 2'
#
# COMPACT_ATOMS: atom_id res chain seq x y z
N LYS A 3 15.27 5.38 -0.60
CA LYS A 3 16.59 4.96 -1.08
C LYS A 3 16.56 4.69 -2.58
N ASP A 4 17.41 5.42 -3.32
CA ASP A 4 17.49 5.27 -4.76
C ASP A 4 18.90 4.81 -5.10
N ILE A 5 19.01 3.71 -5.83
CA ILE A 5 20.32 3.19 -6.24
C ILE A 5 20.98 4.15 -7.21
N GLU A 6 22.31 4.22 -7.17
CA GLU A 6 23.03 5.11 -8.06
C GLU A 6 23.76 4.34 -9.15
N ILE A 7 23.49 4.70 -10.39
CA ILE A 7 24.15 4.09 -11.55
C ILE A 7 24.89 5.14 -12.36
N SER A 8 26.15 4.88 -12.66
CA SER A 8 26.96 5.82 -13.42
C SER A 8 26.46 5.97 -14.85
N ALA A 9 26.50 7.20 -15.35
CA ALA A 9 26.15 7.49 -16.74
C ALA A 9 26.97 6.62 -17.69
N SER A 10 28.18 6.29 -17.26
CA SER A 10 29.07 5.46 -18.06
C SER A 10 28.56 4.03 -18.19
N GLU A 11 27.98 3.51 -17.12
CA GLU A 11 27.39 2.18 -17.12
C GLU A 11 26.18 2.13 -18.04
N SER A 12 25.32 3.15 -17.95
CA SER A 12 24.11 3.20 -18.74
C SER A 12 24.39 3.27 -20.23
N LYS A 13 25.52 3.88 -20.59
CA LYS A 13 25.91 3.99 -21.98
C LYS A 13 26.60 2.71 -22.45
N PHE A 14 27.32 2.07 -21.53
CA PHE A 14 28.07 0.86 -21.87
C PHE A 14 27.17 -0.34 -22.10
N ILE A 15 26.25 -0.58 -21.16
CA ILE A 15 25.35 -1.73 -21.25
C ILE A 15 24.39 -1.61 -22.43
N LEU A 16 23.91 -0.39 -22.68
CA LEU A 16 23.01 -0.13 -23.78
C LEU A 16 23.69 -0.38 -25.12
N GLU A 17 24.94 0.06 -25.24
CA GLU A 17 25.71 -0.12 -26.46
C GLU A 17 26.07 -1.59 -26.69
N ALA A 18 26.25 -2.31 -25.58
CA ALA A 18 26.60 -3.73 -25.64
C ALA A 18 25.42 -4.56 -26.12
N LEU A 19 24.21 -4.12 -25.80
CA LEU A 19 23.00 -4.82 -26.22
C LEU A 19 22.77 -4.64 -27.71
N ARG A 20 23.26 -3.53 -28.26
CA ARG A 20 23.18 -3.29 -29.70
C ARG A 20 24.20 -4.15 -30.43
N GLN A 21 25.23 -4.58 -29.72
CA GLN A 21 26.24 -5.47 -30.27
C GLN A 21 25.99 -6.91 -29.86
N ASN A 22 24.76 -7.17 -29.42
CA ASN A 22 24.34 -8.51 -28.98
C ASN A 22 25.21 -9.09 -27.87
N TYR A 23 25.71 -8.23 -27.00
CA TYR A 23 26.54 -8.65 -25.89
C TYR A 23 25.93 -8.22 -24.55
N ARG A 24 26.18 -9.00 -23.51
CA ARG A 24 25.73 -8.66 -22.17
C ARG A 24 26.77 -9.04 -21.12
N LEU A 25 26.63 -8.45 -19.94
CA LEU A 25 27.64 -8.55 -18.89
C LEU A 25 27.91 -9.99 -18.44
N ASP A 26 26.85 -10.76 -18.23
CA ASP A 26 27.00 -12.13 -17.73
C ASP A 26 27.29 -13.13 -18.86
N GLY A 27 27.53 -12.60 -20.06
CA GLY A 27 27.86 -13.44 -21.20
C GLY A 27 26.78 -14.44 -21.55
N ARG A 28 25.61 -13.92 -21.90
CA ARG A 28 24.47 -14.77 -22.23
C ARG A 28 23.90 -14.36 -23.58
N SER A 29 22.85 -15.06 -24.02
CA SER A 29 22.17 -14.69 -25.26
C SER A 29 20.91 -13.91 -24.94
N PHE A 30 20.18 -13.49 -25.97
CA PHE A 30 18.96 -12.72 -25.77
C PHE A 30 17.77 -13.64 -25.45
N ASP A 31 17.79 -14.83 -26.02
CA ASP A 31 16.71 -15.79 -25.81
C ASP A 31 17.08 -16.84 -24.77
N GLN A 32 18.29 -16.71 -24.21
CA GLN A 32 18.79 -17.67 -23.24
C GLN A 32 18.31 -17.34 -21.82
N PHE A 33 17.96 -18.40 -21.08
CA PHE A 33 17.53 -18.25 -19.70
C PHE A 33 18.57 -18.93 -18.81
N ARG A 34 18.97 -18.25 -17.74
CA ARG A 34 20.00 -18.78 -16.87
C ARG A 34 19.52 -20.09 -16.27
N ASP A 35 20.43 -21.05 -16.15
CA ASP A 35 20.08 -22.38 -15.68
C ASP A 35 19.53 -22.31 -14.28
N VAL A 36 18.51 -23.11 -14.00
CA VAL A 36 17.86 -23.08 -12.70
C VAL A 36 18.22 -24.32 -11.88
N GLU A 37 18.71 -24.09 -10.68
CA GLU A 37 19.12 -25.16 -9.78
C GLU A 37 18.10 -25.32 -8.66
N ILE A 38 17.60 -26.54 -8.48
CA ILE A 38 16.56 -26.81 -7.50
C ILE A 38 17.03 -27.79 -6.43
N THR A 39 17.04 -27.32 -5.18
CA THR A 39 17.50 -28.12 -4.06
C THR A 39 16.39 -28.34 -3.03
N PHE A 40 16.12 -29.59 -2.71
CA PHE A 40 15.08 -29.92 -1.74
C PHE A 40 15.67 -30.16 -0.36
N GLY A 41 14.98 -29.67 0.67
CA GLY A 41 15.41 -29.85 2.04
C GLY A 41 15.01 -31.20 2.57
N LYS A 42 15.16 -31.40 3.88
CA LYS A 42 14.79 -32.66 4.51
C LYS A 42 13.27 -32.82 4.53
N GLU A 43 12.59 -31.74 4.89
CA GLU A 43 11.13 -31.75 4.98
C GLU A 43 10.48 -31.56 3.61
N PHE A 44 9.27 -32.09 3.45
CA PHE A 44 8.53 -31.89 2.22
C PHE A 44 7.99 -30.48 2.13
N GLY A 45 8.11 -29.87 0.96
CA GLY A 45 7.67 -28.50 0.76
C GLY A 45 8.81 -27.51 0.92
N ASP A 46 9.98 -28.02 1.27
CA ASP A 46 11.17 -27.19 1.39
C ASP A 46 11.97 -27.26 0.10
N VAL A 47 12.01 -26.14 -0.63
CA VAL A 47 12.69 -26.09 -1.91
C VAL A 47 13.49 -24.80 -2.07
N SER A 48 14.70 -24.91 -2.62
CA SER A 48 15.55 -23.75 -2.86
C SER A 48 15.86 -23.62 -4.35
N VAL A 49 15.46 -22.48 -4.93
CA VAL A 49 15.70 -22.22 -6.34
C VAL A 49 16.81 -21.20 -6.53
N LYS A 50 17.73 -21.50 -7.44
CA LYS A 50 18.87 -20.63 -7.70
C LYS A 50 19.05 -20.37 -9.19
N MET A 51 19.06 -19.09 -9.56
CA MET A 51 19.31 -18.69 -10.94
C MET A 51 20.50 -17.74 -10.99
N GLY A 52 21.68 -18.29 -11.26
CA GLY A 52 22.89 -17.49 -11.21
C GLY A 52 23.15 -17.04 -9.79
N ASN A 53 23.08 -15.73 -9.56
CA ASN A 53 23.26 -15.20 -8.21
C ASN A 53 21.94 -15.06 -7.47
N THR A 54 20.85 -15.08 -8.22
CA THR A 54 19.51 -14.98 -7.64
C THR A 54 19.19 -16.19 -6.78
N LYS A 55 18.84 -15.93 -5.52
CA LYS A 55 18.52 -17.01 -4.59
C LYS A 55 17.16 -16.80 -3.94
N VAL A 56 16.25 -17.74 -4.17
CA VAL A 56 14.94 -17.72 -3.52
C VAL A 56 14.66 -19.05 -2.82
N HIS A 57 13.91 -18.99 -1.73
CA HIS A 57 13.55 -20.18 -0.98
C HIS A 57 12.05 -20.20 -0.71
N CYS A 58 11.42 -21.33 -0.99
CA CYS A 58 9.99 -21.46 -0.75
C CYS A 58 9.70 -22.56 0.26
N ARG A 59 8.69 -22.34 1.10
CA ARG A 59 8.29 -23.33 2.10
C ARG A 59 6.78 -23.54 2.07
N ILE A 60 6.38 -24.78 1.82
CA ILE A 60 4.96 -25.13 1.78
C ILE A 60 4.52 -25.69 3.13
N SER A 61 3.43 -25.15 3.66
CA SER A 61 2.89 -25.61 4.93
C SER A 61 1.36 -25.68 4.86
N CYS A 62 0.76 -26.46 5.76
CA CYS A 62 -0.69 -26.57 5.81
C CYS A 62 -1.18 -26.85 7.21
N GLN A 63 -2.41 -26.42 7.50
CA GLN A 63 -3.02 -26.65 8.80
C GLN A 63 -4.53 -26.77 8.66
N ILE A 64 -5.16 -27.49 9.59
CA ILE A 64 -6.61 -27.68 9.57
C ILE A 64 -7.32 -26.34 9.77
N ALA A 65 -8.24 -26.03 8.86
CA ALA A 65 -9.00 -24.80 8.94
C ALA A 65 -10.40 -24.99 8.39
N GLN A 66 -11.24 -23.96 8.55
CA GLN A 66 -12.61 -24.02 8.05
C GLN A 66 -12.77 -23.18 6.78
N PRO A 67 -13.38 -23.77 5.74
CA PRO A 67 -13.55 -23.10 4.45
C PRO A 67 -14.51 -21.92 4.54
N TYR A 68 -14.46 -21.03 3.56
CA TYR A 68 -15.34 -19.88 3.51
C TYR A 68 -16.78 -20.34 3.30
N GLU A 69 -17.74 -19.50 3.68
CA GLU A 69 -19.15 -19.83 3.52
C GLU A 69 -19.50 -19.97 2.04
N ASP A 70 -18.90 -19.13 1.20
CA ASP A 70 -19.16 -19.15 -0.22
C ASP A 70 -18.68 -20.43 -0.90
N ARG A 71 -17.56 -20.96 -0.40
CA ARG A 71 -16.97 -22.16 -0.98
C ARG A 71 -16.78 -23.26 0.06
N PRO A 72 -17.85 -24.03 0.32
CA PRO A 72 -17.83 -25.10 1.33
C PRO A 72 -17.09 -26.36 0.86
N PHE A 73 -16.80 -26.45 -0.43
CA PHE A 73 -16.11 -27.63 -0.97
C PHE A 73 -14.65 -27.38 -1.27
N GLU A 74 -14.23 -26.12 -1.16
CA GLU A 74 -12.86 -25.75 -1.49
C GLU A 74 -12.02 -25.43 -0.26
N GLY A 75 -10.75 -25.83 -0.30
CA GLY A 75 -9.82 -25.52 0.77
C GLY A 75 -9.22 -24.13 0.61
N LEU A 76 -8.33 -23.76 1.52
CA LEU A 76 -7.71 -22.44 1.49
C LEU A 76 -6.29 -22.52 0.94
N PHE A 77 -5.92 -21.52 0.14
CA PHE A 77 -4.58 -21.47 -0.43
C PHE A 77 -4.10 -20.02 -0.59
N VAL A 78 -2.96 -19.72 0.02
CA VAL A 78 -2.41 -18.36 -0.03
C VAL A 78 -0.92 -18.39 -0.40
N ILE A 79 -0.46 -17.34 -1.06
CA ILE A 79 0.94 -17.23 -1.45
C ILE A 79 1.53 -15.94 -0.91
N SER A 80 2.59 -16.07 -0.10
CA SER A 80 3.25 -14.91 0.50
C SER A 80 4.59 -14.63 -0.14
N THR A 81 4.83 -13.38 -0.52
CA THR A 81 6.08 -12.98 -1.15
C THR A 81 6.61 -11.67 -0.59
N GLU A 82 6.66 -11.57 0.73
CA GLU A 82 7.15 -10.35 1.38
C GLU A 82 8.66 -10.16 1.21
N ILE A 83 9.04 -8.99 0.72
CA ILE A 83 10.44 -8.68 0.48
C ILE A 83 11.12 -8.22 1.78
N SER A 84 12.45 -8.29 1.80
CA SER A 84 13.21 -7.87 2.97
C SER A 84 14.54 -7.29 2.52
N PRO A 85 15.19 -6.49 3.38
CA PRO A 85 16.50 -5.90 3.05
C PRO A 85 17.61 -6.93 2.84
N MET A 86 17.33 -8.21 3.07
CA MET A 86 18.31 -9.26 2.86
C MET A 86 18.66 -9.41 1.38
N ALA A 87 17.68 -9.17 0.52
CA ALA A 87 17.90 -9.27 -0.92
C ALA A 87 18.57 -8.01 -1.46
N GLY A 88 18.72 -7.01 -0.60
CA GLY A 88 19.32 -5.74 -0.97
C GLY A 88 18.66 -4.60 -0.24
N SER A 89 19.44 -3.56 0.05
CA SER A 89 18.92 -2.41 0.80
C SER A 89 17.95 -1.56 -0.01
N GLN A 90 17.78 -1.90 -1.28
CA GLN A 90 16.84 -1.20 -2.15
C GLN A 90 15.41 -1.50 -1.74
N PHE A 91 15.22 -2.67 -1.12
CA PHE A 91 13.90 -3.09 -0.68
C PHE A 91 13.62 -2.64 0.75
N GLU A 92 12.46 -2.02 0.94
CA GLU A 92 12.02 -1.63 2.28
C GLU A 92 11.37 -2.82 2.97
N ASN A 93 11.62 -2.97 4.26
CA ASN A 93 11.07 -4.09 5.01
C ASN A 93 9.56 -4.02 5.16
N GLY A 94 8.86 -4.93 4.51
CA GLY A 94 7.41 -5.00 4.62
C GLY A 94 6.69 -4.15 3.59
N ASN A 95 7.44 -3.58 2.66
CA ASN A 95 6.84 -2.78 1.59
C ASN A 95 6.03 -3.65 0.64
N ILE A 96 4.74 -3.80 0.94
CA ILE A 96 3.88 -4.67 0.16
C ILE A 96 2.88 -3.88 -0.69
N THR A 97 3.18 -2.61 -0.94
CA THR A 97 2.31 -1.76 -1.74
C THR A 97 3.07 -1.06 -2.87
N GLY A 98 4.37 -1.28 -2.93
CA GLY A 98 5.19 -0.69 -3.97
C GLY A 98 4.84 -1.24 -5.35
N GLU A 99 5.13 -0.47 -6.38
CA GLU A 99 4.77 -0.83 -7.75
C GLU A 99 5.26 -2.22 -8.14
N ASP A 100 6.56 -2.45 -8.03
CA ASP A 100 7.16 -3.71 -8.42
C ASP A 100 6.69 -4.86 -7.55
N GLU A 101 6.48 -4.58 -6.26
CA GLU A 101 6.06 -5.60 -5.31
C GLU A 101 4.65 -6.11 -5.63
N VAL A 102 3.72 -5.18 -5.83
CA VAL A 102 2.34 -5.54 -6.13
C VAL A 102 2.23 -6.27 -7.47
N LEU A 103 3.01 -5.84 -8.45
CA LEU A 103 3.05 -6.53 -9.74
C LEU A 103 3.48 -7.98 -9.57
N CYS A 104 4.65 -8.18 -8.97
CA CYS A 104 5.19 -9.51 -8.71
C CYS A 104 4.19 -10.38 -7.94
N SER A 105 3.58 -9.79 -6.92
CA SER A 105 2.58 -10.49 -6.13
C SER A 105 1.38 -10.90 -6.99
N ARG A 106 1.01 -10.04 -7.93
CA ARG A 106 -0.13 -10.30 -8.80
C ARG A 106 0.20 -11.29 -9.91
N ILE A 107 1.45 -11.30 -10.37
CA ILE A 107 1.86 -12.24 -11.41
C ILE A 107 1.82 -13.67 -10.89
N ILE A 108 2.39 -13.87 -9.71
CA ILE A 108 2.41 -15.18 -9.07
C ILE A 108 1.00 -15.66 -8.79
N GLU A 109 0.17 -14.77 -8.27
CA GLU A 109 -1.21 -15.10 -7.91
C GLU A 109 -2.00 -15.55 -9.15
N LYS A 110 -1.84 -14.82 -10.25
CA LYS A 110 -2.54 -15.17 -11.48
C LYS A 110 -1.96 -16.39 -12.17
N SER A 111 -0.74 -16.76 -11.79
CA SER A 111 -0.07 -17.91 -12.39
C SER A 111 -0.37 -19.21 -11.65
N VAL A 112 -0.57 -19.12 -10.34
CA VAL A 112 -0.75 -20.31 -9.51
C VAL A 112 -2.15 -20.39 -8.90
N ARG A 113 -2.53 -19.35 -8.15
CA ARG A 113 -3.83 -19.28 -7.51
C ARG A 113 -4.97 -19.28 -8.54
N ARG A 114 -5.07 -18.18 -9.27
CA ARG A 114 -6.16 -17.97 -10.22
C ARG A 114 -6.20 -19.05 -11.30
N SER A 115 -5.03 -19.51 -11.73
CA SER A 115 -4.94 -20.48 -12.80
C SER A 115 -5.45 -21.86 -12.38
N GLY A 116 -5.54 -22.06 -11.07
CA GLY A 116 -5.98 -23.33 -10.53
C GLY A 116 -4.93 -24.41 -10.73
N ALA A 117 -3.68 -24.07 -10.49
CA ALA A 117 -2.60 -25.04 -10.59
C ALA A 117 -2.73 -26.07 -9.47
N LEU A 118 -3.25 -25.61 -8.34
CA LEU A 118 -3.47 -26.49 -7.18
C LEU A 118 -4.94 -26.88 -7.08
N ASP A 119 -5.19 -28.17 -6.88
CA ASP A 119 -6.54 -28.69 -6.75
C ASP A 119 -7.09 -28.36 -5.37
N VAL A 120 -7.75 -27.21 -5.25
CA VAL A 120 -8.29 -26.77 -3.97
C VAL A 120 -9.50 -27.59 -3.53
N GLU A 121 -10.15 -28.25 -4.49
CA GLU A 121 -11.28 -29.12 -4.18
C GLU A 121 -10.82 -30.34 -3.39
N GLY A 122 -9.59 -30.78 -3.66
CA GLY A 122 -9.01 -31.91 -2.97
C GLY A 122 -8.41 -31.54 -1.64
N LEU A 123 -8.62 -30.28 -1.22
CA LEU A 123 -8.13 -29.80 0.06
C LEU A 123 -9.24 -29.86 1.11
N CYS A 124 -10.41 -30.30 0.67
CA CYS A 124 -11.57 -30.38 1.56
C CYS A 124 -11.63 -31.72 2.27
N ILE A 125 -11.78 -31.68 3.60
CA ILE A 125 -11.89 -32.90 4.39
C ILE A 125 -13.36 -33.23 4.62
N VAL A 126 -14.07 -32.30 5.22
CA VAL A 126 -15.52 -32.41 5.36
C VAL A 126 -16.18 -31.11 4.90
N ALA A 127 -17.11 -31.23 3.95
CA ALA A 127 -17.70 -30.08 3.27
C ALA A 127 -18.31 -29.05 4.22
N GLY A 128 -17.89 -27.80 4.06
CA GLY A 128 -18.44 -26.70 4.83
C GLY A 128 -18.06 -26.71 6.30
N SER A 129 -17.11 -27.58 6.66
CA SER A 129 -16.72 -27.71 8.07
C SER A 129 -15.20 -27.61 8.25
N LYS A 130 -14.48 -28.62 7.80
CA LYS A 130 -13.02 -28.62 7.93
C LYS A 130 -12.34 -28.68 6.55
N CYS A 131 -11.39 -27.79 6.33
CA CYS A 131 -10.61 -27.80 5.10
C CYS A 131 -9.13 -27.53 5.36
N TRP A 132 -8.26 -28.15 4.57
CA TRP A 132 -6.84 -27.91 4.65
C TRP A 132 -6.52 -26.53 4.15
N ALA A 133 -5.53 -25.89 4.74
CA ALA A 133 -5.16 -24.54 4.33
C ALA A 133 -3.69 -24.49 3.91
N VAL A 134 -3.45 -24.70 2.62
CA VAL A 134 -2.09 -24.72 2.10
C VAL A 134 -1.51 -23.32 1.97
N ARG A 135 -0.29 -23.14 2.46
CA ARG A 135 0.38 -21.86 2.42
C ARG A 135 1.74 -21.96 1.73
N ALA A 136 1.98 -21.07 0.77
CA ALA A 136 3.26 -21.00 0.08
C ALA A 136 4.01 -19.73 0.46
N ASP A 137 5.07 -19.89 1.25
CA ASP A 137 5.85 -18.74 1.69
C ASP A 137 7.16 -18.63 0.91
N VAL A 138 7.27 -17.58 0.10
CA VAL A 138 8.46 -17.33 -0.69
C VAL A 138 9.40 -16.37 0.04
N HIS A 139 10.66 -16.77 0.17
CA HIS A 139 11.65 -15.94 0.84
C HIS A 139 12.73 -15.49 -0.15
N PHE A 140 12.77 -14.19 -0.42
CA PHE A 140 13.75 -13.64 -1.34
C PHE A 140 15.08 -13.39 -0.65
N LEU A 141 15.95 -14.40 -0.68
CA LEU A 141 17.19 -14.38 0.08
C LEU A 141 18.17 -13.31 -0.40
N ASP A 142 18.31 -13.20 -1.71
CA ASP A 142 19.21 -12.23 -2.32
C ASP A 142 18.69 -11.94 -3.71
N CYS A 143 19.08 -10.81 -4.28
CA CYS A 143 18.60 -10.46 -5.60
C CYS A 143 19.72 -10.26 -6.63
N ASP A 144 19.60 -10.98 -7.73
CA ASP A 144 20.32 -10.65 -8.96
C ASP A 144 19.32 -10.70 -10.11
N GLY A 145 18.13 -10.15 -9.88
CA GLY A 145 17.09 -10.10 -10.88
C GLY A 145 16.26 -11.37 -11.00
N GLY A 146 15.29 -11.35 -11.90
CA GLY A 146 14.46 -12.51 -12.18
C GLY A 146 13.70 -13.05 -10.99
N PHE A 147 13.21 -12.17 -10.13
CA PHE A 147 12.48 -12.58 -8.94
C PHE A 147 11.19 -13.33 -9.25
N ILE A 148 10.44 -12.85 -10.25
CA ILE A 148 9.18 -13.47 -10.64
C ILE A 148 9.37 -14.89 -11.16
N ASP A 149 10.38 -15.06 -12.00
CA ASP A 149 10.72 -16.38 -12.55
C ASP A 149 11.17 -17.35 -11.47
N ALA A 150 11.98 -16.85 -10.53
CA ALA A 150 12.46 -17.66 -9.43
C ALA A 150 11.31 -18.11 -8.53
N SER A 151 10.36 -17.21 -8.30
CA SER A 151 9.27 -17.49 -7.38
C SER A 151 8.30 -18.53 -7.93
N CYS A 152 7.98 -18.43 -9.21
CA CYS A 152 7.05 -19.36 -9.84
C CYS A 152 7.60 -20.78 -9.81
N ILE A 153 8.89 -20.91 -10.09
CA ILE A 153 9.58 -22.19 -10.02
C ILE A 153 9.59 -22.70 -8.58
N ALA A 154 9.79 -21.77 -7.65
CA ALA A 154 9.91 -22.11 -6.23
C ALA A 154 8.58 -22.58 -5.65
N VAL A 155 7.50 -21.89 -6.02
CA VAL A 155 6.17 -22.25 -5.53
C VAL A 155 5.73 -23.60 -6.11
N MET A 156 5.87 -23.75 -7.43
CA MET A 156 5.44 -24.98 -8.09
C MET A 156 6.25 -26.20 -7.67
N ALA A 157 7.57 -26.04 -7.59
CA ALA A 157 8.43 -27.14 -7.17
C ALA A 157 8.09 -27.56 -5.74
N GLY A 158 7.76 -26.58 -4.91
CA GLY A 158 7.39 -26.84 -3.53
C GLY A 158 6.07 -27.58 -3.42
N LEU A 159 5.06 -27.11 -4.15
CA LEU A 159 3.75 -27.73 -4.13
C LEU A 159 3.78 -29.18 -4.62
N MET A 160 4.64 -29.44 -5.61
CA MET A 160 4.74 -30.78 -6.17
C MET A 160 5.61 -31.69 -5.30
N HIS A 161 6.52 -31.06 -4.56
CA HIS A 161 7.27 -31.70 -3.49
C HIS A 161 6.43 -32.06 -2.30
N PHE A 162 5.53 -31.15 -1.95
CA PHE A 162 4.84 -31.17 -0.66
C PHE A 162 3.91 -32.36 -0.43
N LYS A 163 3.91 -32.84 0.82
CA LYS A 163 3.01 -33.90 1.26
C LYS A 163 2.26 -33.46 2.53
N LYS A 164 0.98 -33.83 2.61
CA LYS A 164 0.14 -33.44 3.75
C LYS A 164 -0.34 -34.67 4.54
N PRO A 165 -0.21 -34.61 5.86
CA PRO A 165 -0.53 -35.78 6.71
C PRO A 165 -1.82 -36.48 6.28
N ASP A 166 -1.78 -37.81 6.24
CA ASP A 166 -2.93 -38.60 5.83
C ASP A 166 -4.07 -38.44 6.84
N ILE A 167 -5.29 -38.38 6.34
CA ILE A 167 -6.44 -38.11 7.19
C ILE A 167 -7.55 -39.15 7.05
N THR A 168 -8.06 -39.61 8.19
CA THR A 168 -9.23 -40.46 8.20
C THR A 168 -10.39 -39.64 8.73
N VAL A 169 -11.48 -39.57 7.97
CA VAL A 169 -12.59 -38.71 8.33
C VAL A 169 -13.89 -39.50 8.54
N HIS A 170 -14.54 -39.24 9.66
CA HIS A 170 -15.82 -39.84 9.95
C HIS A 170 -16.77 -38.80 10.46
N GLY A 171 -17.20 -37.91 9.58
CA GLY A 171 -18.14 -36.86 9.96
C GLY A 171 -17.39 -35.61 10.37
N GLU A 172 -17.44 -35.31 11.67
CA GLU A 172 -16.84 -34.10 12.22
C GLU A 172 -15.60 -34.43 13.04
N GLN A 173 -15.27 -35.72 13.12
CA GLN A 173 -14.10 -36.17 13.86
C GLN A 173 -13.10 -36.77 12.90
N ILE A 174 -11.87 -36.30 12.97
CA ILE A 174 -10.86 -36.75 12.04
C ILE A 174 -9.57 -36.89 12.82
N ILE A 175 -8.91 -38.04 12.70
CA ILE A 175 -7.65 -38.23 13.37
C ILE A 175 -6.61 -38.01 12.30
N VAL A 176 -5.72 -37.06 12.53
CA VAL A 176 -4.72 -36.78 11.53
C VAL A 176 -3.55 -37.70 11.82
N HIS A 177 -3.39 -38.73 10.98
CA HIS A 177 -2.29 -39.64 11.21
C HIS A 177 -1.00 -38.89 11.07
N PRO A 178 -0.09 -39.15 12.01
CA PRO A 178 1.25 -38.56 11.96
C PRO A 178 2.10 -39.27 10.91
N VAL A 179 3.24 -38.69 10.55
CA VAL A 179 4.12 -39.28 9.56
C VAL A 179 4.73 -40.58 10.08
N ASN A 180 4.82 -40.71 11.40
CA ASN A 180 5.24 -41.97 11.99
C ASN A 180 4.24 -43.10 11.78
N GLU A 181 2.96 -42.81 12.00
CA GLU A 181 1.89 -43.80 11.87
C GLU A 181 1.64 -44.29 10.44
N ARG A 182 1.57 -43.34 9.50
CA ARG A 182 1.28 -43.62 8.11
C ARG A 182 1.95 -42.56 7.23
N GLU A 183 2.13 -42.84 5.94
CA GLU A 183 2.83 -41.87 5.10
C GLU A 183 1.94 -40.68 4.76
N PRO A 184 2.54 -39.51 4.52
CA PRO A 184 1.78 -38.32 4.13
C PRO A 184 1.31 -38.37 2.68
N VAL A 185 0.33 -37.54 2.34
CA VAL A 185 -0.29 -37.56 1.02
C VAL A 185 0.10 -36.31 0.21
N PRO A 186 0.52 -36.52 -1.03
CA PRO A 186 0.91 -35.42 -1.92
C PRO A 186 -0.28 -34.56 -2.37
N LEU A 187 -0.07 -33.25 -2.46
CA LEU A 187 -1.10 -32.33 -2.94
C LEU A 187 -1.38 -32.50 -4.44
N GLY A 188 -2.64 -32.39 -4.83
CA GLY A 188 -3.03 -32.48 -6.23
C GLY A 188 -2.60 -31.30 -7.08
N ILE A 189 -2.18 -31.59 -8.31
CA ILE A 189 -1.81 -30.55 -9.27
C ILE A 189 -2.56 -30.73 -10.58
N LEU A 190 -3.08 -29.64 -11.14
CA LEU A 190 -3.81 -29.72 -12.40
C LEU A 190 -2.89 -29.42 -13.58
N HIS A 191 -1.98 -28.47 -13.39
CA HIS A 191 -1.01 -28.11 -14.42
C HIS A 191 0.20 -27.43 -13.79
N ILE A 192 1.28 -27.35 -14.55
CA ILE A 192 2.53 -26.76 -14.05
C ILE A 192 2.88 -25.47 -14.78
N PRO A 193 2.48 -24.32 -14.20
CA PRO A 193 2.73 -23.00 -14.78
C PRO A 193 4.16 -22.55 -14.55
N ILE A 194 4.78 -21.99 -15.59
CA ILE A 194 6.13 -21.45 -15.52
C ILE A 194 6.12 -19.97 -15.94
N CYS A 195 6.90 -19.15 -15.26
CA CYS A 195 6.90 -17.72 -15.53
C CYS A 195 8.20 -17.22 -16.18
N VAL A 196 8.04 -16.47 -17.27
CA VAL A 196 9.17 -15.93 -18.01
C VAL A 196 9.13 -14.40 -18.04
N THR A 197 10.27 -13.77 -17.78
CA THR A 197 10.35 -12.31 -17.74
C THR A 197 11.18 -11.75 -18.90
N PHE A 198 10.63 -10.76 -19.59
CA PHE A 198 11.29 -10.15 -20.74
C PHE A 198 11.54 -8.66 -20.53
N SER A 199 12.75 -8.21 -20.85
CA SER A 199 13.13 -6.81 -20.69
C SER A 199 13.39 -6.15 -22.06
N PHE A 200 12.79 -5.00 -22.28
CA PHE A 200 12.88 -4.30 -23.55
C PHE A 200 13.73 -3.04 -23.48
N PHE A 201 14.45 -2.77 -24.58
CA PHE A 201 15.43 -1.70 -24.65
C PHE A 201 15.38 -0.91 -25.96
N ASN A 202 16.00 0.27 -25.97
CA ASN A 202 16.06 1.12 -27.15
C ASN A 202 17.50 1.33 -27.64
N PRO A 203 17.71 1.15 -28.94
CA PRO A 203 19.05 1.21 -29.54
C PRO A 203 19.75 2.56 -29.41
N GLN A 204 19.02 3.66 -29.60
CA GLN A 204 19.62 4.99 -29.52
C GLN A 204 20.78 5.15 -30.51
N ASP A 205 20.62 4.61 -31.70
CA ASP A 205 21.65 4.63 -32.74
C ASP A 205 21.25 5.45 -33.95
N THR A 206 22.20 6.23 -34.45
CA THR A 206 21.97 7.12 -35.58
C THR A 206 21.59 6.42 -36.88
N GLU A 207 22.27 5.32 -37.19
CA GLU A 207 22.16 4.73 -38.51
C GLU A 207 21.58 3.32 -38.56
N GLU A 208 20.59 3.14 -39.43
CA GLU A 208 20.02 1.82 -39.70
C GLU A 208 20.27 1.47 -41.15
N ASN A 209 20.83 0.29 -41.38
CA ASN A 209 21.24 -0.12 -42.72
C ASN A 209 20.12 -0.24 -43.75
N ILE A 210 18.98 -0.81 -43.35
CA ILE A 210 17.88 -0.98 -44.30
C ILE A 210 16.50 -0.72 -43.73
N LYS A 211 15.60 -0.25 -44.59
CA LYS A 211 14.20 -0.17 -44.23
C LYS A 211 13.66 -1.57 -44.02
N GLY A 212 14.04 -2.48 -44.91
CA GLY A 212 13.56 -3.85 -44.85
C GLY A 212 13.98 -4.57 -43.58
N GLU A 213 15.24 -4.37 -43.19
CA GLU A 213 15.74 -4.91 -41.95
C GLU A 213 16.17 -3.74 -41.08
N THR A 214 15.68 -3.72 -39.85
CA THR A 214 15.84 -2.55 -39.01
C THR A 214 16.27 -2.87 -37.60
N ASN A 215 16.66 -1.84 -36.88
CA ASN A 215 17.14 -1.96 -35.52
C ASN A 215 16.04 -2.57 -34.67
N SER A 216 14.81 -2.15 -34.93
CA SER A 216 13.65 -2.70 -34.23
C SER A 216 13.72 -2.46 -32.73
N GLU A 217 13.51 -3.53 -31.97
CA GLU A 217 13.42 -3.43 -30.52
C GLU A 217 14.36 -4.40 -29.84
N ILE A 218 14.83 -4.03 -28.66
CA ILE A 218 15.74 -4.86 -27.92
C ILE A 218 14.94 -5.76 -27.02
N SER A 219 15.10 -7.07 -27.09
CA SER A 219 14.40 -7.83 -26.06
C SER A 219 15.24 -9.00 -25.55
N ILE A 220 15.49 -9.02 -24.24
CA ILE A 220 16.26 -10.08 -23.62
C ILE A 220 15.41 -10.87 -22.64
N ILE A 221 15.91 -12.04 -22.23
CA ILE A 221 15.17 -12.90 -21.32
C ILE A 221 15.91 -13.05 -19.99
N ASP A 222 15.16 -12.88 -18.90
CA ASP A 222 15.70 -12.98 -17.54
C ASP A 222 16.90 -12.05 -17.34
N ALA A 223 16.62 -10.77 -17.22
CA ALA A 223 17.67 -9.76 -17.07
C ALA A 223 18.24 -9.75 -15.66
N THR A 224 19.52 -9.40 -15.55
CA THR A 224 20.17 -9.28 -14.25
C THR A 224 19.74 -7.98 -13.57
N LEU A 225 20.30 -7.72 -12.38
CA LEU A 225 19.94 -6.54 -11.62
C LEU A 225 20.31 -5.25 -12.34
N LYS A 226 21.48 -5.26 -12.98
CA LYS A 226 21.96 -4.09 -13.71
C LYS A 226 21.18 -3.87 -14.99
N GLU A 227 20.71 -4.95 -15.61
CA GLU A 227 19.95 -4.86 -16.84
C GLU A 227 18.49 -4.52 -16.56
N GLU A 228 18.04 -4.81 -15.34
CA GLU A 228 16.66 -4.58 -14.95
C GLU A 228 16.39 -3.10 -14.70
N LEU A 229 17.43 -2.36 -14.35
CA LEU A 229 17.28 -0.94 -14.04
C LEU A 229 17.27 -0.09 -15.30
N LEU A 230 17.81 -0.65 -16.39
CA LEU A 230 17.98 0.11 -17.63
C LEU A 230 16.90 -0.20 -18.67
N ARG A 231 16.08 -1.21 -18.39
CA ARG A 231 15.04 -1.60 -19.33
C ARG A 231 13.94 -0.54 -19.44
N ASP A 232 13.35 -0.44 -20.63
CA ASP A 232 12.28 0.52 -20.88
C ASP A 232 10.92 -0.17 -20.89
N GLY A 233 10.94 -1.51 -20.83
CA GLY A 233 9.71 -2.28 -20.87
C GLY A 233 9.78 -3.59 -20.10
N VAL A 234 8.66 -4.01 -19.55
CA VAL A 234 8.58 -5.24 -18.77
C VAL A 234 7.48 -6.14 -19.30
N LEU A 235 7.81 -7.42 -19.53
CA LEU A 235 6.83 -8.39 -20.00
C LEU A 235 7.01 -9.73 -19.32
N THR A 236 5.91 -10.28 -18.81
CA THR A 236 5.96 -11.58 -18.16
C THR A 236 4.88 -12.51 -18.73
N VAL A 237 5.32 -13.59 -19.37
CA VAL A 237 4.41 -14.57 -19.95
C VAL A 237 4.58 -15.92 -19.24
N THR A 238 3.45 -16.54 -18.88
CA THR A 238 3.48 -17.82 -18.19
C THR A 238 2.94 -18.94 -19.07
N LEU A 239 3.77 -19.93 -19.33
CA LEU A 239 3.40 -21.04 -20.21
C LEU A 239 3.66 -22.38 -19.55
N ASN A 240 2.99 -23.43 -20.06
CA ASN A 240 3.21 -24.78 -19.58
C ASN A 240 3.47 -25.77 -20.71
N LYS A 241 3.63 -27.04 -20.37
CA LYS A 241 3.89 -28.07 -21.36
C LYS A 241 2.61 -28.50 -22.07
N ASN A 242 1.48 -27.92 -21.66
CA ASN A 242 0.19 -28.28 -22.23
C ASN A 242 -0.20 -27.47 -23.46
N ARG A 243 0.78 -26.74 -24.01
CA ARG A 243 0.57 -25.89 -25.19
C ARG A 243 -0.56 -24.88 -24.98
N GLU A 244 -0.47 -24.13 -23.89
CA GLU A 244 -1.47 -23.11 -23.58
C GLU A 244 -0.88 -21.99 -22.74
N VAL A 245 -1.42 -20.79 -22.89
CA VAL A 245 -0.97 -19.63 -22.14
C VAL A 245 -1.69 -19.53 -20.81
N VAL A 246 -0.92 -19.66 -19.72
CA VAL A 246 -1.47 -19.55 -18.37
C VAL A 246 -1.88 -18.11 -18.09
N GLN A 247 -0.93 -17.20 -18.23
CA GLN A 247 -1.19 -15.77 -18.06
C GLN A 247 -0.06 -14.94 -18.65
N VAL A 248 -0.39 -13.72 -19.07
CA VAL A 248 0.62 -12.78 -19.58
C VAL A 248 0.30 -11.36 -19.12
N SER A 249 1.31 -10.68 -18.58
CA SER A 249 1.11 -9.38 -17.98
C SER A 249 2.05 -8.33 -18.55
N LYS A 250 1.50 -7.42 -19.34
CA LYS A 250 2.26 -6.28 -19.86
C LYS A 250 1.56 -4.98 -19.52
N ALA A 251 2.16 -4.20 -18.63
CA ALA A 251 1.58 -2.92 -18.22
C ALA A 251 2.45 -1.76 -18.70
N GLY A 252 1.95 -1.05 -19.70
CA GLY A 252 2.67 0.09 -20.25
C GLY A 252 4.00 -0.28 -20.85
N GLY A 253 5.04 0.43 -20.43
CA GLY A 253 6.37 0.21 -20.95
C GLY A 253 6.47 0.51 -22.43
N LEU A 254 7.51 0.00 -23.07
CA LEU A 254 7.72 0.22 -24.49
C LEU A 254 6.65 -0.48 -25.32
N PRO A 255 5.86 0.29 -26.07
CA PRO A 255 4.76 -0.25 -26.89
C PRO A 255 5.28 -1.22 -27.95
N MET A 256 4.66 -2.40 -28.01
CA MET A 256 5.14 -3.44 -28.91
C MET A 256 4.02 -4.06 -29.75
N ASP A 257 4.39 -4.57 -30.91
CA ASP A 257 3.44 -5.19 -31.84
C ASP A 257 2.93 -6.51 -31.28
N ALA A 258 1.80 -6.98 -31.80
CA ALA A 258 1.21 -8.24 -31.38
C ALA A 258 2.03 -9.42 -31.90
N LEU A 259 2.78 -9.17 -32.97
CA LEU A 259 3.65 -10.20 -33.55
C LEU A 259 4.84 -10.46 -32.63
N THR A 260 5.42 -9.37 -32.12
CA THR A 260 6.59 -9.47 -31.25
C THR A 260 6.28 -10.22 -29.96
N LEU A 261 5.10 -9.95 -29.40
CA LEU A 261 4.68 -10.61 -28.18
C LEU A 261 4.55 -12.12 -28.41
N MET A 262 4.02 -12.49 -29.56
CA MET A 262 3.86 -13.90 -29.91
C MET A 262 5.21 -14.60 -30.01
N LYS A 263 6.19 -13.92 -30.60
CA LYS A 263 7.52 -14.49 -30.74
C LYS A 263 8.15 -14.76 -29.39
N CYS A 264 7.98 -13.81 -28.46
CA CYS A 264 8.46 -13.97 -27.09
C CYS A 264 7.72 -15.13 -26.43
N CYS A 265 6.42 -15.21 -26.71
CA CYS A 265 5.57 -16.26 -26.16
C CYS A 265 5.97 -17.64 -26.69
N HIS A 266 6.36 -17.70 -27.95
CA HIS A 266 6.81 -18.95 -28.54
C HIS A 266 8.20 -19.34 -28.06
N GLU A 267 9.05 -18.34 -27.83
CA GLU A 267 10.37 -18.58 -27.30
C GLU A 267 10.30 -19.06 -25.86
N ALA A 268 9.36 -18.51 -25.10
CA ALA A 268 9.17 -18.87 -23.70
C ALA A 268 8.67 -20.29 -23.56
N TYR A 269 7.92 -20.76 -24.57
CA TYR A 269 7.35 -22.10 -24.54
C TYR A 269 8.43 -23.17 -24.60
N SER A 270 9.52 -22.89 -25.31
CA SER A 270 10.63 -23.82 -25.40
C SER A 270 11.37 -23.89 -24.08
N ILE A 271 11.37 -22.78 -23.35
CA ILE A 271 12.04 -22.70 -22.05
C ILE A 271 11.24 -23.40 -20.96
N ILE A 272 9.93 -23.15 -20.93
CA ILE A 272 9.07 -23.75 -19.92
C ILE A 272 8.97 -25.27 -20.07
N GLU A 273 9.19 -25.76 -21.28
CA GLU A 273 9.21 -27.20 -21.53
C GLU A 273 10.43 -27.83 -20.87
N LYS A 274 11.58 -27.23 -21.08
CA LYS A 274 12.83 -27.71 -20.50
C LYS A 274 12.80 -27.61 -18.98
N ILE A 275 12.24 -26.51 -18.48
CA ILE A 275 12.15 -26.28 -17.04
C ILE A 275 11.20 -27.27 -16.36
N THR A 276 10.04 -27.50 -16.96
CA THR A 276 9.07 -28.42 -16.39
C THR A 276 9.61 -29.84 -16.28
N ASP A 277 10.21 -30.32 -17.36
CA ASP A 277 10.78 -31.67 -17.36
C ASP A 277 11.91 -31.77 -16.35
N GLN A 278 12.73 -30.73 -16.27
CA GLN A 278 13.82 -30.70 -15.31
C GLN A 278 13.30 -30.69 -13.88
N ILE A 279 12.24 -29.93 -13.64
CA ILE A 279 11.62 -29.86 -12.32
C ILE A 279 11.06 -31.21 -11.91
N LEU A 280 10.43 -31.89 -12.85
CA LEU A 280 9.87 -33.22 -12.61
C LEU A 280 10.99 -34.20 -12.29
N GLN A 281 12.10 -34.07 -13.02
CA GLN A 281 13.24 -34.95 -12.85
C GLN A 281 13.81 -34.84 -11.44
N LEU A 282 13.98 -33.62 -10.96
CA LEU A 282 14.51 -33.38 -9.63
C LEU A 282 13.51 -33.76 -8.55
N LEU A 283 12.23 -33.84 -8.92
CA LEU A 283 11.20 -34.35 -8.02
C LEU A 283 11.28 -35.87 -7.99
N LYS A 284 11.62 -36.46 -9.13
CA LYS A 284 11.77 -37.91 -9.24
C LYS A 284 13.02 -38.39 -8.51
N GLU A 285 14.10 -37.63 -8.64
CA GLU A 285 15.36 -37.98 -8.00
C GLU A 285 15.29 -37.84 -6.48
N ASP A 286 14.49 -36.89 -6.01
CA ASP A 286 14.35 -36.66 -4.57
C ASP A 286 13.33 -37.61 -3.95
N SER A 287 12.35 -38.02 -4.74
CA SER A 287 11.34 -38.97 -4.27
C SER A 287 11.98 -40.34 -4.04
N GLU A 288 12.86 -40.74 -4.94
CA GLU A 288 13.56 -42.02 -4.83
C GLU A 288 14.70 -41.92 -3.82
N LYS A 289 15.18 -40.69 -3.62
CA LYS A 289 16.28 -40.39 -2.70
C LYS A 289 15.96 -40.68 -1.24
N ARG A 290 14.73 -40.39 -0.84
CA ARG A 290 14.36 -40.32 0.57
C ARG A 290 14.56 -41.60 1.36
N ASN A 291 14.22 -42.75 0.78
CA ASN A 291 14.39 -44.01 1.51
C ASN A 291 15.51 -44.89 0.97
N LYS A 292 16.49 -45.17 1.81
CA LYS A 292 17.58 -46.08 1.48
C LYS A 292 17.07 -47.50 1.28
N TYR A 293 16.02 -47.87 2.04
CA TYR A 293 15.37 -49.21 2.04
C TYR A 293 13.88 -49.38 1.57
N ALA A 294 13.39 -48.48 0.72
CA ALA A 294 11.96 -48.41 0.36
C ALA A 294 11.35 -49.66 -0.32
N ALA A 295 12.13 -50.30 -1.19
CA ALA A 295 11.69 -51.54 -1.82
C ALA A 295 11.47 -52.63 -0.77
N MET A 296 12.37 -52.69 0.20
CA MET A 296 12.25 -53.63 1.31
C MET A 296 10.98 -53.30 2.06
N LEU A 297 10.70 -52.01 2.16
CA LEU A 297 9.46 -51.49 2.75
C LEU A 297 8.12 -51.88 2.08
N THR A 298 8.07 -51.97 0.75
CA THR A 298 6.77 -52.10 0.01
C THR A 298 5.80 -53.32 0.25
N SER A 299 4.49 -53.04 0.12
CA SER A 299 3.35 -53.91 0.37
C SER A 299 2.84 -54.51 -0.92
N GLU A 300 2.62 -53.63 -1.90
CA GLU A 300 2.02 -54.02 -3.15
C GLU A 300 3.15 -54.53 -3.97
N MET B 3 -33.93 -21.67 -9.01
CA MET B 3 -32.70 -22.18 -9.61
C MET B 3 -32.82 -22.25 -11.12
N SER B 4 -31.74 -21.91 -11.82
CA SER B 4 -31.72 -21.93 -13.28
C SER B 4 -30.38 -22.44 -13.80
N ARG B 5 -30.34 -22.64 -15.11
CA ARG B 5 -29.13 -23.01 -15.85
C ARG B 5 -29.09 -22.21 -17.15
N LEU B 6 -27.90 -22.03 -17.70
CA LEU B 6 -27.74 -21.28 -18.95
C LEU B 6 -26.52 -21.76 -19.72
N GLU B 7 -26.49 -21.45 -21.02
CA GLU B 7 -25.38 -21.84 -21.87
C GLU B 7 -24.52 -20.64 -22.26
N ILE B 8 -23.68 -20.83 -23.28
CA ILE B 8 -22.81 -19.75 -23.75
C ILE B 8 -23.17 -19.32 -25.15
N TYR B 9 -22.88 -20.17 -26.14
CA TYR B 9 -23.18 -19.87 -27.53
C TYR B 9 -24.04 -20.97 -28.15
N SER B 10 -25.25 -20.59 -28.58
CA SER B 10 -26.17 -21.54 -29.19
C SER B 10 -25.79 -21.82 -30.64
N PRO B 11 -26.24 -22.97 -31.18
CA PRO B 11 -26.03 -23.29 -32.60
C PRO B 11 -26.65 -22.25 -33.52
N GLU B 12 -27.57 -21.45 -33.00
CA GLU B 12 -28.22 -20.40 -33.77
C GLU B 12 -27.35 -19.14 -33.81
N GLY B 13 -26.16 -19.19 -33.21
CA GLY B 13 -25.24 -18.07 -33.18
C GLY B 13 -25.68 -16.98 -32.23
N LEU B 14 -26.50 -17.34 -31.25
CA LEU B 14 -27.01 -16.37 -30.29
C LEU B 14 -26.42 -16.61 -28.90
N ARG B 15 -26.18 -15.52 -28.17
CA ARG B 15 -25.63 -15.60 -26.83
C ARG B 15 -26.71 -15.50 -25.76
N LEU B 16 -26.30 -15.57 -24.48
CA LEU B 16 -27.23 -15.58 -23.36
C LEU B 16 -28.04 -14.29 -23.26
N ASP B 17 -27.47 -13.19 -23.73
CA ASP B 17 -28.13 -11.89 -23.65
C ASP B 17 -28.85 -11.53 -24.94
N GLY B 18 -28.58 -12.31 -26.00
CA GLY B 18 -29.25 -12.10 -27.27
C GLY B 18 -28.32 -11.65 -28.38
N ARG B 19 -27.18 -11.07 -28.00
CA ARG B 19 -26.21 -10.58 -28.97
C ARG B 19 -25.59 -11.71 -29.77
N ARG B 20 -25.03 -11.37 -30.93
CA ARG B 20 -24.28 -12.33 -31.72
C ARG B 20 -22.80 -12.24 -31.33
N TRP B 21 -21.96 -13.01 -32.01
CA TRP B 21 -20.56 -13.15 -31.62
C TRP B 21 -19.76 -11.85 -31.76
N ASN B 22 -20.18 -10.96 -32.66
CA ASN B 22 -19.40 -9.75 -32.88
C ASN B 22 -20.22 -8.47 -32.82
N GLU B 23 -20.68 -8.14 -31.62
CA GLU B 23 -21.37 -6.88 -31.38
C GLU B 23 -20.76 -6.16 -30.17
N LEU B 24 -20.47 -4.87 -30.35
CA LEU B 24 -20.08 -4.02 -29.23
C LEU B 24 -21.32 -3.57 -28.48
N ARG B 25 -21.22 -3.39 -27.17
CA ARG B 25 -22.39 -2.92 -26.43
C ARG B 25 -22.67 -1.46 -26.74
N ARG B 26 -23.73 -0.93 -26.14
CA ARG B 26 -24.06 0.48 -26.30
C ARG B 26 -22.93 1.33 -25.73
N PHE B 27 -22.35 2.22 -26.54
CA PHE B 27 -21.33 3.15 -26.02
C PHE B 27 -21.83 4.61 -25.97
N GLU B 28 -21.75 5.23 -24.79
CA GLU B 28 -22.04 6.65 -24.58
C GLU B 28 -20.79 7.25 -23.91
N SER B 29 -20.35 8.44 -24.32
CA SER B 29 -19.14 9.08 -23.75
C SER B 29 -19.45 10.54 -23.35
N SER B 30 -18.73 11.12 -22.39
CA SER B 30 -19.15 12.43 -21.91
C SER B 30 -17.97 13.19 -21.33
N ILE B 31 -17.73 14.38 -21.86
CA ILE B 31 -16.55 15.17 -21.51
C ILE B 31 -16.96 16.41 -20.70
N ASN B 32 -16.08 16.86 -19.81
CA ASN B 32 -16.31 18.06 -19.01
C ASN B 32 -17.56 17.93 -18.14
N THR B 33 -17.62 16.84 -17.39
CA THR B 33 -18.78 16.56 -16.55
C THR B 33 -18.65 17.16 -15.16
N HIS B 34 -17.41 17.35 -14.71
CA HIS B 34 -17.15 17.91 -13.40
C HIS B 34 -16.11 19.02 -13.46
N PRO B 35 -16.51 20.20 -14.00
CA PRO B 35 -15.58 21.32 -14.18
C PRO B 35 -15.12 21.93 -12.86
N HIS B 36 -15.99 21.92 -11.86
CA HIS B 36 -15.68 22.56 -10.59
C HIS B 36 -14.99 21.59 -9.62
N ALA B 37 -14.70 20.39 -10.08
CA ALA B 37 -14.11 19.37 -9.23
C ALA B 37 -12.75 18.88 -9.74
N ALA B 38 -12.49 19.09 -11.04
CA ALA B 38 -11.25 18.63 -11.64
C ALA B 38 -10.90 19.43 -12.89
N ASP B 39 -9.62 19.40 -13.27
CA ASP B 39 -9.16 20.05 -14.49
C ASP B 39 -9.69 19.33 -15.71
N GLY B 40 -9.85 18.01 -15.59
CA GLY B 40 -10.41 17.19 -16.64
C GLY B 40 -11.33 16.15 -16.06
N SER B 41 -12.41 15.84 -16.76
CA SER B 41 -13.38 14.88 -16.26
C SER B 41 -14.11 14.15 -17.39
N SER B 42 -14.49 12.91 -17.14
CA SER B 42 -15.22 12.12 -18.13
C SER B 42 -16.20 11.16 -17.46
N TYR B 43 -17.40 11.05 -18.02
CA TYR B 43 -18.37 10.08 -17.56
C TYR B 43 -18.60 9.01 -18.62
N MET B 44 -18.19 7.79 -18.31
CA MET B 44 -18.24 6.70 -19.28
C MET B 44 -19.44 5.77 -19.07
N GLU B 45 -20.13 5.48 -20.17
CA GLU B 45 -21.19 4.48 -20.16
C GLU B 45 -20.96 3.47 -21.28
N GLN B 46 -20.32 2.35 -20.93
CA GLN B 46 -20.07 1.28 -21.88
C GLN B 46 -20.87 0.05 -21.44
N GLY B 47 -22.07 -0.09 -22.00
CA GLY B 47 -23.01 -1.10 -21.54
C GLY B 47 -23.66 -0.60 -20.26
N ASN B 48 -23.78 -1.48 -19.27
CA ASN B 48 -24.30 -1.08 -17.97
C ASN B 48 -23.21 -0.48 -17.08
N ASN B 49 -21.98 -0.50 -17.58
CA ASN B 49 -20.85 0.10 -16.86
C ASN B 49 -20.97 1.61 -16.75
N LYS B 50 -20.81 2.13 -15.53
CA LYS B 50 -20.88 3.57 -15.30
C LYS B 50 -19.67 4.05 -14.51
N ILE B 51 -18.84 4.88 -15.14
CA ILE B 51 -17.58 5.31 -14.55
C ILE B 51 -17.38 6.83 -14.58
N ILE B 52 -17.14 7.39 -13.40
CA ILE B 52 -16.72 8.78 -13.30
C ILE B 52 -15.21 8.85 -13.20
N THR B 53 -14.59 9.66 -14.05
CA THR B 53 -13.14 9.83 -14.01
C THR B 53 -12.76 11.30 -13.81
N LEU B 54 -11.93 11.56 -12.82
CA LEU B 54 -11.49 12.92 -12.53
C LEU B 54 -9.98 13.06 -12.64
N VAL B 55 -9.53 14.04 -13.42
CA VAL B 55 -8.11 14.35 -13.53
C VAL B 55 -7.80 15.66 -12.85
N LYS B 56 -7.04 15.60 -11.76
CA LYS B 56 -6.68 16.80 -11.02
C LYS B 56 -5.20 17.11 -11.18
N GLY B 57 -4.90 18.12 -12.00
CA GLY B 57 -3.53 18.52 -12.24
C GLY B 57 -3.27 18.97 -13.67
N PRO B 58 -2.00 19.28 -13.99
CA PRO B 58 -0.83 19.23 -13.09
C PRO B 58 -0.85 20.35 -12.05
N LYS B 59 -0.48 20.01 -10.82
CA LYS B 59 -0.51 20.96 -9.73
C LYS B 59 0.63 20.72 -8.74
N GLU B 60 0.74 21.58 -7.74
CA GLU B 60 1.77 21.44 -6.71
C GLU B 60 1.54 20.20 -5.86
N PRO B 61 2.61 19.42 -5.64
CA PRO B 61 2.55 18.26 -4.74
C PRO B 61 2.23 18.71 -3.33
N ARG B 62 1.51 17.90 -2.56
CA ARG B 62 1.16 18.28 -1.20
C ARG B 62 2.33 18.07 -0.26
N LEU B 63 3.30 17.26 -0.67
CA LEU B 63 4.50 17.02 0.10
C LEU B 63 5.75 17.14 -0.77
N LYS B 64 6.64 18.04 -0.39
CA LYS B 64 7.85 18.31 -1.17
C LYS B 64 8.78 17.10 -1.21
N SER B 65 8.61 16.18 -0.26
CA SER B 65 9.37 14.94 -0.24
C SER B 65 9.09 14.13 -1.51
N GLN B 66 7.82 14.08 -1.90
CA GLN B 66 7.41 13.40 -3.12
C GLN B 66 7.34 14.39 -4.27
N MET B 67 8.50 14.72 -4.84
CA MET B 67 8.57 15.66 -5.96
C MET B 67 9.71 15.30 -6.91
N ASP B 68 9.39 15.18 -8.20
CA ASP B 68 10.39 14.88 -9.20
C ASP B 68 10.67 16.13 -10.04
N THR B 69 11.94 16.46 -10.19
CA THR B 69 12.34 17.67 -10.91
C THR B 69 12.52 17.42 -12.40
N SER B 70 12.29 16.17 -12.83
CA SER B 70 12.45 15.81 -14.23
C SER B 70 11.11 15.45 -14.88
N LYS B 71 10.15 15.01 -14.07
CA LYS B 71 8.85 14.57 -14.59
C LYS B 71 7.73 14.73 -13.55
N ALA B 72 6.48 14.77 -14.03
CA ALA B 72 5.33 14.86 -13.14
C ALA B 72 5.06 13.51 -12.48
N LEU B 73 4.46 13.55 -11.29
CA LEU B 73 4.07 12.33 -10.61
C LEU B 73 2.65 11.94 -10.98
N LEU B 74 2.49 10.73 -11.53
CA LEU B 74 1.18 10.26 -11.97
C LEU B 74 0.58 9.27 -10.97
N ASN B 75 -0.59 9.61 -10.45
CA ASN B 75 -1.28 8.76 -9.48
C ASN B 75 -2.69 8.38 -9.93
N VAL B 76 -3.05 7.14 -9.70
CA VAL B 76 -4.39 6.65 -10.07
C VAL B 76 -5.03 5.89 -8.92
N SER B 77 -6.22 6.31 -8.51
CA SER B 77 -6.95 5.60 -7.47
C SER B 77 -8.34 5.19 -7.96
N VAL B 78 -8.56 3.88 -8.04
CA VAL B 78 -9.83 3.34 -8.50
C VAL B 78 -10.76 3.01 -7.33
N ASN B 79 -11.91 3.67 -7.29
CA ASN B 79 -12.90 3.39 -6.26
C ASN B 79 -14.06 2.55 -6.78
N ILE B 80 -13.94 1.24 -6.62
CA ILE B 80 -15.03 0.34 -6.97
C ILE B 80 -16.03 0.33 -5.82
N THR B 81 -17.14 1.03 -6.01
CA THR B 81 -18.15 1.22 -4.97
C THR B 81 -18.79 -0.09 -4.57
N LYS B 82 -19.30 -0.14 -3.33
CA LYS B 82 -19.91 -1.35 -2.80
C LYS B 82 -21.22 -1.70 -3.48
N PHE B 83 -21.75 -0.77 -4.28
CA PHE B 83 -23.00 -0.98 -4.97
C PHE B 83 -22.82 -1.12 -6.49
N SER B 84 -21.61 -1.46 -6.90
CA SER B 84 -21.31 -1.60 -8.33
C SER B 84 -21.93 -2.88 -8.91
N LYS B 85 -22.00 -3.92 -8.10
CA LYS B 85 -22.57 -5.19 -8.54
C LYS B 85 -24.01 -5.36 -8.06
N PHE B 86 -24.62 -6.48 -8.45
CA PHE B 86 -25.99 -6.79 -8.00
C PHE B 86 -25.98 -7.10 -6.51
N GLU B 87 -25.01 -7.89 -6.07
CA GLU B 87 -24.86 -8.21 -4.66
C GLU B 87 -23.88 -7.23 -4.01
N ARG B 88 -24.39 -6.40 -3.10
CA ARG B 88 -23.57 -5.41 -2.42
C ARG B 88 -22.45 -6.08 -1.61
N SER B 89 -21.22 -5.63 -1.84
CA SER B 89 -20.08 -6.16 -1.10
C SER B 89 -20.02 -5.53 0.29
N LYS B 90 -19.82 -6.37 1.30
CA LYS B 90 -19.79 -5.90 2.68
C LYS B 90 -18.54 -5.09 2.98
N SER B 91 -17.39 -5.60 2.55
CA SER B 91 -16.12 -4.93 2.80
C SER B 91 -15.77 -3.95 1.68
N SER B 92 -14.84 -3.05 1.97
CA SER B 92 -14.21 -2.19 0.97
C SER B 92 -13.21 -2.98 0.12
N HIS B 93 -13.10 -2.62 -1.16
CA HIS B 93 -12.19 -3.30 -2.06
C HIS B 93 -10.87 -2.58 -2.28
N LYS B 94 -10.66 -1.50 -1.54
CA LYS B 94 -9.51 -0.61 -1.79
C LYS B 94 -8.12 -1.24 -1.58
N ASN B 95 -7.97 -2.04 -0.53
CA ASN B 95 -6.67 -2.63 -0.20
C ASN B 95 -6.41 -3.97 -0.87
N GLU B 96 -7.41 -4.44 -1.62
CA GLU B 96 -7.42 -5.76 -2.21
C GLU B 96 -6.27 -5.90 -3.20
N ARG B 97 -5.53 -7.00 -3.10
CA ARG B 97 -4.37 -7.24 -3.98
C ARG B 97 -4.75 -7.23 -5.46
N ARG B 98 -5.97 -7.64 -5.75
CA ARG B 98 -6.47 -7.62 -7.12
C ARG B 98 -6.58 -6.18 -7.63
N VAL B 99 -6.99 -5.28 -6.74
CA VAL B 99 -7.15 -3.87 -7.08
C VAL B 99 -5.81 -3.16 -7.20
N LEU B 100 -4.88 -3.48 -6.30
CA LEU B 100 -3.54 -2.90 -6.35
C LEU B 100 -2.83 -3.25 -7.66
N GLU B 101 -3.08 -4.45 -8.15
CA GLU B 101 -2.50 -4.89 -9.43
C GLU B 101 -3.12 -4.10 -10.58
N ILE B 102 -4.44 -3.88 -10.51
CA ILE B 102 -5.14 -3.11 -11.53
C ILE B 102 -4.60 -1.69 -11.60
N GLN B 103 -4.50 -1.04 -10.45
CA GLN B 103 -3.97 0.32 -10.36
C GLN B 103 -2.54 0.37 -10.91
N THR B 104 -1.71 -0.58 -10.46
CA THR B 104 -0.34 -0.68 -10.94
C THR B 104 -0.30 -0.88 -12.46
N SER B 105 -1.12 -1.80 -12.94
CA SER B 105 -1.20 -2.08 -14.38
C SER B 105 -1.50 -0.83 -15.20
N LEU B 106 -2.52 -0.08 -14.79
CA LEU B 106 -2.92 1.14 -15.49
C LEU B 106 -1.80 2.18 -15.52
N VAL B 107 -1.10 2.33 -14.40
CA VAL B 107 0.03 3.25 -14.33
C VAL B 107 1.12 2.86 -15.32
N ARG B 108 1.46 1.58 -15.34
CA ARG B 108 2.52 1.12 -16.21
C ARG B 108 2.14 1.44 -17.63
N MET B 109 0.85 1.31 -17.92
CA MET B 109 0.36 1.48 -19.30
C MET B 109 0.57 2.90 -19.81
N PHE B 110 0.19 3.88 -18.99
CA PHE B 110 0.20 5.28 -19.42
C PHE B 110 1.50 6.01 -19.14
N GLU B 111 2.40 5.38 -18.39
CA GLU B 111 3.73 5.93 -18.18
C GLU B 111 4.51 6.00 -19.49
N LYS B 112 4.20 5.07 -20.40
CA LYS B 112 4.83 5.02 -21.71
C LYS B 112 4.03 5.74 -22.79
N ASN B 113 2.87 6.28 -22.42
CA ASN B 113 1.98 6.90 -23.38
C ASN B 113 1.89 8.42 -23.27
N VAL B 114 2.36 8.93 -22.13
CA VAL B 114 2.51 10.36 -21.92
C VAL B 114 4.00 10.55 -21.70
N MET B 115 4.59 11.52 -22.37
CA MET B 115 6.03 11.72 -22.26
C MET B 115 6.32 12.02 -20.79
N LEU B 116 5.44 12.82 -20.18
CA LEU B 116 5.54 13.11 -18.77
C LEU B 116 6.91 13.70 -18.51
N ASN B 117 7.40 14.48 -19.46
CA ASN B 117 8.68 15.13 -19.32
C ASN B 117 8.54 16.64 -19.43
N ILE B 118 7.30 17.09 -19.60
CA ILE B 118 7.07 18.50 -19.82
C ILE B 118 6.33 19.16 -18.66
N TYR B 119 6.07 18.39 -17.61
CA TYR B 119 5.44 18.93 -16.41
C TYR B 119 6.25 18.60 -15.16
N PRO B 120 7.52 19.06 -15.10
CA PRO B 120 8.33 18.71 -13.94
C PRO B 120 7.84 19.40 -12.68
N ARG B 121 8.15 18.83 -11.52
CA ARG B 121 7.79 19.46 -10.26
C ARG B 121 6.29 19.68 -10.17
N THR B 122 5.52 18.77 -10.74
CA THR B 122 4.07 18.80 -10.59
C THR B 122 3.52 17.40 -10.32
N VAL B 123 2.21 17.33 -10.03
CA VAL B 123 1.55 16.07 -9.77
C VAL B 123 0.23 15.96 -10.53
N ILE B 124 0.00 14.82 -11.17
CA ILE B 124 -1.27 14.55 -11.82
C ILE B 124 -2.01 13.45 -11.08
N ASP B 125 -3.10 13.82 -10.40
CA ASP B 125 -3.91 12.85 -9.65
C ASP B 125 -5.15 12.45 -10.42
N ILE B 126 -5.32 11.14 -10.63
CA ILE B 126 -6.47 10.62 -11.34
C ILE B 126 -7.38 9.82 -10.41
N GLU B 127 -8.55 10.38 -10.11
CA GLU B 127 -9.53 9.72 -9.26
C GLU B 127 -10.64 9.10 -10.09
N ILE B 128 -10.92 7.82 -9.83
CA ILE B 128 -11.97 7.11 -10.56
C ILE B 128 -13.03 6.53 -9.65
N HIS B 129 -14.29 6.70 -10.02
CA HIS B 129 -15.40 6.13 -9.28
C HIS B 129 -16.24 5.22 -10.17
N VAL B 130 -16.23 3.93 -9.88
CA VAL B 130 -17.05 2.98 -10.62
C VAL B 130 -18.42 2.85 -9.97
N LEU B 131 -19.43 3.42 -10.63
CA LEU B 131 -20.77 3.43 -10.09
C LEU B 131 -21.54 2.14 -10.36
N GLU B 132 -21.27 1.54 -11.50
CA GLU B 132 -21.93 0.29 -11.88
C GLU B 132 -21.01 -0.58 -12.74
N GLN B 133 -21.07 -1.88 -12.52
CA GLN B 133 -20.15 -2.82 -13.16
C GLN B 133 -20.92 -3.95 -13.84
N ASP B 134 -20.49 -4.30 -15.05
CA ASP B 134 -21.14 -5.38 -15.81
C ASP B 134 -20.22 -5.94 -16.88
N GLY B 135 -19.04 -6.38 -16.48
CA GLY B 135 -18.10 -6.98 -17.40
C GLY B 135 -17.26 -5.97 -18.16
N GLY B 136 -16.00 -6.32 -18.42
CA GLY B 136 -15.09 -5.46 -19.14
C GLY B 136 -14.83 -4.15 -18.44
N ILE B 137 -14.75 -4.19 -17.12
CA ILE B 137 -14.55 -2.96 -16.34
C ILE B 137 -13.14 -2.39 -16.53
N MET B 138 -12.18 -3.26 -16.86
CA MET B 138 -10.81 -2.81 -17.07
C MET B 138 -10.70 -1.99 -18.34
N GLY B 139 -11.34 -2.46 -19.41
CA GLY B 139 -11.35 -1.75 -20.66
C GLY B 139 -12.04 -0.41 -20.55
N SER B 140 -13.11 -0.36 -19.76
CA SER B 140 -13.85 0.88 -19.55
C SER B 140 -13.04 1.87 -18.72
N LEU B 141 -12.23 1.35 -17.80
CA LEU B 141 -11.36 2.18 -16.99
C LEU B 141 -10.32 2.89 -17.85
N ILE B 142 -9.82 2.18 -18.85
CA ILE B 142 -8.81 2.71 -19.76
C ILE B 142 -9.38 3.86 -20.59
N ASN B 143 -10.58 3.66 -21.12
CA ASN B 143 -11.24 4.65 -21.96
C ASN B 143 -11.62 5.91 -21.17
N GLY B 144 -11.94 5.73 -19.90
CA GLY B 144 -12.33 6.85 -19.04
C GLY B 144 -11.16 7.75 -18.72
N ILE B 145 -10.00 7.16 -18.50
CA ILE B 145 -8.79 7.92 -18.19
C ILE B 145 -8.31 8.68 -19.42
N THR B 146 -8.33 8.02 -20.57
CA THR B 146 -7.88 8.64 -21.81
C THR B 146 -8.71 9.87 -22.15
N LEU B 147 -10.03 9.77 -22.00
CA LEU B 147 -10.92 10.89 -22.27
C LEU B 147 -10.71 12.03 -21.28
N ALA B 148 -10.63 11.70 -20.00
CA ALA B 148 -10.50 12.70 -18.96
C ALA B 148 -9.18 13.45 -19.05
N LEU B 149 -8.12 12.72 -19.39
CA LEU B 149 -6.80 13.33 -19.55
C LEU B 149 -6.77 14.33 -20.69
N ILE B 150 -7.44 13.98 -21.80
CA ILE B 150 -7.52 14.88 -22.94
C ILE B 150 -8.32 16.14 -22.59
N ASP B 151 -9.38 15.96 -21.83
CA ASP B 151 -10.21 17.09 -21.39
C ASP B 151 -9.42 18.06 -20.53
N ALA B 152 -8.42 17.54 -19.82
CA ALA B 152 -7.60 18.36 -18.93
C ALA B 152 -6.52 19.11 -19.70
N GLY B 153 -6.44 18.87 -21.00
CA GLY B 153 -5.45 19.51 -21.85
C GLY B 153 -4.04 19.03 -21.54
N ILE B 154 -3.94 17.80 -21.04
CA ILE B 154 -2.66 17.20 -20.73
C ILE B 154 -2.10 16.45 -21.94
N SER B 155 -0.89 16.82 -22.36
CA SER B 155 -0.29 16.28 -23.57
C SER B 155 -0.05 14.77 -23.49
N MET B 156 -0.40 14.08 -24.57
CA MET B 156 -0.13 12.66 -24.69
C MET B 156 0.12 12.30 -26.15
N PHE B 157 0.82 11.20 -26.39
CA PHE B 157 1.20 10.83 -27.74
C PHE B 157 0.04 10.32 -28.60
N ASP B 158 -0.87 9.57 -27.98
CA ASP B 158 -1.98 8.99 -28.72
C ASP B 158 -3.09 8.50 -27.79
N TYR B 159 -4.21 8.07 -28.39
CA TYR B 159 -5.30 7.46 -27.64
C TYR B 159 -4.87 6.09 -27.13
N ILE B 160 -5.44 5.68 -26.00
CA ILE B 160 -5.34 4.29 -25.56
C ILE B 160 -6.74 3.74 -25.36
N SER B 161 -7.14 2.82 -26.24
CA SER B 161 -8.47 2.23 -26.17
C SER B 161 -8.43 0.85 -25.52
N GLY B 162 -9.38 0.59 -24.63
CA GLY B 162 -9.45 -0.68 -23.94
C GLY B 162 -10.63 -1.51 -24.39
N ILE B 163 -10.42 -2.83 -24.48
CA ILE B 163 -11.45 -3.75 -24.98
C ILE B 163 -11.51 -5.06 -24.19
N SER B 164 -12.66 -5.72 -24.25
CA SER B 164 -12.87 -7.00 -23.56
C SER B 164 -13.18 -8.13 -24.54
N VAL B 165 -12.50 -9.26 -24.39
CA VAL B 165 -12.66 -10.40 -25.30
C VAL B 165 -13.18 -11.67 -24.60
N GLY B 166 -14.17 -12.30 -25.22
CA GLY B 166 -14.75 -13.52 -24.69
C GLY B 166 -14.57 -14.71 -25.63
N LEU B 167 -14.14 -15.84 -25.08
CA LEU B 167 -13.85 -17.02 -25.89
C LEU B 167 -14.70 -18.25 -25.55
N TYR B 168 -15.32 -18.81 -26.57
CA TYR B 168 -16.02 -20.08 -26.48
C TYR B 168 -15.57 -20.96 -27.62
N ASP B 169 -15.22 -22.21 -27.33
CA ASP B 169 -14.86 -23.15 -28.37
C ASP B 169 -13.91 -22.46 -29.34
N THR B 170 -14.20 -22.59 -30.63
CA THR B 170 -13.39 -21.97 -31.68
C THR B 170 -13.37 -20.43 -31.68
N THR B 171 -14.51 -19.80 -31.42
CA THR B 171 -14.63 -18.36 -31.62
C THR B 171 -14.87 -17.51 -30.37
N PRO B 172 -14.06 -16.47 -30.21
CA PRO B 172 -14.19 -15.49 -29.11
C PRO B 172 -15.39 -14.56 -29.31
N LEU B 173 -15.90 -14.01 -28.21
CA LEU B 173 -17.02 -13.09 -28.29
C LEU B 173 -16.58 -11.71 -27.88
N LEU B 174 -16.82 -10.73 -28.74
CA LEU B 174 -16.41 -9.36 -28.48
C LEU B 174 -17.18 -8.76 -27.31
N ASP B 175 -16.47 -8.00 -26.48
CA ASP B 175 -17.11 -7.25 -25.40
C ASP B 175 -18.00 -8.13 -24.52
N THR B 176 -17.39 -8.74 -23.49
CA THR B 176 -18.10 -9.68 -22.63
C THR B 176 -18.75 -9.00 -21.43
N ASN B 177 -19.93 -9.48 -21.06
CA ASN B 177 -20.59 -9.04 -19.83
C ASN B 177 -20.26 -9.99 -18.68
N SER B 178 -20.84 -9.75 -17.52
CA SER B 178 -20.51 -10.53 -16.33
C SER B 178 -20.87 -12.00 -16.46
N LEU B 179 -21.99 -12.30 -17.11
CA LEU B 179 -22.43 -13.67 -17.29
C LEU B 179 -21.46 -14.47 -18.16
N GLU B 180 -21.09 -13.86 -19.28
CA GLU B 180 -20.12 -14.42 -20.22
C GLU B 180 -18.75 -14.50 -19.57
N GLU B 181 -18.42 -13.47 -18.81
CA GLU B 181 -17.14 -13.43 -18.10
C GLU B 181 -17.13 -14.58 -17.12
N ASN B 182 -18.27 -14.83 -16.50
CA ASN B 182 -18.42 -15.95 -15.58
C ASN B 182 -18.30 -17.28 -16.33
N ALA B 183 -18.97 -17.35 -17.48
CA ALA B 183 -18.98 -18.55 -18.31
C ALA B 183 -17.63 -18.95 -18.93
N MET B 184 -16.90 -17.96 -19.41
CA MET B 184 -15.68 -18.23 -20.18
C MET B 184 -14.54 -17.26 -19.91
N SER B 185 -13.32 -17.70 -20.21
CA SER B 185 -12.13 -16.88 -20.06
C SER B 185 -12.15 -15.69 -21.01
N THR B 186 -11.64 -14.56 -20.54
CA THR B 186 -11.63 -13.32 -21.30
C THR B 186 -10.23 -12.72 -21.40
N VAL B 187 -10.01 -11.92 -22.44
CA VAL B 187 -8.74 -11.24 -22.63
C VAL B 187 -8.97 -9.73 -22.72
N THR B 188 -8.27 -8.99 -21.88
CA THR B 188 -8.40 -7.53 -21.88
C THR B 188 -7.23 -6.89 -22.63
N LEU B 189 -7.55 -6.06 -23.62
CA LEU B 189 -6.53 -5.53 -24.50
C LEU B 189 -6.41 -4.02 -24.42
N GLY B 190 -5.19 -3.54 -24.27
CA GLY B 190 -4.92 -2.12 -24.33
C GLY B 190 -4.28 -1.85 -25.68
N VAL B 191 -4.92 -0.98 -26.45
CA VAL B 191 -4.46 -0.68 -27.80
C VAL B 191 -4.10 0.78 -27.91
N VAL B 192 -2.94 1.06 -28.48
CA VAL B 192 -2.50 2.43 -28.63
C VAL B 192 -2.88 2.95 -30.01
N GLY B 193 -3.71 3.99 -30.01
CA GLY B 193 -4.14 4.64 -31.24
C GLY B 193 -4.78 3.70 -32.24
N LYS B 194 -4.32 3.79 -33.49
CA LYS B 194 -4.81 2.92 -34.55
C LYS B 194 -3.79 1.82 -34.85
N SER B 195 -2.81 1.67 -33.97
CA SER B 195 -1.70 0.75 -34.19
C SER B 195 -2.05 -0.67 -33.80
N GLU B 196 -1.06 -1.56 -33.96
CA GLU B 196 -1.21 -2.95 -33.55
C GLU B 196 -0.46 -3.18 -32.24
N LYS B 197 0.08 -2.09 -31.69
CA LYS B 197 0.86 -2.17 -30.46
C LYS B 197 -0.02 -2.15 -29.22
N LEU B 198 0.23 -3.10 -28.32
CA LEU B 198 -0.56 -3.23 -27.09
C LEU B 198 0.14 -2.56 -25.92
N SER B 199 -0.60 -1.70 -25.21
CA SER B 199 -0.09 -1.13 -23.97
C SER B 199 -0.38 -2.09 -22.83
N LEU B 200 -1.52 -2.77 -22.92
CA LEU B 200 -1.94 -3.70 -21.87
C LEU B 200 -2.45 -5.01 -22.46
N LEU B 201 -1.83 -6.11 -22.07
CA LEU B 201 -2.33 -7.45 -22.42
C LEU B 201 -2.60 -8.21 -21.12
N LEU B 202 -3.87 -8.50 -20.88
CA LEU B 202 -4.28 -9.09 -19.62
C LEU B 202 -5.10 -10.37 -19.81
N VAL B 203 -4.51 -11.50 -19.41
CA VAL B 203 -5.20 -12.78 -19.44
C VAL B 203 -5.13 -13.41 -18.05
N GLU B 204 -6.28 -13.58 -17.42
CA GLU B 204 -6.32 -14.09 -16.04
C GLU B 204 -6.84 -15.51 -15.93
N ASP B 205 -7.48 -16.01 -16.99
CA ASP B 205 -7.99 -17.38 -17.01
C ASP B 205 -7.36 -18.18 -18.14
N LYS B 206 -7.60 -19.49 -18.13
CA LYS B 206 -6.97 -20.40 -19.09
C LYS B 206 -7.42 -20.17 -20.53
N ILE B 207 -6.46 -20.08 -21.44
CA ILE B 207 -6.79 -19.82 -22.84
C ILE B 207 -5.97 -20.66 -23.80
N PRO B 208 -6.65 -21.51 -24.58
CA PRO B 208 -5.97 -22.32 -25.60
C PRO B 208 -4.99 -21.44 -26.37
N LEU B 209 -3.86 -22.00 -26.76
CA LEU B 209 -2.83 -21.20 -27.42
C LEU B 209 -3.16 -20.92 -28.88
N ASP B 210 -3.95 -21.80 -29.50
CA ASP B 210 -4.39 -21.60 -30.87
C ASP B 210 -5.28 -20.36 -31.01
N ARG B 211 -6.14 -20.14 -30.03
CA ARG B 211 -7.15 -19.08 -30.10
C ARG B 211 -6.59 -17.65 -30.15
N LEU B 212 -5.53 -17.39 -29.38
CA LEU B 212 -5.11 -16.02 -29.11
C LEU B 212 -4.80 -15.16 -30.35
N GLU B 213 -4.17 -15.74 -31.35
CA GLU B 213 -3.79 -14.96 -32.54
C GLU B 213 -5.02 -14.39 -33.26
N ASN B 214 -6.06 -15.20 -33.35
CA ASN B 214 -7.32 -14.80 -33.98
C ASN B 214 -8.15 -13.89 -33.08
N VAL B 215 -8.13 -14.18 -31.78
CA VAL B 215 -8.83 -13.36 -30.79
C VAL B 215 -8.26 -11.95 -30.77
N LEU B 216 -6.94 -11.85 -30.81
CA LEU B 216 -6.25 -10.57 -30.87
C LEU B 216 -6.68 -9.79 -32.10
N ALA B 217 -6.81 -10.49 -33.22
CA ALA B 217 -7.20 -9.87 -34.49
C ALA B 217 -8.61 -9.26 -34.40
N ILE B 218 -9.51 -9.97 -33.74
CA ILE B 218 -10.87 -9.46 -33.55
C ILE B 218 -10.88 -8.23 -32.65
N GLY B 219 -10.13 -8.31 -31.55
CA GLY B 219 -10.08 -7.22 -30.60
C GLY B 219 -9.51 -5.94 -31.19
N ILE B 220 -8.42 -6.05 -31.93
CA ILE B 220 -7.78 -4.89 -32.54
C ILE B 220 -8.74 -4.19 -33.52
N ALA B 221 -9.46 -4.98 -34.30
CA ALA B 221 -10.43 -4.43 -35.25
C ALA B 221 -11.56 -3.72 -34.51
N GLY B 222 -12.01 -4.32 -33.41
CA GLY B 222 -13.07 -3.74 -32.61
C GLY B 222 -12.62 -2.49 -31.89
N ALA B 223 -11.37 -2.49 -31.43
CA ALA B 223 -10.81 -1.34 -30.72
C ALA B 223 -10.68 -0.14 -31.65
N HIS B 224 -10.41 -0.41 -32.91
CA HIS B 224 -10.31 0.65 -33.92
C HIS B 224 -11.65 1.35 -34.10
N ARG B 225 -12.71 0.54 -34.07
CA ARG B 225 -14.07 1.06 -34.14
C ARG B 225 -14.37 1.89 -32.91
N VAL B 226 -13.91 1.41 -31.76
CA VAL B 226 -14.10 2.13 -30.51
C VAL B 226 -13.36 3.46 -30.54
N ARG B 227 -12.15 3.45 -31.09
CA ARG B 227 -11.34 4.66 -31.21
C ARG B 227 -12.01 5.68 -32.13
N ASP B 228 -12.60 5.18 -33.22
CA ASP B 228 -13.30 6.04 -34.16
C ASP B 228 -14.51 6.69 -33.50
N LEU B 229 -15.22 5.90 -32.69
CA LEU B 229 -16.39 6.39 -31.99
C LEU B 229 -16.03 7.49 -31.01
N MET B 230 -14.90 7.32 -30.32
CA MET B 230 -14.45 8.30 -29.34
C MET B 230 -14.17 9.65 -29.99
N ASP B 231 -13.53 9.62 -31.16
CA ASP B 231 -13.26 10.84 -31.89
C ASP B 231 -14.56 11.50 -32.32
N GLU B 232 -15.51 10.68 -32.76
CA GLU B 232 -16.83 11.15 -33.14
C GLU B 232 -17.55 11.71 -31.92
N GLU B 233 -17.39 11.04 -30.78
CA GLU B 233 -18.07 11.43 -29.55
C GLU B 233 -17.66 12.81 -29.08
N LEU B 234 -16.36 13.12 -29.18
CA LEU B 234 -15.87 14.43 -28.74
C LEU B 234 -16.14 15.50 -29.79
N ARG B 235 -15.91 15.17 -31.05
CA ARG B 235 -16.15 16.10 -32.15
C ARG B 235 -17.63 16.44 -32.24
N LYS B 236 -18.46 15.42 -32.07
CA LYS B 236 -19.91 15.60 -32.12
C LYS B 236 -20.35 16.52 -30.99
N HIS B 237 -19.75 16.33 -29.82
CA HIS B 237 -20.08 17.15 -28.66
C HIS B 237 -19.70 18.57 -28.92
N ALA B 238 -18.54 18.77 -29.55
CA ALA B 238 -18.07 20.10 -29.88
C ALA B 238 -19.04 20.77 -30.85
N GLN B 239 -19.52 20.02 -31.83
CA GLN B 239 -20.49 20.56 -32.78
C GLN B 239 -21.77 20.95 -32.06
N LYS B 240 -22.20 20.08 -31.15
CA LYS B 240 -23.39 20.31 -30.33
C LYS B 240 -23.20 21.51 -29.41
N ARG B 241 -22.02 21.63 -28.83
CA ARG B 241 -21.74 22.73 -27.92
C ARG B 241 -21.73 24.05 -28.68
N VAL B 242 -21.14 24.04 -29.87
CA VAL B 242 -21.10 25.22 -30.71
C VAL B 242 -22.50 25.65 -31.11
N SER B 243 -23.34 24.66 -31.42
CA SER B 243 -24.73 24.92 -31.77
C SER B 243 -25.46 25.55 -30.60
N ASN B 244 -25.19 25.05 -29.40
CA ASN B 244 -25.78 25.59 -28.19
C ASN B 244 -25.36 27.04 -27.97
N ALA B 245 -24.08 27.32 -28.24
CA ALA B 245 -23.56 28.66 -28.13
C ALA B 245 -24.24 29.60 -29.11
N SER B 246 -24.48 29.09 -30.32
CA SER B 246 -25.14 29.88 -31.37
C SER B 246 -26.62 30.07 -31.07
N LEU C 7 53.80 15.79 34.18
CA LEU C 7 52.40 15.79 34.58
C LEU C 7 51.86 17.21 34.58
N GLU C 8 50.54 17.33 34.74
CA GLU C 8 49.89 18.61 34.94
C GLU C 8 49.17 18.50 36.27
N THR C 9 49.28 19.54 37.08
CA THR C 9 48.43 19.73 38.24
C THR C 9 47.62 20.96 37.92
N ILE C 10 46.29 20.83 37.93
CA ILE C 10 45.43 21.90 37.46
C ILE C 10 44.39 22.32 38.49
N GLU C 11 44.24 23.63 38.66
CA GLU C 11 43.15 24.16 39.47
C GLU C 11 42.11 24.70 38.51
N ILE C 12 40.92 24.11 38.57
CA ILE C 12 39.83 24.46 37.67
C ILE C 12 38.51 24.12 38.33
N HIS C 13 37.43 24.71 37.83
CA HIS C 13 36.13 24.44 38.40
C HIS C 13 35.24 23.67 37.47
N PRO C 14 34.75 22.53 37.98
CA PRO C 14 33.70 21.75 37.31
C PRO C 14 32.39 22.54 37.27
N ILE C 15 31.83 22.70 36.07
CA ILE C 15 30.57 23.43 35.93
C ILE C 15 29.43 22.61 36.51
N THR C 16 28.77 23.16 37.53
CA THR C 16 27.68 22.46 38.20
C THR C 16 26.31 22.90 37.68
N PHE C 17 25.36 21.98 37.67
CA PHE C 17 24.01 22.27 37.21
C PHE C 17 22.99 21.85 38.26
N PRO C 18 21.82 22.52 38.27
CA PRO C 18 20.72 22.12 39.15
C PRO C 18 20.31 20.67 38.89
N PRO C 19 19.75 19.99 39.90
CA PRO C 19 19.40 18.57 39.81
C PRO C 19 18.45 18.26 38.64
N GLU C 20 17.57 19.19 38.30
CA GLU C 20 16.62 18.96 37.22
C GLU C 20 17.25 19.23 35.85
N VAL C 21 18.30 20.04 35.83
CA VAL C 21 19.00 20.36 34.59
C VAL C 21 20.04 19.29 34.28
N LEU C 22 20.63 18.73 35.33
CA LEU C 22 21.63 17.69 35.19
C LEU C 22 21.07 16.44 34.53
N ALA C 23 19.78 16.20 34.75
CA ALA C 23 19.10 15.02 34.18
C ALA C 23 18.86 15.18 32.69
N ARG C 24 18.53 16.39 32.27
CA ARG C 24 18.28 16.67 30.85
C ARG C 24 19.58 16.68 30.06
N ILE C 25 20.63 17.24 30.64
CA ILE C 25 21.94 17.32 30.00
C ILE C 25 22.52 15.94 29.70
N SER C 26 22.58 15.10 30.72
CA SER C 26 23.14 13.76 30.57
C SER C 26 22.47 12.75 31.50
N PRO C 27 21.96 11.65 30.95
CA PRO C 27 21.31 10.60 31.73
C PRO C 27 22.31 9.82 32.57
N GLU C 28 23.52 9.64 32.06
CA GLU C 28 24.55 8.90 32.77
C GLU C 28 25.16 9.74 33.89
N LEU C 29 25.42 11.01 33.59
CA LEU C 29 26.01 11.92 34.56
C LEU C 29 25.09 12.15 35.75
N SER C 30 23.78 12.23 35.48
CA SER C 30 22.80 12.42 36.54
C SER C 30 22.66 11.18 37.41
N LEU C 31 23.07 10.04 36.87
CA LEU C 31 23.01 8.78 37.60
C LEU C 31 24.26 8.59 38.47
N GLN C 32 25.41 8.96 37.92
CA GLN C 32 26.67 8.81 38.64
C GLN C 32 26.74 9.69 39.88
N ARG C 33 26.22 10.92 39.78
CA ARG C 33 26.20 11.85 40.90
C ARG C 33 25.32 11.31 42.03
N HIS C 34 24.30 10.54 41.66
CA HIS C 34 23.42 9.92 42.65
C HIS C 34 24.08 8.70 43.28
N LEU C 35 24.68 7.86 42.45
CA LEU C 35 25.29 6.61 42.91
C LEU C 35 26.48 6.86 43.83
N SER C 36 27.08 8.05 43.73
CA SER C 36 28.22 8.40 44.55
C SER C 36 27.82 8.58 46.02
N LEU C 37 26.57 8.96 46.24
CA LEU C 37 26.06 9.16 47.59
C LEU C 37 25.23 7.97 48.06
N GLY C 38 25.22 6.91 47.27
CA GLY C 38 24.46 5.71 47.60
C GLY C 38 22.98 5.88 47.37
N ILE C 39 22.62 6.73 46.41
CA ILE C 39 21.23 7.02 46.13
C ILE C 39 20.94 6.91 44.63
N ARG C 40 19.66 6.94 44.26
CA ARG C 40 19.25 6.85 42.87
C ARG C 40 18.42 8.09 42.49
N PRO C 41 18.28 8.35 41.18
CA PRO C 41 17.48 9.50 40.73
C PRO C 41 16.05 9.49 41.26
N CYS C 42 15.51 8.30 41.53
CA CYS C 42 14.18 8.19 42.12
C CYS C 42 14.23 8.25 43.64
N LEU C 43 15.35 8.75 44.16
CA LEU C 43 15.56 8.91 45.60
C LEU C 43 15.37 7.61 46.38
N ARG C 44 15.96 6.53 45.87
CA ARG C 44 15.95 5.24 46.57
C ARG C 44 17.36 4.68 46.66
N LYS C 45 17.59 3.80 47.62
CA LYS C 45 18.89 3.15 47.76
C LYS C 45 19.06 2.04 46.73
N TYR C 46 20.18 1.34 46.80
CA TYR C 46 20.53 0.32 45.81
C TYR C 46 19.50 -0.80 45.70
N GLU C 47 19.04 -1.30 46.84
CA GLU C 47 18.14 -2.44 46.85
C GLU C 47 16.70 -2.07 47.21
N GLU C 48 16.43 -0.78 47.31
CA GLU C 48 15.08 -0.31 47.64
C GLU C 48 14.13 -0.43 46.46
N PHE C 49 13.00 -1.10 46.67
CA PHE C 49 12.01 -1.29 45.62
C PHE C 49 10.93 -0.22 45.67
N ARG C 50 9.83 -0.47 44.97
CA ARG C 50 8.67 0.41 44.99
C ARG C 50 7.49 -0.29 45.65
N ASP C 51 6.73 0.45 46.45
CA ASP C 51 5.57 -0.10 47.13
C ASP C 51 4.49 -0.50 46.13
N VAL C 52 3.75 -1.55 46.45
CA VAL C 52 2.73 -2.08 45.56
C VAL C 52 1.36 -2.12 46.23
N ALA C 53 0.38 -1.48 45.62
CA ALA C 53 -0.99 -1.49 46.12
C ALA C 53 -1.96 -1.82 44.98
N ILE C 54 -2.82 -2.80 45.19
CA ILE C 54 -3.70 -3.27 44.13
C ILE C 54 -5.18 -3.23 44.51
N GLU C 55 -6.03 -3.37 43.49
CA GLU C 55 -7.47 -3.51 43.67
C GLU C 55 -7.99 -4.61 42.75
N ASN C 56 -8.26 -5.77 43.32
CA ASN C 56 -8.68 -6.93 42.54
C ASN C 56 -10.20 -7.08 42.46
N ASN C 57 -10.68 -7.60 41.32
CA ASN C 57 -12.10 -7.86 41.10
C ASN C 57 -12.99 -6.64 41.27
N THR C 58 -12.46 -5.46 40.95
CA THR C 58 -13.23 -4.23 41.09
C THR C 58 -13.96 -3.90 39.81
N LEU C 59 -13.41 -4.38 38.69
CA LEU C 59 -13.95 -4.06 37.37
C LEU C 59 -14.67 -5.26 36.77
N SER C 60 -14.65 -6.39 37.47
CA SER C 60 -15.29 -7.61 36.99
C SER C 60 -16.80 -7.56 37.16
N ARG C 61 -17.51 -8.43 36.46
CA ARG C 61 -18.95 -8.54 36.60
C ARG C 61 -19.27 -9.29 37.88
N TYR C 62 -18.32 -10.09 38.35
CA TYR C 62 -18.49 -10.86 39.58
C TYR C 62 -17.95 -10.09 40.77
N ALA C 63 -17.95 -8.77 40.66
CA ALA C 63 -17.47 -7.90 41.74
C ALA C 63 -18.40 -8.00 42.94
N ASP C 64 -19.71 -7.96 42.67
CA ASP C 64 -20.71 -8.06 43.72
C ASP C 64 -21.48 -9.36 43.61
N ALA C 65 -21.64 -10.05 44.74
CA ALA C 65 -22.32 -11.33 44.76
C ALA C 65 -23.81 -11.20 44.46
N GLY C 66 -24.48 -10.29 45.16
CA GLY C 66 -25.90 -10.07 44.97
C GLY C 66 -26.23 -9.49 43.61
N ASN C 67 -25.68 -8.31 43.33
CA ASN C 67 -25.93 -7.64 42.06
C ASN C 67 -24.86 -7.95 41.02
N ILE C 68 -25.22 -8.73 40.01
CA ILE C 68 -24.29 -9.09 38.94
C ILE C 68 -24.59 -8.29 37.67
N ASP C 69 -23.53 -7.75 37.06
CA ASP C 69 -23.68 -6.97 35.84
C ASP C 69 -24.07 -7.84 34.67
N THR C 70 -25.16 -7.46 33.99
CA THR C 70 -25.65 -8.20 32.84
C THR C 70 -24.91 -7.81 31.56
N LYS C 71 -24.36 -6.60 31.56
CA LYS C 71 -23.67 -6.07 30.39
C LYS C 71 -22.18 -6.39 30.37
N ASN C 72 -21.55 -6.32 31.54
CA ASN C 72 -20.10 -6.53 31.65
C ASN C 72 -19.68 -7.95 31.30
N ASN C 73 -18.67 -8.06 30.44
CA ASN C 73 -18.19 -9.36 29.99
C ASN C 73 -16.80 -9.70 30.54
N ILE C 74 -16.36 -8.92 31.52
CA ILE C 74 -15.07 -9.14 32.16
C ILE C 74 -15.17 -10.29 33.17
N LEU C 75 -14.32 -11.29 33.00
CA LEU C 75 -14.31 -12.47 33.87
C LEU C 75 -13.48 -12.21 35.13
N GLY C 76 -12.36 -11.53 34.95
CA GLY C 76 -11.47 -11.20 36.05
C GLY C 76 -10.76 -9.89 35.78
N SER C 77 -10.42 -9.16 36.83
CA SER C 77 -9.80 -7.85 36.66
C SER C 77 -8.81 -7.52 37.79
N ASN C 78 -7.96 -6.52 37.53
CA ASN C 78 -7.00 -6.07 38.52
C ASN C 78 -6.49 -4.67 38.21
N VAL C 79 -6.49 -3.81 39.23
CA VAL C 79 -5.87 -2.50 39.10
C VAL C 79 -4.61 -2.46 39.95
N LEU C 80 -3.51 -2.02 39.36
CA LEU C 80 -2.22 -2.01 40.04
C LEU C 80 -1.50 -0.69 39.83
N LYS C 81 -0.87 -0.19 40.89
CA LYS C 81 -0.03 1.01 40.81
C LYS C 81 1.23 0.87 41.65
N SER C 82 2.37 0.71 40.98
CA SER C 82 3.66 0.61 41.67
C SER C 82 4.45 1.90 41.48
N GLY C 83 4.37 2.80 42.45
CA GLY C 83 5.04 4.08 42.37
C GLY C 83 4.21 5.09 41.61
N LYS C 84 4.66 5.42 40.39
CA LYS C 84 3.94 6.36 39.54
C LYS C 84 3.13 5.63 38.47
N THR C 85 3.67 4.52 37.99
CA THR C 85 3.04 3.75 36.92
C THR C 85 1.79 3.02 37.38
N ILE C 86 0.70 3.16 36.60
CA ILE C 86 -0.56 2.50 36.91
C ILE C 86 -0.87 1.43 35.86
N VAL C 87 -1.34 0.27 36.31
CA VAL C 87 -1.67 -0.83 35.41
C VAL C 87 -3.11 -1.30 35.62
N ILE C 88 -3.87 -1.35 34.53
CA ILE C 88 -5.26 -1.82 34.60
C ILE C 88 -5.47 -3.04 33.71
N THR C 89 -5.71 -4.19 34.34
CA THR C 89 -5.86 -5.43 33.60
C THR C 89 -7.30 -5.93 33.59
N SER C 90 -7.78 -6.32 32.43
CA SER C 90 -9.12 -6.88 32.30
C SER C 90 -9.09 -8.18 31.52
N ILE C 91 -9.73 -9.21 32.08
CA ILE C 91 -9.75 -10.52 31.46
C ILE C 91 -11.12 -10.83 30.84
N THR C 92 -11.11 -11.10 29.54
CA THR C 92 -12.33 -11.51 28.83
C THR C 92 -12.19 -12.95 28.38
N GLY C 93 -13.25 -13.51 27.81
CA GLY C 93 -13.25 -14.91 27.43
C GLY C 93 -13.88 -15.21 26.08
N GLY C 94 -13.94 -16.50 25.75
CA GLY C 94 -14.52 -16.96 24.51
C GLY C 94 -14.92 -18.42 24.61
N ILE C 95 -15.80 -18.88 23.72
CA ILE C 95 -16.12 -20.29 23.66
C ILE C 95 -15.61 -20.87 22.34
N ILE C 96 -14.75 -21.88 22.44
CA ILE C 96 -14.21 -22.52 21.26
C ILE C 96 -14.42 -24.03 21.28
N GLU C 97 -14.94 -24.57 20.18
CA GLU C 97 -15.12 -26.00 20.04
C GLU C 97 -13.76 -26.69 19.91
N GLU C 98 -13.63 -27.87 20.52
CA GLU C 98 -12.41 -28.65 20.41
C GLU C 98 -12.65 -30.01 19.75
N THR C 99 -11.98 -30.23 18.62
CA THR C 99 -12.11 -31.49 17.89
C THR C 99 -10.75 -32.01 17.43
N ASN C 126 1.92 -29.24 27.15
CA ASN C 126 0.60 -29.64 27.62
C ASN C 126 -0.20 -28.47 28.15
N TYR C 127 0.48 -27.51 28.76
CA TYR C 127 -0.17 -26.33 29.32
C TYR C 127 -0.35 -25.25 28.25
N ALA C 128 -1.39 -24.42 28.43
CA ALA C 128 -1.67 -23.35 27.48
C ALA C 128 -1.38 -21.99 28.10
N SER C 129 -1.89 -20.94 27.48
CA SER C 129 -1.67 -19.57 27.96
C SER C 129 -2.80 -18.64 27.54
N VAL C 130 -2.66 -17.36 27.85
CA VAL C 130 -3.64 -16.36 27.46
C VAL C 130 -3.09 -15.42 26.39
N TYR C 131 -3.97 -14.67 25.74
CA TYR C 131 -3.57 -13.74 24.69
C TYR C 131 -3.74 -12.30 25.15
N PRO C 132 -2.64 -11.67 25.59
CA PRO C 132 -2.67 -10.31 26.15
C PRO C 132 -2.52 -9.23 25.08
N VAL C 133 -3.20 -8.11 25.30
CA VAL C 133 -3.05 -6.94 24.44
C VAL C 133 -2.67 -5.73 25.29
N VAL C 134 -1.38 -5.50 25.43
CA VAL C 134 -0.90 -4.40 26.26
C VAL C 134 -0.87 -3.08 25.49
N GLU C 135 -1.44 -2.05 26.08
CA GLU C 135 -1.45 -0.72 25.48
C GLU C 135 -0.74 0.29 26.38
N VAL C 136 0.52 0.56 26.08
CA VAL C 136 1.29 1.54 26.85
C VAL C 136 1.03 2.94 26.30
N GLU C 137 0.41 3.79 27.12
CA GLU C 137 0.04 5.13 26.68
C GLU C 137 1.16 6.14 26.88
N ARG C 138 1.68 6.66 25.78
CA ARG C 138 2.74 7.67 25.82
C ARG C 138 2.27 9.00 25.26
N GLY C 139 1.00 9.04 24.82
CA GLY C 139 0.41 10.26 24.30
C GLY C 139 0.60 10.44 22.81
N ARG C 140 0.91 9.34 22.12
CA ARG C 140 1.08 9.39 20.68
C ARG C 140 0.11 8.43 19.99
N VAL C 141 -0.57 8.94 18.97
CA VAL C 141 -1.50 8.13 18.20
C VAL C 141 -0.73 7.32 17.15
N GLY C 142 -1.33 6.23 16.69
CA GLY C 142 -0.70 5.38 15.69
C GLY C 142 -0.83 3.91 16.02
N ALA C 143 -0.04 3.09 15.33
CA ALA C 143 -0.07 1.65 15.53
C ALA C 143 0.66 1.24 16.81
N CYS C 144 0.66 -0.06 17.09
CA CYS C 144 1.31 -0.59 18.29
C CYS C 144 2.82 -0.52 18.17
N THR C 145 3.45 0.05 19.19
CA THR C 145 4.91 0.16 19.22
C THR C 145 5.55 -1.20 19.43
N ASP C 146 6.85 -1.29 19.19
CA ASP C 146 7.59 -2.53 19.36
C ASP C 146 7.58 -2.97 20.83
N GLU C 147 7.35 -2.01 21.72
CA GLU C 147 7.25 -2.32 23.15
C GLU C 147 6.03 -3.18 23.43
N GLU C 148 4.87 -2.71 22.97
CA GLU C 148 3.61 -3.41 23.20
C GLU C 148 3.59 -4.78 22.52
N MET C 149 4.28 -4.89 21.41
CA MET C 149 4.35 -6.17 20.69
C MET C 149 5.12 -7.20 21.48
N THR C 150 6.32 -6.82 21.94
CA THR C 150 7.19 -7.73 22.66
C THR C 150 6.58 -8.17 23.99
N ILE C 151 6.00 -7.22 24.71
CA ILE C 151 5.39 -7.52 26.01
C ILE C 151 4.23 -8.51 25.88
N SER C 152 3.36 -8.27 24.90
CA SER C 152 2.23 -9.17 24.66
C SER C 152 2.70 -10.59 24.40
N GLN C 153 3.82 -10.73 23.69
CA GLN C 153 4.38 -12.04 23.40
C GLN C 153 5.14 -12.59 24.62
N LYS C 154 5.79 -11.69 25.36
CA LYS C 154 6.56 -12.10 26.52
C LYS C 154 5.65 -12.58 27.65
N LEU C 155 4.48 -11.98 27.76
CA LEU C 155 3.49 -12.41 28.74
C LEU C 155 2.90 -13.76 28.33
N HIS C 156 2.68 -13.91 27.03
CA HIS C 156 2.10 -15.15 26.49
C HIS C 156 3.09 -16.31 26.58
N ASP C 157 4.35 -16.03 26.30
CA ASP C 157 5.38 -17.06 26.34
C ASP C 157 5.71 -17.51 27.76
N SER C 158 5.78 -16.55 28.68
CA SER C 158 6.10 -16.86 30.07
C SER C 158 5.01 -17.68 30.75
N ILE C 159 3.76 -17.28 30.57
CA ILE C 159 2.63 -18.04 31.11
C ILE C 159 2.62 -19.45 30.53
N LEU C 160 2.88 -19.56 29.24
CA LEU C 160 2.91 -20.85 28.55
C LEU C 160 4.03 -21.74 29.07
N HIS C 161 5.16 -21.13 29.39
CA HIS C 161 6.35 -21.88 29.82
C HIS C 161 6.39 -22.10 31.33
N SER C 162 5.73 -21.23 32.09
CA SER C 162 5.66 -21.37 33.54
C SER C 162 4.60 -22.38 33.95
N ARG C 163 3.85 -22.86 32.97
CA ARG C 163 2.83 -23.89 33.17
C ARG C 163 1.78 -23.48 34.21
N ILE C 164 1.19 -22.31 34.01
CA ILE C 164 0.17 -21.80 34.91
C ILE C 164 -1.20 -22.33 34.52
N LEU C 165 -1.50 -22.29 33.23
CA LEU C 165 -2.82 -22.65 32.73
C LEU C 165 -2.79 -23.92 31.90
N PRO C 166 -3.26 -25.03 32.47
CA PRO C 166 -3.37 -26.31 31.76
C PRO C 166 -4.54 -26.28 30.77
N LYS C 167 -4.44 -27.04 29.70
CA LYS C 167 -5.51 -27.10 28.70
C LYS C 167 -6.75 -27.80 29.25
N LYS C 168 -6.56 -28.58 30.31
CA LYS C 168 -7.67 -29.29 30.93
C LYS C 168 -8.50 -28.36 31.82
N ALA C 169 -7.87 -27.29 32.28
CA ALA C 169 -8.55 -26.31 33.14
C ALA C 169 -9.45 -25.39 32.32
N LEU C 170 -9.31 -25.45 31.01
CA LEU C 170 -10.09 -24.61 30.11
C LEU C 170 -11.25 -25.38 29.49
N LYS C 171 -11.39 -26.64 29.85
CA LYS C 171 -12.45 -27.49 29.31
C LYS C 171 -13.83 -27.02 29.75
N VAL C 172 -14.71 -26.83 28.78
CA VAL C 172 -16.05 -26.33 29.06
C VAL C 172 -17.01 -27.48 29.41
N LYS C 173 -17.53 -27.45 30.63
CA LYS C 173 -18.52 -28.42 31.06
C LYS C 173 -19.91 -27.87 30.77
N ALA C 174 -20.51 -28.31 29.66
CA ALA C 174 -21.79 -27.79 29.22
C ALA C 174 -22.97 -28.32 30.03
N GLY C 175 -24.17 -27.91 29.64
CA GLY C 175 -25.39 -28.34 30.31
C GLY C 175 -26.58 -28.29 29.36
N VAL C 176 -27.77 -28.54 29.90
CA VAL C 176 -28.98 -28.55 29.08
C VAL C 176 -30.04 -27.61 29.63
N ARG C 177 -30.92 -27.14 28.75
CA ARG C 177 -32.00 -26.25 29.13
C ARG C 177 -33.33 -26.73 28.56
N SER C 178 -34.17 -27.30 29.42
CA SER C 178 -35.46 -27.83 29.00
C SER C 178 -36.55 -26.92 29.52
N ALA C 179 -37.44 -26.50 28.63
CA ALA C 179 -38.48 -25.54 28.99
C ALA C 179 -39.88 -26.13 28.97
N ASN C 180 -40.59 -25.92 30.07
CA ASN C 180 -41.99 -26.29 30.18
C ASN C 180 -42.80 -25.33 29.33
N GLU C 181 -44.03 -25.70 28.99
CA GLU C 181 -44.84 -24.86 28.14
C GLU C 181 -45.43 -23.75 28.99
N ASP C 182 -44.56 -22.83 29.38
CA ASP C 182 -44.91 -21.70 30.23
C ASP C 182 -45.09 -22.13 31.68
N GLY C 183 -45.11 -23.45 31.90
CA GLY C 183 -45.18 -23.98 33.25
C GLY C 183 -43.94 -23.70 34.08
N THR C 184 -42.78 -23.89 33.48
CA THR C 184 -41.50 -23.70 34.16
C THR C 184 -40.35 -23.50 33.19
N PHE C 185 -39.21 -23.04 33.72
CA PHE C 185 -37.95 -23.06 33.00
C PHE C 185 -36.98 -23.95 33.77
N SER C 186 -36.48 -25.00 33.11
CA SER C 186 -35.54 -25.92 33.77
C SER C 186 -34.14 -25.94 33.16
N VAL C 187 -33.13 -25.85 34.02
CA VAL C 187 -31.73 -25.98 33.60
C VAL C 187 -31.05 -27.10 34.38
N LEU C 188 -30.39 -28.01 33.66
CA LEU C 188 -29.71 -29.14 34.30
C LEU C 188 -28.24 -29.27 33.90
N TYR C 189 -27.37 -29.46 34.90
CA TYR C 189 -25.96 -29.69 34.66
C TYR C 189 -25.43 -30.85 35.52
N PRO C 190 -24.49 -31.64 35.00
CA PRO C 190 -23.98 -32.77 35.77
C PRO C 190 -22.48 -32.67 36.09
N ASP C 191 -22.16 -32.66 37.37
CA ASP C 191 -20.78 -32.71 37.84
C ASP C 191 -20.09 -34.04 37.50
N GLU C 192 -20.84 -35.13 37.66
CA GLU C 192 -20.31 -36.49 37.54
C GLU C 192 -19.76 -36.82 36.15
N LEU C 193 -20.46 -36.36 35.12
CA LEU C 193 -20.10 -36.69 33.74
C LEU C 193 -18.71 -36.18 33.38
N GLU C 194 -18.40 -34.97 33.83
CA GLU C 194 -17.13 -34.33 33.50
C GLU C 194 -15.95 -35.09 34.10
N ASP C 195 -16.12 -35.55 35.34
CA ASP C 195 -15.08 -36.30 36.04
C ASP C 195 -14.75 -37.60 35.31
N ASP C 196 -15.79 -38.27 34.83
CA ASP C 196 -15.63 -39.54 34.11
C ASP C 196 -14.82 -39.35 32.84
N THR C 197 -15.10 -38.25 32.14
CA THR C 197 -14.40 -37.96 30.88
C THR C 197 -12.91 -37.75 31.12
N LEU C 198 -12.58 -37.07 32.22
CA LEU C 198 -11.18 -36.79 32.55
C LEU C 198 -10.24 -37.49 31.60
N LYS C 208 -16.69 -31.14 23.25
CA LYS C 208 -16.10 -30.57 24.46
C LYS C 208 -15.54 -29.17 24.21
N TRP C 209 -16.36 -28.16 24.45
CA TRP C 209 -15.95 -26.79 24.26
C TRP C 209 -14.84 -26.42 25.18
N SER C 210 -13.89 -25.62 24.68
CA SER C 210 -12.75 -25.18 25.49
C SER C 210 -12.75 -23.67 25.65
N TYR C 211 -12.39 -23.21 26.84
CA TYR C 211 -12.33 -21.78 27.13
C TYR C 211 -11.07 -21.13 26.57
N VAL C 212 -11.19 -19.88 26.17
CA VAL C 212 -10.04 -19.09 25.72
C VAL C 212 -10.04 -17.73 26.42
N LEU C 213 -8.92 -17.42 27.08
CA LEU C 213 -8.83 -16.20 27.89
C LEU C 213 -8.12 -15.06 27.17
N TYR C 214 -8.87 -14.01 26.82
CA TYR C 214 -8.31 -12.82 26.21
C TYR C 214 -8.04 -11.77 27.29
N ALA C 215 -6.87 -11.12 27.21
CA ALA C 215 -6.50 -10.13 28.19
C ALA C 215 -6.12 -8.79 27.55
N LYS C 216 -6.47 -7.70 28.22
CA LYS C 216 -6.07 -6.36 27.78
C LYS C 216 -5.47 -5.57 28.93
N ILE C 217 -4.25 -5.10 28.75
CA ILE C 217 -3.52 -4.40 29.80
C ILE C 217 -3.19 -2.97 29.42
N VAL C 218 -3.75 -2.02 30.16
CA VAL C 218 -3.50 -0.60 29.91
C VAL C 218 -2.45 -0.08 30.89
N VAL C 219 -1.52 0.72 30.39
CA VAL C 219 -0.47 1.29 31.23
C VAL C 219 -0.48 2.81 31.21
N LEU C 220 -0.61 3.41 32.40
CA LEU C 220 -0.59 4.86 32.53
C LEU C 220 0.62 5.31 33.33
N SER C 221 1.12 6.51 33.05
CA SER C 221 2.24 7.08 33.80
C SER C 221 3.55 6.26 33.86
N ARG C 222 3.98 5.74 32.71
CA ARG C 222 5.20 4.95 32.62
C ARG C 222 6.48 5.75 32.96
N THR C 223 7.46 5.08 33.56
CA THR C 223 8.67 5.72 34.06
C THR C 223 9.90 4.84 33.90
N GLY C 224 9.75 3.70 33.23
CA GLY C 224 10.85 2.79 33.00
C GLY C 224 10.40 1.45 32.49
N PRO C 225 11.23 0.41 32.66
CA PRO C 225 10.90 -0.96 32.27
C PRO C 225 9.58 -1.37 32.93
N VAL C 226 8.60 -1.76 32.11
CA VAL C 226 7.25 -1.94 32.62
C VAL C 226 6.70 -3.36 32.46
N PHE C 227 7.53 -4.27 31.95
CA PHE C 227 7.12 -5.63 31.72
C PHE C 227 6.75 -6.33 33.03
N ASP C 228 7.52 -6.08 34.08
CA ASP C 228 7.27 -6.69 35.38
C ASP C 228 5.92 -6.25 35.96
N LEU C 229 5.59 -4.98 35.81
CA LEU C 229 4.33 -4.44 36.31
C LEU C 229 3.14 -5.09 35.62
N CYS C 230 3.26 -5.28 34.31
CA CYS C 230 2.20 -5.89 33.52
C CYS C 230 2.02 -7.35 33.88
N TRP C 231 3.12 -8.02 34.20
CA TRP C 231 3.08 -9.42 34.58
C TRP C 231 2.40 -9.61 35.93
N ASN C 232 2.82 -8.80 36.91
CA ASN C 232 2.26 -8.89 38.25
C ASN C 232 0.76 -8.59 38.27
N SER C 233 0.34 -7.61 37.49
CA SER C 233 -1.07 -7.25 37.39
C SER C 233 -1.86 -8.38 36.72
N LEU C 234 -1.25 -9.03 35.75
CA LEU C 234 -1.88 -10.12 35.04
C LEU C 234 -2.01 -11.35 35.95
N MET C 235 -1.00 -11.56 36.80
CA MET C 235 -1.00 -12.68 37.72
C MET C 235 -2.09 -12.54 38.77
N TYR C 236 -2.23 -11.34 39.33
CA TYR C 236 -3.28 -11.07 40.29
C TYR C 236 -4.66 -11.19 39.64
N ALA C 237 -4.74 -10.83 38.37
CA ALA C 237 -5.99 -10.92 37.64
C ALA C 237 -6.35 -12.38 37.36
N LEU C 238 -5.34 -13.19 37.07
CA LEU C 238 -5.56 -14.60 36.79
C LEU C 238 -5.91 -15.38 38.05
N GLN C 239 -5.49 -14.86 39.22
CA GLN C 239 -5.78 -15.51 40.48
C GLN C 239 -7.27 -15.50 40.79
N SER C 240 -7.97 -14.55 40.18
CA SER C 240 -9.41 -14.39 40.40
C SER C 240 -10.17 -14.32 39.09
N VAL C 241 -10.40 -15.48 38.49
CA VAL C 241 -11.16 -15.57 37.24
C VAL C 241 -12.32 -16.54 37.39
N LYS C 242 -13.51 -16.11 36.97
CA LYS C 242 -14.68 -16.98 37.00
C LYS C 242 -15.17 -17.31 35.59
N LEU C 243 -15.31 -18.60 35.31
CA LEU C 243 -15.75 -19.07 34.00
C LEU C 243 -17.24 -19.43 34.04
N PRO C 244 -18.07 -18.63 33.36
CA PRO C 244 -19.52 -18.89 33.33
C PRO C 244 -19.85 -20.17 32.56
N ARG C 245 -20.78 -20.96 33.09
CA ARG C 245 -21.19 -22.20 32.46
C ARG C 245 -21.93 -21.94 31.14
N ALA C 246 -21.86 -22.91 30.24
CA ALA C 246 -22.52 -22.78 28.94
C ALA C 246 -23.52 -23.90 28.72
N PHE C 247 -24.56 -23.61 27.93
CA PHE C 247 -25.61 -24.57 27.61
C PHE C 247 -26.32 -24.18 26.33
N ILE C 248 -26.99 -25.14 25.70
CA ILE C 248 -27.77 -24.86 24.50
C ILE C 248 -29.22 -25.31 24.61
N ASP C 249 -30.15 -24.40 24.31
CA ASP C 249 -31.56 -24.75 24.21
C ASP C 249 -31.73 -25.62 22.97
N GLU C 250 -32.64 -26.59 23.01
CA GLU C 250 -32.75 -27.51 21.90
C GLU C 250 -32.51 -26.74 20.61
N ARG C 251 -31.67 -27.29 19.75
CA ARG C 251 -31.30 -26.65 18.50
C ARG C 251 -30.84 -27.69 17.49
N ALA C 252 -30.84 -27.33 16.22
CA ALA C 252 -30.40 -28.25 15.18
C ALA C 252 -29.18 -27.77 14.42
N SER C 253 -28.16 -28.62 14.35
CA SER C 253 -27.02 -28.40 13.50
C SER C 253 -27.55 -28.09 12.12
N GLU C 270 -31.06 -22.48 8.78
CA GLU C 270 -31.41 -21.75 10.00
C GLU C 270 -30.17 -21.37 10.79
N THR C 271 -30.34 -20.44 11.74
CA THR C 271 -29.24 -19.99 12.57
C THR C 271 -29.48 -20.32 14.04
N TYR C 272 -28.48 -20.91 14.68
CA TYR C 272 -28.58 -21.29 16.09
C TYR C 272 -27.54 -20.54 16.92
N GLU C 273 -28.00 -19.94 18.02
CA GLU C 273 -27.11 -19.19 18.90
C GLU C 273 -26.83 -19.96 20.19
N ILE C 274 -25.57 -20.30 20.41
CA ILE C 274 -25.16 -21.03 21.62
C ILE C 274 -24.83 -20.08 22.76
N ILE C 275 -25.37 -20.29 23.94
CA ILE C 275 -25.21 -19.25 24.96
C ILE C 275 -24.62 -19.64 26.30
N CYS C 276 -23.97 -18.68 26.94
CA CYS C 276 -23.53 -18.88 28.31
C CYS C 276 -24.59 -18.40 29.31
N ASP C 277 -24.45 -18.82 30.56
CA ASP C 277 -25.39 -18.43 31.61
C ASP C 277 -25.04 -17.07 32.18
N GLN C 278 -26.06 -16.29 32.52
CA GLN C 278 -25.85 -14.93 33.00
C GLN C 278 -25.62 -14.87 34.50
N THR C 279 -25.65 -16.02 35.16
CA THR C 279 -25.51 -16.07 36.61
C THR C 279 -24.49 -17.10 37.07
N LYS C 280 -24.77 -18.36 36.82
CA LYS C 280 -23.94 -19.47 37.29
C LYS C 280 -22.54 -19.44 36.68
N SER C 281 -21.54 -19.69 37.51
CA SER C 281 -20.15 -19.69 37.09
C SER C 281 -19.27 -20.49 38.05
N VAL C 282 -18.10 -20.90 37.58
CA VAL C 282 -17.16 -21.65 38.41
C VAL C 282 -15.79 -20.98 38.41
N PRO C 283 -15.10 -21.00 39.56
CA PRO C 283 -13.78 -20.37 39.68
C PRO C 283 -12.71 -21.11 38.89
N LEU C 284 -11.83 -20.36 38.23
CA LEU C 284 -10.76 -20.95 37.44
C LEU C 284 -9.69 -21.56 38.32
N MET C 285 -9.34 -22.82 38.03
CA MET C 285 -8.36 -23.54 38.82
C MET C 285 -7.00 -23.55 38.16
N ILE C 286 -6.08 -22.76 38.72
CA ILE C 286 -4.71 -22.70 38.22
C ILE C 286 -3.72 -23.16 39.29
N ASN C 287 -2.54 -23.58 38.84
CA ASN C 287 -1.51 -24.07 39.77
C ASN C 287 -0.86 -22.92 40.54
N ALA C 288 -1.13 -22.87 41.85
CA ALA C 288 -0.54 -21.86 42.72
C ALA C 288 0.95 -22.15 42.95
N LYS C 289 1.34 -23.40 42.74
CA LYS C 289 2.72 -23.82 42.92
C LYS C 289 3.61 -23.28 41.81
N ASN C 290 3.01 -22.99 40.66
CA ASN C 290 3.75 -22.46 39.52
C ASN C 290 3.67 -20.95 39.40
N ILE C 291 2.77 -20.34 40.18
CA ILE C 291 2.58 -18.89 40.14
C ILE C 291 3.85 -18.15 40.52
N ALA C 292 4.32 -17.30 39.62
CA ALA C 292 5.54 -16.54 39.83
C ALA C 292 5.28 -15.04 39.83
N PHE C 293 6.30 -14.27 40.17
CA PHE C 293 6.19 -12.81 40.18
C PHE C 293 7.43 -12.16 39.57
N ALA C 294 7.28 -10.92 39.11
CA ALA C 294 8.33 -10.26 38.36
C ALA C 294 9.11 -9.20 39.16
N SER C 295 10.38 -9.04 38.80
CA SER C 295 11.24 -8.03 39.39
C SER C 295 12.44 -7.81 38.47
N ASN C 296 12.94 -6.57 38.42
CA ASN C 296 14.06 -6.25 37.56
C ASN C 296 15.29 -5.77 38.33
N TYR C 297 16.48 -6.06 37.79
CA TYR C 297 17.73 -5.67 38.44
C TYR C 297 18.74 -5.16 37.42
N GLY C 298 19.72 -4.37 37.88
CA GLY C 298 20.70 -3.78 36.99
C GLY C 298 22.13 -3.74 37.49
N ILE C 299 23.08 -3.72 36.57
CA ILE C 299 24.50 -3.63 36.88
C ILE C 299 25.15 -2.43 36.20
N VAL C 300 25.91 -1.66 36.98
CA VAL C 300 26.58 -0.46 36.48
C VAL C 300 27.80 -0.10 37.31
N GLU C 301 28.70 0.70 36.74
CA GLU C 301 29.87 1.18 37.47
C GLU C 301 29.93 2.71 37.46
N LEU C 302 30.14 3.32 38.62
CA LEU C 302 30.23 4.77 38.70
C LEU C 302 31.64 5.23 39.09
N ASP C 303 32.24 6.04 38.22
CA ASP C 303 33.58 6.56 38.44
C ASP C 303 33.73 7.51 39.63
N PRO C 304 32.75 8.39 39.81
CA PRO C 304 32.89 9.53 40.72
C PRO C 304 33.40 9.21 42.13
N GLU C 305 34.19 10.13 42.69
CA GLU C 305 34.74 9.95 44.03
C GLU C 305 33.80 10.52 45.08
N CYS C 306 33.87 9.97 46.29
CA CYS C 306 33.02 10.42 47.38
C CYS C 306 33.85 10.99 48.54
N GLN C 307 33.48 12.17 48.99
CA GLN C 307 34.19 12.84 50.08
C GLN C 307 33.90 12.16 51.42
N LEU C 308 34.86 12.23 52.33
CA LEU C 308 34.71 11.63 53.65
C LEU C 308 34.77 12.69 54.75
N GLN C 309 33.80 12.66 55.65
CA GLN C 309 33.74 13.61 56.75
C GLN C 309 33.86 12.92 58.10
N ASN C 310 34.76 13.42 58.95
CA ASN C 310 34.97 12.84 60.26
C ASN C 310 34.15 11.57 60.48
N ASN C 327 34.52 -5.45 42.88
CA ASN C 327 33.85 -4.33 43.52
C ASN C 327 32.76 -3.73 42.64
N THR C 328 31.70 -4.50 42.40
CA THR C 328 30.58 -4.05 41.57
C THR C 328 29.33 -3.81 42.41
N VAL C 329 28.50 -2.86 41.96
CA VAL C 329 27.27 -2.49 42.65
C VAL C 329 26.02 -2.79 41.80
N LEU C 330 25.00 -3.33 42.45
CA LEU C 330 23.78 -3.76 41.76
C LEU C 330 22.52 -3.02 42.26
N ILE C 331 21.63 -2.71 41.33
CA ILE C 331 20.40 -1.96 41.63
C ILE C 331 19.16 -2.82 41.40
N ALA C 332 18.20 -2.74 42.32
CA ALA C 332 17.00 -3.56 42.28
C ALA C 332 15.74 -2.79 41.89
N ASP C 333 14.99 -3.35 40.93
CA ASP C 333 13.78 -2.72 40.40
C ASP C 333 14.06 -1.39 39.69
N LEU C 334 14.50 -1.48 38.45
CA LEU C 334 14.91 -0.30 37.70
C LEU C 334 13.75 0.64 37.35
N ASP C 335 13.94 1.92 37.65
CA ASP C 335 12.97 2.95 37.32
C ASP C 335 13.73 4.18 36.84
N THR C 336 13.00 5.20 36.39
CA THR C 336 13.59 6.45 35.89
C THR C 336 14.35 6.25 34.57
N GLU C 337 14.34 7.27 33.73
CA GLU C 337 15.06 7.24 32.45
C GLU C 337 16.55 7.00 32.65
N ALA C 338 17.11 7.60 33.69
CA ALA C 338 18.54 7.52 33.96
C ALA C 338 19.04 6.09 34.11
N GLU C 339 18.25 5.24 34.76
CA GLU C 339 18.64 3.85 34.99
C GLU C 339 18.36 2.98 33.76
N GLU C 340 17.26 3.26 33.08
CA GLU C 340 16.88 2.47 31.90
C GLU C 340 17.82 2.73 30.73
N THR C 341 18.38 3.93 30.69
CA THR C 341 19.21 4.35 29.56
C THR C 341 20.68 3.97 29.73
N SER C 342 21.19 4.09 30.95
CA SER C 342 22.63 3.95 31.18
C SER C 342 23.08 2.59 31.74
N ILE C 343 22.14 1.79 32.25
CA ILE C 343 22.48 0.49 32.79
C ILE C 343 22.27 -0.63 31.76
N HIS C 344 23.37 -1.18 31.25
CA HIS C 344 23.30 -2.15 30.15
C HIS C 344 23.46 -3.60 30.61
N SER C 345 23.81 -3.79 31.88
CA SER C 345 23.84 -5.14 32.46
C SER C 345 22.65 -5.32 33.39
N THR C 346 21.68 -6.13 32.93
CA THR C 346 20.42 -6.26 33.66
C THR C 346 20.00 -7.72 33.86
N ILE C 347 19.19 -7.95 34.88
CA ILE C 347 18.69 -9.29 35.21
C ILE C 347 17.18 -9.26 35.46
N SER C 348 16.45 -10.14 34.79
CA SER C 348 15.01 -10.24 34.98
C SER C 348 14.62 -11.63 35.45
N ILE C 349 13.81 -11.71 36.50
CA ILE C 349 13.45 -13.00 37.09
C ILE C 349 11.95 -13.14 37.35
N LEU C 350 11.40 -14.29 37.00
CA LEU C 350 10.09 -14.70 37.46
C LEU C 350 10.27 -15.82 38.49
N ALA C 351 10.03 -15.50 39.76
CA ALA C 351 10.27 -16.43 40.87
C ALA C 351 8.99 -16.90 41.58
N ALA C 352 9.02 -18.12 42.09
CA ALA C 352 7.86 -18.74 42.70
C ALA C 352 8.10 -18.98 44.18
N PRO C 353 7.03 -18.91 44.96
CA PRO C 353 7.14 -19.06 46.41
C PRO C 353 7.68 -20.43 46.75
N SER C 354 7.25 -21.45 46.01
CA SER C 354 7.73 -22.80 46.24
C SER C 354 9.25 -22.77 46.17
N GLY C 355 9.77 -21.76 45.49
CA GLY C 355 11.20 -21.60 45.28
C GLY C 355 11.64 -22.14 43.94
N ASN C 356 10.71 -22.79 43.23
CA ASN C 356 10.91 -23.09 41.84
C ASN C 356 10.93 -21.78 41.08
N TYR C 357 11.79 -21.66 40.07
CA TYR C 357 11.89 -20.42 39.32
C TYR C 357 11.42 -20.64 37.89
N LYS C 358 10.51 -19.80 37.43
CA LYS C 358 9.98 -19.94 36.06
C LYS C 358 10.92 -19.53 34.91
N GLN C 359 11.61 -18.40 35.06
CA GLN C 359 12.40 -17.84 33.97
C GLN C 359 13.50 -16.89 34.46
N LEU C 360 14.47 -16.59 33.61
CA LEU C 360 15.55 -15.69 34.01
C LEU C 360 16.00 -14.91 32.79
N THR C 361 16.03 -13.59 32.91
CA THR C 361 16.50 -12.77 31.80
C THR C 361 17.81 -12.09 32.17
N LEU C 362 18.84 -12.39 31.39
CA LEU C 362 20.15 -11.78 31.61
C LEU C 362 20.70 -11.17 30.33
N MET C 363 21.19 -9.95 30.42
CA MET C 363 21.91 -9.34 29.31
C MET C 363 22.88 -8.29 29.82
N GLY C 364 24.17 -8.56 29.65
CA GLY C 364 25.21 -7.63 30.04
C GLY C 364 25.74 -6.88 28.84
N GLY C 365 25.63 -5.57 28.87
CA GLY C 365 26.06 -4.76 27.74
C GLY C 365 26.94 -3.60 28.15
N GLY C 366 27.02 -3.36 29.46
CA GLY C 366 27.81 -2.28 29.99
C GLY C 366 28.88 -2.69 30.99
N ALA C 367 28.67 -3.84 31.65
CA ALA C 367 29.66 -4.34 32.61
C ALA C 367 29.64 -5.85 32.71
N LYS C 368 30.69 -6.40 33.31
CA LYS C 368 30.78 -7.84 33.52
C LYS C 368 29.75 -8.28 34.55
N ILE C 369 29.24 -9.49 34.38
CA ILE C 369 28.24 -10.02 35.30
C ILE C 369 28.81 -11.17 36.13
N THR C 370 29.26 -10.85 37.34
CA THR C 370 29.84 -11.83 38.24
C THR C 370 28.75 -12.74 38.82
N PRO C 371 29.07 -14.04 38.98
CA PRO C 371 28.16 -15.04 39.53
C PRO C 371 27.63 -14.67 40.92
N GLU C 372 28.38 -13.85 41.65
CA GLU C 372 27.97 -13.41 42.98
C GLU C 372 26.76 -12.48 42.90
N MET C 373 26.62 -11.81 41.77
CA MET C 373 25.51 -10.88 41.56
C MET C 373 24.24 -11.61 41.13
N ILE C 374 24.41 -12.73 40.44
CA ILE C 374 23.29 -13.58 40.05
C ILE C 374 22.62 -14.15 41.29
N LYS C 375 23.41 -14.58 42.24
CA LYS C 375 22.93 -15.17 43.47
C LYS C 375 22.10 -14.17 44.28
N ARG C 376 22.57 -12.94 44.32
CA ARG C 376 21.86 -11.88 45.04
C ARG C 376 20.51 -11.65 44.40
N SER C 377 20.49 -11.66 43.06
CA SER C 377 19.26 -11.48 42.32
C SER C 377 18.27 -12.61 42.64
N LEU C 378 18.77 -13.83 42.71
CA LEU C 378 17.92 -14.96 43.04
C LEU C 378 17.33 -14.78 44.44
N LEU C 379 18.17 -14.36 45.37
CA LEU C 379 17.72 -14.07 46.74
C LEU C 379 16.74 -12.89 46.76
N LEU C 380 17.06 -11.85 46.01
CA LEU C 380 16.21 -10.67 45.92
C LEU C 380 14.86 -11.02 45.29
N SER C 381 14.90 -11.85 44.27
CA SER C 381 13.70 -12.26 43.56
C SER C 381 12.83 -13.15 44.43
N ARG C 382 13.48 -14.04 45.18
CA ARG C 382 12.78 -14.92 46.09
C ARG C 382 12.08 -14.12 47.18
N VAL C 383 12.77 -13.09 47.67
CA VAL C 383 12.20 -12.22 48.69
C VAL C 383 10.99 -11.49 48.13
N ARG C 384 11.08 -11.05 46.89
CA ARG C 384 9.97 -10.37 46.23
C ARG C 384 8.78 -11.31 46.11
N ALA C 385 9.06 -12.57 45.78
CA ALA C 385 8.01 -13.57 45.65
C ALA C 385 7.33 -13.79 47.00
N ASP C 386 8.12 -13.81 48.08
CA ASP C 386 7.51 -13.97 49.39
C ASP C 386 6.58 -12.78 49.69
N ASP C 387 7.05 -11.57 49.39
CA ASP C 387 6.27 -10.36 49.63
C ASP C 387 4.97 -10.37 48.82
N LEU C 388 5.10 -10.65 47.53
CA LEU C 388 3.94 -10.68 46.64
C LEU C 388 2.96 -11.78 47.05
N SER C 389 3.50 -12.93 47.43
CA SER C 389 2.68 -14.05 47.85
C SER C 389 1.87 -13.72 49.10
N THR C 390 2.51 -13.02 50.04
CA THR C 390 1.86 -12.63 51.28
C THR C 390 0.68 -11.71 51.02
N ARG C 391 0.85 -10.77 50.08
CA ARG C 391 -0.19 -9.81 49.74
C ARG C 391 -1.42 -10.53 49.18
N PHE C 392 -1.18 -11.54 48.34
CA PHE C 392 -2.27 -12.29 47.73
C PHE C 392 -3.10 -13.02 48.79
N ASN C 393 -2.41 -13.57 49.80
CA ASN C 393 -3.09 -14.29 50.87
C ASN C 393 -4.01 -13.38 51.68
N ILE C 394 -3.55 -12.16 51.94
CA ILE C 394 -4.34 -11.21 52.70
C ILE C 394 -4.69 -9.99 51.86
N MET D 23 28.71 -30.15 19.34
CA MET D 23 29.20 -28.85 18.93
C MET D 23 29.80 -28.90 17.52
N SER D 24 29.26 -29.80 16.69
CA SER D 24 29.74 -29.95 15.32
C SER D 24 28.96 -29.04 14.38
N VAL D 25 29.09 -27.73 14.59
CA VAL D 25 28.41 -26.75 13.76
C VAL D 25 29.14 -26.55 12.44
N GLN D 26 28.43 -26.00 11.46
CA GLN D 26 29.02 -25.72 10.15
C GLN D 26 28.52 -24.38 9.62
N ALA D 27 29.45 -23.55 9.16
CA ALA D 27 29.10 -22.22 8.70
C ALA D 27 29.81 -21.83 7.41
N GLU D 28 29.16 -20.97 6.63
CA GLU D 28 29.76 -20.42 5.42
C GLU D 28 29.65 -18.90 5.45
N ILE D 29 30.62 -18.22 4.84
CA ILE D 29 30.70 -16.77 4.90
C ILE D 29 30.72 -16.16 3.49
N GLY D 30 29.98 -15.06 3.32
CA GLY D 30 29.96 -14.36 2.05
C GLY D 30 29.26 -15.11 0.94
N ILE D 31 27.98 -15.42 1.15
CA ILE D 31 27.21 -16.21 0.19
C ILE D 31 26.24 -15.34 -0.61
N LEU D 32 25.98 -14.14 -0.13
CA LEU D 32 25.05 -13.23 -0.79
C LEU D 32 25.78 -12.10 -1.52
N ASP D 33 25.25 -11.71 -2.67
CA ASP D 33 25.93 -10.76 -3.55
C ASP D 33 25.55 -9.31 -3.31
N HIS D 34 24.26 -9.07 -3.05
CA HIS D 34 23.76 -7.70 -2.95
C HIS D 34 23.66 -7.22 -1.50
N VAL D 35 24.57 -7.71 -0.66
CA VAL D 35 24.63 -7.33 0.74
C VAL D 35 26.10 -7.12 1.13
N ASP D 36 26.35 -6.19 2.04
CA ASP D 36 27.73 -5.91 2.48
C ASP D 36 28.37 -7.12 3.16
N GLY D 37 27.55 -7.92 3.83
CA GLY D 37 28.04 -9.10 4.52
C GLY D 37 26.94 -10.12 4.75
N SER D 38 27.30 -11.40 4.75
CA SER D 38 26.33 -12.46 4.93
C SER D 38 26.97 -13.73 5.48
N SER D 39 26.12 -14.66 5.94
CA SER D 39 26.60 -15.93 6.48
C SER D 39 25.47 -16.96 6.52
N GLU D 40 25.84 -18.21 6.78
CA GLU D 40 24.88 -19.28 6.91
C GLU D 40 25.32 -20.24 8.01
N PHE D 41 24.72 -20.12 9.18
CA PHE D 41 25.09 -20.95 10.33
C PHE D 41 24.15 -22.14 10.46
N VAL D 42 24.72 -23.31 10.74
CA VAL D 42 23.93 -24.53 10.88
C VAL D 42 24.34 -25.33 12.11
N SER D 43 23.40 -25.55 13.02
CA SER D 43 23.62 -26.43 14.15
C SER D 43 22.55 -27.50 14.10
N GLN D 44 22.96 -28.76 14.02
CA GLN D 44 22.00 -29.84 13.91
C GLN D 44 21.10 -29.52 12.72
N ASP D 45 19.80 -29.65 12.93
CA ASP D 45 18.81 -29.23 11.94
C ASP D 45 18.80 -27.72 11.71
N THR D 46 18.95 -26.95 12.79
CA THR D 46 18.69 -25.52 12.79
C THR D 46 19.59 -24.79 11.81
N LYS D 47 19.01 -24.28 10.72
CA LYS D 47 19.77 -23.55 9.72
C LYS D 47 19.26 -22.12 9.56
N VAL D 48 20.14 -21.15 9.78
CA VAL D 48 19.77 -19.75 9.67
C VAL D 48 20.74 -19.00 8.75
N ILE D 49 20.18 -18.26 7.79
CA ILE D 49 20.99 -17.41 6.92
C ILE D 49 20.81 -15.94 7.30
N CYS D 50 21.92 -15.21 7.40
CA CYS D 50 21.88 -13.83 7.86
C CYS D 50 22.58 -12.90 6.87
N SER D 51 22.12 -11.65 6.81
CA SER D 51 22.72 -10.64 5.93
C SER D 51 22.87 -9.32 6.66
N VAL D 52 23.94 -8.58 6.34
CA VAL D 52 24.21 -7.31 6.98
C VAL D 52 24.65 -6.23 5.99
N THR D 53 23.89 -5.14 5.94
CA THR D 53 24.27 -3.98 5.14
C THR D 53 24.50 -2.77 6.03
N GLY D 54 25.67 -2.16 5.90
CA GLY D 54 26.03 -1.01 6.71
C GLY D 54 27.52 -0.78 6.73
N PRO D 55 27.95 0.43 7.11
CA PRO D 55 27.08 1.55 7.49
C PRO D 55 26.47 2.26 6.28
N ILE D 56 25.18 2.59 6.37
CA ILE D 56 24.46 3.25 5.29
C ILE D 56 23.57 4.37 5.79
N GLU D 57 22.96 5.12 4.87
CA GLU D 57 22.07 6.23 5.21
C GLU D 57 20.81 5.73 5.91
N PRO D 58 20.53 6.28 7.10
CA PRO D 58 19.37 5.89 7.92
C PRO D 58 18.13 6.75 7.66
N LYS D 59 16.96 6.18 7.94
CA LYS D 59 15.72 6.96 7.93
C LYS D 59 15.74 7.94 9.09
N ALA D 60 14.98 9.03 8.96
CA ALA D 60 14.97 10.08 9.96
C ALA D 60 14.58 9.58 11.35
N ARG D 61 13.62 8.66 11.39
CA ARG D 61 13.14 8.11 12.65
C ARG D 61 14.14 7.12 13.25
N GLN D 62 15.10 6.68 12.46
CA GLN D 62 16.11 5.74 12.92
C GLN D 62 17.37 6.44 13.41
N GLU D 63 17.60 7.65 12.91
CA GLU D 63 18.83 8.39 13.18
C GLU D 63 19.18 8.54 14.65
N LEU D 64 20.43 8.24 14.98
CA LEU D 64 20.98 8.51 16.30
C LEU D 64 22.14 9.47 16.13
N PRO D 65 22.07 10.63 16.80
CA PRO D 65 23.05 11.71 16.63
C PRO D 65 24.51 11.27 16.77
N THR D 66 24.79 10.37 17.70
CA THR D 66 26.17 10.00 18.01
C THR D 66 26.54 8.56 17.66
N GLN D 67 25.56 7.66 17.72
CA GLN D 67 25.84 6.24 17.54
C GLN D 67 25.24 5.65 16.27
N LEU D 68 25.48 4.36 16.06
CA LEU D 68 24.94 3.63 14.93
C LEU D 68 23.55 3.09 15.26
N ALA D 69 22.65 3.15 14.29
CA ALA D 69 21.30 2.61 14.48
C ALA D 69 21.21 1.21 13.91
N LEU D 70 20.63 0.29 14.68
CA LEU D 70 20.51 -1.10 14.26
C LEU D 70 19.09 -1.43 13.81
N GLU D 71 18.96 -1.90 12.58
CA GLU D 71 17.68 -2.42 12.09
C GLU D 71 17.74 -3.95 12.07
N ILE D 72 17.09 -4.57 13.05
CA ILE D 72 17.19 -6.01 13.22
C ILE D 72 15.88 -6.72 12.87
N ILE D 73 15.96 -7.64 11.93
CA ILE D 73 14.78 -8.33 11.42
C ILE D 73 14.96 -9.84 11.50
N VAL D 74 13.94 -10.52 12.03
CA VAL D 74 13.97 -11.98 12.10
C VAL D 74 12.76 -12.59 11.37
N ARG D 75 13.05 -13.44 10.40
CA ARG D 75 12.00 -14.11 9.64
C ARG D 75 11.92 -15.59 10.01
N PRO D 76 10.69 -16.08 10.26
CA PRO D 76 10.46 -17.48 10.67
C PRO D 76 10.58 -18.45 9.50
N ALA D 77 10.75 -19.73 9.81
CA ALA D 77 10.86 -20.77 8.80
C ALA D 77 9.51 -21.05 8.12
N LYS D 78 8.44 -20.94 8.90
CA LYS D 78 7.09 -21.12 8.40
C LYS D 78 6.22 -19.93 8.74
N GLY D 79 5.32 -19.56 7.83
CA GLY D 79 4.41 -18.46 8.04
C GLY D 79 5.09 -17.11 8.01
N VAL D 80 4.38 -16.08 8.43
CA VAL D 80 4.91 -14.73 8.45
C VAL D 80 5.41 -14.36 9.84
N ALA D 81 6.15 -13.25 9.93
CA ALA D 81 6.69 -12.80 11.20
C ALA D 81 5.59 -12.35 12.14
N THR D 82 5.58 -12.90 13.35
CA THR D 82 4.60 -12.52 14.36
C THR D 82 5.29 -11.88 15.55
N THR D 83 4.59 -11.81 16.68
CA THR D 83 5.15 -11.24 17.91
C THR D 83 6.26 -12.13 18.46
N ARG D 84 6.23 -13.41 18.08
CA ARG D 84 7.26 -14.35 18.50
C ARG D 84 8.62 -13.92 17.99
N GLU D 85 8.70 -13.61 16.70
CA GLU D 85 9.94 -13.16 16.08
C GLU D 85 10.32 -11.77 16.58
N LYS D 86 9.33 -11.02 17.06
CA LYS D 86 9.59 -9.70 17.62
C LYS D 86 10.41 -9.81 18.89
N VAL D 87 10.24 -10.92 19.60
CA VAL D 87 11.02 -11.20 20.80
C VAL D 87 12.41 -11.69 20.42
N LEU D 88 12.49 -12.48 19.35
CA LEU D 88 13.78 -12.93 18.83
C LEU D 88 14.62 -11.74 18.37
N GLU D 89 13.96 -10.74 17.79
CA GLU D 89 14.64 -9.53 17.37
C GLU D 89 15.16 -8.75 18.57
N ASP D 90 14.38 -8.76 19.65
CA ASP D 90 14.72 -7.99 20.84
C ASP D 90 15.92 -8.58 21.59
N LYS D 91 15.92 -9.90 21.74
CA LYS D 91 17.02 -10.58 22.42
C LYS D 91 18.30 -10.52 21.58
N LEU D 92 18.14 -10.67 20.27
CA LEU D 92 19.27 -10.57 19.35
C LEU D 92 19.86 -9.17 19.38
N ARG D 93 19.02 -8.18 19.68
CA ARG D 93 19.46 -6.80 19.79
C ARG D 93 20.32 -6.61 21.03
N ALA D 94 19.96 -7.29 22.11
CA ALA D 94 20.70 -7.18 23.38
C ALA D 94 22.11 -7.74 23.26
N VAL D 95 22.32 -8.63 22.31
CA VAL D 95 23.62 -9.25 22.10
C VAL D 95 24.49 -8.44 21.14
N LEU D 96 23.89 -8.00 20.03
CA LEU D 96 24.63 -7.33 18.98
C LEU D 96 24.98 -5.88 19.30
N THR D 97 24.13 -5.23 20.11
CA THR D 97 24.34 -3.82 20.44
C THR D 97 25.69 -3.52 21.14
N PRO D 98 26.02 -4.26 22.22
CA PRO D 98 27.30 -3.94 22.86
C PRO D 98 28.51 -4.50 22.09
N LEU D 99 28.26 -5.41 21.16
CA LEU D 99 29.34 -5.99 20.36
C LEU D 99 29.92 -5.01 19.35
N ILE D 100 29.05 -4.18 18.78
CA ILE D 100 29.45 -3.26 17.72
C ILE D 100 29.95 -1.93 18.29
N THR D 101 31.08 -1.47 17.77
CA THR D 101 31.61 -0.17 18.17
C THR D 101 30.80 0.93 17.49
N ARG D 102 29.64 1.22 18.07
CA ARG D 102 28.63 2.06 17.43
C ARG D 102 29.03 3.53 17.29
N HIS D 103 29.92 4.00 18.15
CA HIS D 103 30.33 5.40 18.11
C HIS D 103 31.21 5.72 16.90
N CYS D 104 31.61 4.69 16.16
CA CYS D 104 32.37 4.87 14.94
C CYS D 104 31.47 5.34 13.80
N TYR D 105 30.17 5.09 13.93
CA TYR D 105 29.22 5.42 12.88
C TYR D 105 28.05 6.26 13.39
N PRO D 106 28.28 7.56 13.64
CA PRO D 106 27.21 8.44 14.08
C PRO D 106 26.23 8.74 12.96
N ARG D 107 24.95 8.86 13.28
CA ARG D 107 23.93 9.21 12.31
C ARG D 107 23.95 8.24 11.12
N GLN D 108 24.13 6.95 11.42
CA GLN D 108 24.25 5.96 10.36
C GLN D 108 23.45 4.70 10.68
N LEU D 109 23.22 3.87 9.67
CA LEU D 109 22.37 2.69 9.84
C LEU D 109 23.08 1.39 9.47
N CYS D 110 22.74 0.32 10.18
CA CYS D 110 23.21 -1.02 9.85
C CYS D 110 22.05 -2.01 9.86
N GLN D 111 21.64 -2.45 8.68
CA GLN D 111 20.54 -3.42 8.55
C GLN D 111 21.02 -4.84 8.80
N ILE D 112 20.36 -5.53 9.73
CA ILE D 112 20.70 -6.91 10.05
C ILE D 112 19.47 -7.81 9.91
N THR D 113 19.47 -8.66 8.90
CA THR D 113 18.33 -9.53 8.63
C THR D 113 18.65 -11.01 8.81
N CYS D 114 17.82 -11.70 9.58
CA CYS D 114 17.97 -13.14 9.79
C CYS D 114 16.79 -13.91 9.20
N GLN D 115 17.06 -14.79 8.25
CA GLN D 115 16.04 -15.66 7.69
C GLN D 115 16.24 -17.09 8.15
N ILE D 116 15.47 -17.49 9.17
CA ILE D 116 15.53 -18.86 9.66
C ILE D 116 14.98 -19.80 8.60
N LEU D 117 15.83 -20.69 8.10
CA LEU D 117 15.45 -21.59 7.01
C LEU D 117 14.86 -22.89 7.53
N GLU D 118 15.33 -23.34 8.69
CA GLU D 118 14.88 -24.59 9.28
C GLU D 118 14.94 -24.51 10.80
N SER D 119 13.79 -24.75 11.44
CA SER D 119 13.67 -24.58 12.88
C SER D 119 14.60 -25.48 13.69
N GLY D 120 14.62 -26.76 13.35
CA GLY D 120 15.41 -27.73 14.08
C GLY D 120 14.83 -28.00 15.46
N GLU D 121 13.57 -27.59 15.64
CA GLU D 121 12.88 -27.73 16.91
C GLU D 121 11.39 -27.48 16.70
N ASP D 122 10.58 -27.91 17.65
CA ASP D 122 9.14 -27.65 17.60
C ASP D 122 8.91 -26.16 17.90
N GLU D 123 8.68 -25.38 16.85
CA GLU D 123 8.54 -23.93 16.99
C GLU D 123 7.31 -23.54 17.79
N ALA D 124 6.36 -24.46 17.93
CA ALA D 124 5.16 -24.22 18.70
C ALA D 124 5.44 -24.27 20.21
N GLU D 125 6.62 -24.78 20.55
CA GLU D 125 6.99 -24.93 21.96
C GLU D 125 8.29 -24.21 22.30
N PHE D 126 9.26 -24.26 21.39
CA PHE D 126 10.58 -23.71 21.67
C PHE D 126 11.08 -22.76 20.58
N SER D 127 12.00 -21.89 20.96
CA SER D 127 12.66 -20.99 20.02
C SER D 127 14.12 -20.89 20.43
N LEU D 128 14.58 -21.89 21.16
CA LEU D 128 15.92 -21.91 21.74
C LEU D 128 17.01 -21.95 20.69
N ARG D 129 16.99 -23.00 19.88
CA ARG D 129 18.05 -23.24 18.90
C ARG D 129 18.08 -22.19 17.81
N GLU D 130 16.90 -21.65 17.50
CA GLU D 130 16.79 -20.63 16.45
C GLU D 130 17.44 -19.31 16.90
N LEU D 131 17.31 -19.01 18.18
CA LEU D 131 17.89 -17.79 18.72
C LEU D 131 19.41 -17.84 18.77
N SER D 132 19.95 -18.96 19.25
CA SER D 132 21.39 -19.15 19.34
C SER D 132 22.02 -19.13 17.95
N CYS D 133 21.36 -19.78 17.01
CA CYS D 133 21.86 -19.85 15.64
C CYS D 133 21.80 -18.48 14.97
N CYS D 134 20.82 -17.66 15.36
CA CYS D 134 20.71 -16.31 14.83
C CYS D 134 21.81 -15.40 15.38
N ILE D 135 22.18 -15.61 16.64
CA ILE D 135 23.24 -14.84 17.26
C ILE D 135 24.59 -15.14 16.61
N ASN D 136 24.88 -16.43 16.44
CA ASN D 136 26.11 -16.85 15.79
C ASN D 136 26.18 -16.40 14.33
N ALA D 137 25.06 -16.49 13.63
CA ALA D 137 25.01 -16.09 12.22
C ALA D 137 25.14 -14.59 12.06
N ALA D 138 24.47 -13.83 12.93
CA ALA D 138 24.53 -12.38 12.88
C ALA D 138 25.96 -11.89 13.13
N PHE D 139 26.62 -12.51 14.10
CA PHE D 139 28.01 -12.17 14.41
C PHE D 139 28.90 -12.42 13.20
N LEU D 140 28.74 -13.58 12.58
CA LEU D 140 29.51 -13.94 11.39
C LEU D 140 29.25 -12.98 10.24
N ALA D 141 28.01 -12.55 10.09
CA ALA D 141 27.64 -11.61 9.04
C ALA D 141 28.23 -10.24 9.29
N LEU D 142 28.32 -9.86 10.56
CA LEU D 142 28.94 -8.59 10.95
C LEU D 142 30.44 -8.64 10.67
N VAL D 143 31.05 -9.79 10.91
CA VAL D 143 32.47 -9.98 10.63
C VAL D 143 32.72 -9.87 9.14
N ASP D 144 31.88 -10.53 8.35
CA ASP D 144 32.01 -10.51 6.90
C ASP D 144 31.86 -9.09 6.34
N ALA D 145 30.96 -8.32 6.95
CA ALA D 145 30.66 -6.98 6.46
C ALA D 145 31.74 -5.96 6.79
N GLY D 146 32.63 -6.33 7.72
CA GLY D 146 33.72 -5.46 8.10
C GLY D 146 33.29 -4.30 8.97
N ILE D 147 32.42 -4.59 9.93
CA ILE D 147 31.92 -3.56 10.84
C ILE D 147 32.66 -3.63 12.17
N ALA D 148 32.99 -2.45 12.72
CA ALA D 148 33.77 -2.36 13.95
C ALA D 148 33.12 -3.11 15.11
N LEU D 149 33.83 -4.12 15.60
CA LEU D 149 33.35 -4.91 16.74
C LEU D 149 34.31 -4.78 17.91
N ASN D 150 33.76 -4.63 19.11
CA ASN D 150 34.58 -4.48 20.31
C ASN D 150 35.23 -5.79 20.73
N SER D 151 34.61 -6.90 20.31
CA SER D 151 35.06 -8.23 20.73
C SER D 151 34.37 -9.34 19.93
N MET D 152 34.59 -10.58 20.35
CA MET D 152 33.94 -11.72 19.70
C MET D 152 32.79 -12.25 20.54
N CYS D 153 32.10 -13.25 20.01
CA CYS D 153 30.87 -13.75 20.64
C CYS D 153 30.49 -15.14 20.16
N ALA D 154 29.90 -15.93 21.05
CA ALA D 154 29.38 -17.24 20.69
C ALA D 154 28.15 -17.57 21.53
N SER D 155 27.18 -18.24 20.92
CA SER D 155 25.94 -18.60 21.60
C SER D 155 25.61 -20.07 21.45
N ILE D 156 25.19 -20.68 22.56
CA ILE D 156 24.78 -22.08 22.55
C ILE D 156 23.45 -22.27 23.28
N PRO D 157 22.64 -23.22 22.82
CA PRO D 157 21.40 -23.57 23.52
C PRO D 157 21.64 -24.69 24.53
N ILE D 158 21.05 -24.58 25.72
CA ILE D 158 21.19 -25.61 26.75
C ILE D 158 19.85 -26.02 27.30
N ALA D 159 19.73 -27.28 27.72
CA ALA D 159 18.48 -27.80 28.26
C ALA D 159 18.70 -28.76 29.42
N ILE D 160 17.66 -28.95 30.24
CA ILE D 160 17.69 -29.92 31.35
C ILE D 160 16.62 -31.02 31.27
N ILE D 161 17.03 -32.28 31.46
CA ILE D 161 16.14 -33.45 31.39
C ILE D 161 15.16 -33.64 32.56
N LYS D 162 13.97 -34.19 32.25
CA LYS D 162 12.92 -34.42 33.26
C LYS D 162 13.19 -35.43 34.39
N ASP D 163 13.76 -36.59 34.05
CA ASP D 163 14.16 -37.56 35.07
C ASP D 163 15.65 -37.45 35.43
N THR D 164 16.51 -37.54 34.43
CA THR D 164 17.95 -37.54 34.65
C THR D 164 18.47 -36.22 35.22
N SER D 165 17.79 -35.14 34.87
CA SER D 165 18.18 -33.78 35.28
C SER D 165 19.59 -33.41 34.83
N ASP D 166 20.07 -34.07 33.78
CA ASP D 166 21.39 -33.80 33.24
C ASP D 166 21.37 -32.51 32.43
N ILE D 167 22.52 -31.85 32.36
CA ILE D 167 22.64 -30.61 31.59
C ILE D 167 23.20 -30.91 30.21
N ILE D 168 22.33 -30.85 29.19
CA ILE D 168 22.72 -31.18 27.83
C ILE D 168 22.97 -29.92 27.01
N VAL D 169 24.20 -29.75 26.55
CA VAL D 169 24.56 -28.64 25.69
C VAL D 169 24.24 -29.00 24.24
N ASP D 170 23.66 -28.05 23.51
CA ASP D 170 23.21 -28.26 22.13
C ASP D 170 22.23 -29.43 22.05
N PRO D 171 21.07 -29.32 22.70
CA PRO D 171 20.12 -30.43 22.73
C PRO D 171 19.38 -30.59 21.41
N THR D 172 18.93 -31.82 21.14
CA THR D 172 18.14 -32.08 19.94
C THR D 172 16.70 -31.70 20.19
N ALA D 173 15.88 -31.77 19.15
CA ALA D 173 14.46 -31.43 19.27
C ALA D 173 13.75 -32.41 20.20
N GLU D 174 14.14 -33.67 20.11
CA GLU D 174 13.54 -34.74 20.92
C GLU D 174 13.89 -34.55 22.39
N GLN D 175 15.08 -34.03 22.66
CA GLN D 175 15.51 -33.77 24.02
C GLN D 175 14.75 -32.60 24.63
N LEU D 176 14.42 -31.63 23.80
CA LEU D 176 13.68 -30.46 24.26
C LEU D 176 12.27 -30.82 24.71
N LYS D 177 11.67 -31.79 24.04
CA LYS D 177 10.30 -32.17 24.36
C LYS D 177 10.24 -32.63 25.81
N ILE D 178 11.28 -33.35 26.23
CA ILE D 178 11.31 -33.94 27.56
C ILE D 178 12.17 -33.14 28.52
N SER D 179 12.21 -31.82 28.33
CA SER D 179 13.04 -30.95 29.15
C SER D 179 12.23 -30.25 30.24
N LEU D 180 12.92 -29.86 31.32
CA LEU D 180 12.28 -29.11 32.40
C LEU D 180 12.60 -27.63 32.30
N SER D 181 13.73 -27.31 31.64
CA SER D 181 14.12 -25.93 31.44
C SER D 181 14.97 -25.78 30.18
N VAL D 182 14.86 -24.64 29.52
CA VAL D 182 15.62 -24.35 28.31
C VAL D 182 16.40 -23.04 28.46
N HIS D 183 17.63 -23.03 27.98
CA HIS D 183 18.53 -21.90 28.22
C HIS D 183 19.28 -21.46 26.98
N THR D 184 19.39 -20.14 26.81
CA THR D 184 20.21 -19.56 25.76
C THR D 184 21.36 -18.77 26.40
N LEU D 185 22.60 -19.17 26.10
CA LEU D 185 23.77 -18.52 26.67
C LEU D 185 24.67 -17.94 25.59
N ALA D 186 24.94 -16.64 25.69
CA ALA D 186 25.82 -15.97 24.75
C ALA D 186 26.86 -15.13 25.49
N LEU D 187 28.13 -15.49 25.32
CA LEU D 187 29.21 -14.83 26.05
C LEU D 187 30.06 -13.93 25.16
N GLU D 188 30.66 -12.92 25.77
CA GLU D 188 31.54 -11.99 25.06
C GLU D 188 33.00 -12.31 25.33
N PHE D 189 33.73 -12.69 24.29
CA PHE D 189 35.12 -13.14 24.45
C PHE D 189 36.14 -12.13 23.94
N VAL D 190 37.26 -12.04 24.65
CA VAL D 190 38.41 -11.25 24.21
C VAL D 190 39.69 -12.06 24.39
N ASN D 191 40.81 -11.47 24.02
CA ASN D 191 42.13 -12.12 24.15
C ASN D 191 42.20 -13.49 23.47
N GLY D 192 42.00 -13.52 22.16
CA GLY D 192 42.09 -14.75 21.40
C GLY D 192 41.07 -15.80 21.81
N GLY D 193 39.92 -15.33 22.30
CA GLY D 193 38.84 -16.21 22.70
C GLY D 193 39.17 -17.02 23.94
N LYS D 194 39.78 -16.37 24.93
CA LYS D 194 40.16 -17.05 26.16
C LYS D 194 39.59 -16.35 27.39
N VAL D 195 39.29 -15.06 27.24
CA VAL D 195 38.78 -14.27 28.36
C VAL D 195 37.32 -13.88 28.16
N VAL D 196 36.45 -14.35 29.05
CA VAL D 196 35.05 -13.98 29.02
C VAL D 196 34.87 -12.55 29.54
N LYS D 197 34.69 -11.62 28.61
CA LYS D 197 34.55 -10.21 28.96
C LYS D 197 33.26 -9.95 29.74
N ASN D 198 32.19 -10.60 29.31
CA ASN D 198 30.88 -10.44 29.94
C ASN D 198 29.90 -11.48 29.42
N VAL D 199 28.75 -11.59 30.08
CA VAL D 199 27.67 -12.44 29.59
C VAL D 199 26.62 -11.58 28.89
N LEU D 200 26.67 -11.61 27.56
CA LEU D 200 25.80 -10.77 26.75
C LEU D 200 24.34 -11.11 26.96
N LEU D 201 24.02 -12.40 26.92
CA LEU D 201 22.64 -12.84 27.12
C LEU D 201 22.56 -14.21 27.80
N LEU D 202 21.73 -14.28 28.84
CA LEU D 202 21.34 -15.56 29.41
C LEU D 202 19.83 -15.59 29.55
N ASP D 203 19.19 -16.43 28.74
CA ASP D 203 17.73 -16.52 28.72
C ASP D 203 17.29 -17.86 29.29
N SER D 204 17.02 -17.91 30.58
CA SER D 204 16.62 -19.16 31.19
C SER D 204 15.11 -19.21 31.41
N ASN D 205 14.48 -20.22 30.80
CA ASN D 205 13.07 -20.48 31.02
C ASN D 205 12.94 -21.83 31.68
N GLY D 206 12.29 -21.86 32.84
CA GLY D 206 12.21 -23.07 33.62
C GLY D 206 12.55 -22.75 35.06
N ASP D 207 12.89 -23.77 35.84
CA ASP D 207 13.28 -23.55 37.24
C ASP D 207 14.61 -24.24 37.62
N PHE D 208 15.35 -23.67 38.57
CA PHE D 208 16.77 -24.01 38.68
C PHE D 208 17.33 -24.35 40.07
N ASN D 209 18.40 -25.12 40.04
CA ASN D 209 19.19 -25.46 41.22
C ASN D 209 20.62 -24.95 41.03
N GLU D 210 21.19 -24.38 42.08
CA GLU D 210 22.48 -23.71 41.99
C GLU D 210 23.65 -24.62 41.56
N ASP D 211 23.68 -25.84 42.08
CA ASP D 211 24.78 -26.76 41.78
C ASP D 211 24.84 -27.12 40.30
N GLN D 212 23.66 -27.32 39.70
CA GLN D 212 23.55 -27.68 38.30
C GLN D 212 24.00 -26.53 37.40
N LEU D 213 23.71 -25.30 37.83
CA LEU D 213 24.04 -24.11 37.06
C LEU D 213 25.53 -23.92 36.84
N PHE D 214 26.30 -24.06 37.91
CA PHE D 214 27.75 -23.86 37.84
C PHE D 214 28.47 -25.06 37.20
N SER D 215 27.90 -26.24 37.37
CA SER D 215 28.42 -27.43 36.69
C SER D 215 28.19 -27.27 35.20
N LEU D 216 27.06 -26.64 34.86
CA LEU D 216 26.72 -26.33 33.48
C LEU D 216 27.69 -25.30 32.91
N LEU D 217 27.97 -24.27 33.72
CA LEU D 217 28.85 -23.18 33.29
C LEU D 217 30.30 -23.64 33.14
N GLU D 218 30.70 -24.61 33.96
CA GLU D 218 32.06 -25.13 33.91
C GLU D 218 32.28 -25.99 32.68
N LEU D 219 31.36 -26.92 32.43
CA LEU D 219 31.45 -27.78 31.26
C LEU D 219 31.13 -26.99 29.99
N GLY D 220 30.22 -26.02 30.12
CA GLY D 220 29.83 -25.18 29.00
C GLY D 220 30.97 -24.32 28.49
N GLU D 221 31.78 -23.81 29.41
CA GLU D 221 32.91 -22.97 29.06
C GLU D 221 33.97 -23.75 28.29
N GLN D 222 34.16 -25.02 28.66
CA GLN D 222 35.11 -25.89 28.00
C GLN D 222 34.73 -26.12 26.53
N LYS D 223 33.49 -26.52 26.31
CA LYS D 223 33.01 -26.81 24.96
C LYS D 223 32.92 -25.55 24.11
N CYS D 224 32.67 -24.41 24.75
CA CYS D 224 32.67 -23.13 24.05
C CYS D 224 34.06 -22.78 23.56
N GLN D 225 35.06 -23.00 24.42
CA GLN D 225 36.44 -22.70 24.08
C GLN D 225 36.92 -23.58 22.94
N GLU D 226 36.44 -24.83 22.92
CA GLU D 226 36.76 -25.75 21.84
C GLU D 226 36.13 -25.27 20.54
N LEU D 227 34.95 -24.67 20.65
CA LEU D 227 34.22 -24.18 19.49
C LEU D 227 34.93 -22.99 18.84
N VAL D 228 35.39 -22.05 19.66
CA VAL D 228 36.12 -20.88 19.17
C VAL D 228 37.36 -21.32 18.39
N THR D 229 38.08 -22.27 18.95
CA THR D 229 39.27 -22.82 18.32
C THR D 229 38.92 -23.40 16.95
N ASN D 230 37.82 -24.14 16.89
CA ASN D 230 37.31 -24.64 15.62
C ASN D 230 36.88 -23.50 14.70
N ILE D 231 36.23 -22.50 15.28
CA ILE D 231 35.75 -21.33 14.53
C ILE D 231 36.91 -20.56 13.92
N ARG D 232 37.98 -20.42 14.70
CA ARG D 232 39.18 -19.72 14.23
C ARG D 232 39.77 -20.46 13.05
N ARG D 233 39.78 -21.78 13.14
CA ARG D 233 40.32 -22.62 12.07
C ARG D 233 39.54 -22.39 10.78
N ILE D 234 38.21 -22.41 10.88
CA ILE D 234 37.34 -22.22 9.73
C ILE D 234 37.53 -20.83 9.10
N ILE D 235 37.62 -19.82 9.95
CA ILE D 235 37.80 -18.45 9.48
C ILE D 235 39.09 -18.28 8.70
N GLN D 236 40.20 -18.79 9.25
CA GLN D 236 41.49 -18.73 8.57
C GLN D 236 41.54 -19.52 7.25
N ASP D 237 40.97 -20.71 7.25
CA ASP D 237 41.04 -21.60 6.09
C ASP D 237 40.35 -21.05 4.85
N ASN D 238 39.18 -20.46 5.04
CA ASN D 238 38.39 -19.87 3.97
C ASN D 238 38.91 -18.52 3.50
N ILE D 239 39.33 -17.69 4.45
CA ILE D 239 39.70 -16.30 4.15
C ILE D 239 41.13 -16.15 3.61
N SER D 240 42.06 -16.94 4.14
CA SER D 240 43.45 -16.86 3.70
C SER D 240 43.71 -17.01 2.19
N PRO D 241 42.98 -17.90 1.49
CA PRO D 241 43.20 -17.93 0.04
C PRO D 241 42.84 -16.62 -0.68
N ARG D 242 41.95 -15.83 -0.08
CA ARG D 242 41.55 -14.56 -0.68
C ARG D 242 42.65 -13.50 -0.52
N LEU D 243 43.31 -13.52 0.63
CA LEU D 243 44.36 -12.55 0.92
C LEU D 243 45.66 -12.90 0.21
N VAL D 244 46.61 -11.99 0.25
CA VAL D 244 47.91 -12.20 -0.39
C VAL D 244 49.00 -12.35 0.67
N HIS E 2 -12.46 24.22 4.72
CA HIS E 2 -11.81 23.88 3.46
C HIS E 2 -11.13 25.11 2.84
N MET E 3 -11.94 26.13 2.55
CA MET E 3 -11.48 27.33 1.88
C MET E 3 -10.46 28.12 2.72
N SER E 4 -9.43 28.61 2.05
CA SER E 4 -8.41 29.42 2.72
C SER E 4 -8.60 30.91 2.42
N LEU E 5 -8.75 31.69 3.48
CA LEU E 5 -8.97 33.13 3.35
C LEU E 5 -8.00 33.91 4.23
N SER E 6 -7.65 35.12 3.79
CA SER E 6 -6.78 35.99 4.58
C SER E 6 -7.56 36.61 5.73
N VAL E 7 -6.83 37.20 6.67
CA VAL E 7 -7.45 37.82 7.84
C VAL E 7 -8.36 38.98 7.43
N ALA E 8 -7.94 39.73 6.41
CA ALA E 8 -8.71 40.85 5.91
C ALA E 8 -10.04 40.41 5.30
N GLU E 9 -10.00 39.37 4.48
CA GLU E 9 -11.21 38.90 3.81
C GLU E 9 -12.23 38.39 4.82
N LYS E 10 -11.77 37.65 5.82
CA LYS E 10 -12.66 37.07 6.82
C LYS E 10 -13.38 38.15 7.62
N SER E 11 -12.64 39.20 8.00
CA SER E 11 -13.23 40.27 8.78
C SER E 11 -14.32 40.98 7.98
N TYR E 12 -14.03 41.20 6.70
CA TYR E 12 -14.99 41.85 5.81
C TYR E 12 -16.24 40.98 5.69
N LEU E 13 -16.03 39.68 5.57
CA LEU E 13 -17.16 38.76 5.45
C LEU E 13 -18.01 38.83 6.70
N TYR E 14 -17.35 38.89 7.86
CA TYR E 14 -18.05 38.97 9.13
C TYR E 14 -18.86 40.24 9.22
N ASP E 15 -18.29 41.35 8.75
CA ASP E 15 -18.99 42.62 8.75
C ASP E 15 -20.22 42.56 7.86
N SER E 16 -20.06 41.92 6.70
CA SER E 16 -21.16 41.78 5.74
C SER E 16 -22.31 40.93 6.29
N LEU E 17 -21.96 39.88 7.00
CA LEU E 17 -22.93 38.88 7.45
C LEU E 17 -23.40 39.10 8.87
N ALA E 18 -22.52 39.66 9.70
CA ALA E 18 -22.86 39.88 11.12
C ALA E 18 -23.66 41.16 11.31
N SER E 19 -23.84 41.91 10.24
CA SER E 19 -24.62 43.15 10.28
C SER E 19 -26.07 42.86 10.67
N THR E 20 -26.71 43.81 11.34
CA THR E 20 -28.09 43.64 11.78
C THR E 20 -29.04 43.40 10.58
N PRO E 21 -28.92 44.23 9.52
CA PRO E 21 -29.53 43.74 8.28
C PRO E 21 -28.53 42.84 7.55
N SER E 22 -28.57 41.54 7.84
CA SER E 22 -27.57 40.62 7.35
C SER E 22 -27.57 40.53 5.83
N ILE E 23 -26.38 40.62 5.25
CA ILE E 23 -26.24 40.49 3.80
C ILE E 23 -25.28 39.37 3.48
N ARG E 24 -25.72 38.45 2.62
CA ARG E 24 -24.84 37.41 2.12
C ARG E 24 -23.85 38.07 1.18
N PRO E 25 -22.66 37.50 1.06
CA PRO E 25 -21.69 38.07 0.14
C PRO E 25 -22.31 38.00 -1.24
N ASP E 26 -22.98 36.89 -1.51
CA ASP E 26 -23.80 36.74 -2.70
C ASP E 26 -24.97 37.73 -2.72
N GLY E 27 -25.60 37.95 -1.56
CA GLY E 27 -26.82 38.75 -1.52
C GLY E 27 -28.06 38.00 -1.07
N ARG E 28 -27.89 36.76 -0.65
CA ARG E 28 -29.03 35.94 -0.21
C ARG E 28 -29.66 36.46 1.07
N LEU E 29 -30.85 35.95 1.36
CA LEU E 29 -31.52 36.23 2.62
C LEU E 29 -31.22 35.09 3.59
N PRO E 30 -31.30 35.36 4.89
CA PRO E 30 -30.95 34.37 5.93
C PRO E 30 -31.74 33.06 5.88
N HIS E 31 -32.59 32.87 4.88
CA HIS E 31 -33.39 31.65 4.77
C HIS E 31 -33.36 31.08 3.35
N GLN E 32 -32.65 31.77 2.46
CA GLN E 32 -32.58 31.34 1.06
C GLN E 32 -31.48 30.32 0.81
N PHE E 33 -31.84 29.22 0.16
CA PHE E 33 -30.88 28.20 -0.24
C PHE E 33 -30.33 28.51 -1.62
N ARG E 34 -29.17 27.95 -1.94
CA ARG E 34 -28.61 28.05 -3.28
C ARG E 34 -29.23 26.99 -4.17
N PRO E 35 -29.34 27.27 -5.47
CA PRO E 35 -29.96 26.34 -6.44
C PRO E 35 -29.22 25.01 -6.51
N ILE E 36 -29.97 23.91 -6.51
CA ILE E 36 -29.39 22.58 -6.65
C ILE E 36 -30.05 21.80 -7.77
N GLU E 37 -29.35 20.80 -8.28
CA GLU E 37 -29.91 19.92 -9.30
C GLU E 37 -29.93 18.49 -8.78
N ILE E 38 -31.01 17.78 -9.03
CA ILE E 38 -31.16 16.42 -8.54
C ILE E 38 -31.55 15.44 -9.65
N PHE E 39 -30.77 14.38 -9.79
CA PHE E 39 -31.08 13.30 -10.73
C PHE E 39 -31.46 12.05 -9.93
N THR E 40 -32.43 11.29 -10.43
CA THR E 40 -32.86 10.07 -9.75
C THR E 40 -33.06 8.91 -10.71
N ASP E 41 -33.02 7.70 -10.17
CA ASP E 41 -33.28 6.47 -10.93
C ASP E 41 -32.35 6.29 -12.12
N PHE E 42 -31.05 6.45 -11.90
CA PHE E 42 -30.08 6.25 -12.98
C PHE E 42 -29.23 5.01 -12.77
N LEU E 43 -29.36 4.38 -11.61
CA LEU E 43 -28.69 3.12 -11.33
C LEU E 43 -29.70 1.97 -11.32
N PRO E 44 -29.85 1.29 -12.47
CA PRO E 44 -30.82 0.20 -12.61
C PRO E 44 -30.42 -1.00 -11.76
N SER E 45 -29.13 -1.11 -11.45
CA SER E 45 -28.63 -2.23 -10.65
C SER E 45 -29.10 -2.11 -9.21
N SER E 46 -29.44 -0.88 -8.79
CA SER E 46 -29.88 -0.63 -7.43
C SER E 46 -31.39 -0.45 -7.36
N ASN E 47 -31.92 -0.50 -6.14
CA ASN E 47 -33.36 -0.31 -5.92
C ASN E 47 -33.75 1.16 -6.00
N GLY E 48 -32.78 2.03 -5.76
CA GLY E 48 -33.01 3.46 -5.81
C GLY E 48 -31.70 4.21 -5.85
N SER E 49 -31.72 5.41 -6.42
CA SER E 49 -30.49 6.20 -6.56
C SER E 49 -30.79 7.69 -6.74
N SER E 50 -29.83 8.52 -6.35
CA SER E 50 -29.94 9.96 -6.56
C SER E 50 -28.57 10.60 -6.73
N ARG E 51 -28.56 11.78 -7.36
CA ARG E 51 -27.34 12.54 -7.55
C ARG E 51 -27.65 14.03 -7.40
N ILE E 52 -27.03 14.67 -6.41
CA ILE E 52 -27.28 16.09 -6.18
C ILE E 52 -26.05 16.93 -6.50
N ILE E 53 -26.27 18.03 -7.22
CA ILE E 53 -25.20 18.95 -7.58
C ILE E 53 -25.48 20.32 -7.00
N ALA E 54 -24.52 20.83 -6.24
CA ALA E 54 -24.66 22.17 -5.67
C ALA E 54 -24.18 23.23 -6.65
N SER E 55 -24.25 24.49 -6.25
CA SER E 55 -23.85 25.59 -7.10
C SER E 55 -22.33 25.79 -7.09
N ASP E 56 -21.68 25.32 -6.03
CA ASP E 56 -20.23 25.44 -5.90
C ASP E 56 -19.51 24.19 -6.40
N GLY E 57 -20.24 23.32 -7.09
CA GLY E 57 -19.66 22.11 -7.65
C GLY E 57 -19.74 20.92 -6.73
N SER E 58 -20.26 21.12 -5.52
CA SER E 58 -20.41 20.03 -4.57
C SER E 58 -21.35 18.97 -5.14
N GLU E 59 -20.90 17.72 -5.12
CA GLU E 59 -21.65 16.63 -5.73
C GLU E 59 -21.70 15.40 -4.83
N CYS E 60 -22.89 14.83 -4.69
CA CYS E 60 -23.10 13.65 -3.86
C CYS E 60 -23.96 12.62 -4.56
N ILE E 61 -23.58 11.35 -4.46
CA ILE E 61 -24.33 10.26 -5.08
C ILE E 61 -24.77 9.23 -4.05
N VAL E 62 -26.07 8.95 -4.02
CA VAL E 62 -26.63 7.99 -3.07
C VAL E 62 -27.20 6.77 -3.79
N SER E 63 -26.91 5.59 -3.26
CA SER E 63 -27.47 4.35 -3.81
C SER E 63 -28.25 3.60 -2.74
N ILE E 64 -29.36 2.98 -3.14
CA ILE E 64 -30.20 2.23 -2.22
C ILE E 64 -30.30 0.77 -2.63
N LYS E 65 -29.79 -0.13 -1.80
CA LYS E 65 -29.91 -1.56 -2.06
C LYS E 65 -30.63 -2.26 -0.91
N SER E 66 -31.29 -3.38 -1.23
CA SER E 66 -32.09 -4.10 -0.26
C SER E 66 -31.60 -5.52 -0.04
N LYS E 67 -31.90 -6.08 1.13
CA LYS E 67 -31.55 -7.46 1.44
C LYS E 67 -32.51 -8.05 2.47
N VAL E 68 -33.01 -9.24 2.20
CA VAL E 68 -33.92 -9.92 3.11
C VAL E 68 -33.18 -10.43 4.34
N VAL E 69 -33.61 -10.00 5.52
CA VAL E 69 -32.97 -10.39 6.77
C VAL E 69 -33.98 -10.84 7.81
N ASP E 70 -33.50 -11.55 8.81
CA ASP E 70 -34.33 -11.93 9.95
C ASP E 70 -34.31 -10.79 10.97
N HIS E 71 -35.44 -10.10 11.10
CA HIS E 71 -35.52 -8.92 11.96
C HIS E 71 -35.43 -9.27 13.45
N HIS E 72 -35.39 -10.56 13.76
CA HIS E 72 -35.23 -11.02 15.13
C HIS E 72 -33.76 -11.00 15.54
N VAL E 73 -32.87 -11.07 14.57
CA VAL E 73 -31.44 -11.05 14.83
C VAL E 73 -30.76 -9.78 14.32
N GLU E 74 -31.38 -9.16 13.31
CA GLU E 74 -30.87 -7.91 12.76
C GLU E 74 -31.62 -6.72 13.33
N ASN E 75 -31.05 -6.11 14.36
CA ASN E 75 -31.68 -4.99 15.05
C ASN E 75 -31.87 -3.79 14.14
N GLU E 76 -30.79 -3.33 13.53
CA GLU E 76 -30.84 -2.17 12.64
C GLU E 76 -31.25 -2.59 11.23
N LEU E 77 -32.37 -2.02 10.76
CA LEU E 77 -32.93 -2.39 9.47
C LEU E 77 -32.55 -1.39 8.38
N LEU E 78 -31.82 -0.35 8.76
CA LEU E 78 -31.39 0.66 7.80
C LEU E 78 -29.96 1.11 8.12
N GLN E 79 -29.03 0.76 7.24
CA GLN E 79 -27.61 1.07 7.45
C GLN E 79 -27.10 2.10 6.47
N VAL E 80 -26.59 3.21 6.99
CA VAL E 80 -26.03 4.27 6.16
C VAL E 80 -24.52 4.15 6.08
N ASP E 81 -23.99 4.16 4.85
CA ASP E 81 -22.55 4.06 4.64
C ASP E 81 -22.04 5.28 3.89
N VAL E 82 -21.06 6.00 4.46
CA VAL E 82 -20.52 7.21 3.81
C VAL E 82 -19.09 7.11 3.27
N ASP E 83 -18.87 7.58 2.03
CA ASP E 83 -17.57 7.50 1.36
C ASP E 83 -17.16 8.73 0.51
N ILE E 84 -15.86 8.89 0.28
CA ILE E 84 -15.31 9.98 -0.53
C ILE E 84 -14.03 9.51 -1.23
N ALA E 85 -14.04 9.55 -2.55
CA ALA E 85 -12.87 9.16 -3.32
C ALA E 85 -11.72 10.12 -3.05
N GLY E 86 -10.52 9.57 -2.91
CA GLY E 86 -9.34 10.37 -2.62
C GLY E 86 -9.28 10.69 -1.14
N GLN E 87 -10.24 10.17 -0.40
CA GLN E 87 -10.31 10.38 1.04
C GLN E 87 -10.31 9.04 1.78
N ARG E 88 -9.51 8.95 2.83
CA ARG E 88 -9.52 7.77 3.70
C ARG E 88 -10.87 7.63 4.41
N ASP E 89 -11.32 6.39 4.55
CA ASP E 89 -12.58 6.07 5.22
C ASP E 89 -12.58 6.45 6.70
N ASP E 90 -11.44 6.28 7.34
CA ASP E 90 -11.29 6.41 8.78
C ASP E 90 -11.55 7.81 9.34
N ALA E 91 -11.46 8.83 8.49
CA ALA E 91 -11.39 10.21 8.94
C ALA E 91 -12.57 10.68 9.80
N LEU E 92 -12.21 11.44 10.83
CA LEU E 92 -13.08 11.96 11.87
C LEU E 92 -14.41 12.46 11.29
N VAL E 93 -14.32 13.19 10.17
CA VAL E 93 -15.49 13.75 9.53
C VAL E 93 -16.40 12.65 8.98
N VAL E 94 -15.80 11.62 8.40
CA VAL E 94 -16.55 10.53 7.80
C VAL E 94 -17.37 9.76 8.82
N GLU E 95 -16.70 9.29 9.88
CA GLU E 95 -17.36 8.49 10.90
C GLU E 95 -18.42 9.29 11.66
N THR E 96 -18.15 10.57 11.89
CA THR E 96 -19.11 11.43 12.59
C THR E 96 -20.39 11.58 11.78
N ILE E 97 -20.25 11.87 10.50
CA ILE E 97 -21.40 11.99 9.61
C ILE E 97 -22.12 10.65 9.47
N THR E 98 -21.34 9.57 9.42
CA THR E 98 -21.90 8.22 9.34
C THR E 98 -22.73 7.90 10.57
N SER E 99 -22.16 8.16 11.75
CA SER E 99 -22.85 7.94 13.01
C SER E 99 -24.09 8.80 13.09
N LEU E 100 -23.97 10.05 12.67
CA LEU E 100 -25.06 11.01 12.72
C LEU E 100 -26.21 10.57 11.81
N LEU E 101 -25.89 10.24 10.56
CA LEU E 101 -26.88 9.85 9.57
C LEU E 101 -27.64 8.59 9.97
N ASN E 102 -26.94 7.64 10.59
CA ASN E 102 -27.58 6.41 11.04
C ASN E 102 -28.61 6.67 12.14
N LYS E 103 -28.37 7.70 12.93
CA LYS E 103 -29.32 8.09 13.97
C LYS E 103 -30.51 8.81 13.36
N VAL E 104 -30.26 9.60 12.33
CA VAL E 104 -31.31 10.32 11.62
C VAL E 104 -32.29 9.35 10.98
N LEU E 105 -31.78 8.23 10.46
CA LEU E 105 -32.60 7.26 9.77
C LEU E 105 -32.71 5.94 10.53
N LYS E 106 -32.90 6.01 11.84
CA LYS E 106 -33.07 4.81 12.65
C LYS E 106 -34.39 4.10 12.32
N SER E 107 -34.48 2.83 12.68
CA SER E 107 -35.65 2.02 12.38
C SER E 107 -36.90 2.50 13.11
N GLY E 108 -36.73 2.89 14.37
CA GLY E 108 -37.86 3.35 15.17
C GLY E 108 -37.65 4.75 15.72
N SER E 109 -37.27 5.68 14.84
CA SER E 109 -37.04 7.06 15.24
C SER E 109 -37.57 8.06 14.21
N GLY E 110 -37.05 7.96 12.99
CA GLY E 110 -37.46 8.87 11.93
C GLY E 110 -37.80 8.16 10.63
N VAL E 111 -38.14 6.87 10.74
CA VAL E 111 -38.46 6.05 9.59
C VAL E 111 -39.54 5.02 9.90
N ASP E 112 -40.55 4.93 9.03
CA ASP E 112 -41.61 3.94 9.20
C ASP E 112 -41.11 2.56 8.78
N SER E 113 -40.51 1.84 9.72
CA SER E 113 -39.90 0.54 9.43
C SER E 113 -40.94 -0.55 9.17
N SER E 114 -42.22 -0.22 9.32
CA SER E 114 -43.29 -1.16 9.06
C SER E 114 -43.35 -1.50 7.58
N LYS E 115 -42.99 -0.54 6.74
CA LYS E 115 -43.05 -0.73 5.29
C LYS E 115 -41.91 -1.62 4.78
N LEU E 116 -41.01 -2.00 5.66
CA LEU E 116 -39.89 -2.86 5.31
C LEU E 116 -40.18 -4.31 5.69
N GLN E 117 -41.22 -4.52 6.47
CA GLN E 117 -41.56 -5.86 6.95
C GLN E 117 -42.21 -6.69 5.85
N LEU E 118 -41.73 -7.92 5.68
CA LEU E 118 -42.27 -8.83 4.67
C LEU E 118 -43.20 -9.84 5.32
N THR E 119 -42.65 -10.61 6.26
CA THR E 119 -43.43 -11.61 6.97
C THR E 119 -43.29 -11.43 8.48
N LYS E 120 -43.73 -12.42 9.24
CA LYS E 120 -43.59 -12.38 10.69
C LYS E 120 -42.11 -12.36 11.05
N LYS E 121 -41.33 -13.12 10.28
CA LYS E 121 -39.94 -13.39 10.60
C LYS E 121 -38.88 -12.67 9.74
N TYR E 122 -39.25 -12.24 8.54
CA TYR E 122 -38.32 -11.58 7.63
C TYR E 122 -38.72 -10.15 7.26
N SER E 123 -37.71 -9.31 7.06
CA SER E 123 -37.93 -7.92 6.66
C SER E 123 -36.83 -7.46 5.71
N PHE E 124 -37.04 -6.31 5.07
CA PHE E 124 -36.08 -5.77 4.13
C PHE E 124 -35.06 -4.85 4.81
N LYS E 125 -33.79 -5.25 4.74
CA LYS E 125 -32.70 -4.41 5.21
C LYS E 125 -32.33 -3.42 4.11
N ILE E 126 -32.30 -2.14 4.45
CA ILE E 126 -31.99 -1.10 3.47
C ILE E 126 -30.58 -0.55 3.64
N PHE E 127 -29.76 -0.68 2.61
CA PHE E 127 -28.41 -0.14 2.62
C PHE E 127 -28.35 1.18 1.86
N VAL E 128 -28.12 2.26 2.60
CA VAL E 128 -28.00 3.59 1.99
C VAL E 128 -26.53 3.98 1.85
N ASP E 129 -25.98 3.80 0.64
CA ASP E 129 -24.58 4.09 0.39
C ASP E 129 -24.39 5.51 -0.14
N VAL E 130 -23.59 6.29 0.57
CA VAL E 130 -23.34 7.68 0.20
C VAL E 130 -21.95 7.85 -0.39
N LEU E 131 -21.86 8.54 -1.51
CA LEU E 131 -20.57 8.86 -2.13
C LEU E 131 -20.47 10.35 -2.39
N VAL E 132 -19.62 11.02 -1.62
CA VAL E 132 -19.40 12.45 -1.80
C VAL E 132 -18.21 12.69 -2.73
N ILE E 133 -18.50 13.03 -3.98
CA ILE E 133 -17.47 13.27 -4.98
C ILE E 133 -16.68 14.54 -4.66
N SER E 134 -17.40 15.60 -4.34
CA SER E 134 -16.79 16.89 -4.03
C SER E 134 -17.64 17.67 -3.02
N SER E 135 -16.98 18.40 -2.13
CA SER E 135 -17.67 19.23 -1.15
C SER E 135 -16.73 20.27 -0.56
N HIS E 136 -17.24 21.48 -0.33
CA HIS E 136 -16.42 22.58 0.15
C HIS E 136 -16.87 23.06 1.53
N SER E 137 -17.90 22.42 2.05
CA SER E 137 -18.38 22.71 3.40
C SER E 137 -18.90 21.42 4.03
N HIS E 138 -19.55 21.53 5.18
CA HIS E 138 -20.14 20.39 5.85
C HIS E 138 -21.26 19.81 5.00
N PRO E 139 -21.04 18.62 4.44
CA PRO E 139 -21.94 18.04 3.43
C PRO E 139 -23.15 17.33 4.03
N ILE E 140 -23.37 17.50 5.32
CA ILE E 140 -24.44 16.78 6.02
C ILE E 140 -25.84 17.05 5.44
N SER E 141 -26.09 18.31 5.08
CA SER E 141 -27.39 18.69 4.52
C SER E 141 -27.48 18.30 3.06
N LEU E 142 -26.34 18.31 2.37
CA LEU E 142 -26.27 17.92 0.97
C LEU E 142 -26.62 16.43 0.83
N ILE E 143 -26.01 15.62 1.68
CA ILE E 143 -26.26 14.18 1.69
C ILE E 143 -27.71 13.88 2.03
N SER E 144 -28.24 14.65 2.98
CA SER E 144 -29.61 14.47 3.46
C SER E 144 -30.63 14.63 2.33
N PHE E 145 -30.44 15.64 1.50
CA PHE E 145 -31.34 15.90 0.37
C PHE E 145 -31.27 14.77 -0.64
N ALA E 146 -30.09 14.22 -0.84
CA ALA E 146 -29.89 13.15 -1.81
C ALA E 146 -30.52 11.84 -1.32
N ILE E 147 -30.32 11.53 -0.04
CA ILE E 147 -30.93 10.35 0.57
C ILE E 147 -32.45 10.42 0.50
N TYR E 148 -32.98 11.61 0.75
CA TYR E 148 -34.43 11.86 0.66
C TYR E 148 -34.94 11.52 -0.74
N SER E 149 -34.33 12.14 -1.74
CA SER E 149 -34.71 11.93 -3.13
C SER E 149 -34.61 10.46 -3.55
N ALA E 150 -33.55 9.80 -3.08
CA ALA E 150 -33.31 8.40 -3.41
C ALA E 150 -34.36 7.48 -2.80
N LEU E 151 -34.68 7.72 -1.53
CA LEU E 151 -35.65 6.88 -0.81
C LEU E 151 -37.08 7.08 -1.30
N ASN E 152 -37.32 8.18 -2.00
CA ASN E 152 -38.65 8.48 -2.54
C ASN E 152 -38.82 7.98 -3.96
N SER E 153 -37.79 7.34 -4.49
CA SER E 153 -37.85 6.75 -5.83
C SER E 153 -37.27 5.35 -5.80
N THR E 154 -37.46 4.66 -4.69
CA THR E 154 -36.94 3.31 -4.49
C THR E 154 -38.03 2.27 -4.73
N TYR E 155 -37.68 1.20 -5.42
CA TYR E 155 -38.62 0.12 -5.71
C TYR E 155 -38.07 -1.22 -5.25
N LEU E 156 -38.84 -1.90 -4.39
CA LEU E 156 -38.42 -3.16 -3.79
C LEU E 156 -39.21 -4.33 -4.39
N PRO E 157 -38.61 -5.54 -4.38
CA PRO E 157 -39.29 -6.74 -4.88
C PRO E 157 -40.57 -7.04 -4.10
N LYS E 158 -41.53 -7.70 -4.74
CA LYS E 158 -42.81 -8.02 -4.12
C LYS E 158 -42.86 -9.48 -3.69
N LEU E 159 -43.38 -9.73 -2.48
CA LEU E 159 -43.45 -11.08 -1.93
C LEU E 159 -44.60 -11.88 -2.54
N ILE E 160 -44.40 -13.18 -2.69
CA ILE E 160 -45.45 -14.07 -3.20
C ILE E 160 -45.91 -15.06 -2.13
N SER E 161 -44.97 -15.72 -1.47
CA SER E 161 -45.28 -16.73 -0.46
C SER E 161 -46.04 -16.15 0.72
N ALA E 162 -46.61 -17.04 1.54
CA ALA E 162 -47.40 -16.62 2.70
C ALA E 162 -46.55 -15.90 3.74
N PHE E 163 -47.21 -15.12 4.59
CA PHE E 163 -46.50 -14.31 5.58
C PHE E 163 -46.71 -14.79 7.02
N ASP E 164 -46.52 -16.09 7.23
CA ASP E 164 -46.59 -16.67 8.57
C ASP E 164 -45.57 -17.79 8.72
N ASP E 165 -44.35 -17.43 9.09
CA ASP E 165 -43.25 -18.39 9.18
C ASP E 165 -43.30 -19.21 10.46
N LEU E 166 -44.15 -18.80 11.39
CA LEU E 166 -44.27 -19.49 12.68
C LEU E 166 -44.90 -20.87 12.51
N GLU E 167 -45.91 -20.95 11.67
CA GLU E 167 -46.63 -22.20 11.44
C GLU E 167 -46.14 -22.93 10.19
N VAL E 168 -46.67 -22.54 9.03
CA VAL E 168 -46.36 -23.18 7.77
C VAL E 168 -44.86 -23.06 7.41
N GLU E 169 -44.28 -21.90 7.73
CA GLU E 169 -42.86 -21.65 7.50
C GLU E 169 -42.43 -21.83 6.04
N GLU E 170 -42.98 -21.00 5.15
CA GLU E 170 -42.61 -21.04 3.74
C GLU E 170 -41.37 -20.20 3.47
N LEU E 171 -40.52 -20.68 2.57
CA LEU E 171 -39.33 -19.95 2.15
C LEU E 171 -39.74 -18.71 1.35
N PRO E 172 -39.19 -17.55 1.72
CA PRO E 172 -39.51 -16.26 1.09
C PRO E 172 -39.27 -16.27 -0.42
N THR E 173 -40.35 -16.24 -1.19
CA THR E 173 -40.26 -16.19 -2.65
C THR E 173 -40.91 -14.92 -3.18
N PHE E 174 -40.30 -14.34 -4.21
CA PHE E 174 -40.77 -13.08 -4.78
C PHE E 174 -41.17 -13.24 -6.25
N HIS E 175 -42.34 -12.70 -6.60
CA HIS E 175 -42.83 -12.79 -7.96
C HIS E 175 -41.93 -12.04 -8.90
N ASP E 176 -41.71 -12.63 -10.07
CA ASP E 176 -40.83 -12.04 -11.07
C ASP E 176 -41.39 -10.75 -11.67
N TYR E 177 -40.49 -9.82 -12.01
CA TYR E 177 -40.87 -8.57 -12.66
C TYR E 177 -41.56 -7.58 -11.75
N ASP E 178 -42.65 -7.99 -11.11
CA ASP E 178 -43.45 -7.09 -10.29
C ASP E 178 -42.66 -6.56 -9.09
N MET E 179 -42.83 -5.26 -8.82
CA MET E 179 -42.16 -4.62 -7.70
C MET E 179 -43.08 -3.60 -7.05
N VAL E 180 -42.85 -3.31 -5.76
CA VAL E 180 -43.66 -2.33 -5.05
C VAL E 180 -42.81 -1.12 -4.62
N LYS E 181 -43.29 0.07 -4.94
CA LYS E 181 -42.59 1.29 -4.56
C LYS E 181 -42.49 1.43 -3.04
N LEU E 182 -41.31 1.79 -2.55
CA LEU E 182 -41.08 1.95 -1.13
C LEU E 182 -41.74 3.22 -0.61
N ASP E 183 -42.90 3.07 0.02
CA ASP E 183 -43.57 4.18 0.66
C ASP E 183 -42.95 4.43 2.04
N ILE E 184 -42.30 5.58 2.19
CA ILE E 184 -41.60 5.89 3.43
C ILE E 184 -41.46 7.40 3.55
N ASN E 185 -41.20 7.87 4.77
CA ASN E 185 -41.01 9.29 5.00
C ASN E 185 -39.59 9.60 5.49
N PRO E 186 -38.67 9.81 4.53
CA PRO E 186 -37.28 10.14 4.86
C PRO E 186 -37.19 11.49 5.54
N PRO E 187 -36.39 11.57 6.61
CA PRO E 187 -36.18 12.84 7.32
C PRO E 187 -35.18 13.71 6.58
N LEU E 188 -35.16 15.00 6.90
CA LEU E 188 -34.19 15.92 6.31
C LEU E 188 -33.27 16.47 7.39
N VAL E 189 -32.05 16.81 7.00
CA VAL E 189 -31.09 17.39 7.93
C VAL E 189 -30.66 18.79 7.47
N PHE E 190 -31.03 19.80 8.24
CA PHE E 190 -30.66 21.17 7.91
C PHE E 190 -29.48 21.62 8.73
N ILE E 191 -28.60 22.41 8.12
CA ILE E 191 -27.44 22.96 8.81
C ILE E 191 -27.45 24.49 8.81
N LEU E 192 -27.25 25.08 9.98
CA LEU E 192 -27.31 26.53 10.14
C LEU E 192 -25.96 27.09 10.56
N ALA E 193 -25.75 28.38 10.29
CA ALA E 193 -24.52 29.06 10.69
C ALA E 193 -24.82 30.19 11.66
N VAL E 194 -23.99 30.32 12.68
CA VAL E 194 -24.18 31.38 13.67
C VAL E 194 -23.08 32.43 13.57
N VAL E 195 -23.42 33.58 13.02
CA VAL E 195 -22.47 34.69 12.91
C VAL E 195 -22.95 35.87 13.75
N GLY E 196 -22.36 36.03 14.93
CA GLY E 196 -22.80 37.06 15.86
C GLY E 196 -24.13 36.69 16.47
N ASN E 197 -25.18 37.40 16.08
CA ASN E 197 -26.53 37.10 16.54
C ASN E 197 -27.46 36.71 15.40
N ASN E 198 -26.88 36.50 14.22
CA ASN E 198 -27.65 36.12 13.05
C ASN E 198 -27.55 34.63 12.74
N MET E 199 -28.62 34.07 12.17
CA MET E 199 -28.63 32.66 11.79
C MET E 199 -28.92 32.49 10.32
N LEU E 200 -28.05 31.76 9.63
CA LEU E 200 -28.15 31.59 8.19
C LEU E 200 -28.44 30.15 7.79
N LEU E 201 -29.41 29.98 6.89
CA LEU E 201 -29.69 28.67 6.32
C LEU E 201 -28.77 28.43 5.13
N ASP E 202 -28.32 27.19 4.98
CA ASP E 202 -27.39 26.80 3.92
C ASP E 202 -26.17 27.71 3.90
N PRO E 203 -25.23 27.49 4.84
CA PRO E 203 -24.01 28.31 4.92
C PRO E 203 -23.07 28.01 3.76
N ALA E 204 -22.58 29.06 3.11
CA ALA E 204 -21.59 28.88 2.05
C ALA E 204 -20.22 28.58 2.67
N ALA E 205 -19.25 28.29 1.82
CA ALA E 205 -17.90 27.97 2.30
C ALA E 205 -17.28 29.14 3.05
N ASN E 206 -17.24 30.31 2.41
CA ASN E 206 -16.67 31.50 3.04
C ASN E 206 -17.44 31.94 4.28
N GLU E 207 -18.75 31.70 4.28
CA GLU E 207 -19.58 32.06 5.41
C GLU E 207 -19.26 31.20 6.63
N SER E 208 -19.08 29.91 6.40
CA SER E 208 -18.81 28.97 7.49
C SER E 208 -17.46 29.23 8.15
N GLU E 209 -16.51 29.76 7.37
CA GLU E 209 -15.17 30.03 7.86
C GLU E 209 -15.14 31.08 8.97
N VAL E 210 -16.06 32.04 8.89
CA VAL E 210 -16.08 33.15 9.84
C VAL E 210 -17.17 32.99 10.89
N ALA E 211 -17.99 31.95 10.76
CA ALA E 211 -19.09 31.71 11.67
C ALA E 211 -18.61 31.46 13.09
N ASN E 212 -19.39 31.90 14.07
CA ASN E 212 -19.06 31.66 15.47
C ASN E 212 -19.44 30.26 15.92
N ASN E 213 -20.52 29.74 15.34
CA ASN E 213 -20.96 28.39 15.63
C ASN E 213 -21.93 27.89 14.55
N GLY E 214 -22.51 26.71 14.77
CA GLY E 214 -23.42 26.14 13.80
C GLY E 214 -24.38 25.15 14.43
N LEU E 215 -25.45 24.84 13.70
CA LEU E 215 -26.46 23.92 14.19
C LEU E 215 -26.81 22.85 13.15
N ILE E 216 -27.00 21.63 13.62
CA ILE E 216 -27.47 20.55 12.76
C ILE E 216 -28.82 20.08 13.29
N ILE E 217 -29.88 20.42 12.56
CA ILE E 217 -31.23 20.13 13.01
C ILE E 217 -31.96 19.21 12.05
N SER E 218 -32.44 18.07 12.56
CA SER E 218 -33.18 17.12 11.75
C SER E 218 -34.64 17.51 11.62
N TRP E 219 -35.31 16.96 10.62
CA TRP E 219 -36.69 17.31 10.32
C TRP E 219 -37.46 16.12 9.78
N SER E 220 -38.58 15.78 10.43
CA SER E 220 -39.39 14.65 10.00
C SER E 220 -40.85 14.82 10.42
N ASN E 221 -41.76 14.38 9.57
CA ASN E 221 -43.20 14.44 9.83
C ASN E 221 -43.73 15.83 10.16
N GLY E 222 -43.14 16.84 9.54
CA GLY E 222 -43.59 18.21 9.72
C GLY E 222 -43.22 18.82 11.06
N LYS E 223 -42.17 18.29 11.69
CA LYS E 223 -41.72 18.82 12.98
C LYS E 223 -40.23 18.59 13.21
N ILE E 224 -39.66 19.37 14.12
CA ILE E 224 -38.26 19.21 14.52
C ILE E 224 -38.08 17.90 15.27
N THR E 225 -37.01 17.18 14.95
CA THR E 225 -36.71 15.92 15.62
C THR E 225 -35.21 15.73 15.81
N SER E 226 -34.84 14.83 16.72
CA SER E 226 -33.44 14.47 16.92
C SER E 226 -32.97 13.67 15.71
N PRO E 227 -31.66 13.64 15.45
CA PRO E 227 -30.55 14.29 16.17
C PRO E 227 -30.48 15.80 15.96
N ILE E 228 -30.26 16.53 17.04
CA ILE E 228 -29.97 17.95 16.97
C ILE E 228 -28.59 18.18 17.56
N ARG E 229 -27.69 18.73 16.77
CA ARG E 229 -26.31 18.90 17.18
C ARG E 229 -25.78 20.29 16.88
N SER E 230 -25.16 20.92 17.86
CA SER E 230 -24.38 22.13 17.61
C SER E 230 -23.06 21.69 17.03
N VAL E 231 -22.53 22.46 16.09
CA VAL E 231 -21.32 22.06 15.38
C VAL E 231 -20.42 23.25 15.07
N ALA E 232 -19.12 23.08 15.28
CA ALA E 232 -18.16 24.10 14.91
C ALA E 232 -17.83 23.99 13.43
N LEU E 233 -18.33 24.94 12.64
CA LEU E 233 -18.10 24.95 11.19
C LEU E 233 -16.62 25.18 10.88
N ASN E 234 -15.98 26.00 11.70
CA ASN E 234 -14.52 26.15 11.67
C ASN E 234 -14.00 25.92 13.08
N ASP E 235 -12.70 26.12 13.29
CA ASP E 235 -12.11 25.88 14.60
C ASP E 235 -11.28 27.05 15.13
N SER E 236 -11.29 28.15 14.40
CA SER E 236 -10.51 29.33 14.79
C SER E 236 -11.37 30.43 15.39
N ASN E 237 -12.67 30.40 15.10
CA ASN E 237 -13.58 31.45 15.54
C ASN E 237 -14.80 30.91 16.28
N VAL E 238 -14.64 29.81 16.99
CA VAL E 238 -15.74 29.18 17.70
C VAL E 238 -16.01 29.86 19.05
N LYS E 239 -17.24 30.31 19.24
CA LYS E 239 -17.62 30.98 20.48
C LYS E 239 -18.93 30.43 21.02
N SER E 240 -19.16 30.62 22.32
CA SER E 240 -20.41 30.21 22.94
C SER E 240 -21.55 31.08 22.42
N PHE E 241 -22.77 30.55 22.48
CA PHE E 241 -23.93 31.30 21.98
C PHE E 241 -25.05 31.36 23.02
N LYS E 242 -25.79 32.46 22.99
CA LYS E 242 -26.94 32.63 23.87
C LYS E 242 -28.03 31.62 23.52
N PRO E 243 -28.76 31.14 24.53
CA PRO E 243 -29.84 30.15 24.36
C PRO E 243 -30.92 30.60 23.37
N HIS E 244 -31.17 31.91 23.28
CA HIS E 244 -32.21 32.42 22.39
C HIS E 244 -31.87 32.16 20.92
N LEU E 245 -30.58 32.11 20.62
CA LEU E 245 -30.12 31.78 19.27
C LEU E 245 -30.50 30.33 18.93
N LEU E 246 -30.34 29.44 19.90
CA LEU E 246 -30.69 28.04 19.71
C LEU E 246 -32.18 27.91 19.44
N LYS E 247 -32.99 28.68 20.18
CA LYS E 247 -34.43 28.67 20.00
C LYS E 247 -34.83 29.37 18.70
N GLN E 248 -34.01 30.31 18.27
CA GLN E 248 -34.24 31.00 17.01
C GLN E 248 -34.01 30.07 15.83
N GLY E 249 -32.96 29.27 15.94
CA GLY E 249 -32.62 28.32 14.88
C GLY E 249 -33.69 27.27 14.68
N LEU E 250 -34.17 26.69 15.79
CA LEU E 250 -35.23 25.70 15.74
C LEU E 250 -36.49 26.29 15.14
N ALA E 251 -36.76 27.56 15.47
CA ALA E 251 -37.93 28.25 14.95
C ALA E 251 -37.76 28.54 13.46
N MET E 252 -36.54 28.87 13.06
CA MET E 252 -36.25 29.20 11.66
C MET E 252 -36.45 28.00 10.76
N VAL E 253 -35.97 26.84 11.20
CA VAL E 253 -36.15 25.60 10.46
C VAL E 253 -37.63 25.22 10.41
N GLU E 254 -38.32 25.42 11.52
CA GLU E 254 -39.70 25.00 11.67
C GLU E 254 -40.66 25.67 10.69
N LYS E 255 -40.23 26.79 10.11
CA LYS E 255 -41.10 27.55 9.21
C LYS E 255 -40.64 27.52 7.75
N TYR E 256 -39.37 27.20 7.52
CA TYR E 256 -38.84 27.18 6.16
C TYR E 256 -38.65 25.77 5.62
N ALA E 257 -38.64 24.78 6.50
CA ALA E 257 -38.53 23.38 6.09
C ALA E 257 -39.65 22.89 5.15
N PRO E 258 -40.92 23.19 5.47
CA PRO E 258 -41.98 22.72 4.58
C PRO E 258 -41.84 23.27 3.16
N ASP E 259 -41.29 24.48 3.03
CA ASP E 259 -41.04 25.07 1.72
C ASP E 259 -40.00 24.24 0.97
N VAL E 260 -38.97 23.80 1.69
CA VAL E 260 -37.92 22.98 1.11
C VAL E 260 -38.48 21.62 0.70
N VAL E 261 -39.25 21.01 1.60
CA VAL E 261 -39.85 19.71 1.35
C VAL E 261 -40.80 19.77 0.15
N ARG E 262 -41.55 20.87 0.04
CA ARG E 262 -42.50 21.06 -1.05
C ARG E 262 -41.78 21.10 -2.40
N SER E 263 -40.63 21.76 -2.45
CA SER E 263 -39.84 21.83 -3.67
C SER E 263 -39.10 20.51 -3.91
N LEU E 264 -39.08 19.67 -2.88
CA LEU E 264 -38.33 18.43 -2.94
C LEU E 264 -39.25 17.23 -3.13
N GLU E 265 -40.53 17.41 -2.79
CA GLU E 265 -41.49 16.31 -2.85
C GLU E 265 -42.01 16.02 -4.26
N ASN E 266 -41.68 16.89 -5.21
CA ASN E 266 -42.10 16.66 -6.60
C ASN E 266 -41.49 15.39 -7.16
N LEU E 267 -42.35 14.49 -7.61
CA LEU E 267 -41.91 13.19 -8.12
C LEU E 267 -41.12 13.31 -9.42
N ASP F 5 -3.55 -11.59 12.63
CA ASP F 5 -2.99 -10.27 12.86
C ASP F 5 -1.52 -10.35 13.28
N ARG F 6 -0.66 -9.68 12.54
CA ARG F 6 0.78 -9.71 12.80
C ARG F 6 1.22 -8.55 13.70
N ARG F 7 0.26 -7.78 14.19
CA ARG F 7 0.57 -6.64 15.04
C ARG F 7 0.34 -6.95 16.51
N ARG F 8 -0.80 -7.56 16.81
CA ARG F 8 -1.13 -7.95 18.17
C ARG F 8 -1.43 -9.45 18.24
N LEU F 9 -1.80 -9.91 19.42
CA LEU F 9 -2.18 -11.31 19.61
C LEU F 9 -3.69 -11.43 19.79
N LEU F 10 -4.39 -11.70 18.69
CA LEU F 10 -5.85 -11.77 18.70
C LEU F 10 -6.33 -13.19 19.07
N GLY F 11 -5.40 -14.14 19.06
CA GLY F 11 -5.71 -15.52 19.38
C GLY F 11 -6.31 -16.26 18.20
N PRO F 12 -7.05 -17.34 18.48
CA PRO F 12 -7.71 -18.13 17.42
C PRO F 12 -8.81 -17.33 16.73
N ALA F 13 -8.77 -17.29 15.41
CA ALA F 13 -9.77 -16.53 14.65
C ALA F 13 -11.02 -17.37 14.37
N ALA F 14 -10.94 -18.65 14.70
CA ALA F 14 -12.06 -19.56 14.50
C ALA F 14 -12.93 -19.65 15.76
N ALA F 15 -12.62 -18.81 16.74
CA ALA F 15 -13.38 -18.77 17.98
C ALA F 15 -14.44 -17.67 17.96
N LYS F 16 -15.23 -17.60 19.02
CA LYS F 16 -16.26 -16.58 19.13
C LYS F 16 -16.30 -15.98 20.53
N PRO F 17 -16.57 -14.66 20.62
CA PRO F 17 -16.63 -13.96 21.91
C PRO F 17 -17.72 -14.48 22.82
N MET F 18 -17.79 -13.94 24.03
CA MET F 18 -18.78 -14.35 25.02
C MET F 18 -20.20 -13.97 24.58
N ALA F 19 -21.14 -14.88 24.79
CA ALA F 19 -22.53 -14.65 24.41
C ALA F 19 -23.48 -14.97 25.57
N PHE F 20 -24.04 -13.93 26.18
CA PHE F 20 -24.95 -14.10 27.30
C PHE F 20 -26.40 -13.88 26.90
N GLU F 43 -29.68 11.42 44.14
CA GLU F 43 -28.45 11.83 44.82
C GLU F 43 -27.24 11.72 43.90
N GLN F 44 -26.76 12.86 43.43
CA GLN F 44 -25.59 12.91 42.56
C GLN F 44 -24.31 12.91 43.38
N GLU F 45 -23.39 12.02 43.03
CA GLU F 45 -22.12 11.92 43.74
C GLU F 45 -20.94 12.01 42.78
N LEU F 46 -19.93 12.81 43.14
CA LEU F 46 -18.77 13.01 42.30
C LEU F 46 -17.46 12.74 43.03
N SER F 47 -16.48 12.24 42.29
CA SER F 47 -15.13 12.02 42.82
C SER F 47 -14.10 12.56 41.83
N LEU F 48 -13.46 13.66 42.21
CA LEU F 48 -12.52 14.33 41.32
C LEU F 48 -11.09 14.25 41.82
N HIS F 49 -10.18 13.91 40.90
CA HIS F 49 -8.75 13.87 41.21
C HIS F 49 -7.96 14.28 39.98
N THR F 50 -6.99 15.17 40.17
CA THR F 50 -6.19 15.65 39.05
C THR F 50 -4.70 15.62 39.37
N GLY F 51 -3.88 15.49 38.34
CA GLY F 51 -2.43 15.54 38.47
C GLY F 51 -1.82 14.28 39.06
N PHE F 52 -2.35 13.13 38.66
CA PHE F 52 -1.86 11.86 39.17
C PHE F 52 -1.06 11.09 38.11
N ILE F 53 -0.86 11.72 36.96
CA ILE F 53 -0.07 11.13 35.88
C ILE F 53 1.13 12.01 35.55
N GLU F 54 2.32 11.43 35.64
CA GLU F 54 3.56 12.17 35.40
C GLU F 54 4.03 12.01 33.95
N ASN F 55 3.25 11.30 33.16
CA ASN F 55 3.60 11.07 31.76
C ASN F 55 3.21 12.23 30.86
N CYS F 56 2.21 13.00 31.29
CA CYS F 56 1.72 14.13 30.51
C CYS F 56 1.81 15.45 31.25
N ASN F 57 1.24 16.50 30.64
CA ASN F 57 1.28 17.84 31.21
C ASN F 57 0.12 18.09 32.17
N GLY F 58 -0.98 17.37 31.97
CA GLY F 58 -2.14 17.50 32.82
C GLY F 58 -3.05 16.30 32.71
N SER F 59 -3.60 15.86 33.85
CA SER F 59 -4.49 14.71 33.88
C SER F 59 -5.66 14.92 34.83
N ALA F 60 -6.69 14.08 34.69
CA ALA F 60 -7.87 14.20 35.53
C ALA F 60 -8.65 12.90 35.64
N LEU F 61 -9.22 12.66 36.83
CA LEU F 61 -10.03 11.48 37.09
C LEU F 61 -11.42 11.90 37.53
N VAL F 62 -12.44 11.40 36.84
CA VAL F 62 -13.81 11.74 37.15
C VAL F 62 -14.65 10.49 37.38
N GLU F 63 -15.26 10.40 38.55
CA GLU F 63 -16.12 9.28 38.91
C GLU F 63 -17.47 9.80 39.39
N ALA F 64 -18.54 9.33 38.77
CA ALA F 64 -19.88 9.75 39.14
C ALA F 64 -20.78 8.55 39.37
N ARG F 65 -21.51 8.58 40.48
CA ARG F 65 -22.44 7.50 40.80
C ARG F 65 -23.83 8.05 41.07
N SER F 66 -24.79 7.65 40.24
CA SER F 66 -26.18 7.99 40.44
C SER F 66 -27.02 6.72 40.34
N LEU F 67 -27.85 6.47 41.35
CA LEU F 67 -28.72 5.31 41.31
C LEU F 67 -27.88 4.05 41.12
N GLY F 68 -28.29 3.22 40.16
CA GLY F 68 -27.57 2.02 39.80
C GLY F 68 -26.53 2.24 38.72
N HIS F 69 -26.43 3.48 38.23
CA HIS F 69 -25.55 3.80 37.13
C HIS F 69 -24.37 4.63 37.56
N GLN F 70 -23.18 4.21 37.17
CA GLN F 70 -21.94 4.90 37.53
C GLN F 70 -20.97 4.98 36.36
N THR F 71 -20.14 6.02 36.35
CA THR F 71 -19.20 6.24 35.25
C THR F 71 -17.83 6.70 35.75
N SER F 72 -16.78 6.01 35.32
CA SER F 72 -15.41 6.36 35.68
C SER F 72 -14.55 6.49 34.43
N LEU F 73 -14.02 7.69 34.19
CA LEU F 73 -13.18 7.91 33.01
C LEU F 73 -11.94 8.73 33.35
N ILE F 74 -10.90 8.57 32.54
CA ILE F 74 -9.64 9.27 32.76
C ILE F 74 -9.27 10.12 31.54
N SER F 75 -8.91 11.37 31.78
CA SER F 75 -8.53 12.27 30.71
C SER F 75 -7.05 12.64 30.81
N ALA F 76 -6.33 12.47 29.71
CA ALA F 76 -4.90 12.78 29.67
C ALA F 76 -4.63 13.88 28.66
N VAL F 77 -3.88 14.90 29.07
CA VAL F 77 -3.56 16.01 28.19
C VAL F 77 -2.06 16.10 27.93
N TYR F 78 -1.69 16.18 26.65
CA TYR F 78 -0.29 16.32 26.25
C TYR F 78 -0.10 17.59 25.44
N GLY F 79 0.56 18.59 26.04
CA GLY F 79 0.82 19.83 25.35
C GLY F 79 0.91 21.04 26.27
N PRO F 80 1.10 22.23 25.68
CA PRO F 80 1.21 22.45 24.23
C PRO F 80 2.61 22.17 23.71
N ARG F 81 2.71 21.39 22.64
CA ARG F 81 3.99 21.07 22.05
C ARG F 81 4.13 21.63 20.64
N SER F 82 5.31 22.14 20.32
CA SER F 82 5.54 22.82 19.06
C SER F 82 5.49 21.88 17.86
N ILE F 83 4.86 22.34 16.79
CA ILE F 83 4.80 21.58 15.55
C ILE F 83 5.79 22.20 14.56
N ARG F 84 6.71 21.38 14.06
CA ARG F 84 7.73 21.88 13.14
C ARG F 84 7.11 22.30 11.80
N GLY F 85 7.45 23.51 11.37
CA GLY F 85 6.98 24.03 10.10
C GLY F 85 5.58 24.61 10.14
N SER F 86 4.94 24.55 11.31
CA SER F 86 3.58 25.02 11.46
C SER F 86 3.51 26.55 11.39
N PHE F 87 2.58 27.05 10.58
CA PHE F 87 2.42 28.49 10.42
C PHE F 87 1.11 28.98 11.02
N THR F 88 0.42 28.10 11.75
CA THR F 88 -0.84 28.44 12.39
C THR F 88 -0.65 29.50 13.47
N SER F 89 -1.46 30.55 13.41
CA SER F 89 -1.36 31.66 14.35
C SER F 89 -2.07 31.35 15.67
N GLN F 90 -2.69 30.17 15.73
CA GLN F 90 -3.38 29.74 16.94
C GLN F 90 -3.12 28.27 17.22
N GLY F 91 -3.64 27.78 18.33
CA GLY F 91 -3.44 26.41 18.74
C GLY F 91 -4.34 25.43 17.99
N THR F 92 -4.03 24.14 18.13
CA THR F 92 -4.81 23.10 17.46
C THR F 92 -5.14 21.98 18.43
N ILE F 93 -6.43 21.80 18.69
CA ILE F 93 -6.89 20.82 19.67
C ILE F 93 -7.33 19.52 18.99
N SER F 94 -6.89 18.39 19.54
CA SER F 94 -7.29 17.09 19.06
C SER F 94 -7.76 16.22 20.22
N ILE F 95 -8.99 15.71 20.12
CA ILE F 95 -9.56 14.89 21.17
C ILE F 95 -9.94 13.50 20.65
N GLN F 96 -9.59 12.48 21.42
CA GLN F 96 -9.88 11.10 21.05
C GLN F 96 -10.39 10.31 22.27
N LEU F 97 -11.54 9.67 22.13
CA LEU F 97 -12.08 8.85 23.21
C LEU F 97 -11.68 7.39 23.00
N LYS F 98 -11.37 6.70 24.08
CA LYS F 98 -10.96 5.30 23.99
C LYS F 98 -11.77 4.41 24.93
N ASN F 99 -11.87 3.13 24.56
CA ASN F 99 -12.53 2.15 25.41
C ASN F 99 -11.51 1.44 26.29
N GLY F 100 -11.53 1.76 27.58
CA GLY F 100 -10.57 1.21 28.52
C GLY F 100 -10.77 -0.26 28.81
N LEU F 101 -12.01 -0.65 29.10
CA LEU F 101 -12.31 -2.03 29.47
C LEU F 101 -13.43 -2.61 28.62
N LEU F 102 -14.67 -2.24 28.96
CA LEU F 102 -15.84 -2.73 28.26
C LEU F 102 -15.92 -2.18 26.83
N GLU F 103 -16.02 -3.09 25.86
CA GLU F 103 -16.18 -2.70 24.47
C GLU F 103 -17.66 -2.53 24.16
N LYS F 104 -18.17 -1.31 24.32
CA LYS F 104 -19.59 -1.03 24.10
C LYS F 104 -19.82 -0.05 22.95
N TYR F 105 -19.30 1.17 23.11
CA TYR F 105 -19.53 2.22 22.13
C TYR F 105 -18.79 1.97 20.83
N ASN F 106 -19.48 2.22 19.72
CA ASN F 106 -18.89 2.05 18.40
C ASN F 106 -17.79 3.08 18.15
N THR F 107 -16.80 2.70 17.35
CA THR F 107 -15.71 3.60 17.03
C THR F 107 -16.23 4.82 16.25
N ASN F 108 -17.26 4.61 15.44
CA ASN F 108 -17.87 5.69 14.69
C ASN F 108 -18.51 6.72 15.61
N GLU F 109 -19.11 6.25 16.70
CA GLU F 109 -19.78 7.13 17.65
C GLU F 109 -18.77 7.88 18.52
N LEU F 110 -17.63 7.23 18.79
CA LEU F 110 -16.58 7.86 19.57
C LEU F 110 -15.98 9.05 18.82
N LYS F 111 -15.90 8.92 17.50
CA LYS F 111 -15.39 10.00 16.65
C LYS F 111 -16.37 11.17 16.64
N GLU F 112 -17.66 10.86 16.72
CA GLU F 112 -18.70 11.88 16.68
C GLU F 112 -18.66 12.75 17.93
N VAL F 113 -18.55 12.10 19.09
CA VAL F 113 -18.46 12.82 20.35
C VAL F 113 -17.19 13.65 20.37
N SER F 114 -16.09 13.06 19.90
CA SER F 114 -14.81 13.75 19.81
C SER F 114 -14.93 15.03 19.01
N SER F 115 -15.66 14.96 17.89
CA SER F 115 -15.89 16.13 17.06
C SER F 115 -16.76 17.15 17.81
N PHE F 116 -17.68 16.65 18.63
CA PHE F 116 -18.55 17.51 19.43
C PHE F 116 -17.74 18.19 20.52
N LEU F 117 -16.86 17.43 21.15
CA LEU F 117 -16.05 17.94 22.24
C LEU F 117 -15.09 19.02 21.78
N MET F 118 -14.52 18.84 20.60
CA MET F 118 -13.58 19.82 20.04
C MET F 118 -14.28 21.11 19.63
N GLY F 119 -15.56 20.99 19.27
CA GLY F 119 -16.37 22.15 18.94
C GLY F 119 -16.65 22.99 20.17
N ILE F 120 -16.45 22.40 21.33
CA ILE F 120 -16.70 23.07 22.60
C ILE F 120 -15.47 23.80 23.11
N PHE F 121 -14.35 23.08 23.21
CA PHE F 121 -13.14 23.63 23.81
C PHE F 121 -12.38 24.59 22.90
N ASN F 122 -12.73 24.61 21.61
CA ASN F 122 -12.16 25.59 20.70
C ASN F 122 -12.69 26.98 21.00
N SER F 123 -13.77 27.04 21.77
CA SER F 123 -14.33 28.30 22.25
C SER F 123 -13.84 28.57 23.66
N VAL F 124 -13.57 27.49 24.38
CA VAL F 124 -13.12 27.57 25.77
C VAL F 124 -11.64 27.89 25.86
N VAL F 125 -10.82 27.15 25.12
CA VAL F 125 -9.37 27.34 25.17
C VAL F 125 -8.94 28.62 24.46
N ASN F 126 -8.13 29.43 25.13
CA ASN F 126 -7.57 30.61 24.51
C ASN F 126 -6.50 30.21 23.51
N LEU F 127 -6.91 30.04 22.25
CA LEU F 127 -6.02 29.55 21.20
C LEU F 127 -4.93 30.56 20.81
N SER F 128 -5.22 31.83 21.00
CA SER F 128 -4.29 32.89 20.61
C SER F 128 -2.98 32.86 21.40
N ARG F 129 -2.97 32.06 22.47
CA ARG F 129 -1.82 31.96 23.35
C ARG F 129 -0.77 30.97 22.84
N TYR F 130 -1.20 30.03 22.01
CA TYR F 130 -0.29 28.97 21.55
C TYR F 130 -0.17 28.91 20.03
N PRO F 131 0.50 29.90 19.42
CA PRO F 131 0.71 29.87 17.97
C PRO F 131 1.73 28.81 17.60
N LYS F 132 1.58 28.23 16.41
CA LYS F 132 2.49 27.18 15.92
C LYS F 132 2.57 25.98 16.87
N SER F 133 1.53 25.77 17.66
CA SER F 133 1.51 24.68 18.64
C SER F 133 0.25 23.84 18.55
N GLY F 134 0.28 22.67 19.19
CA GLY F 134 -0.87 21.77 19.19
C GLY F 134 -1.07 21.10 20.53
N ILE F 135 -2.33 20.93 20.92
CA ILE F 135 -2.67 20.29 22.18
C ILE F 135 -3.47 19.02 21.96
N ASP F 136 -2.88 17.88 22.32
CA ASP F 136 -3.55 16.59 22.14
C ASP F 136 -4.24 16.16 23.44
N ILE F 137 -5.50 15.75 23.32
CA ILE F 137 -6.28 15.36 24.49
C ILE F 137 -6.78 13.92 24.36
N PHE F 138 -6.35 13.08 25.29
CA PHE F 138 -6.76 11.68 25.31
C PHE F 138 -7.72 11.41 26.46
N VAL F 139 -8.90 10.90 26.13
CA VAL F 139 -9.91 10.60 27.14
C VAL F 139 -10.21 9.10 27.18
N TYR F 140 -9.75 8.44 28.24
CA TYR F 140 -9.95 7.00 28.38
C TYR F 140 -11.23 6.69 29.14
N LEU F 141 -12.20 6.10 28.45
CA LEU F 141 -13.43 5.66 29.08
C LEU F 141 -13.20 4.26 29.61
N THR F 142 -12.49 4.16 30.74
CA THR F 142 -12.12 2.87 31.29
C THR F 142 -13.35 2.06 31.66
N TYR F 143 -14.33 2.71 32.28
CA TYR F 143 -15.56 2.01 32.64
C TYR F 143 -16.83 2.87 32.62
N ASP F 144 -17.95 2.21 32.35
CA ASP F 144 -19.27 2.71 32.63
C ASP F 144 -20.10 1.48 32.97
N LYS F 145 -20.95 1.58 33.98
CA LYS F 145 -21.76 0.42 34.37
C LYS F 145 -23.22 0.73 34.10
N ASP F 146 -23.90 -0.15 33.38
CA ASP F 146 -25.30 0.12 33.06
C ASP F 146 -26.20 -1.00 33.56
N LEU F 147 -27.25 -0.62 34.28
CA LEU F 147 -28.23 -1.58 34.74
C LEU F 147 -29.56 -1.29 34.06
N THR F 148 -30.08 -2.29 33.36
CA THR F 148 -31.36 -2.15 32.68
C THR F 148 -32.32 -3.24 33.14
N ASN F 149 -33.53 -2.84 33.52
CA ASN F 149 -34.54 -3.81 33.92
C ASN F 149 -35.27 -4.41 32.72
N ASN F 150 -35.64 -5.69 32.83
CA ASN F 150 -36.34 -6.38 31.76
C ASN F 150 -37.73 -6.83 32.17
N PRO F 151 -38.73 -6.52 31.35
CA PRO F 151 -40.11 -6.90 31.63
C PRO F 151 -40.22 -7.76 32.90
N SER F 163 -30.00 8.83 24.71
CA SER F 163 -29.45 7.57 24.23
C SER F 163 -28.69 6.84 25.33
N GLN F 164 -27.49 6.37 25.01
CA GLN F 164 -26.66 5.64 25.97
C GLN F 164 -25.41 6.41 26.36
N ILE F 165 -24.67 6.87 25.35
CA ILE F 165 -23.43 7.60 25.58
C ILE F 165 -23.70 9.05 25.94
N SER F 166 -24.96 9.46 25.81
CA SER F 166 -25.36 10.83 26.10
C SER F 166 -25.10 11.21 27.55
N SER F 167 -25.23 10.24 28.45
CA SER F 167 -25.08 10.48 29.87
C SER F 167 -23.62 10.68 30.27
N LEU F 168 -22.70 10.17 29.45
CA LEU F 168 -21.28 10.25 29.75
C LEU F 168 -20.67 11.58 29.30
N ILE F 169 -21.33 12.21 28.35
CA ILE F 169 -20.84 13.46 27.76
C ILE F 169 -20.53 14.59 28.77
N PRO F 170 -21.43 14.85 29.73
CA PRO F 170 -21.11 15.92 30.68
C PRO F 170 -19.91 15.58 31.57
N HIS F 171 -19.64 14.29 31.73
CA HIS F 171 -18.50 13.85 32.54
C HIS F 171 -17.19 13.96 31.75
N CYS F 172 -17.27 13.79 30.43
CA CYS F 172 -16.11 13.95 29.57
C CYS F 172 -15.69 15.42 29.52
N ILE F 173 -16.68 16.31 29.49
CA ILE F 173 -16.42 17.74 29.46
C ILE F 173 -15.81 18.19 30.78
N THR F 174 -16.32 17.63 31.87
CA THR F 174 -15.81 17.92 33.21
C THR F 174 -14.36 17.49 33.34
N SER F 175 -14.06 16.29 32.85
CA SER F 175 -12.72 15.72 32.92
C SER F 175 -11.72 16.55 32.12
N ILE F 176 -12.07 16.87 30.88
CA ILE F 176 -11.18 17.63 30.01
C ILE F 176 -10.91 19.03 30.55
N THR F 177 -11.95 19.70 31.01
CA THR F 177 -11.80 21.06 31.53
C THR F 177 -10.89 21.08 32.76
N LEU F 178 -10.93 20.01 33.54
CA LEU F 178 -10.07 19.87 34.69
C LEU F 178 -8.64 19.58 34.27
N ALA F 179 -8.49 18.67 33.30
CA ALA F 179 -7.18 18.26 32.83
C ALA F 179 -6.46 19.40 32.10
N LEU F 180 -7.23 20.25 31.42
CA LEU F 180 -6.66 21.39 30.73
C LEU F 180 -6.21 22.46 31.72
N ALA F 181 -7.06 22.72 32.71
CA ALA F 181 -6.75 23.73 33.73
C ALA F 181 -5.59 23.27 34.61
N ASP F 182 -5.47 21.96 34.80
CA ASP F 182 -4.38 21.40 35.57
C ASP F 182 -3.07 21.44 34.79
N ALA F 183 -3.18 21.35 33.47
CA ALA F 183 -2.01 21.32 32.60
C ALA F 183 -1.37 22.70 32.45
N GLY F 184 -2.19 23.74 32.59
CA GLY F 184 -1.70 25.10 32.49
C GLY F 184 -2.25 25.80 31.27
N ILE F 185 -3.10 25.09 30.53
CA ILE F 185 -3.73 25.65 29.34
C ILE F 185 -4.73 26.73 29.72
N GLU F 186 -4.63 27.89 29.08
CA GLU F 186 -5.51 29.00 29.36
C GLU F 186 -6.93 28.74 28.86
N LEU F 187 -7.90 28.79 29.77
CA LEU F 187 -9.30 28.62 29.41
C LEU F 187 -10.07 29.91 29.65
N VAL F 188 -10.80 30.37 28.63
CA VAL F 188 -11.57 31.60 28.73
C VAL F 188 -12.62 31.50 29.83
N ASP F 189 -13.17 30.30 30.00
CA ASP F 189 -14.18 30.06 31.03
C ASP F 189 -14.21 28.57 31.38
N MET F 190 -14.85 28.24 32.50
CA MET F 190 -14.99 26.84 32.88
C MET F 190 -16.10 26.18 32.08
N ALA F 191 -15.75 25.10 31.38
CA ALA F 191 -16.73 24.36 30.58
C ALA F 191 -17.38 23.25 31.39
N GLY F 192 -18.71 23.23 31.38
CA GLY F 192 -19.47 22.21 32.08
C GLY F 192 -20.77 21.91 31.36
N ALA F 193 -21.38 20.77 31.68
CA ALA F 193 -22.63 20.38 31.01
C ALA F 193 -23.55 19.54 31.89
N GLY F 194 -24.68 19.14 31.32
CA GLY F 194 -25.64 18.30 32.01
C GLY F 194 -26.44 17.47 31.04
N GLU F 195 -27.02 16.39 31.53
CA GLU F 195 -27.80 15.48 30.69
C GLU F 195 -29.23 15.35 31.21
N ALA F 196 -30.19 15.77 30.39
CA ALA F 196 -31.60 15.71 30.75
C ALA F 196 -32.43 15.09 29.64
N ASN F 197 -32.92 13.87 29.90
CA ASN F 197 -33.73 13.13 28.93
C ASN F 197 -33.03 12.99 27.57
N GLY F 198 -31.74 12.73 27.60
CA GLY F 198 -30.96 12.52 26.39
C GLY F 198 -30.53 13.82 25.72
N THR F 199 -30.87 14.94 26.35
CA THR F 199 -30.53 16.25 25.81
C THR F 199 -29.38 16.88 26.60
N VAL F 200 -28.20 16.89 25.98
CA VAL F 200 -27.01 17.45 26.62
C VAL F 200 -26.73 18.85 26.09
N VAL F 201 -26.48 19.79 27.01
CA VAL F 201 -26.15 21.15 26.63
C VAL F 201 -25.08 21.74 27.55
N SER F 202 -23.98 22.19 26.94
CA SER F 202 -22.83 22.70 27.69
C SER F 202 -22.87 24.21 27.85
N PHE F 203 -22.53 24.69 29.05
CA PHE F 203 -22.60 26.12 29.36
C PHE F 203 -21.26 26.71 29.79
N ILE F 204 -21.08 28.00 29.50
CA ILE F 204 -19.99 28.79 30.08
C ILE F 204 -20.53 30.16 30.49
N LYS F 205 -19.65 30.97 31.06
CA LYS F 205 -20.01 32.31 31.52
C LYS F 205 -21.20 32.26 32.48
N ASN F 206 -21.16 31.31 33.40
CA ASN F 206 -22.21 31.10 34.39
C ASN F 206 -23.58 30.83 33.77
N GLY F 207 -23.62 29.93 32.80
CA GLY F 207 -24.87 29.48 32.21
C GLY F 207 -25.54 30.49 31.30
N GLU F 208 -24.92 31.65 31.12
CA GLU F 208 -25.49 32.71 30.31
C GLU F 208 -25.45 32.38 28.82
N GLU F 209 -24.45 31.59 28.42
CA GLU F 209 -24.29 31.20 27.02
C GLU F 209 -24.04 29.70 26.88
N ILE F 210 -24.05 29.23 25.64
CA ILE F 210 -23.92 27.81 25.35
C ILE F 210 -22.72 27.53 24.43
N VAL F 211 -21.92 26.52 24.80
CA VAL F 211 -20.75 26.16 24.00
C VAL F 211 -20.92 24.81 23.29
N GLY F 212 -22.05 24.15 23.54
CA GLY F 212 -22.34 22.86 22.93
C GLY F 212 -23.74 22.38 23.18
N PHE F 213 -24.32 21.69 22.20
CA PHE F 213 -25.68 21.17 22.32
C PHE F 213 -25.81 19.80 21.68
N TRP F 214 -26.23 18.82 22.47
CA TRP F 214 -26.37 17.45 21.99
C TRP F 214 -27.76 16.90 22.28
N LYS F 215 -28.58 16.74 21.25
CA LYS F 215 -29.91 16.19 21.45
C LYS F 215 -30.13 14.90 20.66
N ASP F 216 -30.47 13.83 21.36
CA ASP F 216 -30.81 12.57 20.73
C ASP F 216 -32.11 11.99 21.27
N ASP F 217 -33.02 11.61 20.39
CA ASP F 217 -34.24 10.91 20.78
C ASP F 217 -35.04 11.69 21.82
N GLY F 218 -35.40 10.99 22.90
CA GLY F 218 -36.17 11.57 23.98
C GLY F 218 -37.54 12.09 23.59
N ASP F 219 -37.87 13.29 24.03
CA ASP F 219 -39.19 13.87 23.78
C ASP F 219 -39.10 15.34 23.36
N ASP F 220 -40.10 15.78 22.61
CA ASP F 220 -40.17 17.17 22.16
C ASP F 220 -40.64 18.11 23.26
N GLU F 221 -40.61 19.41 22.98
CA GLU F 221 -41.05 20.44 23.91
C GLU F 221 -40.34 20.41 25.26
N ASP F 222 -39.15 19.83 25.29
CA ASP F 222 -38.35 19.78 26.50
C ASP F 222 -37.22 20.80 26.41
N LEU F 223 -37.38 21.76 25.50
CA LEU F 223 -36.36 22.76 25.24
C LEU F 223 -36.07 23.61 26.48
N LEU F 224 -37.12 24.22 27.03
CA LEU F 224 -36.98 25.09 28.18
C LEU F 224 -36.60 24.30 29.44
N GLU F 225 -37.15 23.11 29.57
CA GLU F 225 -36.90 22.28 30.75
C GLU F 225 -35.46 21.77 30.80
N CYS F 226 -34.97 21.23 29.70
CA CYS F 226 -33.61 20.70 29.64
C CYS F 226 -32.56 21.79 29.83
N LEU F 227 -32.86 22.99 29.34
CA LEU F 227 -31.96 24.12 29.50
C LEU F 227 -31.85 24.56 30.95
N ASP F 228 -32.91 24.34 31.72
CA ASP F 228 -32.93 24.73 33.13
C ASP F 228 -32.34 23.63 34.01
N ARG F 229 -32.57 22.38 33.64
CA ARG F 229 -32.07 21.25 34.43
C ARG F 229 -30.56 21.06 34.25
N CYS F 230 -30.09 21.26 33.02
CA CYS F 230 -28.66 21.13 32.75
C CYS F 230 -27.88 22.31 33.30
N LYS F 231 -28.54 23.46 33.42
CA LYS F 231 -27.90 24.65 33.96
C LYS F 231 -27.61 24.47 35.44
N GLU F 232 -28.46 23.70 36.12
CA GLU F 232 -28.25 23.37 37.52
C GLU F 232 -27.10 22.39 37.66
N GLN F 233 -27.04 21.43 36.74
CA GLN F 233 -25.97 20.44 36.73
C GLN F 233 -24.63 21.11 36.40
N TYR F 234 -24.69 22.11 35.52
CA TYR F 234 -23.49 22.86 35.16
C TYR F 234 -22.93 23.59 36.38
N ASN F 235 -23.76 24.41 37.02
CA ASN F 235 -23.35 25.16 38.20
C ASN F 235 -22.82 24.25 39.31
N ARG F 236 -23.44 23.08 39.45
CA ARG F 236 -23.00 22.10 40.43
C ARG F 236 -21.64 21.53 40.06
N TYR F 237 -21.48 21.16 38.79
CA TYR F 237 -20.22 20.62 38.31
C TYR F 237 -19.12 21.68 38.29
N ARG F 238 -19.50 22.94 38.11
CA ARG F 238 -18.54 24.02 38.04
C ARG F 238 -17.85 24.27 39.37
N ASP F 239 -18.66 24.41 40.43
CA ASP F 239 -18.13 24.70 41.77
C ASP F 239 -17.25 23.57 42.29
N LEU F 240 -17.63 22.33 41.99
CA LEU F 240 -16.84 21.18 42.40
C LEU F 240 -15.53 21.12 41.61
N MET F 241 -15.56 21.59 40.37
CA MET F 241 -14.37 21.64 39.54
C MET F 241 -13.39 22.70 40.04
N ILE F 242 -13.93 23.86 40.40
CA ILE F 242 -13.12 24.95 40.94
C ILE F 242 -12.53 24.56 42.29
N SER F 243 -13.35 23.92 43.12
CA SER F 243 -12.90 23.46 44.43
C SER F 243 -11.82 22.39 44.29
N CYS F 244 -11.95 21.56 43.27
CA CYS F 244 -11.00 20.49 43.01
C CYS F 244 -9.60 21.05 42.80
N LEU F 245 -9.50 22.07 41.94
CA LEU F 245 -8.22 22.70 41.66
C LEU F 245 -7.63 23.36 42.90
N MET F 246 -8.49 24.00 43.69
CA MET F 246 -8.07 24.65 44.92
C MET F 246 -7.52 23.63 45.92
N ASN F 247 -8.19 22.49 46.00
CA ASN F 247 -7.77 21.43 46.92
C ASN F 247 -6.41 20.86 46.56
N GLN F 248 -6.30 20.31 45.36
CA GLN F 248 -5.05 19.72 44.89
C GLN F 248 -3.95 20.78 44.80
N GLU F 249 -4.31 21.96 44.32
CA GLU F 249 -3.35 23.05 44.19
C GLU F 249 -2.79 23.47 45.54
N THR F 250 -3.66 23.52 46.54
CA THR F 250 -3.26 23.90 47.89
C THR F 250 -2.10 23.05 48.38
N THR G 6 50.35 -16.25 9.60
CA THR G 6 49.99 -15.85 10.95
C THR G 6 48.72 -15.02 10.96
N PHE G 7 47.57 -15.68 10.85
CA PHE G 7 46.28 -14.99 10.84
C PHE G 7 46.01 -14.31 12.18
N ILE G 8 45.41 -13.13 12.12
CA ILE G 8 45.11 -12.37 13.33
C ILE G 8 43.60 -12.17 13.48
N PHE G 9 43.09 -12.47 14.67
CA PHE G 9 41.66 -12.33 14.95
C PHE G 9 41.42 -11.21 15.96
N PRO G 10 40.19 -10.70 15.97
CA PRO G 10 39.82 -9.62 16.89
C PRO G 10 39.92 -10.04 18.35
N GLY G 11 40.42 -9.16 19.21
CA GLY G 11 40.62 -9.47 20.61
C GLY G 11 41.92 -10.22 20.82
N ASP G 12 42.68 -10.39 19.75
CA ASP G 12 43.97 -11.07 19.81
C ASP G 12 45.00 -10.28 20.62
N SER G 13 45.83 -10.99 21.37
CA SER G 13 46.89 -10.37 22.15
C SER G 13 47.93 -9.75 21.24
N PHE G 14 48.50 -8.61 21.68
CA PHE G 14 49.51 -7.92 20.89
C PHE G 14 50.88 -8.03 21.54
N PRO G 15 51.86 -8.48 20.76
CA PRO G 15 53.23 -8.67 21.27
C PRO G 15 53.90 -7.36 21.72
N VAL G 16 53.69 -6.29 20.95
CA VAL G 16 54.33 -5.01 21.26
C VAL G 16 54.11 -4.45 22.67
N ASP G 17 55.15 -3.83 23.22
CA ASP G 17 55.12 -3.20 24.54
C ASP G 17 54.28 -1.92 24.61
N PRO G 18 53.68 -1.68 25.76
CA PRO G 18 52.78 -0.53 25.96
C PRO G 18 53.40 0.87 25.83
N THR G 19 54.61 1.04 26.34
CA THR G 19 55.30 2.33 26.28
C THR G 19 55.57 2.78 24.84
N THR G 20 55.94 1.83 23.98
CA THR G 20 56.28 2.17 22.60
C THR G 20 55.06 2.15 21.69
N PRO G 21 54.83 3.28 21.03
CA PRO G 21 53.67 3.46 20.14
C PRO G 21 53.78 2.74 18.78
N VAL G 22 52.63 2.34 18.25
CA VAL G 22 52.51 1.83 16.88
C VAL G 22 51.51 2.65 16.07
N LYS G 23 51.92 3.05 14.87
CA LYS G 23 51.10 3.89 13.99
C LYS G 23 49.85 3.12 13.57
N LEU G 24 48.73 3.83 13.51
CA LEU G 24 47.46 3.18 13.22
C LEU G 24 47.39 2.67 11.79
N GLY G 25 46.77 1.50 11.62
CA GLY G 25 46.58 0.91 10.32
C GLY G 25 45.18 0.36 10.22
N PRO G 26 44.67 0.17 9.00
CA PRO G 26 43.32 -0.36 8.86
C PRO G 26 43.27 -1.74 9.50
N GLY G 27 42.21 -2.01 10.25
CA GLY G 27 42.14 -3.22 11.05
C GLY G 27 42.53 -3.00 12.50
N ILE G 28 43.43 -2.06 12.74
CA ILE G 28 43.91 -1.77 14.09
C ILE G 28 43.10 -0.65 14.72
N TYR G 29 42.72 -0.83 15.98
CA TYR G 29 41.88 0.12 16.67
C TYR G 29 42.48 0.57 18.00
N CYS G 30 42.47 1.87 18.25
CA CYS G 30 42.94 2.41 19.51
C CYS G 30 41.75 2.83 20.37
N ASP G 31 41.50 2.09 21.45
CA ASP G 31 40.36 2.33 22.32
C ASP G 31 40.45 3.69 23.00
N PRO G 32 39.46 4.56 22.75
CA PRO G 32 39.42 5.93 23.30
C PRO G 32 39.31 5.95 24.82
N ASN G 33 38.84 4.86 25.41
CA ASN G 33 38.62 4.81 26.85
C ASN G 33 39.79 4.21 27.63
N THR G 34 40.28 3.06 27.16
CA THR G 34 41.35 2.35 27.86
C THR G 34 42.72 2.56 27.22
N GLN G 35 42.74 3.31 26.12
CA GLN G 35 43.99 3.68 25.43
C GLN G 35 44.78 2.50 24.88
N GLU G 36 44.22 1.30 24.95
CA GLU G 36 44.89 0.11 24.47
C GLU G 36 44.75 -0.04 22.95
N ILE G 37 45.78 -0.58 22.31
CA ILE G 37 45.74 -0.83 20.88
C ILE G 37 45.40 -2.29 20.62
N ARG G 38 44.30 -2.53 19.90
CA ARG G 38 43.82 -3.88 19.68
C ARG G 38 43.26 -4.06 18.27
N PRO G 39 43.47 -5.25 17.69
CA PRO G 39 42.96 -5.59 16.35
C PRO G 39 41.46 -5.84 16.37
N VAL G 40 40.75 -5.31 15.38
CA VAL G 40 39.30 -5.50 15.30
C VAL G 40 38.88 -6.21 14.02
N ASN G 41 39.84 -6.47 13.14
CA ASN G 41 39.56 -7.18 11.90
C ASN G 41 40.31 -8.50 11.80
N THR G 42 39.83 -9.38 10.93
CA THR G 42 40.39 -10.71 10.79
C THR G 42 41.17 -10.86 9.48
N GLY G 43 42.45 -11.17 9.59
CA GLY G 43 43.29 -11.37 8.42
C GLY G 43 44.77 -11.44 8.72
N VAL G 44 45.58 -10.95 7.78
CA VAL G 44 47.03 -10.99 7.92
C VAL G 44 47.57 -9.68 8.45
N LEU G 45 48.35 -9.75 9.52
CA LEU G 45 48.97 -8.56 10.09
C LEU G 45 50.24 -8.19 9.34
N HIS G 46 50.32 -6.94 8.90
CA HIS G 46 51.50 -6.44 8.20
C HIS G 46 52.15 -5.31 8.99
N VAL G 47 53.41 -5.52 9.37
CA VAL G 47 54.13 -4.54 10.17
C VAL G 47 55.45 -4.12 9.51
N SER G 48 55.70 -2.82 9.49
CA SER G 48 56.94 -2.30 8.92
C SER G 48 57.78 -1.61 9.98
N ALA G 49 59.06 -1.98 10.06
CA ALA G 49 59.97 -1.39 11.04
C ALA G 49 61.10 -0.64 10.35
N LYS G 50 61.32 0.60 10.77
CA LYS G 50 62.36 1.44 10.17
C LYS G 50 63.39 1.90 11.19
N GLY G 51 64.67 1.75 10.82
CA GLY G 51 65.77 2.17 11.67
C GLY G 51 66.16 1.10 12.67
N LYS G 52 67.26 1.34 13.37
CA LYS G 52 67.71 0.39 14.38
C LYS G 52 66.71 0.26 15.53
N SER G 53 66.17 1.40 15.97
CA SER G 53 65.21 1.39 17.06
C SER G 53 64.30 2.63 17.08
N GLY G 54 63.17 2.51 17.76
CA GLY G 54 62.30 3.62 18.03
C GLY G 54 61.16 4.01 17.10
N VAL G 55 60.91 3.30 16.01
CA VAL G 55 59.64 3.60 15.32
C VAL G 55 58.99 2.35 14.71
N GLN G 56 57.66 2.34 14.61
CA GLN G 56 56.92 1.20 14.05
C GLN G 56 55.61 1.56 13.35
N THR G 57 55.12 0.68 12.47
CA THR G 57 53.84 0.87 11.79
C THR G 57 53.14 -0.47 11.52
N ALA G 58 51.81 -0.47 11.52
CA ALA G 58 51.06 -1.71 11.25
C ALA G 58 49.64 -1.52 10.71
N TYR G 59 49.13 -2.58 10.06
CA TYR G 59 47.74 -2.69 9.66
C TYR G 59 47.38 -4.15 9.42
N ILE G 60 46.10 -4.42 9.18
CA ILE G 60 45.64 -5.77 8.90
C ILE G 60 44.95 -5.84 7.54
N ASP G 61 45.46 -6.72 6.68
CA ASP G 61 44.82 -6.98 5.40
C ASP G 61 43.66 -7.95 5.60
N TYR G 62 42.44 -7.43 5.54
CA TYR G 62 41.26 -8.24 5.83
C TYR G 62 40.24 -8.08 4.72
N SER G 63 39.35 -9.06 4.57
CA SER G 63 38.38 -9.00 3.50
C SER G 63 37.18 -8.19 3.98
N SER G 64 37.05 -6.99 3.39
CA SER G 64 35.93 -6.09 3.66
C SER G 64 35.55 -5.48 2.33
N LYS G 65 34.30 -5.09 2.20
CA LYS G 65 33.84 -4.55 0.92
C LYS G 65 33.12 -3.21 1.09
N ARG G 66 32.86 -2.84 2.33
CA ARG G 66 32.24 -1.54 2.62
C ARG G 66 33.31 -0.49 2.92
N TYR G 67 33.46 0.46 2.01
CA TYR G 67 34.52 1.45 2.11
C TYR G 67 34.26 2.52 3.16
N ILE G 68 35.30 2.89 3.90
CA ILE G 68 35.24 3.96 4.87
C ILE G 68 36.31 5.00 4.54
N PRO G 69 35.89 6.22 4.24
CA PRO G 69 36.81 7.22 3.70
C PRO G 69 37.94 7.53 4.68
N SER G 70 39.14 7.63 4.13
CA SER G 70 40.34 7.91 4.91
C SER G 70 41.20 8.92 4.15
N VAL G 71 42.06 9.62 4.87
CA VAL G 71 42.90 10.63 4.24
C VAL G 71 43.83 9.97 3.23
N ASN G 72 44.02 10.65 2.10
CA ASN G 72 44.88 10.15 1.04
C ASN G 72 44.48 8.81 0.44
N ASP G 73 43.18 8.56 0.32
CA ASP G 73 42.70 7.37 -0.36
C ASP G 73 42.11 7.72 -1.72
N PHE G 74 42.53 6.99 -2.76
CA PHE G 74 42.01 7.21 -4.10
C PHE G 74 40.66 6.49 -4.27
N VAL G 75 39.63 7.26 -4.62
CA VAL G 75 38.29 6.69 -4.77
C VAL G 75 37.61 7.13 -6.08
N ILE G 76 36.76 6.27 -6.60
CA ILE G 76 35.98 6.57 -7.79
C ILE G 76 34.52 6.76 -7.40
N GLY G 77 34.05 7.99 -7.53
CA GLY G 77 32.69 8.32 -7.11
C GLY G 77 31.77 8.75 -8.24
N VAL G 78 30.48 8.72 -7.95
CA VAL G 78 29.45 9.11 -8.92
C VAL G 78 28.66 10.29 -8.40
N ILE G 79 28.59 11.35 -9.19
CA ILE G 79 27.97 12.58 -8.71
C ILE G 79 26.49 12.52 -9.03
N ILE G 80 25.70 12.16 -8.02
CA ILE G 80 24.24 12.10 -8.14
C ILE G 80 23.56 13.45 -8.33
N GLY G 81 24.01 14.45 -7.59
CA GLY G 81 23.35 15.74 -7.55
C GLY G 81 24.26 16.91 -7.25
N THR G 82 23.80 18.12 -7.57
CA THR G 82 24.58 19.33 -7.35
C THR G 82 23.96 20.29 -6.32
N PHE G 83 24.79 20.70 -5.36
CA PHE G 83 24.41 21.69 -4.36
C PHE G 83 24.88 23.09 -4.77
N SER G 84 24.91 24.00 -3.81
CA SER G 84 25.25 25.39 -4.08
C SER G 84 26.73 25.59 -4.39
N ASP G 85 27.60 24.98 -3.59
CA ASP G 85 29.03 25.19 -3.72
C ASP G 85 29.82 23.91 -4.00
N SER G 86 29.13 22.78 -4.04
CA SER G 86 29.81 21.50 -4.24
C SER G 86 28.93 20.46 -4.92
N TYR G 87 29.55 19.34 -5.32
CA TYR G 87 28.82 18.20 -5.86
C TYR G 87 28.55 17.20 -4.77
N LYS G 88 27.38 16.56 -4.83
CA LYS G 88 27.11 15.39 -4.00
C LYS G 88 27.50 14.16 -4.79
N VAL G 89 28.52 13.45 -4.32
CA VAL G 89 28.99 12.25 -4.98
C VAL G 89 28.99 11.08 -4.00
N SER G 90 28.44 9.95 -4.42
CA SER G 90 28.45 8.78 -3.57
C SER G 90 29.46 7.77 -4.09
N LEU G 91 30.45 7.47 -3.26
CA LEU G 91 31.47 6.49 -3.61
C LEU G 91 30.83 5.12 -3.77
N GLN G 92 29.87 4.82 -2.90
CA GLN G 92 29.29 3.49 -2.82
C GLN G 92 27.78 3.56 -2.56
N ASN G 93 27.08 2.48 -2.90
CA ASN G 93 25.64 2.42 -2.71
C ASN G 93 25.26 2.29 -1.24
N PHE G 94 24.20 2.99 -0.85
CA PHE G 94 23.73 2.97 0.54
C PHE G 94 24.79 3.50 1.49
N SER G 95 25.65 4.37 0.97
CA SER G 95 26.71 4.95 1.79
C SER G 95 26.56 6.47 1.88
N SER G 96 26.99 7.04 3.01
CA SER G 96 26.91 8.48 3.23
C SER G 96 27.50 9.25 2.05
N SER G 97 26.89 10.38 1.73
CA SER G 97 27.35 11.22 0.63
C SER G 97 28.66 11.92 0.99
N VAL G 98 29.45 12.26 -0.03
CA VAL G 98 30.72 12.94 0.17
C VAL G 98 30.68 14.33 -0.47
N SER G 99 31.37 15.28 0.14
CA SER G 99 31.35 16.66 -0.33
C SER G 99 32.53 16.99 -1.25
N LEU G 100 32.24 17.23 -2.52
CA LEU G 100 33.28 17.64 -3.45
C LEU G 100 33.14 19.12 -3.81
N SER G 101 34.18 19.89 -3.52
CA SER G 101 34.19 21.32 -3.80
C SER G 101 34.34 21.63 -5.28
N TYR G 102 33.62 22.64 -5.75
CA TYR G 102 33.78 23.13 -7.11
C TYR G 102 35.18 23.71 -7.28
N MET G 103 35.63 24.43 -6.25
CA MET G 103 36.96 25.04 -6.24
C MET G 103 38.06 23.98 -6.16
N ALA G 104 37.66 22.72 -6.11
CA ALA G 104 38.62 21.62 -6.02
C ALA G 104 38.96 21.09 -7.40
N PHE G 105 39.13 22.00 -8.36
CA PHE G 105 39.48 21.65 -9.73
C PHE G 105 40.61 22.55 -10.21
N PRO G 106 41.35 22.09 -11.23
CA PRO G 106 42.36 22.95 -11.85
C PRO G 106 41.72 24.14 -12.56
N ASN G 107 42.36 25.29 -12.51
CA ASN G 107 41.84 26.52 -13.10
C ASN G 107 40.45 26.88 -12.59
N ALA G 108 40.26 26.77 -11.29
CA ALA G 108 38.97 27.06 -10.67
C ALA G 108 38.76 28.55 -10.47
N SER G 109 37.49 28.96 -10.45
CA SER G 109 37.14 30.36 -10.24
C SER G 109 35.73 30.46 -9.68
N LYS G 110 35.47 31.54 -8.95
CA LYS G 110 34.15 31.74 -8.34
C LYS G 110 33.11 32.12 -9.39
N LYS G 111 33.57 32.46 -10.59
CA LYS G 111 32.69 32.88 -11.67
C LYS G 111 32.27 31.70 -12.55
N ASN G 112 33.18 30.75 -12.72
CA ASN G 112 32.94 29.61 -13.61
C ASN G 112 32.94 28.26 -12.90
N ARG G 113 31.77 27.63 -12.82
CA ARG G 113 31.64 26.30 -12.24
C ARG G 113 32.08 25.24 -13.26
N PRO G 114 32.56 24.09 -12.76
CA PRO G 114 32.94 22.97 -13.63
C PRO G 114 31.76 22.46 -14.46
N THR G 115 32.06 21.78 -15.56
CA THR G 115 31.02 21.34 -16.49
C THR G 115 30.54 19.92 -16.21
N LEU G 116 30.95 19.37 -15.08
CA LEU G 116 30.53 18.02 -14.70
C LEU G 116 29.04 17.95 -14.45
N GLN G 117 28.39 16.97 -15.08
CA GLN G 117 26.96 16.77 -14.90
C GLN G 117 26.69 15.53 -14.05
N VAL G 118 25.49 15.45 -13.49
CA VAL G 118 25.10 14.31 -12.66
C VAL G 118 25.10 13.02 -13.47
N GLY G 119 25.82 12.01 -12.97
CA GLY G 119 25.92 10.74 -13.66
C GLY G 119 27.32 10.51 -14.21
N ASP G 120 28.18 11.52 -14.09
CA ASP G 120 29.56 11.42 -14.54
C ASP G 120 30.42 10.69 -13.52
N LEU G 121 31.40 9.93 -14.02
CA LEU G 121 32.38 9.29 -13.16
C LEU G 121 33.56 10.22 -12.95
N VAL G 122 34.04 10.30 -11.71
CA VAL G 122 35.21 11.11 -11.42
C VAL G 122 36.27 10.33 -10.64
N TYR G 123 37.54 10.58 -10.95
CA TYR G 123 38.61 10.03 -10.12
C TYR G 123 38.99 11.07 -9.06
N ALA G 124 38.92 10.68 -7.78
CA ALA G 124 39.13 11.62 -6.67
C ALA G 124 39.90 11.05 -5.48
N ARG G 125 40.52 11.93 -4.70
CA ARG G 125 41.23 11.55 -3.49
C ARG G 125 40.59 12.23 -2.29
N VAL G 126 40.49 11.50 -1.19
CA VAL G 126 39.85 12.03 0.02
C VAL G 126 40.81 12.88 0.82
N CYS G 127 40.51 14.16 0.95
CA CYS G 127 41.36 15.09 1.69
C CYS G 127 41.08 15.04 3.19
N THR G 128 39.88 15.46 3.58
CA THR G 128 39.49 15.48 4.99
C THR G 128 38.35 14.50 5.26
N ALA G 129 38.61 13.52 6.11
CA ALA G 129 37.62 12.51 6.44
C ALA G 129 37.50 12.28 7.94
N GLU G 130 36.48 12.87 8.55
CA GLU G 130 36.22 12.70 9.97
C GLU G 130 35.10 11.70 10.18
N LYS G 131 35.14 10.98 11.30
CA LYS G 131 34.14 9.97 11.59
C LYS G 131 32.77 10.58 11.85
N GLU G 132 32.76 11.76 12.47
CA GLU G 132 31.52 12.41 12.87
C GLU G 132 31.16 13.58 11.95
N LEU G 133 31.88 13.71 10.85
CA LEU G 133 31.64 14.78 9.90
C LEU G 133 31.55 14.25 8.47
N GLU G 134 30.82 14.95 7.61
CA GLU G 134 30.73 14.59 6.21
C GLU G 134 32.10 14.62 5.56
N ALA G 135 32.44 13.54 4.86
CA ALA G 135 33.75 13.43 4.21
C ALA G 135 33.87 14.38 3.03
N GLU G 136 35.10 14.69 2.65
CA GLU G 136 35.37 15.57 1.52
C GLU G 136 36.44 15.00 0.60
N ILE G 137 36.23 15.13 -0.70
CA ILE G 137 37.22 14.71 -1.69
C ILE G 137 37.66 15.88 -2.56
N GLU G 138 38.82 15.72 -3.22
CA GLU G 138 39.32 16.73 -4.14
C GLU G 138 39.82 16.10 -5.43
N CYS G 139 39.51 16.74 -6.55
CA CYS G 139 39.89 16.24 -7.86
C CYS G 139 41.40 16.13 -8.01
N PHE G 140 42.11 17.12 -7.48
CA PHE G 140 43.57 17.14 -7.57
C PHE G 140 44.22 16.81 -6.23
N ASP G 141 45.13 15.84 -6.23
CA ASP G 141 45.87 15.48 -5.03
C ASP G 141 47.32 15.97 -5.13
N SER G 142 47.75 16.72 -4.13
CA SER G 142 49.10 17.30 -4.09
C SER G 142 50.20 16.24 -4.05
N THR G 143 49.97 15.17 -3.30
CA THR G 143 50.99 14.17 -3.03
C THR G 143 51.51 13.46 -4.28
N THR G 144 50.61 13.17 -5.22
CA THR G 144 50.99 12.39 -6.40
C THR G 144 52.03 13.09 -7.26
N GLY G 145 51.85 14.38 -7.50
CA GLY G 145 52.74 15.12 -8.38
C GLY G 145 52.18 16.48 -8.75
N ARG G 146 52.81 17.13 -9.72
CA ARG G 146 52.35 18.42 -10.20
C ARG G 146 50.95 18.28 -10.80
N ASP G 147 50.72 17.20 -11.53
CA ASP G 147 49.41 16.92 -12.10
C ASP G 147 48.82 15.65 -11.50
N ALA G 148 47.61 15.77 -10.96
CA ALA G 148 46.92 14.65 -10.33
C ALA G 148 46.57 13.52 -11.29
N GLY G 149 46.14 13.87 -12.50
CA GLY G 149 45.62 12.91 -13.45
C GLY G 149 44.18 12.57 -13.10
N PHE G 150 43.62 13.33 -12.16
CA PHE G 150 42.23 13.12 -11.77
C PHE G 150 41.36 14.03 -12.61
N GLY G 151 40.50 13.40 -13.41
CA GLY G 151 39.52 14.09 -14.23
C GLY G 151 38.34 13.15 -14.36
N ILE G 152 37.16 13.69 -14.68
CA ILE G 152 35.99 12.83 -14.78
C ILE G 152 36.19 11.83 -15.92
N LEU G 153 35.88 10.57 -15.64
CA LEU G 153 36.02 9.50 -16.63
C LEU G 153 34.96 9.61 -17.71
N GLU G 154 35.31 9.24 -18.94
CA GLU G 154 34.33 9.22 -20.02
C GLU G 154 34.08 7.81 -20.55
N ASP G 155 32.80 7.45 -20.62
CA ASP G 155 32.37 6.14 -21.11
C ASP G 155 33.00 5.02 -20.29
N GLY G 156 33.53 4.01 -20.98
CA GLY G 156 34.18 2.91 -20.30
C GLY G 156 33.17 2.04 -19.57
N MET G 157 33.66 1.26 -18.60
CA MET G 157 32.78 0.48 -17.73
C MET G 157 33.38 0.42 -16.33
N ILE G 158 32.52 0.50 -15.32
CA ILE G 158 32.98 0.47 -13.94
C ILE G 158 32.72 -0.91 -13.32
N ILE G 159 33.61 -1.35 -12.44
CA ILE G 159 33.52 -2.70 -11.88
C ILE G 159 33.52 -2.69 -10.36
N ASP G 160 32.59 -3.44 -9.76
CA ASP G 160 32.56 -3.61 -8.32
C ASP G 160 33.59 -4.66 -7.90
N VAL G 161 34.28 -4.38 -6.80
CA VAL G 161 35.40 -5.21 -6.36
C VAL G 161 35.64 -4.98 -4.87
N ASN G 162 35.95 -6.05 -4.14
CA ASN G 162 36.18 -5.93 -2.70
C ASN G 162 37.44 -5.12 -2.41
N LEU G 163 37.45 -4.41 -1.27
CA LEU G 163 38.51 -3.48 -0.93
C LEU G 163 39.92 -4.08 -0.98
N ASN G 164 40.03 -5.35 -0.61
CA ASN G 164 41.32 -6.04 -0.63
C ASN G 164 41.85 -6.20 -2.05
N PHE G 165 40.97 -6.61 -2.96
CA PHE G 165 41.34 -6.82 -4.35
C PHE G 165 41.75 -5.50 -5.01
N ALA G 166 41.09 -4.42 -4.61
CA ALA G 166 41.37 -3.11 -5.16
C ALA G 166 42.69 -2.56 -4.62
N ARG G 167 42.95 -2.80 -3.35
CA ARG G 167 44.17 -2.33 -2.71
C ARG G 167 45.39 -3.05 -3.27
N GLN G 168 45.25 -4.34 -3.57
CA GLN G 168 46.31 -5.12 -4.17
C GLN G 168 46.57 -4.68 -5.60
N LEU G 169 45.52 -4.24 -6.28
CA LEU G 169 45.63 -3.83 -7.68
C LEU G 169 46.31 -2.47 -7.80
N LEU G 170 46.26 -1.68 -6.73
CA LEU G 170 46.75 -0.32 -6.76
C LEU G 170 48.17 -0.18 -6.21
N PHE G 171 48.49 -0.96 -5.18
CA PHE G 171 49.76 -0.83 -4.49
C PHE G 171 50.75 -1.97 -4.74
N ASN G 172 50.23 -3.13 -5.13
CA ASN G 172 51.09 -4.29 -5.36
C ASN G 172 51.46 -4.45 -6.83
N ASN G 173 52.75 -4.40 -7.13
CA ASN G 173 53.24 -4.51 -8.50
C ASN G 173 53.38 -5.96 -8.95
N ASP G 174 53.34 -6.88 -7.98
CA ASP G 174 53.45 -8.31 -8.29
C ASP G 174 52.11 -8.90 -8.72
N PHE G 175 51.06 -8.10 -8.64
CA PHE G 175 49.73 -8.53 -9.05
C PHE G 175 49.66 -8.64 -10.57
N PRO G 176 49.50 -9.86 -11.09
CA PRO G 176 49.62 -10.15 -12.52
C PRO G 176 48.44 -9.67 -13.36
N LEU G 177 47.38 -9.20 -12.71
CA LEU G 177 46.14 -8.85 -13.43
C LEU G 177 46.34 -7.81 -14.52
N LEU G 178 47.03 -6.72 -14.20
CA LEU G 178 47.26 -5.67 -15.18
C LEU G 178 48.18 -6.15 -16.31
N LYS G 179 49.05 -7.11 -15.98
CA LYS G 179 49.98 -7.66 -16.97
C LYS G 179 49.29 -8.60 -17.94
N VAL G 180 48.45 -9.49 -17.41
CA VAL G 180 47.75 -10.47 -18.23
C VAL G 180 46.69 -9.84 -19.12
N LEU G 181 46.23 -8.64 -18.74
CA LEU G 181 45.26 -7.91 -19.54
C LEU G 181 45.97 -7.14 -20.64
N ALA G 182 47.21 -6.72 -20.38
CA ALA G 182 48.00 -6.00 -21.36
C ALA G 182 48.50 -6.95 -22.44
N ALA G 183 48.54 -8.24 -22.12
CA ALA G 183 48.99 -9.26 -23.07
C ALA G 183 47.88 -9.63 -24.05
N HIS G 184 46.70 -9.07 -23.83
CA HIS G 184 45.55 -9.37 -24.70
C HIS G 184 45.07 -8.16 -25.47
N THR G 185 45.11 -6.98 -24.84
CA THR G 185 44.64 -5.76 -25.47
C THR G 185 45.17 -4.50 -24.81
N LYS G 186 45.10 -3.39 -25.53
CA LYS G 186 45.40 -2.07 -24.99
C LYS G 186 44.22 -1.58 -24.16
N PHE G 187 44.51 -1.02 -23.00
CA PHE G 187 43.45 -0.52 -22.13
C PHE G 187 43.97 0.48 -21.11
N GLU G 188 43.12 1.44 -20.73
CA GLU G 188 43.43 2.36 -19.65
C GLU G 188 42.54 2.05 -18.45
N VAL G 189 43.10 2.18 -17.25
CA VAL G 189 42.38 1.78 -16.05
C VAL G 189 42.54 2.76 -14.89
N ALA G 190 41.42 3.09 -14.25
CA ALA G 190 41.43 3.88 -13.03
C ALA G 190 41.10 2.97 -11.85
N ILE G 191 41.87 3.07 -10.78
CA ILE G 191 41.69 2.20 -9.62
C ILE G 191 41.33 2.99 -8.37
N GLY G 192 40.19 2.67 -7.78
CA GLY G 192 39.74 3.34 -6.57
C GLY G 192 39.83 2.46 -5.34
N LEU G 193 40.29 3.05 -4.24
CA LEU G 193 40.41 2.32 -2.98
C LEU G 193 39.05 2.04 -2.35
N ASN G 194 37.99 2.59 -2.95
CA ASN G 194 36.63 2.34 -2.50
C ASN G 194 36.02 1.14 -3.19
N GLY G 195 36.87 0.32 -3.81
CA GLY G 195 36.43 -0.90 -4.46
C GLY G 195 35.77 -0.68 -5.81
N LYS G 196 36.26 0.29 -6.56
CA LYS G 196 35.76 0.56 -7.90
C LYS G 196 36.91 0.52 -8.91
N ILE G 197 36.69 -0.16 -10.04
CA ILE G 197 37.70 -0.22 -11.09
C ILE G 197 37.10 0.21 -12.44
N TRP G 198 37.69 1.23 -13.04
CA TRP G 198 37.22 1.75 -14.31
C TRP G 198 38.09 1.24 -15.45
N VAL G 199 37.45 0.65 -16.47
CA VAL G 199 38.17 0.08 -17.60
C VAL G 199 37.62 0.61 -18.92
N LYS G 200 38.50 0.97 -19.84
CA LYS G 200 38.08 1.50 -21.14
C LYS G 200 39.06 1.13 -22.26
N CYS G 201 38.54 0.55 -23.33
CA CYS G 201 39.33 0.22 -24.50
C CYS G 201 38.80 0.97 -25.71
N GLU G 202 39.41 0.72 -26.87
CA GLU G 202 38.96 1.35 -28.11
C GLU G 202 37.66 0.70 -28.59
N GLU G 203 37.55 -0.61 -28.41
CA GLU G 203 36.35 -1.34 -28.80
C GLU G 203 35.63 -1.89 -27.58
N LEU G 204 34.31 -1.97 -27.67
CA LEU G 204 33.50 -2.44 -26.54
C LEU G 204 33.77 -3.90 -26.20
N SER G 205 34.03 -4.71 -27.21
CA SER G 205 34.26 -6.14 -27.00
C SER G 205 35.48 -6.39 -26.11
N ASN G 206 36.49 -5.53 -26.24
CA ASN G 206 37.69 -5.63 -25.42
C ASN G 206 37.44 -5.17 -23.99
N THR G 207 36.69 -4.08 -23.84
CA THR G 207 36.33 -3.58 -22.52
C THR G 207 35.48 -4.61 -21.79
N LEU G 208 34.54 -5.21 -22.52
CA LEU G 208 33.68 -6.25 -21.99
C LEU G 208 34.50 -7.46 -21.55
N ALA G 209 35.49 -7.81 -22.37
CA ALA G 209 36.36 -8.94 -22.06
C ALA G 209 37.17 -8.66 -20.79
N CYS G 210 37.60 -7.41 -20.64
CA CYS G 210 38.34 -6.99 -19.45
C CYS G 210 37.44 -7.04 -18.22
N TYR G 211 36.21 -6.58 -18.39
CA TYR G 211 35.21 -6.60 -17.32
C TYR G 211 35.03 -8.02 -16.79
N ARG G 212 34.80 -8.95 -17.71
CA ARG G 212 34.54 -10.34 -17.36
C ARG G 212 35.74 -11.00 -16.68
N THR G 213 36.94 -10.65 -17.11
CA THR G 213 38.15 -11.19 -16.50
C THR G 213 38.33 -10.70 -15.07
N ILE G 214 38.24 -9.38 -14.89
CA ILE G 214 38.41 -8.76 -13.58
C ILE G 214 37.36 -9.28 -12.59
N MET G 215 36.15 -9.48 -13.08
CA MET G 215 35.07 -10.04 -12.27
C MET G 215 35.40 -11.44 -11.77
N GLU G 216 35.81 -12.30 -12.70
CA GLU G 216 36.21 -13.66 -12.38
C GLU G 216 37.44 -13.65 -11.47
N CYS G 217 38.37 -12.75 -11.77
CA CYS G 217 39.57 -12.61 -10.96
C CYS G 217 39.16 -12.18 -9.56
N CYS G 218 38.18 -11.28 -9.49
CA CYS G 218 37.62 -10.83 -8.22
C CYS G 218 36.98 -12.02 -7.52
N GLN G 219 36.29 -12.86 -8.29
CA GLN G 219 35.64 -14.04 -7.74
C GLN G 219 36.66 -15.15 -7.43
N LYS G 220 37.49 -15.45 -8.43
CA LYS G 220 38.46 -16.55 -8.37
C LYS G 220 39.58 -16.39 -7.33
N ASN G 221 40.13 -15.17 -7.26
CA ASN G 221 41.24 -14.88 -6.36
C ASN G 221 42.43 -15.82 -6.55
N ASP G 222 42.71 -16.20 -7.79
CA ASP G 222 43.81 -17.12 -8.08
C ASP G 222 44.83 -16.56 -9.09
N THR G 223 46.11 -16.61 -8.73
CA THR G 223 47.18 -16.18 -9.61
C THR G 223 47.31 -17.05 -10.87
N ALA G 224 47.18 -18.36 -10.70
CA ALA G 224 47.30 -19.31 -11.79
C ALA G 224 46.05 -19.26 -12.68
N ALA G 225 44.90 -19.15 -12.03
CA ALA G 225 43.62 -19.08 -12.74
C ALA G 225 43.51 -17.83 -13.61
N PHE G 226 43.99 -16.71 -13.08
CA PHE G 226 43.83 -15.42 -13.76
C PHE G 226 44.52 -15.38 -15.12
N LYS G 227 45.71 -15.96 -15.23
CA LYS G 227 46.37 -16.01 -16.52
C LYS G 227 45.55 -16.81 -17.54
N ASP G 228 45.05 -17.97 -17.11
CA ASP G 228 44.17 -18.79 -17.94
C ASP G 228 42.82 -18.13 -18.22
N ILE G 229 42.27 -17.50 -17.18
CA ILE G 229 40.97 -16.86 -17.21
C ILE G 229 40.89 -15.84 -18.34
N ALA G 230 41.93 -15.01 -18.45
CA ALA G 230 42.01 -14.04 -19.53
C ALA G 230 42.05 -14.74 -20.89
N LYS G 231 42.70 -15.90 -20.93
CA LYS G 231 42.81 -16.67 -22.16
C LYS G 231 41.44 -17.12 -22.66
N ARG G 232 40.66 -17.74 -21.79
CA ARG G 232 39.35 -18.26 -22.18
C ARG G 232 38.32 -17.16 -22.38
N GLN G 233 38.52 -16.01 -21.73
CA GLN G 233 37.60 -14.90 -21.86
C GLN G 233 37.73 -14.19 -23.20
N PHE G 234 38.93 -13.77 -23.55
CA PHE G 234 39.18 -13.11 -24.83
C PHE G 234 38.90 -14.05 -25.99
N LYS G 235 39.03 -15.35 -25.74
CA LYS G 235 38.71 -16.37 -26.75
C LYS G 235 37.21 -16.45 -26.97
N GLU G 236 36.45 -16.45 -25.88
CA GLU G 236 34.99 -16.61 -25.93
C GLU G 236 34.32 -15.43 -26.63
N ILE G 237 34.93 -14.26 -26.54
CA ILE G 237 34.40 -13.07 -27.21
C ILE G 237 34.50 -13.22 -28.73
N LEU G 238 35.57 -13.87 -29.19
CA LEU G 238 35.78 -14.08 -30.61
C LEU G 238 34.62 -14.82 -31.24
N THR G 239 34.31 -16.00 -30.70
CA THR G 239 33.21 -16.81 -31.20
C THR G 239 31.87 -16.08 -31.06
N VAL G 240 31.68 -15.41 -29.93
CA VAL G 240 30.46 -14.67 -29.66
C VAL G 240 30.26 -13.55 -30.67
N LYS G 241 31.35 -12.86 -31.01
CA LYS G 241 31.30 -11.76 -31.97
C LYS G 241 30.10 -11.91 -32.90
N SER H 4 -40.44 27.39 -5.15
CA SER H 4 -39.08 27.93 -5.15
C SER H 4 -38.97 29.12 -4.19
N GLU H 5 -39.83 29.15 -3.18
CA GLU H 5 -39.83 30.23 -2.20
C GLU H 5 -38.60 30.17 -1.31
N VAL H 6 -38.14 28.96 -1.01
CA VAL H 6 -37.00 28.77 -0.13
C VAL H 6 -35.83 28.11 -0.87
N ILE H 7 -36.12 27.05 -1.61
CA ILE H 7 -35.09 26.33 -2.35
C ILE H 7 -35.56 25.92 -3.74
N THR H 8 -34.70 26.09 -4.73
CA THR H 8 -34.99 25.68 -6.10
C THR H 8 -34.35 24.34 -6.41
N ILE H 9 -35.16 23.29 -6.51
CA ILE H 9 -34.65 21.95 -6.75
C ILE H 9 -35.09 21.41 -8.11
N THR H 10 -34.14 21.34 -9.04
CA THR H 10 -34.41 20.80 -10.36
C THR H 10 -34.25 19.28 -10.35
N LYS H 11 -35.24 18.57 -10.89
CA LYS H 11 -35.23 17.11 -10.85
C LYS H 11 -35.24 16.45 -12.23
N ARG H 12 -34.84 15.18 -12.25
CA ARG H 12 -34.68 14.42 -13.49
C ARG H 12 -34.60 12.94 -13.17
N ASN H 13 -35.26 12.12 -13.97
CA ASN H 13 -35.33 10.68 -13.70
C ASN H 13 -34.72 9.81 -14.79
N GLY H 14 -34.26 8.62 -14.41
CA GLY H 14 -33.78 7.63 -15.36
C GLY H 14 -32.49 7.98 -16.04
N ALA H 15 -31.82 9.02 -15.56
CA ALA H 15 -30.58 9.47 -16.19
C ALA H 15 -29.58 9.96 -15.14
N PHE H 16 -28.31 9.64 -15.37
CA PHE H 16 -27.23 10.10 -14.48
C PHE H 16 -27.05 11.60 -14.61
N GLN H 17 -27.28 12.12 -15.81
CA GLN H 17 -27.13 13.55 -16.09
C GLN H 17 -28.00 13.96 -17.27
N ASN H 18 -28.07 15.27 -17.51
CA ASN H 18 -28.87 15.79 -18.60
C ASN H 18 -28.03 16.46 -19.67
N SER H 19 -28.68 16.96 -20.71
CA SER H 19 -27.98 17.62 -21.81
C SER H 19 -28.76 18.85 -22.30
N SER H 54 -13.02 24.92 -42.50
CA SER H 54 -12.38 24.46 -41.28
C SER H 54 -12.47 22.94 -41.16
N GLN H 55 -11.31 22.29 -41.24
CA GLN H 55 -11.23 20.83 -41.14
C GLN H 55 -11.53 20.30 -39.73
N ILE H 56 -12.21 19.16 -39.67
CA ILE H 56 -12.47 18.48 -38.41
C ILE H 56 -11.20 17.86 -37.83
N VAL H 57 -11.11 17.82 -36.50
CA VAL H 57 -9.95 17.25 -35.83
C VAL H 57 -10.32 16.05 -34.96
N THR H 58 -9.59 14.95 -35.13
CA THR H 58 -9.81 13.74 -34.34
C THR H 58 -8.48 13.10 -33.94
N PRO H 59 -8.47 12.36 -32.84
CA PRO H 59 -7.24 11.69 -32.38
C PRO H 59 -6.74 10.68 -33.42
N GLY H 60 -5.43 10.65 -33.62
CA GLY H 60 -4.83 9.80 -34.63
C GLY H 60 -4.92 10.48 -35.98
N GLU H 61 -5.47 11.68 -35.98
CA GLU H 61 -5.61 12.49 -37.18
C GLU H 61 -4.28 13.06 -37.65
N LEU H 62 -4.17 13.29 -38.96
CA LEU H 62 -2.97 13.91 -39.52
C LEU H 62 -3.31 15.31 -40.00
N VAL H 63 -2.53 16.29 -39.56
CA VAL H 63 -2.81 17.68 -39.88
C VAL H 63 -2.24 18.07 -41.25
N THR H 64 -0.99 17.71 -41.50
CA THR H 64 -0.34 18.03 -42.77
C THR H 64 0.79 17.05 -43.08
N ASP H 65 1.28 17.11 -44.31
CA ASP H 65 2.39 16.27 -44.73
C ASP H 65 3.49 17.10 -45.38
N ASP H 66 3.54 18.38 -45.02
CA ASP H 66 4.57 19.28 -45.54
C ASP H 66 5.69 19.44 -44.51
N PRO H 67 6.86 18.86 -44.81
CA PRO H 67 8.01 18.84 -43.90
C PRO H 67 8.63 20.22 -43.67
N ILE H 68 8.23 21.21 -44.46
CA ILE H 68 8.77 22.57 -44.32
C ILE H 68 8.29 23.22 -43.03
N TRP H 69 7.08 22.85 -42.59
CA TRP H 69 6.47 23.42 -41.39
C TRP H 69 7.35 23.29 -40.14
N MET H 70 7.25 24.28 -39.27
CA MET H 70 7.83 24.18 -37.93
C MET H 70 6.73 23.79 -36.96
N ARG H 71 6.87 22.62 -36.36
CA ARG H 71 5.85 22.10 -35.46
C ARG H 71 5.88 22.78 -34.10
N GLY H 72 4.74 23.31 -33.68
CA GLY H 72 4.63 23.99 -32.40
C GLY H 72 3.89 23.16 -31.37
N HIS H 73 3.31 23.83 -30.39
CA HIS H 73 2.58 23.15 -29.32
C HIS H 73 1.33 22.46 -29.87
N GLY H 74 0.90 21.40 -29.20
CA GLY H 74 -0.29 20.67 -29.60
C GLY H 74 -0.05 19.70 -30.75
N THR H 75 1.19 19.62 -31.20
CA THR H 75 1.53 18.75 -32.33
C THR H 75 2.70 17.83 -32.03
N TYR H 76 2.87 16.83 -32.90
CA TYR H 76 4.08 16.01 -32.91
C TYR H 76 4.24 15.47 -34.32
N PHE H 77 5.46 15.06 -34.68
CA PHE H 77 5.74 14.72 -36.07
C PHE H 77 6.61 13.48 -36.25
N LEU H 78 6.55 12.92 -37.45
CA LEU H 78 7.38 11.80 -37.84
C LEU H 78 7.69 11.93 -39.33
N ASP H 79 8.92 12.33 -39.64
CA ASP H 79 9.34 12.65 -41.00
C ASP H 79 8.49 13.79 -41.56
N ASN H 80 7.69 13.49 -42.59
CA ASN H 80 6.87 14.51 -43.24
C ASN H 80 5.53 14.73 -42.55
N MET H 81 5.01 13.69 -41.91
CA MET H 81 3.70 13.75 -41.27
C MET H 81 3.70 14.53 -39.97
N THR H 82 2.73 15.42 -39.82
CA THR H 82 2.54 16.18 -38.58
C THR H 82 1.18 15.83 -37.98
N TYR H 83 1.19 15.33 -36.75
CA TYR H 83 -0.04 14.90 -36.10
C TYR H 83 -0.43 15.84 -34.96
N SER H 84 -1.68 15.71 -34.52
CA SER H 84 -2.17 16.49 -33.38
C SER H 84 -2.06 15.69 -32.09
N SER H 85 -1.68 16.36 -31.01
CA SER H 85 -1.55 15.71 -29.71
C SER H 85 -2.73 16.03 -28.81
N VAL H 86 -3.46 17.08 -29.16
CA VAL H 86 -4.61 17.51 -28.37
C VAL H 86 -5.85 17.66 -29.24
N ALA H 87 -6.99 17.89 -28.60
CA ALA H 87 -8.22 18.20 -29.32
C ALA H 87 -8.41 19.70 -29.37
N GLY H 88 -8.31 20.27 -30.57
CA GLY H 88 -8.45 21.70 -30.74
C GLY H 88 -8.41 22.12 -32.19
N THR H 89 -8.16 23.41 -32.41
CA THR H 89 -8.15 23.97 -33.75
C THR H 89 -6.73 24.16 -34.27
N VAL H 90 -6.51 23.84 -35.54
CA VAL H 90 -5.20 24.00 -36.17
C VAL H 90 -4.87 25.48 -36.35
N SER H 91 -3.69 25.88 -35.89
CA SER H 91 -3.27 27.27 -35.98
C SER H 91 -2.03 27.42 -36.87
N ARG H 92 -2.10 28.35 -37.82
CA ARG H 92 -0.96 28.62 -38.69
C ARG H 92 -0.51 30.08 -38.59
N VAL H 93 0.61 30.29 -37.90
CA VAL H 93 1.22 31.61 -37.83
C VAL H 93 2.58 31.56 -38.52
N ASN H 94 2.69 32.24 -39.66
CA ASN H 94 3.87 32.19 -40.51
C ASN H 94 4.18 30.77 -40.96
N ARG H 95 5.32 30.25 -40.52
CA ARG H 95 5.70 28.87 -40.83
C ARG H 95 5.48 27.92 -39.63
N LEU H 96 4.87 28.45 -38.57
CA LEU H 96 4.76 27.72 -37.31
C LEU H 96 3.38 27.07 -37.17
N LEU H 97 3.31 25.76 -37.39
CA LEU H 97 2.06 25.04 -37.27
C LEU H 97 1.88 24.53 -35.84
N SER H 98 0.76 24.88 -35.22
CA SER H 98 0.44 24.41 -33.88
C SER H 98 -1.06 24.17 -33.76
N VAL H 99 -1.46 23.39 -32.76
CA VAL H 99 -2.87 23.13 -32.52
C VAL H 99 -3.29 23.70 -31.17
N ILE H 100 -4.17 24.70 -31.21
CA ILE H 100 -4.67 25.33 -29.99
C ILE H 100 -5.74 24.48 -29.34
N PRO H 101 -5.49 24.00 -28.11
CA PRO H 101 -6.42 23.14 -27.39
C PRO H 101 -7.72 23.85 -27.07
N LEU H 102 -8.81 23.09 -26.95
CA LEU H 102 -10.11 23.64 -26.57
C LEU H 102 -10.12 23.94 -25.08
N LYS H 103 -9.41 23.13 -24.31
CA LYS H 103 -9.34 23.30 -22.87
C LYS H 103 -7.90 23.24 -22.35
N GLY H 104 -7.71 23.63 -21.09
CA GLY H 104 -6.43 23.47 -20.44
C GLY H 104 -6.11 24.49 -19.36
N ARG H 105 -4.96 24.32 -18.72
CA ARG H 105 -4.50 25.23 -17.67
C ARG H 105 -4.09 26.60 -18.22
N TYR H 106 -4.30 27.64 -17.42
CA TYR H 106 -3.85 28.98 -17.77
C TYR H 106 -2.32 29.04 -17.81
N ALA H 107 -1.79 29.80 -18.75
CA ALA H 107 -0.34 29.91 -18.91
C ALA H 107 0.16 31.33 -18.66
N PRO H 108 1.20 31.44 -17.83
CA PRO H 108 1.80 32.75 -17.52
C PRO H 108 2.72 33.28 -18.62
N GLU H 109 2.36 34.42 -19.19
CA GLU H 109 3.21 35.12 -20.14
C GLU H 109 3.98 36.21 -19.40
N THR H 110 5.14 36.56 -19.92
CA THR H 110 5.96 37.59 -19.28
C THR H 110 5.31 38.97 -19.37
N GLY H 111 5.04 39.58 -18.21
CA GLY H 111 4.46 40.90 -18.16
C GLY H 111 2.98 40.91 -17.81
N ASP H 112 2.43 39.74 -17.49
CA ASP H 112 1.02 39.65 -17.12
C ASP H 112 0.75 40.22 -15.74
N HIS H 113 -0.40 40.84 -15.57
CA HIS H 113 -0.83 41.34 -14.27
C HIS H 113 -1.71 40.29 -13.60
N VAL H 114 -1.15 39.60 -12.60
CA VAL H 114 -1.87 38.51 -11.96
C VAL H 114 -2.14 38.78 -10.48
N VAL H 115 -3.17 38.13 -9.96
CA VAL H 115 -3.52 38.22 -8.55
C VAL H 115 -3.42 36.81 -7.95
N GLY H 116 -2.67 36.71 -6.85
CA GLY H 116 -2.37 35.43 -6.22
C GLY H 116 -2.41 35.41 -4.70
N ARG H 117 -2.63 34.23 -4.14
CA ARG H 117 -2.75 34.07 -2.71
C ARG H 117 -1.59 33.22 -2.24
N ILE H 118 -0.90 33.67 -1.20
CA ILE H 118 0.30 32.97 -0.78
C ILE H 118 -0.08 31.55 -0.38
N ALA H 119 0.70 30.60 -0.86
CA ALA H 119 0.55 29.20 -0.49
C ALA H 119 1.51 28.80 0.63
N GLU H 120 2.78 29.16 0.46
CA GLU H 120 3.78 28.76 1.44
C GLU H 120 4.87 29.81 1.63
N VAL H 121 5.45 29.84 2.81
CA VAL H 121 6.58 30.71 3.07
C VAL H 121 7.78 29.85 3.43
N GLY H 122 8.86 29.98 2.67
CA GLY H 122 10.07 29.24 2.96
C GLY H 122 11.30 30.03 2.60
N ASN H 123 12.36 29.86 3.38
CA ASN H 123 13.61 30.51 3.03
C ASN H 123 13.40 32.01 2.88
N LYS H 124 13.84 32.53 1.75
CA LYS H 124 13.75 33.95 1.43
C LYS H 124 12.80 34.18 0.26
N ARG H 125 11.69 33.45 0.26
CA ARG H 125 10.71 33.54 -0.81
C ARG H 125 9.34 33.03 -0.37
N TRP H 126 8.29 33.46 -1.07
CA TRP H 126 6.97 32.88 -0.89
C TRP H 126 6.60 32.10 -2.13
N LYS H 127 5.76 31.10 -1.97
CA LYS H 127 5.14 30.44 -3.12
C LYS H 127 3.65 30.76 -3.14
N VAL H 128 3.23 31.51 -4.14
CA VAL H 128 1.89 32.09 -4.09
C VAL H 128 1.01 31.40 -5.10
N ASP H 129 -0.13 30.91 -4.63
CA ASP H 129 -1.05 30.26 -5.53
C ASP H 129 -1.49 31.31 -6.53
N ILE H 130 -1.43 30.95 -7.79
CA ILE H 130 -1.96 31.78 -8.87
C ILE H 130 -3.11 31.07 -9.57
N GLY H 131 -2.96 29.77 -9.78
CA GLY H 131 -3.98 28.98 -10.44
C GLY H 131 -3.44 28.25 -11.65
N GLY H 132 -2.11 28.10 -11.68
CA GLY H 132 -1.45 27.40 -12.77
C GLY H 132 -1.03 26.00 -12.37
N LYS H 133 -0.11 25.42 -13.14
CA LYS H 133 0.40 24.08 -12.85
C LYS H 133 1.29 24.11 -11.61
N GLN H 134 1.98 25.22 -11.40
CA GLN H 134 2.89 25.35 -10.26
C GLN H 134 2.65 26.66 -9.52
N HIS H 135 3.05 26.68 -8.25
CA HIS H 135 2.92 27.87 -7.43
C HIS H 135 3.84 28.97 -7.87
N ALA H 136 3.40 30.21 -7.69
CA ALA H 136 4.19 31.38 -8.06
C ALA H 136 5.43 31.52 -7.18
N VAL H 137 6.50 32.05 -7.76
CA VAL H 137 7.76 32.21 -7.04
C VAL H 137 8.07 33.67 -6.75
N LEU H 138 8.42 33.95 -5.49
CA LEU H 138 8.75 35.31 -5.07
C LEU H 138 10.11 35.35 -4.36
N MET H 139 10.86 36.42 -4.59
CA MET H 139 12.18 36.59 -3.98
C MET H 139 12.19 37.82 -3.06
N LEU H 140 12.72 37.62 -1.85
CA LEU H 140 12.71 38.69 -0.84
C LEU H 140 13.21 40.00 -1.43
N GLY H 141 14.05 39.91 -2.45
CA GLY H 141 14.58 41.08 -3.11
C GLY H 141 13.66 41.63 -4.19
N SER H 142 12.50 40.99 -4.35
CA SER H 142 11.55 41.39 -5.37
C SER H 142 10.34 42.11 -4.79
N VAL H 143 10.42 42.44 -3.50
CA VAL H 143 9.33 43.15 -2.83
C VAL H 143 9.82 44.46 -2.21
N ASN H 144 8.88 45.31 -1.84
CA ASN H 144 9.23 46.63 -1.31
C ASN H 144 8.84 46.81 0.15
N LEU H 145 9.85 47.11 0.97
CA LEU H 145 9.71 47.25 2.41
C LEU H 145 9.03 48.55 2.83
N PRO H 146 8.39 48.54 3.99
CA PRO H 146 7.78 49.76 4.53
C PRO H 146 8.84 50.80 4.85
N GLY H 147 8.57 52.04 4.46
CA GLY H 147 9.48 53.16 4.69
C GLY H 147 10.47 53.29 3.55
N GLY H 148 10.51 52.27 2.70
CA GLY H 148 11.19 52.34 1.43
C GLY H 148 12.65 52.79 1.41
N ILE H 149 12.88 53.73 0.51
CA ILE H 149 14.18 54.36 0.24
C ILE H 149 14.85 54.78 1.54
N LEU H 150 14.06 55.30 2.47
CA LEU H 150 14.56 55.66 3.78
C LEU H 150 15.08 54.41 4.49
N ARG H 151 14.38 53.30 4.29
CA ARG H 151 14.72 52.04 4.96
C ARG H 151 16.09 51.50 4.55
N ARG H 152 16.78 50.93 5.54
CA ARG H 152 18.11 50.35 5.38
C ARG H 152 17.99 48.83 5.32
N LYS H 153 18.88 48.20 4.56
CA LYS H 153 18.87 46.75 4.39
C LYS H 153 19.09 46.02 5.72
N SER H 154 18.30 44.98 5.95
CA SER H 154 18.40 44.20 7.18
C SER H 154 18.44 42.72 6.88
N GLU H 155 19.27 41.98 7.61
CA GLU H 155 19.40 40.54 7.43
C GLU H 155 18.37 39.79 8.25
N SER H 156 17.49 40.52 8.91
CA SER H 156 16.45 39.93 9.74
C SER H 156 15.15 39.80 8.95
N ASP H 157 15.11 40.43 7.78
CA ASP H 157 13.93 40.39 6.92
C ASP H 157 13.68 38.98 6.40
N GLU H 158 14.76 38.28 6.06
CA GLU H 158 14.66 36.93 5.53
C GLU H 158 14.16 35.94 6.58
N LEU H 159 14.26 36.32 7.85
CA LEU H 159 13.80 35.48 8.94
C LEU H 159 12.43 35.92 9.44
N GLN H 160 11.97 37.07 8.94
CA GLN H 160 10.68 37.62 9.38
C GLN H 160 9.78 37.92 8.18
N MET H 161 9.82 37.05 7.18
CA MET H 161 9.01 37.22 5.97
C MET H 161 7.53 37.07 6.26
N ARG H 162 7.20 36.35 7.32
CA ARG H 162 5.82 36.07 7.68
C ARG H 162 5.10 37.32 8.19
N SER H 163 5.88 38.36 8.49
CA SER H 163 5.33 39.62 8.96
C SER H 163 4.92 40.50 7.76
N PHE H 164 5.33 40.09 6.57
CA PHE H 164 4.98 40.81 5.35
C PHE H 164 3.89 40.06 4.61
N LEU H 165 4.26 38.87 4.11
CA LEU H 165 3.33 37.99 3.47
C LEU H 165 3.18 36.76 4.37
N LYS H 166 1.95 36.42 4.68
CA LYS H 166 1.65 35.29 5.54
C LYS H 166 0.70 34.40 4.79
N GLU H 167 0.68 33.11 5.12
CA GLU H 167 -0.10 32.19 4.34
C GLU H 167 -1.56 32.63 4.37
N GLY H 168 -2.17 32.64 3.20
CA GLY H 168 -3.56 33.02 3.05
C GLY H 168 -3.78 34.42 2.52
N ASP H 169 -2.76 35.27 2.64
CA ASP H 169 -2.86 36.66 2.21
C ASP H 169 -3.01 36.79 0.70
N LEU H 170 -3.85 37.74 0.27
CA LEU H 170 -4.02 38.04 -1.14
C LEU H 170 -3.20 39.26 -1.53
N LEU H 171 -2.79 39.33 -2.79
CA LEU H 171 -1.98 40.44 -3.25
C LEU H 171 -1.96 40.63 -4.77
N ASN H 172 -1.70 41.86 -5.19
CA ASN H 172 -1.43 42.16 -6.58
C ASN H 172 0.03 41.85 -6.87
N ALA H 173 0.32 41.40 -8.08
CA ALA H 173 1.70 41.10 -8.46
C ALA H 173 1.86 41.07 -9.98
N GLU H 174 3.07 41.34 -10.44
CA GLU H 174 3.38 41.30 -11.85
C GLU H 174 4.37 40.17 -12.13
N VAL H 175 4.11 39.39 -13.17
CA VAL H 175 5.02 38.33 -13.56
C VAL H 175 6.31 38.93 -14.10
N GLN H 176 7.32 38.99 -13.25
CA GLN H 176 8.60 39.61 -13.59
C GLN H 176 9.37 38.78 -14.61
N SER H 177 9.60 37.51 -14.28
CA SER H 177 10.35 36.62 -15.15
C SER H 177 9.75 35.23 -15.20
N LEU H 178 10.35 34.35 -16.01
CA LEU H 178 9.88 32.99 -16.16
C LEU H 178 11.01 31.98 -15.98
N PHE H 179 10.72 30.88 -15.33
CA PHE H 179 11.70 29.81 -15.16
C PHE H 179 11.71 28.90 -16.39
N GLN H 180 12.66 27.97 -16.42
CA GLN H 180 12.84 27.09 -17.56
C GLN H 180 11.59 26.25 -17.87
N ASP H 181 10.97 25.71 -16.83
CA ASP H 181 9.78 24.89 -17.00
C ASP H 181 8.56 25.71 -17.41
N GLY H 182 8.56 26.98 -17.01
CA GLY H 182 7.46 27.88 -17.33
C GLY H 182 6.90 28.57 -16.10
N SER H 183 7.43 28.20 -14.93
CA SER H 183 7.00 28.81 -13.67
C SER H 183 7.26 30.31 -13.69
N ALA H 184 6.52 31.04 -12.88
CA ALA H 184 6.62 32.50 -12.87
C ALA H 184 7.30 33.03 -11.62
N SER H 185 8.16 34.02 -11.80
CA SER H 185 8.73 34.76 -10.68
C SER H 185 7.99 36.09 -10.58
N LEU H 186 7.43 36.37 -9.41
CA LEU H 186 6.61 37.56 -9.23
C LEU H 186 7.38 38.70 -8.58
N HIS H 187 6.82 39.91 -8.66
CA HIS H 187 7.36 41.06 -7.96
C HIS H 187 6.25 42.04 -7.65
N THR H 188 6.42 42.81 -6.57
CA THR H 188 5.45 43.81 -6.19
C THR H 188 6.13 45.16 -6.00
N ARG H 189 7.21 45.38 -6.75
CA ARG H 189 7.99 46.61 -6.63
C ARG H 189 7.26 47.81 -7.23
N SER H 190 6.11 48.14 -6.63
CA SER H 190 5.29 49.25 -7.09
C SER H 190 4.20 49.54 -6.07
N LEU H 191 3.67 50.76 -6.11
CA LEU H 191 2.56 51.12 -5.24
C LEU H 191 1.27 50.49 -5.76
N LYS H 192 1.24 50.26 -7.06
CA LYS H 192 0.11 49.62 -7.71
C LYS H 192 -0.10 48.19 -7.21
N TYR H 193 1.01 47.52 -6.88
CA TYR H 193 0.98 46.15 -6.40
C TYR H 193 1.12 46.08 -4.89
N GLY H 194 0.63 44.99 -4.31
CA GLY H 194 0.74 44.80 -2.87
C GLY H 194 -0.41 44.01 -2.27
N LYS H 195 -0.45 43.93 -0.95
CA LYS H 195 -1.46 43.18 -0.22
C LYS H 195 -2.86 43.75 -0.44
N LEU H 196 -3.84 42.87 -0.56
CA LEU H 196 -5.22 43.28 -0.85
C LEU H 196 -6.12 43.28 0.39
N ARG H 197 -7.02 44.25 0.44
CA ARG H 197 -7.95 44.38 1.57
C ARG H 197 -9.20 45.15 1.15
N ASN H 198 -10.04 45.47 2.13
CA ASN H 198 -11.24 46.28 1.91
C ASN H 198 -12.19 45.73 0.86
N GLY H 199 -12.28 44.40 0.77
CA GLY H 199 -13.13 43.80 -0.24
C GLY H 199 -13.35 42.30 -0.13
N MET H 200 -13.64 41.68 -1.27
CA MET H 200 -13.97 40.27 -1.32
C MET H 200 -13.36 39.61 -2.57
N PHE H 201 -13.09 38.31 -2.47
CA PHE H 201 -12.45 37.58 -3.56
C PHE H 201 -13.43 36.70 -4.32
N CYS H 202 -13.22 36.61 -5.64
CA CYS H 202 -13.96 35.67 -6.47
C CYS H 202 -13.11 35.31 -7.69
N GLN H 203 -13.37 34.16 -8.28
CA GLN H 203 -12.56 33.72 -9.42
C GLN H 203 -13.39 33.17 -10.57
N VAL H 204 -12.90 33.41 -11.79
CA VAL H 204 -13.52 32.91 -13.00
C VAL H 204 -12.44 32.18 -13.80
N PRO H 205 -12.85 31.32 -14.76
CA PRO H 205 -11.85 30.68 -15.62
C PRO H 205 -10.95 31.71 -16.31
N SER H 206 -9.65 31.46 -16.32
CA SER H 206 -8.67 32.42 -16.84
C SER H 206 -8.88 32.74 -18.31
N SER H 207 -9.59 31.86 -19.01
CA SER H 207 -9.86 32.06 -20.43
C SER H 207 -10.80 33.23 -20.68
N LEU H 208 -11.55 33.62 -19.64
CA LEU H 208 -12.53 34.69 -19.76
C LEU H 208 -11.93 36.05 -19.45
N ILE H 209 -10.65 36.07 -19.12
CA ILE H 209 -9.95 37.34 -18.87
C ILE H 209 -8.66 37.39 -19.68
N VAL H 210 -8.56 38.38 -20.57
CA VAL H 210 -7.41 38.51 -21.45
C VAL H 210 -6.48 39.63 -21.00
N ARG H 211 -5.31 39.73 -21.63
CA ARG H 211 -4.37 40.80 -21.35
C ARG H 211 -4.89 42.13 -21.86
N ALA H 212 -4.53 43.20 -21.17
CA ALA H 212 -4.95 44.55 -21.56
C ALA H 212 -3.95 45.59 -21.07
N LYS H 213 -4.22 46.85 -21.39
CA LYS H 213 -3.35 47.95 -20.97
C LYS H 213 -3.35 48.10 -19.46
N ASN H 214 -4.50 47.80 -18.85
CA ASN H 214 -4.64 47.89 -17.40
C ASN H 214 -5.79 47.01 -16.90
N HIS H 215 -5.59 46.39 -15.75
CA HIS H 215 -6.56 45.43 -15.22
C HIS H 215 -7.28 45.92 -13.97
N THR H 216 -6.87 47.08 -13.47
CA THR H 216 -7.56 47.71 -12.34
C THR H 216 -8.53 48.76 -12.86
N HIS H 217 -9.80 48.64 -12.50
CA HIS H 217 -10.82 49.52 -13.04
C HIS H 217 -11.75 50.11 -11.98
N ASN H 218 -12.15 51.35 -12.18
CA ASN H 218 -13.09 52.00 -11.27
C ASN H 218 -14.52 51.92 -11.81
N LEU H 219 -15.44 51.54 -10.93
CA LEU H 219 -16.82 51.29 -11.34
C LEU H 219 -17.80 52.09 -10.48
N PRO H 220 -18.99 52.35 -11.03
CA PRO H 220 -20.03 53.07 -10.25
C PRO H 220 -20.40 52.32 -8.97
N GLY H 221 -20.57 53.06 -7.89
CA GLY H 221 -20.85 52.47 -6.59
C GLY H 221 -19.67 52.58 -5.66
N ASN H 222 -18.67 53.35 -6.09
CA ASN H 222 -17.44 53.56 -5.32
C ASN H 222 -16.66 52.28 -5.03
N ILE H 223 -16.72 51.33 -5.95
CA ILE H 223 -15.97 50.09 -5.81
C ILE H 223 -14.96 49.94 -6.95
N THR H 224 -13.90 49.18 -6.69
CA THR H 224 -12.84 48.97 -7.67
C THR H 224 -12.59 47.48 -7.90
N VAL H 225 -12.48 47.08 -9.16
CA VAL H 225 -12.21 45.70 -9.51
C VAL H 225 -10.74 45.51 -9.90
N VAL H 226 -10.17 44.37 -9.52
CA VAL H 226 -8.84 44.00 -9.96
C VAL H 226 -8.92 42.69 -10.74
N LEU H 227 -8.89 42.78 -12.06
CA LEU H 227 -9.08 41.62 -12.92
C LEU H 227 -7.76 40.95 -13.29
N GLY H 228 -7.28 40.06 -12.42
CA GLY H 228 -6.06 39.31 -12.70
C GLY H 228 -6.21 38.47 -13.96
N VAL H 229 -5.13 38.38 -14.74
CA VAL H 229 -5.15 37.63 -15.99
C VAL H 229 -5.33 36.14 -15.71
N ASN H 230 -4.95 35.72 -14.51
CA ASN H 230 -5.05 34.32 -14.12
C ASN H 230 -6.47 33.90 -13.76
N GLY H 231 -7.39 34.86 -13.78
CA GLY H 231 -8.78 34.57 -13.46
C GLY H 231 -9.16 34.94 -12.04
N TYR H 232 -8.16 35.27 -11.23
CA TYR H 232 -8.41 35.68 -9.85
C TYR H 232 -8.82 37.14 -9.81
N ILE H 233 -9.99 37.41 -9.25
CA ILE H 233 -10.56 38.75 -9.26
C ILE H 233 -10.73 39.30 -7.84
N TRP H 234 -10.38 40.56 -7.65
CA TRP H 234 -10.55 41.22 -6.35
C TRP H 234 -11.44 42.44 -6.46
N LEU H 235 -12.55 42.43 -5.73
CA LEU H 235 -13.49 43.55 -5.68
C LEU H 235 -13.37 44.25 -4.33
N ARG H 236 -12.97 45.53 -4.35
CA ARG H 236 -12.81 46.28 -3.12
C ARG H 236 -13.45 47.66 -3.19
N LYS H 237 -13.52 48.32 -2.03
CA LYS H 237 -13.95 49.70 -1.97
C LYS H 237 -12.87 50.58 -2.61
N THR H 238 -13.22 51.47 -3.54
CA THR H 238 -12.31 52.36 -4.24
C THR H 238 -11.46 53.17 -3.26
N SER H 239 -10.14 53.07 -3.42
CA SER H 239 -9.21 53.80 -2.57
C SER H 239 -8.73 55.07 -3.27
N GLN H 240 -7.95 55.87 -2.56
CA GLN H 240 -7.42 57.11 -3.12
C GLN H 240 -6.51 56.85 -4.32
N MET H 241 -5.79 55.74 -4.28
CA MET H 241 -4.88 55.37 -5.36
C MET H 241 -5.61 55.29 -6.69
N ASP H 242 -6.74 54.58 -6.70
CA ASP H 242 -7.53 54.42 -7.90
C ASP H 242 -8.07 55.76 -8.40
N LEU H 243 -8.49 56.61 -7.47
CA LEU H 243 -9.03 57.92 -7.81
C LEU H 243 -7.95 58.79 -8.47
N ALA H 244 -6.73 58.71 -7.96
CA ALA H 244 -5.62 59.48 -8.50
C ALA H 244 -5.32 59.08 -9.94
N ARG H 245 -5.38 57.79 -10.21
CA ARG H 245 -5.12 57.28 -11.56
C ARG H 245 -6.14 57.81 -12.56
N ASP H 246 -7.40 57.86 -12.14
CA ASP H 246 -8.47 58.35 -13.00
C ASP H 246 -8.26 59.80 -13.38
N THR H 247 -7.81 60.61 -12.41
CA THR H 247 -7.57 62.02 -12.64
C THR H 247 -6.49 62.24 -13.70
N SER H 278 1.96 56.04 5.61
CA SER H 278 1.10 55.08 4.93
C SER H 278 1.90 53.90 4.38
N SER H 279 3.21 54.10 4.24
CA SER H 279 4.09 53.06 3.72
C SER H 279 4.46 52.03 4.78
N TRP H 280 4.03 52.30 6.02
CA TRP H 280 4.26 51.37 7.12
C TRP H 280 3.10 50.40 7.26
N GLN H 281 1.95 50.78 6.69
CA GLN H 281 0.74 49.98 6.83
C GLN H 281 0.30 49.38 5.49
N ILE H 282 1.28 48.95 4.69
CA ILE H 282 0.98 48.35 3.39
C ILE H 282 0.80 46.84 3.49
N TYR H 283 0.98 46.29 4.69
CA TYR H 283 0.83 44.86 4.90
C TYR H 283 -0.11 44.56 6.06
N SER H 284 -0.93 45.55 6.44
CA SER H 284 -1.85 45.38 7.56
C SER H 284 -3.08 44.60 7.17
N ASP H 285 -3.48 43.65 8.01
CA ASP H 285 -4.67 42.84 7.76
C ASP H 285 -5.94 43.65 8.02
N GLU H 286 -5.78 44.78 8.69
CA GLU H 286 -6.91 45.63 9.05
C GLU H 286 -7.57 46.24 7.82
N ASN H 287 -8.90 46.23 7.80
CA ASN H 287 -9.65 46.85 6.72
C ASN H 287 -10.05 48.28 7.06
N ASP H 288 -10.66 48.96 6.10
CA ASP H 288 -11.20 50.29 6.33
C ASP H 288 -12.32 50.19 7.36
N PRO H 289 -12.17 50.86 8.50
CA PRO H 289 -13.15 50.80 9.59
C PRO H 289 -14.50 51.37 9.20
N SER H 290 -14.52 52.21 8.16
CA SER H 290 -15.76 52.82 7.69
C SER H 290 -16.10 52.39 6.28
N ILE H 291 -16.79 51.26 6.15
CA ILE H 291 -17.27 50.78 4.86
C ILE H 291 -18.79 50.65 4.88
N SER H 292 -19.46 51.50 4.13
CA SER H 292 -20.93 51.56 4.13
C SER H 292 -21.56 50.30 3.57
N ASN H 293 -22.81 50.06 3.94
CA ASN H 293 -23.57 48.93 3.45
C ASN H 293 -23.82 49.04 1.94
N ASN H 294 -23.91 50.27 1.45
CA ASN H 294 -24.17 50.51 0.05
C ASN H 294 -22.99 50.05 -0.82
N ILE H 295 -21.79 50.13 -0.27
CA ILE H 295 -20.61 49.62 -0.95
C ILE H 295 -20.56 48.09 -0.85
N ARG H 296 -20.89 47.58 0.33
CA ARG H 296 -20.93 46.14 0.57
C ARG H 296 -21.97 45.46 -0.31
N GLN H 297 -23.14 46.07 -0.44
CA GLN H 297 -24.20 45.53 -1.27
C GLN H 297 -23.88 45.71 -2.76
N ALA H 298 -23.00 46.66 -3.05
CA ALA H 298 -22.54 46.86 -4.42
C ALA H 298 -21.55 45.76 -4.80
N ILE H 299 -20.65 45.45 -3.87
CA ILE H 299 -19.68 44.38 -4.07
C ILE H 299 -20.37 43.05 -4.36
N CYS H 300 -21.39 42.74 -3.56
CA CYS H 300 -22.16 41.51 -3.74
C CYS H 300 -22.79 41.45 -5.12
N ARG H 301 -23.29 42.59 -5.59
CA ARG H 301 -23.96 42.67 -6.88
C ARG H 301 -22.94 42.50 -8.02
N TYR H 302 -21.82 43.19 -7.91
CA TYR H 302 -20.75 43.07 -8.88
C TYR H 302 -20.21 41.65 -8.93
N ALA H 303 -20.17 41.01 -7.77
CA ALA H 303 -19.70 39.63 -7.69
C ALA H 303 -20.62 38.69 -8.46
N ASN H 304 -21.92 38.82 -8.21
CA ASN H 304 -22.91 37.96 -8.85
C ASN H 304 -22.97 38.10 -10.37
N VAL H 305 -22.85 39.33 -10.86
CA VAL H 305 -22.90 39.57 -12.30
C VAL H 305 -21.65 39.06 -13.00
N ILE H 306 -20.53 39.09 -12.30
CA ILE H 306 -19.28 38.52 -12.82
C ILE H 306 -19.41 37.02 -12.94
N LYS H 307 -20.00 36.40 -11.91
CA LYS H 307 -20.26 34.97 -11.93
C LYS H 307 -21.26 34.62 -13.02
N ALA H 308 -22.17 35.55 -13.30
CA ALA H 308 -23.17 35.37 -14.34
C ALA H 308 -22.53 35.40 -15.73
N LEU H 309 -21.61 36.34 -15.93
CA LEU H 309 -20.87 36.43 -17.19
C LEU H 309 -20.02 35.19 -17.39
N ALA H 310 -19.44 34.69 -16.29
CA ALA H 310 -18.61 33.49 -16.33
C ALA H 310 -19.47 32.26 -16.63
N PHE H 311 -20.70 32.27 -16.14
CA PHE H 311 -21.61 31.15 -16.34
C PHE H 311 -22.00 30.99 -17.81
N CYS H 312 -21.93 32.09 -18.56
CA CYS H 312 -22.33 32.08 -19.96
C CYS H 312 -21.13 32.07 -20.90
N GLU H 313 -19.95 31.77 -20.35
CA GLU H 313 -18.70 31.76 -21.10
C GLU H 313 -18.41 33.12 -21.77
N ILE H 314 -18.88 34.19 -21.14
CA ILE H 314 -18.68 35.53 -21.67
C ILE H 314 -17.39 36.16 -21.15
N GLY H 315 -16.55 36.65 -22.07
CA GLY H 315 -15.30 37.29 -21.69
C GLY H 315 -15.52 38.52 -20.83
N ILE H 316 -14.91 38.52 -19.65
CA ILE H 316 -15.09 39.62 -18.70
C ILE H 316 -14.21 40.82 -19.05
N THR H 317 -14.87 41.96 -19.26
CA THR H 317 -14.24 43.22 -19.56
C THR H 317 -14.89 44.28 -18.69
N GLN H 318 -14.23 45.42 -18.51
CA GLN H 318 -14.75 46.46 -17.63
C GLN H 318 -16.10 46.95 -18.14
N GLN H 319 -16.23 47.08 -19.46
CA GLN H 319 -17.49 47.50 -20.07
C GLN H 319 -18.62 46.50 -19.80
N ARG H 320 -18.29 45.22 -19.90
CA ARG H 320 -19.26 44.16 -19.67
C ARG H 320 -19.78 44.15 -18.23
N ILE H 321 -18.87 44.38 -17.29
CA ILE H 321 -19.20 44.34 -15.87
C ILE H 321 -20.16 45.45 -15.47
N VAL H 322 -19.82 46.69 -15.81
CA VAL H 322 -20.65 47.84 -15.49
C VAL H 322 -22.01 47.74 -16.19
N SER H 323 -21.98 47.28 -17.43
CA SER H 323 -23.21 47.09 -18.21
C SER H 323 -24.13 46.10 -17.53
N ALA H 324 -23.57 44.99 -17.07
CA ALA H 324 -24.33 43.96 -16.39
C ALA H 324 -24.83 44.46 -15.03
N TYR H 325 -23.99 45.24 -14.36
CA TYR H 325 -24.31 45.76 -13.04
C TYR H 325 -25.53 46.66 -13.06
N GLU H 326 -25.63 47.49 -14.10
CA GLU H 326 -26.77 48.40 -14.24
C GLU H 326 -27.99 47.67 -14.78
N ALA H 327 -27.74 46.67 -15.62
CA ALA H 327 -28.83 45.87 -16.20
C ALA H 327 -29.45 44.96 -15.14
N SER H 328 -28.67 44.57 -14.15
CA SER H 328 -29.15 43.69 -13.09
C SER H 328 -30.03 44.43 -12.09
N MET H 329 -30.07 45.75 -12.21
CA MET H 329 -30.85 46.58 -11.31
C MET H 329 -32.35 46.32 -11.41
N VAL H 330 -32.76 45.66 -12.50
CA VAL H 330 -34.14 45.23 -12.68
C VAL H 330 -34.60 44.41 -11.49
N TYR H 331 -33.72 43.53 -11.01
CA TYR H 331 -34.01 42.66 -9.89
C TYR H 331 -33.78 43.36 -8.57
N SER H 332 -34.82 43.44 -7.75
CA SER H 332 -34.76 44.12 -6.45
C SER H 332 -33.70 43.52 -5.54
N ASN H 333 -33.93 42.28 -5.11
CA ASN H 333 -33.00 41.57 -4.25
C ASN H 333 -31.77 41.08 -5.03
N VAL H 334 -30.59 41.28 -4.46
CA VAL H 334 -29.34 40.90 -5.10
C VAL H 334 -29.23 39.38 -5.25
N GLY H 335 -29.82 38.66 -4.30
CA GLY H 335 -29.77 37.21 -4.29
C GLY H 335 -30.52 36.55 -5.44
N GLU H 336 -31.25 37.34 -6.21
CA GLU H 336 -31.98 36.84 -7.36
C GLU H 336 -31.04 36.55 -8.52
N LEU H 337 -29.81 37.05 -8.43
CA LEU H 337 -28.83 36.93 -9.51
C LEU H 337 -28.10 35.60 -9.49
N ILE H 338 -28.38 34.77 -8.49
CA ILE H 338 -27.69 33.48 -8.37
C ILE H 338 -28.43 32.38 -9.13
N GLU H 339 -29.68 32.64 -9.49
CA GLU H 339 -30.48 31.67 -10.22
C GLU H 339 -30.04 31.56 -11.67
N LYS H 340 -30.17 30.36 -12.24
CA LYS H 340 -29.67 30.08 -13.58
C LYS H 340 -30.29 30.95 -14.67
N ASN H 341 -31.63 30.99 -14.72
CA ASN H 341 -32.34 31.72 -15.75
C ASN H 341 -32.03 33.21 -15.75
N VAL H 342 -31.74 33.75 -14.57
CA VAL H 342 -31.38 35.16 -14.44
C VAL H 342 -29.99 35.40 -15.01
N MET H 343 -29.04 34.52 -14.66
CA MET H 343 -27.68 34.63 -15.17
C MET H 343 -27.63 34.52 -16.68
N GLU H 344 -28.35 33.54 -17.23
CA GLU H 344 -28.36 33.28 -18.66
C GLU H 344 -28.93 34.46 -19.45
N SER H 345 -29.97 35.08 -18.92
CA SER H 345 -30.61 36.20 -19.60
C SER H 345 -29.76 37.47 -19.54
N ILE H 346 -29.13 37.72 -18.40
CA ILE H 346 -28.26 38.87 -18.23
C ILE H 346 -27.09 38.83 -19.23
N GLY H 347 -26.47 37.67 -19.37
CA GLY H 347 -25.41 37.48 -20.32
C GLY H 347 -25.91 37.59 -21.75
N SER H 348 -27.10 37.04 -21.99
CA SER H 348 -27.71 37.08 -23.31
C SER H 348 -28.08 38.51 -23.70
N ASP H 349 -28.53 39.29 -22.72
CA ASP H 349 -28.90 40.68 -22.96
C ASP H 349 -27.68 41.54 -23.30
N ILE H 350 -26.52 41.17 -22.75
CA ILE H 350 -25.28 41.88 -23.04
C ILE H 350 -24.81 41.63 -24.46
N LEU H 351 -24.88 40.38 -24.89
CA LEU H 351 -24.47 40.01 -26.25
C LEU H 351 -25.36 40.68 -27.30
N THR H 352 -26.66 40.70 -27.05
CA THR H 352 -27.60 41.31 -27.97
C THR H 352 -27.49 42.84 -27.96
N ALA H 353 -27.12 43.40 -26.81
CA ALA H 353 -26.91 44.83 -26.69
C ALA H 353 -25.71 45.25 -27.54
N GLU H 354 -24.65 44.43 -27.50
CA GLU H 354 -23.47 44.69 -28.30
C GLU H 354 -23.73 44.44 -29.78
N LYS H 355 -24.76 43.64 -30.06
CA LYS H 355 -25.16 43.35 -31.44
C LYS H 355 -25.73 44.60 -32.11
N MET H 356 -26.75 45.18 -31.49
CA MET H 356 -27.45 46.32 -32.08
C MET H 356 -26.74 47.65 -31.86
N ARG H 357 -25.71 47.65 -31.03
CA ARG H 357 -24.90 48.84 -30.80
C ARG H 357 -23.70 48.83 -31.73
N GLY H 358 -23.27 47.63 -32.11
CA GLY H 358 -22.11 47.47 -32.99
C GLY H 358 -22.44 47.70 -34.45
N PHE I 8 -5.96 45.12 47.88
CA PHE I 8 -6.94 44.48 48.75
C PHE I 8 -8.29 44.35 48.05
N GLN I 9 -8.56 45.26 47.12
CA GLN I 9 -9.82 45.24 46.37
C GLN I 9 -9.94 43.97 45.54
N PHE I 10 -8.83 43.57 44.92
CA PHE I 10 -8.81 42.36 44.09
C PHE I 10 -8.41 41.13 44.90
N PRO I 11 -9.09 40.03 44.65
CA PRO I 11 -8.80 38.77 45.36
C PRO I 11 -7.33 38.38 45.23
N GLU I 12 -6.77 37.84 46.31
CA GLU I 12 -5.37 37.42 46.31
C GLU I 12 -5.15 36.24 45.34
N ILE I 13 -5.99 35.23 45.46
CA ILE I 13 -5.90 34.05 44.59
C ILE I 13 -7.07 33.95 43.64
N ALA I 14 -6.77 33.74 42.36
CA ALA I 14 -7.81 33.63 41.34
C ALA I 14 -7.72 32.32 40.54
N TYR I 15 -8.85 31.64 40.41
CA TYR I 15 -8.95 30.46 39.55
C TYR I 15 -9.13 30.94 38.11
N PRO I 16 -8.85 30.06 37.13
CA PRO I 16 -9.04 30.43 35.72
C PRO I 16 -10.49 30.82 35.41
N GLY I 17 -10.69 32.05 34.96
CA GLY I 17 -12.02 32.54 34.63
C GLY I 17 -12.58 33.50 35.66
N LYS I 18 -11.79 33.77 36.71
CA LYS I 18 -12.22 34.68 37.76
C LYS I 18 -11.83 36.12 37.45
N LEU I 19 -12.79 37.03 37.57
CA LEU I 19 -12.55 38.44 37.32
C LEU I 19 -11.69 39.05 38.44
N ILE I 20 -10.66 39.78 38.03
CA ILE I 20 -9.75 40.40 39.00
C ILE I 20 -9.98 41.90 39.09
N CYS I 21 -9.69 42.61 38.01
CA CYS I 21 -9.81 44.06 37.98
C CYS I 21 -10.16 44.56 36.58
N PRO I 22 -10.90 45.67 36.50
CA PRO I 22 -11.30 46.27 35.22
C PRO I 22 -10.11 46.76 34.40
N GLN I 23 -10.38 47.37 33.26
CA GLN I 23 -9.34 47.86 32.37
C GLN I 23 -8.52 48.98 33.02
N TYR I 24 -9.21 50.07 33.37
CA TYR I 24 -8.54 51.20 34.00
C TYR I 24 -9.03 51.43 35.42
N GLY I 25 -8.22 52.12 36.21
CA GLY I 25 -8.57 52.41 37.59
C GLY I 25 -8.02 53.75 38.06
N THR I 26 -8.61 54.29 39.11
CA THR I 26 -8.18 55.57 39.67
C THR I 26 -8.57 55.72 41.14
N GLU I 27 -7.85 56.59 41.85
CA GLU I 27 -8.13 56.85 43.26
C GLU I 27 -7.91 58.32 43.60
N ASN I 28 -8.38 58.73 44.77
CA ASN I 28 -8.25 60.12 45.20
C ASN I 28 -7.32 60.26 46.40
N LYS I 29 -6.19 60.94 46.19
CA LYS I 29 -5.21 61.15 47.26
C LYS I 29 -4.43 62.44 47.05
N ASP I 30 -4.16 63.15 48.15
CA ASP I 30 -3.40 64.39 48.13
C ASP I 30 -4.04 65.47 47.26
N GLY I 31 -5.36 65.43 47.15
CA GLY I 31 -6.09 66.41 46.37
C GLY I 31 -5.81 66.32 44.88
N GLU I 32 -5.49 65.12 44.42
CA GLU I 32 -5.22 64.89 43.00
C GLU I 32 -5.53 63.46 42.60
N ASP I 33 -6.03 63.29 41.38
CA ASP I 33 -6.42 61.96 40.89
C ASP I 33 -5.21 61.18 40.38
N ILE I 34 -4.96 60.03 40.99
CA ILE I 34 -3.89 59.14 40.57
C ILE I 34 -4.44 58.03 39.69
N ILE I 35 -3.93 57.91 38.47
CA ILE I 35 -4.44 56.92 37.52
C ILE I 35 -3.65 55.61 37.54
N PHE I 36 -4.31 54.55 37.96
CA PHE I 36 -3.70 53.22 37.95
C PHE I 36 -4.02 52.50 36.64
N ASN I 37 -2.99 52.19 35.86
CA ASN I 37 -3.17 51.51 34.59
C ASN I 37 -2.91 50.00 34.69
N TYR I 38 -3.98 49.21 34.60
CA TYR I 38 -3.88 47.76 34.72
C TYR I 38 -3.52 47.12 33.39
N VAL I 39 -2.42 46.38 33.37
CA VAL I 39 -1.97 45.68 32.17
C VAL I 39 -1.86 44.17 32.42
N PRO I 40 -2.31 43.37 31.44
CA PRO I 40 -2.25 41.90 31.54
C PRO I 40 -0.84 41.38 31.70
N GLY I 41 -0.69 40.20 32.29
CA GLY I 41 0.61 39.58 32.46
C GLY I 41 0.53 38.06 32.35
N PRO I 42 1.63 37.38 32.68
CA PRO I 42 1.67 35.91 32.69
C PRO I 42 0.63 35.33 33.64
N GLY I 43 -0.37 34.66 33.10
CA GLY I 43 -1.42 34.07 33.90
C GLY I 43 -2.73 34.84 33.79
N THR I 44 -2.66 35.99 33.14
CA THR I 44 -3.85 36.82 32.94
C THR I 44 -4.11 37.05 31.46
N LYS I 45 -5.37 37.36 31.14
CA LYS I 45 -5.77 37.60 29.75
C LYS I 45 -6.90 38.62 29.69
N LEU I 46 -6.66 39.72 28.99
CA LEU I 46 -7.66 40.76 28.83
C LEU I 46 -8.72 40.31 27.83
N ILE I 47 -9.94 40.11 28.31
CA ILE I 47 -11.03 39.67 27.45
C ILE I 47 -12.24 40.60 27.55
N GLN I 48 -13.27 40.30 26.78
CA GLN I 48 -14.45 41.17 26.70
C GLN I 48 -15.71 40.51 27.25
N TYR I 49 -16.35 41.19 28.19
CA TYR I 49 -17.61 40.73 28.78
C TYR I 49 -18.69 41.79 28.69
N GLU I 50 -19.90 41.41 28.27
CA GLU I 50 -21.01 42.35 28.14
C GLU I 50 -22.23 42.00 28.99
N HIS I 51 -22.71 42.97 29.75
CA HIS I 51 -23.87 42.78 30.59
C HIS I 51 -24.96 43.76 30.24
N ASN I 52 -26.18 43.26 30.05
CA ASN I 52 -27.31 44.11 29.75
C ASN I 52 -27.08 44.96 28.50
N GLY I 53 -26.46 44.36 27.49
CA GLY I 53 -26.20 45.06 26.24
C GLY I 53 -25.05 46.04 26.34
N ARG I 54 -24.26 45.92 27.40
CA ARG I 54 -23.13 46.81 27.62
C ARG I 54 -21.80 46.06 27.51
N THR I 55 -20.89 46.62 26.71
CA THR I 55 -19.60 45.99 26.47
C THR I 55 -18.63 46.35 27.60
N LEU I 56 -17.70 45.45 27.90
CA LEU I 56 -16.83 45.68 29.06
C LEU I 56 -15.54 44.86 28.92
N GLU I 57 -14.42 45.49 29.21
CA GLU I 57 -13.13 44.82 29.19
C GLU I 57 -12.51 44.77 30.59
N ALA I 58 -12.12 43.57 31.01
CA ALA I 58 -11.55 43.39 32.34
C ALA I 58 -10.48 42.30 32.35
N ILE I 59 -9.51 42.46 33.25
CA ILE I 59 -8.43 41.48 33.39
C ILE I 59 -8.94 40.20 34.03
N THR I 60 -8.78 39.08 33.34
CA THR I 60 -9.23 37.78 33.84
C THR I 60 -8.08 36.80 33.93
N ALA I 61 -7.92 36.19 35.10
CA ALA I 61 -6.87 35.19 35.30
C ALA I 61 -7.16 33.94 34.48
N THR I 62 -6.10 33.32 33.96
CA THR I 62 -6.24 32.12 33.15
C THR I 62 -5.56 30.92 33.82
N LEU I 63 -4.92 31.17 34.96
CA LEU I 63 -4.22 30.12 35.68
C LEU I 63 -4.54 30.20 37.17
N VAL I 64 -4.69 29.04 37.80
CA VAL I 64 -5.02 28.98 39.23
C VAL I 64 -3.80 29.30 40.11
N GLY I 65 -3.83 30.47 40.73
CA GLY I 65 -2.69 30.96 41.49
C GLY I 65 -3.00 32.14 42.40
N THR I 66 -2.07 32.43 43.30
CA THR I 66 -2.11 33.68 44.06
C THR I 66 -1.81 34.83 43.11
N VAL I 67 -2.38 36.00 43.38
CA VAL I 67 -2.22 37.14 42.48
C VAL I 67 -1.28 38.20 43.04
N ARG I 68 -0.28 38.58 42.25
CA ARG I 68 0.71 39.57 42.66
C ARG I 68 0.77 40.78 41.72
N CYS I 69 0.76 41.97 42.31
CA CYS I 69 0.88 43.21 41.56
C CYS I 69 2.23 43.89 41.81
N GLU I 70 2.74 44.59 40.81
CA GLU I 70 4.01 45.29 40.94
C GLU I 70 4.10 46.49 40.00
N GLU I 71 4.53 47.63 40.54
CA GLU I 71 4.65 48.85 39.75
C GLU I 71 5.90 48.81 38.88
N GLU I 72 5.75 49.13 37.60
CA GLU I 72 6.86 49.10 36.67
C GLU I 72 6.74 50.19 35.61
N LYS I 73 7.84 50.90 35.35
CA LYS I 73 7.86 51.94 34.34
C LYS I 73 9.22 51.99 33.65
N ARG I 103 2.58 68.76 39.43
CA ARG I 103 1.50 68.72 38.46
C ARG I 103 0.59 67.51 38.69
N ARG I 104 0.55 66.61 37.72
CA ARG I 104 -0.27 65.41 37.82
C ARG I 104 0.59 64.15 37.81
N THR I 105 0.34 63.26 38.76
CA THR I 105 1.08 62.02 38.85
C THR I 105 0.74 61.08 37.71
N VAL I 106 1.46 59.96 37.63
CA VAL I 106 1.23 58.95 36.54
C VAL I 106 1.71 57.55 37.05
N LYS I 107 0.95 56.47 36.87
CA LYS I 107 1.33 55.12 37.43
C LYS I 107 1.11 53.91 36.45
N ASN I 108 1.80 52.77 36.67
CA ASN I 108 1.62 51.53 35.92
C ASN I 108 1.77 50.28 36.79
N ILE I 109 0.70 49.50 36.90
CA ILE I 109 0.71 48.30 37.73
C ILE I 109 0.64 47.03 36.88
N LEU I 110 1.48 46.06 37.20
CA LEU I 110 1.50 44.80 36.47
C LEU I 110 0.75 43.71 37.23
N VAL I 111 -0.37 43.27 36.66
CA VAL I 111 -1.19 42.23 37.28
C VAL I 111 -0.88 40.86 36.70
N SER I 112 -0.50 39.92 37.55
CA SER I 112 -0.14 38.58 37.12
C SER I 112 -0.65 37.52 38.09
N VAL I 113 -0.62 36.26 37.66
CA VAL I 113 -1.05 35.14 38.52
C VAL I 113 0.03 34.07 38.59
N LEU I 114 0.48 33.78 39.81
CA LEU I 114 1.52 32.77 40.02
C LEU I 114 0.95 31.52 40.68
N PRO I 115 1.27 30.34 40.12
CA PRO I 115 0.78 29.05 40.62
C PRO I 115 1.19 28.79 42.06
N GLY I 116 0.21 28.58 42.94
CA GLY I 116 0.46 28.31 44.34
C GLY I 116 -0.61 28.88 45.25
N ALA I 127 8.94 17.79 43.17
CA ALA I 127 8.10 18.80 42.54
C ALA I 127 8.03 18.60 41.03
N ASN I 128 7.01 19.19 40.41
CA ASN I 128 6.85 19.14 38.96
C ASN I 128 6.97 20.55 38.41
N ASN I 129 7.75 20.74 37.35
CA ASN I 129 7.81 22.04 36.68
C ASN I 129 7.45 22.00 35.19
N ASP I 130 6.53 22.88 34.75
CA ASP I 130 6.17 22.97 33.33
C ASP I 130 6.73 24.16 32.52
N PHE I 131 6.55 25.39 33.02
CA PHE I 131 7.17 26.60 32.46
C PHE I 131 6.97 26.96 30.96
N ALA I 132 5.75 26.86 30.43
CA ALA I 132 5.52 27.14 28.99
C ALA I 132 5.79 28.59 28.49
N ASN I 133 5.33 29.58 29.24
CA ASN I 133 5.61 31.00 29.00
C ASN I 133 7.05 31.21 28.55
N ASN I 134 7.96 30.40 29.09
CA ASN I 134 9.37 30.48 28.72
C ASN I 134 9.63 29.99 27.29
N LEU I 135 10.17 30.88 26.47
CA LEU I 135 10.44 30.57 25.07
C LEU I 135 11.65 31.37 24.62
N PRO I 136 12.56 30.72 23.89
CA PRO I 136 13.79 31.33 23.35
C PRO I 136 13.53 32.65 22.64
N LYS I 137 14.08 33.74 23.18
CA LYS I 137 13.94 35.07 22.59
C LYS I 137 15.32 35.71 22.46
N GLU I 138 15.45 36.63 21.50
CA GLU I 138 16.73 37.29 21.22
C GLU I 138 17.40 37.89 22.46
N GLY I 139 18.57 37.36 22.80
CA GLY I 139 19.33 37.85 23.93
C GLY I 139 19.46 36.84 25.05
N ASP I 140 18.58 35.84 25.03
CA ASP I 140 18.57 34.82 26.08
C ASP I 140 19.72 33.83 25.92
N ILE I 141 20.11 33.21 27.02
CA ILE I 141 21.16 32.19 27.00
C ILE I 141 20.52 30.81 27.06
N VAL I 142 20.98 29.90 26.19
CA VAL I 142 20.37 28.59 26.06
C VAL I 142 21.39 27.45 26.02
N LEU I 143 21.16 26.43 26.84
CA LEU I 143 21.98 25.22 26.81
C LEU I 143 21.48 24.27 25.72
N THR I 144 22.39 23.89 24.82
CA THR I 144 22.02 23.03 23.70
C THR I 144 22.94 21.82 23.58
N ARG I 145 22.50 20.84 22.77
CA ARG I 145 23.27 19.64 22.53
C ARG I 145 23.45 19.40 21.02
N VAL I 146 24.69 19.15 20.62
CA VAL I 146 25.03 18.98 19.21
C VAL I 146 24.42 17.71 18.61
N THR I 147 23.60 17.88 17.59
CA THR I 147 22.93 16.76 16.94
C THR I 147 23.70 16.29 15.70
N ARG I 148 24.26 17.23 14.96
CA ARG I 148 25.00 16.91 13.74
C ARG I 148 25.98 18.01 13.38
N LEU I 149 27.07 17.64 12.70
CA LEU I 149 28.07 18.60 12.28
C LEU I 149 28.20 18.67 10.76
N SER I 150 28.10 19.89 10.23
CA SER I 150 28.36 20.14 8.82
C SER I 150 29.59 21.02 8.70
N LEU I 151 29.95 21.39 7.47
CA LEU I 151 31.18 22.13 7.24
C LEU I 151 31.03 23.64 7.48
N GLN I 152 29.92 24.21 7.04
CA GLN I 152 29.72 25.65 7.12
C GLN I 152 28.89 26.08 8.33
N ARG I 153 28.36 25.11 9.06
CA ARG I 153 27.55 25.39 10.23
C ARG I 153 27.44 24.19 11.18
N ALA I 154 26.73 24.37 12.28
CA ALA I 154 26.55 23.30 13.26
C ALA I 154 25.18 23.39 13.92
N ASN I 155 24.31 22.44 13.59
CA ASN I 155 22.95 22.44 14.13
C ASN I 155 22.82 21.66 15.44
N VAL I 156 21.99 22.17 16.34
CA VAL I 156 21.81 21.57 17.66
C VAL I 156 20.33 21.43 18.00
N GLU I 157 20.04 21.15 19.27
CA GLU I 157 18.67 21.15 19.76
C GLU I 157 18.61 21.80 21.14
N ILE I 158 17.58 22.62 21.34
CA ILE I 158 17.43 23.39 22.58
C ILE I 158 16.90 22.52 23.72
N LEU I 159 17.63 22.52 24.84
CA LEU I 159 17.23 21.74 26.01
C LEU I 159 16.68 22.62 27.13
N ALA I 160 17.49 23.57 27.57
CA ALA I 160 17.09 24.46 28.66
C ALA I 160 17.43 25.92 28.35
N VAL I 161 16.74 26.84 29.02
CA VAL I 161 16.98 28.26 28.82
C VAL I 161 17.26 28.97 30.15
N GLU I 162 18.33 29.75 30.18
CA GLU I 162 18.72 30.47 31.38
C GLU I 162 17.74 31.61 31.72
N ASP I 163 17.38 31.71 32.99
CA ASP I 163 16.44 32.72 33.45
C ASP I 163 17.13 34.05 33.71
N LYS I 164 16.41 34.98 34.33
CA LYS I 164 16.94 36.31 34.62
C LYS I 164 16.96 36.57 36.13
N PRO I 165 18.01 37.24 36.62
CA PRO I 165 18.15 37.57 38.04
C PRO I 165 17.18 38.67 38.47
N ALA I 189 22.89 30.16 39.40
CA ALA I 189 21.90 30.56 38.41
C ALA I 189 20.82 29.50 38.27
N THR I 190 19.63 29.93 37.82
CA THR I 190 18.51 29.02 37.62
C THR I 190 18.19 28.86 36.14
N PHE I 191 17.62 27.72 35.78
CA PHE I 191 17.30 27.42 34.38
C PHE I 191 15.88 26.91 34.20
N SER I 192 15.37 27.01 32.98
CA SER I 192 14.05 26.48 32.65
C SER I 192 14.17 25.32 31.66
N VAL I 193 13.96 24.11 32.16
CA VAL I 193 14.11 22.91 31.33
C VAL I 193 12.90 22.68 30.43
N SER I 194 13.15 22.63 29.12
CA SER I 194 12.09 22.31 28.15
C SER I 194 11.97 20.81 27.96
N GLN I 195 10.88 20.24 28.46
CA GLN I 195 10.65 18.80 28.39
C GLN I 195 10.06 18.39 27.04
N ALA I 196 10.79 17.55 26.31
CA ALA I 196 10.34 17.06 25.02
C ALA I 196 11.00 15.73 24.66
N SER I 197 10.42 15.03 23.68
CA SER I 197 10.97 13.75 23.23
C SER I 197 12.11 13.97 22.24
N SER I 198 13.28 13.43 22.56
CA SER I 198 14.46 13.61 21.73
C SER I 198 14.54 12.57 20.62
N ASP I 199 13.70 11.55 20.71
CA ASP I 199 13.67 10.48 19.70
C ASP I 199 12.57 10.69 18.67
N LEU I 200 11.93 11.86 18.71
CA LEU I 200 10.89 12.20 17.75
C LEU I 200 11.32 13.35 16.85
N GLY I 201 11.73 14.45 17.46
CA GLY I 201 12.11 15.65 16.72
C GLY I 201 11.24 16.82 17.09
N GLU I 202 10.40 16.62 18.12
CA GLU I 202 9.50 17.66 18.59
C GLU I 202 10.25 18.73 19.36
N THR I 203 11.48 18.40 19.75
CA THR I 203 12.37 19.32 20.44
C THR I 203 12.80 20.44 19.50
N PHE I 204 12.87 21.65 20.03
CA PHE I 204 13.29 22.81 19.26
C PHE I 204 14.71 22.65 18.71
N ARG I 205 14.87 22.88 17.41
CA ARG I 205 16.18 22.76 16.77
C ARG I 205 16.79 24.14 16.53
N GLY I 206 18.12 24.22 16.64
CA GLY I 206 18.82 25.47 16.43
C GLY I 206 20.10 25.28 15.62
N ILE I 207 20.53 26.32 14.94
CA ILE I 207 21.72 26.24 14.10
C ILE I 207 22.76 27.31 14.46
N ILE I 208 23.98 26.86 14.76
CA ILE I 208 25.08 27.78 15.05
C ILE I 208 25.97 27.96 13.82
N ARG I 209 25.99 29.18 13.29
CA ARG I 209 26.77 29.49 12.09
C ARG I 209 28.27 29.43 12.38
N SER I 210 29.07 29.24 11.34
CA SER I 210 30.51 29.17 11.49
C SER I 210 31.11 30.54 11.82
N GLN I 211 30.40 31.59 11.45
CA GLN I 211 30.85 32.95 11.73
C GLN I 211 30.47 33.36 13.15
N ASP I 212 29.58 32.59 13.76
CA ASP I 212 29.11 32.89 15.12
C ASP I 212 29.81 32.03 16.17
N VAL I 213 30.85 31.33 15.76
CA VAL I 213 31.60 30.46 16.67
C VAL I 213 32.44 31.28 17.66
N ARG I 214 33.24 32.20 17.12
CA ARG I 214 34.09 33.03 17.95
C ARG I 214 34.39 34.36 17.26
N SER I 215 34.58 35.41 18.05
CA SER I 215 34.89 36.73 17.53
C SER I 215 36.27 36.77 16.88
N THR I 216 37.16 35.91 17.37
CA THR I 216 38.52 35.81 16.83
C THR I 216 38.51 35.08 15.49
N ASP I 217 38.94 35.78 14.44
CA ASP I 217 38.98 35.23 13.08
C ASP I 217 37.62 34.69 12.65
N ARG I 218 36.70 35.60 12.33
CA ARG I 218 35.33 35.22 11.99
C ARG I 218 35.24 34.52 10.64
N ASP I 219 36.18 34.82 9.75
CA ASP I 219 36.16 34.25 8.40
C ASP I 219 36.44 32.75 8.38
N ARG I 220 37.67 32.38 8.73
CA ARG I 220 38.07 30.98 8.68
C ARG I 220 37.97 30.31 10.06
N VAL I 221 37.02 29.39 10.19
CA VAL I 221 36.82 28.64 11.42
C VAL I 221 36.58 27.16 11.13
N LYS I 222 37.44 26.30 11.69
CA LYS I 222 37.28 24.86 11.53
C LYS I 222 36.26 24.32 12.52
N VAL I 223 35.11 23.92 12.01
CA VAL I 223 33.99 23.47 12.84
C VAL I 223 34.26 22.15 13.56
N ILE I 224 35.15 21.34 12.99
CA ILE I 224 35.49 20.05 13.57
C ILE I 224 36.28 20.25 14.86
N GLU I 225 37.09 21.31 14.90
CA GLU I 225 37.95 21.59 16.04
C GLU I 225 37.25 22.49 17.06
N CYS I 226 35.96 22.73 16.87
CA CYS I 226 35.21 23.59 17.78
C CYS I 226 34.17 22.81 18.57
N PHE I 227 33.26 22.14 17.86
CA PHE I 227 32.21 21.37 18.49
C PHE I 227 32.36 19.89 18.19
N LYS I 228 31.45 19.08 18.71
CA LYS I 228 31.49 17.63 18.56
C LYS I 228 30.12 17.05 18.89
N PRO I 229 29.69 16.04 18.12
CA PRO I 229 28.38 15.40 18.32
C PRO I 229 28.20 14.87 19.74
N GLY I 230 27.24 15.44 20.46
CA GLY I 230 26.95 15.01 21.82
C GLY I 230 27.40 15.99 22.88
N ASP I 231 28.32 16.89 22.49
CA ASP I 231 28.84 17.88 23.41
C ASP I 231 27.79 18.94 23.74
N ILE I 232 27.79 19.37 25.00
CA ILE I 232 26.84 20.39 25.46
C ILE I 232 27.42 21.78 25.24
N VAL I 233 26.65 22.64 24.58
CA VAL I 233 27.11 23.98 24.24
C VAL I 233 26.20 25.08 24.81
N ARG I 234 26.79 25.99 25.57
CA ARG I 234 26.06 27.14 26.09
C ARG I 234 26.19 28.31 25.13
N ALA I 235 25.06 28.77 24.60
CA ALA I 235 25.07 29.84 23.60
C ALA I 235 23.98 30.88 23.85
N GLN I 236 24.00 31.94 23.04
CA GLN I 236 23.02 33.01 23.13
C GLN I 236 22.34 33.21 21.77
N VAL I 237 21.01 33.28 21.75
CA VAL I 237 20.31 33.33 20.47
C VAL I 237 20.18 34.75 19.92
N LEU I 238 20.86 34.99 18.81
CA LEU I 238 20.82 36.29 18.14
C LEU I 238 19.43 36.62 17.58
N SER I 239 18.78 35.61 17.00
CA SER I 239 17.48 35.81 16.36
C SER I 239 16.72 34.49 16.25
N LEU I 240 15.41 34.59 16.04
CA LEU I 240 14.57 33.42 15.86
C LEU I 240 14.93 32.61 14.62
N GLY I 241 15.24 33.30 13.52
CA GLY I 241 15.47 32.65 12.25
C GLY I 241 14.18 32.13 11.66
N ASP I 242 14.25 30.97 11.01
CA ASP I 242 13.05 30.32 10.48
C ASP I 242 12.51 29.31 11.48
N GLY I 243 11.49 28.57 11.09
CA GLY I 243 10.88 27.58 11.96
C GLY I 243 11.80 26.42 12.25
N THR I 244 12.78 26.20 11.37
CA THR I 244 13.71 25.09 11.51
C THR I 244 14.83 25.39 12.49
N ASN I 245 15.62 26.42 12.20
CA ASN I 245 16.81 26.72 12.99
C ASN I 245 16.82 28.10 13.65
N TYR I 246 17.13 28.10 14.94
CA TYR I 246 17.43 29.31 15.70
C TYR I 246 18.87 29.74 15.39
N TYR I 247 19.18 31.01 15.67
CA TYR I 247 20.54 31.50 15.45
C TYR I 247 21.31 31.53 16.76
N LEU I 248 22.45 30.87 16.79
CA LEU I 248 23.25 30.74 18.01
C LEU I 248 24.67 31.25 17.86
N THR I 249 25.12 32.05 18.82
CA THR I 249 26.49 32.55 18.87
C THR I 249 27.24 32.22 20.16
N THR I 250 28.47 31.73 20.02
CA THR I 250 29.34 31.46 21.16
C THR I 250 30.56 32.39 21.13
N ALA I 251 30.32 33.62 20.67
CA ALA I 251 31.38 34.59 20.44
C ALA I 251 32.04 35.05 21.74
N ARG I 252 31.24 35.27 22.77
CA ARG I 252 31.76 35.80 24.03
C ARG I 252 32.49 34.73 24.85
N ASN I 253 33.03 35.14 25.99
CA ASN I 253 33.87 34.25 26.80
C ASN I 253 33.07 33.21 27.60
N ASP I 254 31.90 33.60 28.08
CA ASP I 254 31.09 32.71 28.92
C ASP I 254 30.29 31.71 28.11
N LEU I 255 30.53 31.67 26.80
CA LEU I 255 29.81 30.75 25.92
C LEU I 255 30.77 29.78 25.23
N GLY I 256 30.30 28.55 25.02
CA GLY I 256 31.10 27.51 24.41
C GLY I 256 30.71 26.13 24.91
N VAL I 257 31.53 25.13 24.59
CA VAL I 257 31.27 23.77 25.06
C VAL I 257 31.47 23.67 26.57
N VAL I 258 30.42 23.23 27.26
CA VAL I 258 30.48 23.12 28.71
C VAL I 258 30.83 21.70 29.14
N PHE I 259 29.91 20.77 28.88
CA PHE I 259 30.14 19.37 29.23
C PHE I 259 30.41 18.52 27.99
N ALA I 260 31.46 17.72 28.07
CA ALA I 260 31.84 16.86 26.94
C ALA I 260 32.65 15.67 27.43
N ARG I 261 32.69 14.62 26.62
CA ARG I 261 33.49 13.44 26.92
C ARG I 261 34.45 13.12 25.78
N ALA I 262 35.44 12.30 26.06
CA ALA I 262 36.43 11.92 25.05
C ALA I 262 35.83 10.96 24.03
N ALA I 263 36.25 11.12 22.78
CA ALA I 263 35.82 10.26 21.68
C ALA I 263 34.31 10.19 21.52
N ASN I 264 33.70 11.36 21.33
CA ASN I 264 32.26 11.47 21.11
C ASN I 264 31.41 10.86 22.23
N GLY I 265 32.00 10.77 23.42
CA GLY I 265 31.27 10.25 24.58
C GLY I 265 31.68 8.84 24.98
N ALA I 266 32.61 8.26 24.23
CA ALA I 266 33.07 6.90 24.51
C ALA I 266 34.07 6.86 25.66
N GLY I 267 34.88 7.92 25.76
CA GLY I 267 35.90 7.99 26.79
C GLY I 267 35.38 8.54 28.11
N GLY I 268 36.27 9.12 28.89
CA GLY I 268 35.90 9.69 30.18
C GLY I 268 35.51 11.15 30.08
N LEU I 269 35.09 11.72 31.21
CA LEU I 269 34.66 13.11 31.24
C LEU I 269 35.84 14.06 31.00
N MET I 270 35.56 15.18 30.36
CA MET I 270 36.59 16.18 30.11
C MET I 270 36.18 17.52 30.70
N TYR I 271 37.16 18.31 31.12
CA TYR I 271 36.90 19.61 31.71
C TYR I 271 37.52 20.74 30.89
N ALA I 272 37.02 21.94 31.08
CA ALA I 272 37.48 23.10 30.32
C ALA I 272 38.62 23.83 31.03
N THR I 273 39.75 23.95 30.35
CA THR I 273 40.90 24.69 30.87
C THR I 273 41.10 25.97 30.08
N ASP I 274 41.70 25.84 28.90
CA ASP I 274 41.88 26.98 27.99
C ASP I 274 40.59 27.19 27.19
N TRP I 275 40.44 28.39 26.63
CA TRP I 275 39.24 28.71 25.87
C TRP I 275 39.13 27.88 24.58
N GLN I 276 40.27 27.49 24.03
CA GLN I 276 40.29 26.71 22.80
C GLN I 276 40.84 25.30 23.01
N MET I 277 40.94 24.88 24.27
CA MET I 277 41.46 23.56 24.59
C MET I 277 40.70 22.92 25.74
N MET I 278 40.31 21.66 25.56
CA MET I 278 39.62 20.91 26.60
C MET I 278 40.38 19.63 26.91
N THR I 279 40.72 19.46 28.20
CA THR I 279 41.50 18.30 28.62
C THR I 279 40.71 17.39 29.55
N SER I 280 41.21 16.18 29.75
CA SER I 280 40.57 15.21 30.63
C SER I 280 41.55 14.70 31.68
N PRO I 281 41.33 15.09 32.95
CA PRO I 281 42.21 14.71 34.06
C PRO I 281 41.92 13.30 34.57
N VAL I 282 41.78 12.35 33.64
CA VAL I 282 41.53 10.97 34.01
C VAL I 282 42.34 10.00 33.13
N THR I 283 42.21 10.15 31.82
CA THR I 283 42.95 9.32 30.89
C THR I 283 44.09 10.12 30.24
N GLY I 284 44.13 11.42 30.54
CA GLY I 284 45.15 12.29 30.02
C GLY I 284 44.90 12.68 28.58
N ALA I 285 43.67 12.47 28.11
CA ALA I 285 43.31 12.80 26.73
C ALA I 285 42.98 14.28 26.58
N THR I 286 43.37 14.85 25.45
CA THR I 286 43.11 16.26 25.16
C THR I 286 42.50 16.43 23.78
N GLU I 287 41.31 17.00 23.73
CA GLU I 287 40.61 17.25 22.47
C GLU I 287 40.35 18.74 22.29
N LYS I 288 40.45 19.20 21.05
CA LYS I 288 40.26 20.61 20.74
C LYS I 288 38.79 20.97 20.67
N ARG I 289 38.35 21.84 21.57
CA ARG I 289 36.96 22.29 21.59
C ARG I 289 36.88 23.81 21.73
N LYS I 290 35.67 24.34 21.78
CA LYS I 290 35.44 25.74 22.11
C LYS I 290 34.87 25.83 23.52
N CYS I 291 35.73 26.15 24.48
CA CYS I 291 35.34 26.15 25.88
C CYS I 291 34.94 27.53 26.40
N ALA I 292 34.09 27.55 27.42
CA ALA I 292 33.62 28.80 28.00
C ALA I 292 34.37 29.11 29.31
N LYS I 293 33.93 30.16 29.98
CA LYS I 293 34.56 30.57 31.25
C LYS I 293 33.57 30.48 32.41
N PRO I 294 33.99 29.84 33.49
CA PRO I 294 33.14 29.67 34.67
C PRO I 294 32.60 31.00 35.16
N ARG J 12 -37.77 0.04 -18.78
CA ARG J 12 -38.04 0.64 -20.08
C ARG J 12 -37.41 -0.17 -21.20
N ARG J 13 -37.51 0.34 -22.43
CA ARG J 13 -36.92 -0.31 -23.59
C ARG J 13 -36.23 0.72 -24.48
N LYS J 14 -34.96 0.47 -24.77
CA LYS J 14 -34.18 1.41 -25.59
C LYS J 14 -33.97 0.90 -27.01
N ARG J 15 -34.11 1.79 -27.98
CA ARG J 15 -33.87 1.46 -29.38
C ARG J 15 -32.46 1.88 -29.77
N LEU J 16 -31.73 0.97 -30.41
CA LEU J 16 -30.36 1.24 -30.82
C LEU J 16 -30.26 1.54 -32.31
N ALA J 17 -29.04 1.77 -32.79
CA ALA J 17 -28.81 2.19 -34.17
C ALA J 17 -29.07 1.08 -35.19
N ASP J 18 -28.76 -0.16 -34.81
CA ASP J 18 -28.88 -1.29 -35.73
C ASP J 18 -30.33 -1.75 -35.88
N GLY J 19 -31.25 -1.04 -35.22
CA GLY J 19 -32.63 -1.47 -35.16
C GLY J 19 -32.76 -2.49 -34.05
N LEU J 20 -31.71 -2.60 -33.26
CA LEU J 20 -31.67 -3.52 -32.14
C LEU J 20 -32.28 -2.84 -30.92
N SER J 21 -32.92 -3.63 -30.06
CA SER J 21 -33.48 -3.09 -28.84
C SER J 21 -32.83 -3.75 -27.63
N VAL J 22 -33.04 -3.18 -26.45
CA VAL J 22 -32.47 -3.74 -25.23
C VAL J 22 -33.37 -3.48 -24.02
N THR J 23 -33.63 -4.52 -23.25
CA THR J 23 -34.42 -4.41 -22.03
C THR J 23 -33.73 -5.11 -20.86
N GLN J 24 -34.40 -5.15 -19.72
CA GLN J 24 -33.79 -5.67 -18.51
C GLN J 24 -34.48 -6.93 -18.00
N LYS J 25 -33.76 -8.05 -17.99
CA LYS J 25 -34.34 -9.29 -17.51
C LYS J 25 -34.08 -9.40 -16.02
N VAL J 26 -35.15 -9.41 -15.23
CA VAL J 26 -35.02 -9.48 -13.79
C VAL J 26 -35.66 -10.76 -13.26
N PHE J 27 -34.87 -11.53 -12.51
CA PHE J 27 -35.35 -12.77 -11.93
C PHE J 27 -34.92 -12.86 -10.47
N VAL J 28 -35.67 -13.63 -9.67
CA VAL J 28 -35.36 -13.78 -8.27
C VAL J 28 -34.79 -15.17 -8.00
N ARG J 29 -33.63 -15.20 -7.33
CA ARG J 29 -32.94 -16.45 -7.06
C ARG J 29 -32.89 -16.76 -5.58
N SER J 30 -33.30 -17.98 -5.22
CA SER J 30 -33.29 -18.43 -3.84
C SER J 30 -32.29 -19.56 -3.67
N ARG J 31 -31.29 -19.34 -2.84
CA ARG J 31 -30.26 -20.36 -2.61
C ARG J 31 -29.85 -20.40 -1.14
N ASN J 32 -29.99 -21.56 -0.53
CA ASN J 32 -29.62 -21.78 0.88
C ASN J 32 -30.33 -20.81 1.80
N GLY J 33 -31.61 -20.55 1.52
CA GLY J 33 -32.39 -19.62 2.33
C GLY J 33 -32.06 -18.18 2.06
N GLY J 34 -31.26 -17.95 1.01
CA GLY J 34 -30.86 -16.61 0.63
C GLY J 34 -31.70 -16.03 -0.50
N ALA J 35 -31.66 -14.71 -0.65
CA ALA J 35 -32.41 -14.04 -1.70
C ALA J 35 -31.53 -13.07 -2.47
N THR J 36 -31.23 -13.41 -3.72
CA THR J 36 -30.37 -12.58 -4.56
C THR J 36 -31.10 -12.14 -5.82
N LYS J 37 -31.09 -10.84 -6.08
CA LYS J 37 -31.70 -10.29 -7.29
C LYS J 37 -30.74 -10.39 -8.47
N ILE J 38 -31.03 -11.18 -9.49
CA ILE J 38 -30.13 -11.27 -10.63
C ILE J 38 -30.75 -10.68 -11.90
N VAL J 39 -30.05 -9.73 -12.51
CA VAL J 39 -30.50 -9.10 -13.76
C VAL J 39 -29.43 -9.16 -14.86
N ARG J 40 -29.84 -9.61 -16.04
CA ARG J 40 -28.97 -9.60 -17.21
C ARG J 40 -29.66 -8.88 -18.35
N GLU J 41 -28.96 -7.97 -19.04
CA GLU J 41 -29.59 -7.22 -20.11
C GLU J 41 -30.14 -8.17 -21.18
N HIS J 42 -31.26 -7.78 -21.77
CA HIS J 42 -31.96 -8.63 -22.72
C HIS J 42 -32.15 -7.91 -24.05
N TYR J 43 -31.40 -8.33 -25.06
CA TYR J 43 -31.44 -7.68 -26.36
C TYR J 43 -32.54 -8.24 -27.26
N LEU J 44 -33.31 -7.33 -27.87
CA LEU J 44 -34.40 -7.72 -28.75
C LEU J 44 -34.00 -7.49 -30.21
N ARG J 45 -33.77 -8.62 -30.89
CA ARG J 45 -33.37 -8.70 -32.31
C ARG J 45 -34.53 -8.61 -33.31
N SER J 46 -34.19 -8.42 -34.59
CA SER J 46 -35.17 -8.28 -35.64
C SER J 46 -34.81 -9.18 -36.82
N ASP J 47 -33.78 -9.99 -36.64
CA ASP J 47 -33.28 -10.86 -37.70
C ASP J 47 -33.30 -12.34 -37.29
N ILE J 48 -34.39 -12.75 -36.65
CA ILE J 48 -34.55 -14.15 -36.24
C ILE J 48 -35.26 -14.95 -37.32
N PRO J 49 -34.54 -15.90 -37.94
CA PRO J 49 -35.07 -16.72 -39.03
C PRO J 49 -36.16 -17.69 -38.57
N CYS J 50 -37.15 -17.92 -39.43
CA CYS J 50 -38.20 -18.89 -39.14
C CYS J 50 -37.70 -20.30 -39.43
N LEU J 51 -36.59 -20.37 -40.16
CA LEU J 51 -35.95 -21.64 -40.51
C LEU J 51 -36.86 -22.57 -41.31
N SER J 52 -37.67 -21.98 -42.19
CA SER J 52 -38.57 -22.76 -43.04
C SER J 52 -38.15 -22.69 -44.52
N ARG J 53 -38.27 -23.81 -45.21
CA ARG J 53 -37.91 -23.85 -46.62
C ARG J 53 -38.83 -22.91 -47.39
N SER J 54 -40.10 -22.88 -46.98
CA SER J 54 -41.12 -22.13 -47.71
C SER J 54 -40.87 -20.63 -47.68
N CYS J 55 -40.28 -20.15 -46.60
CA CYS J 55 -40.09 -18.72 -46.38
C CYS J 55 -39.21 -18.07 -47.46
N THR J 56 -39.63 -16.90 -47.94
CA THR J 56 -38.80 -16.12 -48.84
C THR J 56 -38.08 -14.99 -48.10
N LYS J 57 -38.77 -14.38 -47.16
CA LYS J 57 -38.26 -13.20 -46.44
C LYS J 57 -37.01 -13.41 -45.58
N CYS J 58 -36.95 -14.53 -44.86
CA CYS J 58 -35.90 -14.76 -43.87
C CYS J 58 -34.47 -14.91 -44.42
N PRO J 59 -34.32 -15.59 -45.55
CA PRO J 59 -33.00 -16.02 -46.01
C PRO J 59 -32.03 -14.87 -46.26
N GLN J 60 -32.51 -13.76 -46.81
CA GLN J 60 -31.65 -12.61 -47.08
C GLN J 60 -31.05 -12.06 -45.78
N ILE J 61 -31.85 -12.05 -44.72
CA ILE J 61 -31.44 -11.49 -43.43
C ILE J 61 -30.26 -12.21 -42.78
N VAL J 62 -30.22 -13.54 -42.90
CA VAL J 62 -29.23 -14.36 -42.19
C VAL J 62 -27.79 -14.05 -42.60
N VAL J 63 -26.89 -14.10 -41.61
CA VAL J 63 -25.50 -13.71 -41.84
C VAL J 63 -24.52 -14.85 -41.59
N PRO J 64 -23.62 -15.06 -42.54
CA PRO J 64 -22.59 -16.09 -42.44
C PRO J 64 -21.55 -15.78 -41.37
N ASP J 65 -21.01 -16.82 -40.75
CA ASP J 65 -19.97 -16.68 -39.74
C ASP J 65 -18.67 -16.26 -40.41
N ALA J 66 -17.77 -15.67 -39.63
CA ALA J 66 -16.51 -15.17 -40.16
C ALA J 66 -15.73 -16.33 -40.74
N GLN J 67 -15.74 -17.44 -40.02
CA GLN J 67 -15.33 -18.70 -40.61
C GLN J 67 -16.44 -18.97 -41.61
N ASN J 68 -16.09 -19.41 -42.82
CA ASN J 68 -17.11 -19.57 -43.84
C ASN J 68 -18.14 -20.63 -43.47
N GLU J 69 -19.41 -20.30 -43.69
CA GLU J 69 -20.47 -21.30 -43.58
C GLU J 69 -21.76 -20.83 -44.25
N LEU J 70 -22.59 -21.78 -44.64
CA LEU J 70 -23.90 -21.51 -45.20
C LEU J 70 -24.94 -22.26 -44.38
N PRO J 71 -26.04 -21.60 -44.02
CA PRO J 71 -27.04 -22.25 -43.16
C PRO J 71 -28.25 -22.75 -43.95
N LYS J 72 -28.45 -24.07 -43.91
CA LYS J 72 -29.60 -24.72 -44.54
C LYS J 72 -30.90 -24.49 -43.78
N PHE J 73 -32.02 -24.56 -44.50
CA PHE J 73 -33.33 -24.43 -43.89
C PHE J 73 -33.89 -25.84 -43.68
N ILE J 74 -34.28 -26.14 -42.45
CA ILE J 74 -34.68 -27.50 -42.08
C ILE J 74 -36.13 -27.86 -42.39
N LEU J 75 -37.03 -26.91 -42.15
CA LEU J 75 -38.46 -27.22 -42.09
C LEU J 75 -39.03 -27.40 -43.50
N SER J 76 -39.43 -28.59 -43.76
CA SER J 76 -39.86 -28.97 -45.10
C SER J 76 -40.93 -28.06 -45.69
N ASP J 77 -40.91 -27.67 -46.97
CA ASP J 77 -41.89 -26.84 -47.65
C ASP J 77 -43.20 -27.59 -47.89
N SER J 78 -43.19 -28.89 -47.64
CA SER J 78 -44.38 -29.71 -47.74
C SER J 78 -44.46 -30.68 -46.57
N PRO J 79 -44.88 -30.20 -45.40
CA PRO J 79 -44.93 -31.01 -44.18
C PRO J 79 -46.06 -32.02 -44.20
N LEU J 80 -46.25 -32.74 -43.10
CA LEU J 80 -47.31 -33.74 -42.99
C LEU J 80 -48.68 -33.09 -43.13
N GLU J 81 -49.41 -33.50 -44.17
CA GLU J 81 -50.73 -32.96 -44.44
C GLU J 81 -51.81 -33.77 -43.72
N LEU J 82 -52.68 -33.06 -43.03
CA LEU J 82 -53.70 -33.65 -42.19
C LEU J 82 -55.02 -33.14 -42.65
N SER J 83 -56.09 -33.86 -42.28
CA SER J 83 -57.44 -33.47 -42.66
C SER J 83 -57.75 -32.04 -42.23
N ALA J 84 -58.38 -31.29 -43.12
CA ALA J 84 -58.74 -29.90 -42.83
C ALA J 84 -59.40 -29.77 -41.46
N PRO J 85 -59.38 -28.56 -40.92
CA PRO J 85 -58.77 -27.42 -41.60
C PRO J 85 -57.29 -27.29 -41.27
N ILE J 86 -56.67 -28.38 -40.86
CA ILE J 86 -55.25 -28.39 -40.52
C ILE J 86 -54.39 -28.34 -41.77
N GLY J 87 -54.68 -29.20 -42.72
CA GLY J 87 -53.94 -29.26 -43.96
C GLY J 87 -52.48 -29.54 -43.72
N LYS J 88 -51.62 -28.79 -44.39
CA LYS J 88 -50.19 -28.88 -44.15
C LYS J 88 -49.96 -28.13 -42.87
N HIS J 89 -49.02 -28.57 -42.05
CA HIS J 89 -48.89 -27.88 -40.76
C HIS J 89 -47.53 -28.05 -40.11
N TYR J 90 -47.16 -27.08 -39.29
CA TYR J 90 -46.00 -27.20 -38.41
C TYR J 90 -46.50 -27.38 -36.99
N VAL J 91 -45.68 -28.02 -36.15
CA VAL J 91 -46.06 -28.27 -34.77
C VAL J 91 -45.22 -27.46 -33.78
N VAL J 92 -45.89 -26.66 -32.95
CA VAL J 92 -45.22 -25.93 -31.89
C VAL J 92 -45.50 -26.60 -30.55
N LEU J 93 -44.46 -26.89 -29.79
CA LEU J 93 -44.60 -27.65 -28.55
C LEU J 93 -44.70 -26.77 -27.30
N ASP J 94 -45.38 -27.30 -26.29
CA ASP J 94 -45.44 -26.67 -24.97
C ASP J 94 -44.36 -27.30 -24.11
N THR J 95 -44.13 -26.72 -22.93
CA THR J 95 -43.10 -27.23 -22.02
C THR J 95 -43.46 -28.59 -21.46
N ASN J 96 -44.73 -28.77 -21.09
CA ASN J 96 -45.18 -30.00 -20.47
C ASN J 96 -45.20 -31.21 -21.40
N VAL J 97 -45.62 -31.00 -22.64
CA VAL J 97 -45.70 -32.09 -23.61
C VAL J 97 -44.31 -32.60 -23.99
N VAL J 98 -43.29 -31.76 -23.79
CA VAL J 98 -41.92 -32.15 -24.04
C VAL J 98 -41.38 -33.01 -22.90
N LEU J 99 -41.61 -32.60 -21.66
CA LEU J 99 -41.05 -33.37 -20.56
C LEU J 99 -41.62 -34.80 -20.54
N GLN J 100 -42.94 -34.91 -20.64
CA GLN J 100 -43.63 -36.19 -20.80
C GLN J 100 -43.36 -36.91 -22.12
N ALA J 101 -43.27 -36.14 -23.19
CA ALA J 101 -43.42 -36.64 -24.57
C ALA J 101 -42.14 -36.91 -25.37
N ILE J 102 -40.98 -36.93 -24.71
CA ILE J 102 -39.71 -37.02 -25.43
C ILE J 102 -39.58 -38.30 -26.26
N ASP J 103 -40.03 -39.43 -25.72
CA ASP J 103 -39.98 -40.69 -26.45
C ASP J 103 -40.84 -40.63 -27.70
N LEU J 104 -42.01 -40.01 -27.56
CA LEU J 104 -42.93 -39.85 -28.70
C LEU J 104 -42.37 -38.83 -29.68
N LEU J 105 -41.53 -37.94 -29.18
CA LEU J 105 -40.89 -36.93 -30.02
C LEU J 105 -39.71 -37.51 -30.80
N GLU J 106 -39.32 -38.73 -30.45
CA GLU J 106 -38.24 -39.41 -31.15
C GLU J 106 -38.79 -40.51 -32.05
N ASN J 107 -40.09 -40.74 -31.95
CA ASN J 107 -40.76 -41.76 -32.75
C ASN J 107 -40.73 -41.40 -34.23
N PRO J 108 -40.17 -42.29 -35.07
CA PRO J 108 -40.02 -42.07 -36.51
C PRO J 108 -41.35 -41.94 -37.26
N ASN J 109 -42.45 -42.31 -36.62
CA ASN J 109 -43.74 -42.32 -37.29
C ASN J 109 -44.63 -41.12 -36.99
N CYS J 110 -44.06 -40.10 -36.35
CA CYS J 110 -44.79 -38.88 -36.03
C CYS J 110 -43.83 -37.73 -35.75
N PHE J 111 -44.38 -36.51 -35.72
CA PHE J 111 -43.59 -35.29 -35.49
C PHE J 111 -42.42 -35.18 -36.47
N PHE J 112 -42.71 -34.70 -37.67
CA PHE J 112 -41.69 -34.63 -38.73
C PHE J 112 -41.11 -33.23 -38.87
N ASP J 113 -41.97 -32.21 -38.79
CA ASP J 113 -41.53 -30.83 -38.84
C ASP J 113 -41.94 -30.11 -37.55
N VAL J 114 -40.97 -29.91 -36.66
CA VAL J 114 -41.25 -29.35 -35.34
C VAL J 114 -40.43 -28.10 -35.04
N ILE J 115 -41.09 -27.08 -34.52
CA ILE J 115 -40.44 -25.84 -34.13
CA ILE J 115 -40.44 -25.84 -34.13
C ILE J 115 -40.32 -25.74 -32.62
N VAL J 116 -39.10 -25.71 -32.12
CA VAL J 116 -38.86 -25.60 -30.68
C VAL J 116 -38.38 -24.20 -30.31
N PRO J 117 -39.25 -23.43 -29.63
CA PRO J 117 -38.92 -22.07 -29.21
C PRO J 117 -37.73 -22.03 -28.27
N GLN J 118 -36.98 -20.93 -28.29
CA GLN J 118 -35.81 -20.76 -27.44
C GLN J 118 -36.19 -20.85 -25.97
N ILE J 119 -37.28 -20.20 -25.60
CA ILE J 119 -37.74 -20.19 -24.23
C ILE J 119 -38.08 -21.59 -23.74
N VAL J 120 -38.58 -22.43 -24.64
CA VAL J 120 -38.85 -23.83 -24.32
C VAL J 120 -37.55 -24.58 -24.09
N LEU J 121 -36.62 -24.42 -25.03
CA LEU J 121 -35.33 -25.08 -24.96
C LEU J 121 -34.59 -24.72 -23.67
N ASP J 122 -34.75 -23.48 -23.23
CA ASP J 122 -34.11 -23.01 -22.01
C ASP J 122 -34.74 -23.65 -20.77
N GLU J 123 -36.07 -23.68 -20.72
CA GLU J 123 -36.79 -24.26 -19.60
C GLU J 123 -36.51 -25.76 -19.47
N VAL J 124 -36.43 -26.44 -20.61
CA VAL J 124 -36.14 -27.87 -20.62
C VAL J 124 -34.73 -28.14 -20.10
N ARG J 125 -33.80 -27.26 -20.48
CA ARG J 125 -32.41 -27.40 -20.05
C ARG J 125 -32.28 -27.30 -18.54
N ASN J 126 -33.03 -26.37 -17.93
CA ASN J 126 -32.99 -26.16 -16.50
C ASN J 126 -33.73 -27.24 -15.72
N LYS J 127 -34.86 -27.69 -16.26
CA LYS J 127 -35.68 -28.70 -15.61
C LYS J 127 -35.10 -30.09 -15.76
N SER J 128 -34.59 -30.40 -16.95
CA SER J 128 -34.02 -31.72 -17.22
C SER J 128 -32.97 -31.68 -18.34
N TYR J 129 -31.70 -31.67 -17.94
CA TYR J 129 -30.59 -31.65 -18.90
C TYR J 129 -30.55 -32.84 -19.89
N PRO J 130 -30.78 -34.08 -19.41
CA PRO J 130 -30.74 -35.19 -20.37
C PRO J 130 -31.80 -35.09 -21.47
N VAL J 131 -32.98 -34.59 -21.13
CA VAL J 131 -34.03 -34.40 -22.13
C VAL J 131 -33.61 -33.30 -23.11
N TYR J 132 -33.00 -32.25 -22.57
CA TYR J 132 -32.50 -31.15 -23.38
C TYR J 132 -31.48 -31.62 -24.42
N THR J 133 -30.63 -32.56 -24.02
CA THR J 133 -29.63 -33.13 -24.92
C THR J 133 -30.30 -33.93 -26.03
N ARG J 134 -31.31 -34.71 -25.65
CA ARG J 134 -32.06 -35.52 -26.60
C ARG J 134 -32.82 -34.64 -27.59
N LEU J 135 -33.30 -33.50 -27.12
CA LEU J 135 -34.02 -32.57 -27.96
C LEU J 135 -33.08 -31.86 -28.94
N ARG J 136 -31.92 -31.47 -28.44
CA ARG J 136 -30.89 -30.83 -29.26
C ARG J 136 -30.36 -31.79 -30.32
N THR J 137 -30.18 -33.05 -29.93
CA THR J 137 -29.60 -34.06 -30.82
C THR J 137 -30.46 -34.30 -32.05
N LEU J 138 -31.78 -34.35 -31.86
CA LEU J 138 -32.68 -34.61 -32.98
C LEU J 138 -32.58 -33.51 -34.03
N CYS J 139 -32.50 -32.27 -33.59
CA CYS J 139 -32.33 -31.15 -34.50
C CYS J 139 -30.98 -31.24 -35.21
N ARG J 140 -29.95 -31.60 -34.45
CA ARG J 140 -28.61 -31.75 -34.99
C ARG J 140 -28.53 -32.88 -36.01
N ASP J 141 -29.23 -33.97 -35.73
CA ASP J 141 -29.21 -35.14 -36.60
C ASP J 141 -30.38 -35.13 -37.58
N SER J 142 -30.42 -34.11 -38.43
CA SER J 142 -31.49 -33.99 -39.40
C SER J 142 -31.27 -34.91 -40.61
N ASP J 143 -32.16 -35.89 -40.77
CA ASP J 143 -32.05 -36.83 -41.87
C ASP J 143 -33.24 -36.70 -42.82
N ASP J 144 -33.20 -37.46 -43.92
CA ASP J 144 -34.27 -37.42 -44.91
C ASP J 144 -35.53 -38.07 -44.37
N HIS J 145 -35.59 -38.29 -43.05
CA HIS J 145 -36.76 -38.89 -42.44
C HIS J 145 -37.43 -37.98 -41.46
N LYS J 146 -36.65 -37.47 -40.50
CA LYS J 146 -37.17 -36.58 -39.46
C LYS J 146 -36.39 -35.26 -39.39
N ARG J 147 -37.12 -34.16 -39.26
CA ARG J 147 -36.49 -32.83 -39.19
C ARG J 147 -36.78 -32.11 -37.88
N PHE J 148 -35.73 -31.57 -37.26
CA PHE J 148 -35.86 -30.84 -36.01
C PHE J 148 -35.33 -29.41 -36.12
N ILE J 149 -36.10 -28.45 -35.62
CA ILE J 149 -35.72 -27.04 -35.72
C ILE J 149 -35.85 -26.28 -34.39
N VAL J 150 -34.99 -25.28 -34.20
CA VAL J 150 -35.02 -24.43 -33.02
C VAL J 150 -35.10 -22.96 -33.40
N PHE J 151 -36.00 -22.22 -32.76
CA PHE J 151 -36.15 -20.80 -33.04
C PHE J 151 -35.86 -19.95 -31.80
N HIS J 152 -34.99 -18.96 -31.97
CA HIS J 152 -34.64 -18.06 -30.88
C HIS J 152 -35.61 -16.91 -30.79
N ASN J 153 -36.78 -17.17 -30.21
CA ASN J 153 -37.81 -16.14 -30.06
C ASN J 153 -37.39 -14.98 -29.17
N GLU J 154 -36.69 -15.29 -28.08
CA GLU J 154 -36.32 -14.29 -27.09
C GLU J 154 -35.37 -13.25 -27.69
N PHE J 155 -34.61 -13.66 -28.70
CA PHE J 155 -33.66 -12.77 -29.35
C PHE J 155 -34.36 -11.91 -30.40
N SER J 156 -35.69 -11.96 -30.41
CA SER J 156 -36.48 -11.19 -31.37
C SER J 156 -37.31 -10.13 -30.65
N GLU J 157 -38.04 -9.34 -31.44
CA GLU J 157 -38.89 -8.29 -30.89
C GLU J 157 -40.35 -8.46 -31.30
N HIS J 158 -40.55 -9.12 -32.44
CA HIS J 158 -41.90 -9.35 -32.95
C HIS J 158 -42.71 -10.26 -32.03
N THR J 159 -42.03 -11.17 -31.33
CA THR J 159 -42.71 -12.18 -30.54
C THR J 159 -42.52 -12.00 -29.04
N PHE J 160 -41.55 -11.17 -28.65
CA PHE J 160 -41.26 -10.97 -27.24
C PHE J 160 -42.41 -10.30 -26.49
N VAL J 161 -42.89 -10.94 -25.45
CA VAL J 161 -43.91 -10.36 -24.59
C VAL J 161 -43.35 -10.12 -23.19
N GLU J 162 -43.89 -9.11 -22.50
CA GLU J 162 -43.45 -8.80 -21.15
C GLU J 162 -44.57 -9.00 -20.15
N ARG J 163 -44.20 -9.31 -18.91
CA ARG J 163 -45.16 -9.59 -17.84
C ARG J 163 -46.14 -8.43 -17.62
N LEU J 164 -47.43 -8.73 -17.74
CA LEU J 164 -48.47 -7.76 -17.47
C LEU J 164 -48.65 -7.62 -15.96
N PRO J 165 -49.16 -6.46 -15.51
CA PRO J 165 -49.44 -6.24 -14.08
C PRO J 165 -50.33 -7.34 -13.50
N ASN J 166 -49.91 -7.90 -12.37
CA ASN J 166 -50.63 -9.00 -11.73
C ASN J 166 -50.79 -10.22 -12.63
N GLU J 167 -49.67 -10.75 -13.11
CA GLU J 167 -49.68 -11.93 -13.96
C GLU J 167 -48.58 -12.90 -13.54
N THR J 168 -48.95 -14.16 -13.31
CA THR J 168 -47.99 -15.18 -12.94
C THR J 168 -47.04 -15.50 -14.10
N ILE J 169 -45.83 -15.94 -13.77
CA ILE J 169 -44.81 -16.22 -14.77
C ILE J 169 -45.22 -17.37 -15.70
N ASN J 170 -46.03 -18.29 -15.17
CA ASN J 170 -46.49 -19.43 -15.95
C ASN J 170 -47.48 -19.00 -17.04
N ASP J 171 -48.29 -17.99 -16.74
CA ASP J 171 -49.25 -17.48 -17.71
C ASP J 171 -48.58 -16.61 -18.77
N ARG J 172 -47.52 -15.91 -18.38
CA ARG J 172 -46.77 -15.09 -19.31
C ARG J 172 -46.07 -15.97 -20.34
N ASN J 173 -45.44 -17.04 -19.85
CA ASN J 173 -44.75 -17.98 -20.71
C ASN J 173 -45.69 -18.69 -21.67
N ASN J 174 -46.87 -19.07 -21.18
CA ASN J 174 -47.90 -19.66 -22.03
C ASN J 174 -48.38 -18.67 -23.08
N ARG J 175 -48.45 -17.39 -22.69
CA ARG J 175 -48.82 -16.34 -23.61
C ARG J 175 -47.71 -16.09 -24.63
N ALA J 176 -46.47 -16.29 -24.19
CA ALA J 176 -45.31 -16.14 -25.06
C ALA J 176 -45.30 -17.20 -26.16
N ILE J 177 -45.55 -18.44 -25.75
CA ILE J 177 -45.64 -19.56 -26.71
C ILE J 177 -46.79 -19.31 -27.68
N ARG J 178 -47.91 -18.85 -27.15
CA ARG J 178 -49.09 -18.57 -27.94
C ARG J 178 -48.85 -17.43 -28.92
N LYS J 179 -47.99 -16.49 -28.52
CA LYS J 179 -47.64 -15.37 -29.38
C LYS J 179 -46.75 -15.83 -30.53
N THR J 180 -45.90 -16.82 -30.24
CA THR J 180 -45.02 -17.39 -31.25
C THR J 180 -45.84 -18.13 -32.31
N CYS J 181 -46.84 -18.88 -31.86
CA CYS J 181 -47.73 -19.59 -32.76
C CYS J 181 -48.50 -18.59 -33.63
N GLN J 182 -48.97 -17.52 -32.99
CA GLN J 182 -49.70 -16.46 -33.68
C GLN J 182 -48.81 -15.81 -34.74
N TRP J 183 -47.56 -15.57 -34.39
CA TRP J 183 -46.62 -14.95 -35.32
C TRP J 183 -46.30 -15.90 -36.47
N TYR J 184 -46.00 -17.15 -36.16
CA TYR J 184 -45.66 -18.13 -37.18
C TYR J 184 -46.83 -18.34 -38.13
N SER J 185 -48.03 -18.37 -37.57
CA SER J 185 -49.24 -18.57 -38.37
C SER J 185 -49.38 -17.45 -39.41
N GLU J 186 -49.27 -16.21 -38.95
CA GLU J 186 -49.38 -15.06 -39.84
C GLU J 186 -48.22 -15.00 -40.82
N HIS J 187 -47.06 -15.45 -40.35
CA HIS J 187 -45.83 -15.39 -41.15
C HIS J 187 -45.82 -16.43 -42.27
N LEU J 188 -46.59 -17.50 -42.08
CA LEU J 188 -46.59 -18.61 -43.05
C LEU J 188 -47.89 -18.71 -43.84
N LYS J 189 -48.76 -17.70 -43.70
CA LYS J 189 -50.01 -17.66 -44.46
C LYS J 189 -49.85 -17.75 -45.98
N PRO J 190 -48.90 -17.00 -46.58
CA PRO J 190 -48.77 -17.11 -48.04
C PRO J 190 -48.34 -18.48 -48.53
N TYR J 191 -47.86 -19.34 -47.62
CA TYR J 191 -47.37 -20.66 -48.00
C TYR J 191 -48.38 -21.76 -47.64
N ASP J 192 -49.56 -21.34 -47.17
CA ASP J 192 -50.65 -22.25 -46.81
C ASP J 192 -50.23 -23.30 -45.79
N ILE J 193 -49.37 -22.92 -44.85
CA ILE J 193 -48.94 -23.81 -43.78
C ILE J 193 -49.44 -23.33 -42.43
N ASN J 194 -50.38 -24.06 -41.86
CA ASN J 194 -50.91 -23.72 -40.54
C ASN J 194 -49.97 -24.18 -39.44
N VAL J 195 -50.24 -23.74 -38.21
CA VAL J 195 -49.46 -24.17 -37.06
C VAL J 195 -50.36 -24.79 -36.00
N VAL J 196 -49.92 -25.92 -35.44
CA VAL J 196 -50.68 -26.61 -34.42
C VAL J 196 -49.96 -26.55 -33.08
N LEU J 197 -50.62 -26.02 -32.07
CA LEU J 197 -50.06 -25.92 -30.73
C LEU J 197 -50.41 -27.14 -29.89
N VAL J 198 -49.46 -28.02 -29.68
CA VAL J 198 -49.67 -29.21 -28.86
C VAL J 198 -49.41 -28.90 -27.39
N THR J 199 -50.48 -28.80 -26.61
CA THR J 199 -50.36 -28.46 -25.20
C THR J 199 -51.42 -29.14 -24.35
N ASN J 200 -51.02 -29.62 -23.19
CA ASN J 200 -51.95 -30.26 -22.25
C ASN J 200 -52.51 -29.27 -21.25
N ASP J 201 -51.91 -28.07 -21.21
CA ASP J 201 -52.36 -27.02 -20.31
C ASP J 201 -53.75 -26.52 -20.69
N ARG J 202 -54.64 -26.44 -19.69
CA ARG J 202 -56.02 -26.04 -19.93
C ARG J 202 -56.15 -24.53 -20.16
N LEU J 203 -55.11 -23.79 -19.82
CA LEU J 203 -55.14 -22.34 -19.97
C LEU J 203 -55.01 -21.92 -21.43
N ASN J 204 -54.06 -22.52 -22.14
CA ASN J 204 -53.86 -22.22 -23.55
C ASN J 204 -55.00 -22.72 -24.43
N ARG J 205 -55.55 -23.88 -24.09
CA ARG J 205 -56.66 -24.47 -24.84
C ARG J 205 -57.92 -23.62 -24.70
N GLU J 206 -58.15 -23.11 -23.50
CA GLU J 206 -59.31 -22.26 -23.23
C GLU J 206 -59.16 -20.90 -23.89
N ALA J 207 -57.94 -20.37 -23.88
CA ALA J 207 -57.66 -19.06 -24.47
C ALA J 207 -57.79 -19.11 -25.99
N ALA J 208 -57.60 -20.29 -26.56
CA ALA J 208 -57.71 -20.47 -28.00
C ALA J 208 -59.13 -20.87 -28.41
N THR J 209 -59.82 -21.57 -27.52
CA THR J 209 -61.20 -21.98 -27.77
C THR J 209 -62.11 -20.77 -27.81
N LYS J 210 -61.89 -19.83 -26.89
CA LYS J 210 -62.66 -18.60 -26.85
C LYS J 210 -62.37 -17.74 -28.09
N GLU J 211 -61.17 -17.89 -28.62
CA GLU J 211 -60.74 -17.17 -29.82
C GLU J 211 -60.90 -15.66 -29.67
N VAL J 212 -60.32 -15.11 -28.61
CA VAL J 212 -60.45 -13.70 -28.29
C VAL J 212 -59.72 -12.80 -29.29
N GLU J 213 -58.42 -13.02 -29.44
CA GLU J 213 -57.59 -12.18 -30.28
C GLU J 213 -57.40 -12.75 -31.68
N SER J 214 -56.47 -13.70 -31.80
CA SER J 214 -56.15 -14.29 -33.11
C SER J 214 -56.53 -15.78 -33.16
N ASN J 215 -56.68 -16.30 -34.37
CA ASN J 215 -57.03 -17.70 -34.56
C ASN J 215 -55.83 -18.63 -34.48
N ILE J 216 -55.81 -19.48 -33.46
CA ILE J 216 -54.70 -20.40 -33.26
C ILE J 216 -55.20 -21.84 -33.02
N ILE J 217 -54.73 -22.75 -33.87
CA ILE J 217 -55.14 -24.15 -33.78
C ILE J 217 -54.48 -24.85 -32.60
N THR J 218 -55.25 -25.07 -31.54
CA THR J 218 -54.72 -25.70 -30.33
C THR J 218 -55.27 -27.10 -30.14
N LYS J 219 -54.36 -28.07 -29.98
CA LYS J 219 -54.73 -29.45 -29.75
C LYS J 219 -53.94 -30.02 -28.58
N SER J 220 -54.56 -30.85 -27.76
CA SER J 220 -53.83 -31.53 -26.70
C SER J 220 -53.05 -32.69 -27.31
N LEU J 221 -52.15 -33.27 -26.52
CA LEU J 221 -51.28 -34.33 -27.03
C LEU J 221 -52.05 -35.54 -27.54
N VAL J 222 -52.93 -36.07 -26.69
CA VAL J 222 -53.75 -37.22 -27.06
C VAL J 222 -54.69 -36.87 -28.22
N GLN J 223 -55.23 -35.65 -28.20
CA GLN J 223 -56.15 -35.19 -29.22
C GLN J 223 -55.47 -35.01 -30.58
N TYR J 224 -54.18 -34.65 -30.53
CA TYR J 224 -53.41 -34.48 -31.76
C TYR J 224 -53.05 -35.82 -32.40
N ILE J 225 -52.68 -36.78 -31.56
CA ILE J 225 -52.32 -38.12 -32.02
C ILE J 225 -53.48 -38.77 -32.76
N GLU J 226 -54.70 -38.49 -32.32
CA GLU J 226 -55.90 -39.07 -32.89
C GLU J 226 -56.25 -38.43 -34.25
N LEU J 227 -55.38 -37.58 -34.75
CA LEU J 227 -55.59 -36.93 -36.05
C LEU J 227 -54.57 -37.40 -37.07
N LEU J 228 -53.64 -38.25 -36.62
CA LEU J 228 -52.69 -38.91 -37.51
C LEU J 228 -53.40 -40.01 -38.27
N PRO J 229 -52.98 -40.27 -39.52
CA PRO J 229 -53.60 -41.33 -40.30
C PRO J 229 -53.39 -42.70 -39.65
N ASN J 230 -52.19 -42.96 -39.17
CA ASN J 230 -51.90 -44.19 -38.44
C ASN J 230 -52.15 -44.03 -36.94
N ALA J 231 -53.40 -43.86 -36.54
CA ALA J 231 -53.75 -43.70 -35.13
C ALA J 231 -53.43 -44.97 -34.32
N ASP J 232 -53.74 -46.11 -34.88
CA ASP J 232 -53.59 -47.40 -34.19
C ASP J 232 -52.15 -47.77 -33.82
N ASP J 233 -51.21 -47.51 -34.73
CA ASP J 233 -49.85 -48.01 -34.58
C ASP J 233 -49.04 -47.19 -33.58
N ILE J 234 -49.53 -46.01 -33.23
CA ILE J 234 -48.79 -45.11 -32.37
C ILE J 234 -49.58 -44.67 -31.13
N ARG J 235 -50.83 -45.12 -31.05
CA ARG J 235 -51.69 -44.90 -29.89
C ARG J 235 -51.23 -45.60 -28.61
N ASP J 236 -50.79 -46.85 -28.78
CA ASP J 236 -50.40 -47.69 -27.65
C ASP J 236 -49.22 -47.11 -26.87
N SER J 237 -48.31 -46.45 -27.57
CA SER J 237 -47.19 -45.80 -26.92
C SER J 237 -47.68 -44.72 -25.95
N ILE J 238 -48.69 -43.97 -26.36
CA ILE J 238 -49.26 -42.91 -25.54
C ILE J 238 -49.91 -43.44 -24.26
N PRO J 239 -49.71 -42.72 -23.17
CA PRO J 239 -50.27 -43.09 -21.85
C PRO J 239 -51.79 -42.92 -21.76
N GLN J 240 -52.43 -43.79 -20.97
CA GLN J 240 -53.87 -43.69 -20.71
C GLN J 240 -54.15 -43.86 -19.23
N MET J 241 -55.22 -43.24 -18.74
CA MET J 241 -55.55 -43.31 -17.33
C MET J 241 -57.02 -42.97 -17.07
N THR J 252 -53.17 -24.98 -3.18
CA THR J 252 -52.01 -25.26 -2.35
C THR J 252 -51.59 -26.72 -2.46
N PHE J 253 -50.63 -26.98 -3.34
CA PHE J 253 -50.13 -28.34 -3.54
C PHE J 253 -48.65 -28.44 -3.18
N SER J 254 -48.31 -29.45 -2.38
CA SER J 254 -46.93 -29.66 -1.96
C SER J 254 -46.40 -31.00 -2.46
N ASP J 255 -45.23 -30.98 -3.07
CA ASP J 255 -44.62 -32.19 -3.60
C ASP J 255 -44.25 -33.16 -2.47
N PHE J 256 -44.44 -34.44 -2.72
CA PHE J 256 -44.14 -35.47 -1.73
C PHE J 256 -42.80 -35.20 -1.05
N THR J 257 -42.65 -35.69 0.18
CA THR J 257 -41.42 -35.50 0.94
C THR J 257 -41.22 -36.56 2.02
N PHE J 258 -39.96 -36.83 2.34
CA PHE J 258 -39.62 -37.77 3.42
C PHE J 258 -39.98 -37.20 4.79
N PRO J 259 -40.41 -38.09 5.69
CA PRO J 259 -40.76 -37.69 7.06
C PRO J 259 -39.54 -37.22 7.85
N GLU J 260 -39.74 -36.22 8.71
CA GLU J 260 -38.66 -35.68 9.53
C GLU J 260 -38.19 -36.72 10.54
N TYR J 261 -36.91 -36.66 10.88
CA TYR J 261 -36.33 -37.63 11.81
C TYR J 261 -37.01 -37.48 13.17
N TYR J 262 -37.22 -38.60 13.84
CA TYR J 262 -37.96 -38.61 15.10
C TYR J 262 -37.23 -37.82 16.18
N SER J 263 -38.01 -37.10 16.99
CA SER J 263 -37.46 -36.27 18.06
C SER J 263 -36.80 -37.13 19.13
N THR J 264 -35.76 -36.58 19.75
CA THR J 264 -35.03 -37.31 20.79
C THR J 264 -35.93 -37.62 21.96
N ALA J 265 -36.79 -36.66 22.33
CA ALA J 265 -37.73 -36.88 23.42
C ALA J 265 -38.69 -38.01 23.05
N ARG J 266 -39.13 -38.02 21.79
CA ARG J 266 -39.98 -39.09 21.29
C ARG J 266 -39.23 -40.41 21.32
N VAL J 267 -37.95 -40.36 20.96
CA VAL J 267 -37.07 -41.53 20.99
C VAL J 267 -36.92 -42.13 22.38
N MET J 268 -36.68 -41.29 23.39
CA MET J 268 -36.45 -41.78 24.75
C MET J 268 -37.76 -42.22 25.40
N GLY J 269 -38.86 -41.57 25.01
CA GLY J 269 -40.20 -41.97 25.41
C GLY J 269 -40.64 -43.29 24.82
N GLY J 270 -40.30 -43.52 23.55
CA GLY J 270 -40.62 -44.77 22.87
C GLY J 270 -39.75 -45.92 23.38
N LEU J 271 -38.46 -45.65 23.51
CA LEU J 271 -37.52 -46.63 24.08
C LEU J 271 -38.00 -47.18 25.43
N LYS J 272 -38.42 -46.27 26.32
CA LYS J 272 -38.93 -46.63 27.64
C LYS J 272 -40.28 -47.33 27.62
N ASN J 273 -41.13 -46.99 26.66
CA ASN J 273 -42.44 -47.60 26.56
C ASN J 273 -42.43 -48.93 25.79
N GLY J 274 -41.25 -49.29 25.28
CA GLY J 274 -41.07 -50.45 24.42
C GLY J 274 -41.31 -50.19 22.94
N VAL J 275 -41.49 -48.93 22.58
CA VAL J 275 -41.86 -48.52 21.22
C VAL J 275 -40.91 -48.78 20.04
N LEU J 276 -39.61 -48.58 20.24
CA LEU J 276 -38.68 -48.58 19.11
C LEU J 276 -37.44 -49.48 19.23
N TYR J 277 -36.98 -49.98 18.09
CA TYR J 277 -35.77 -50.79 18.01
C TYR J 277 -34.90 -50.35 16.82
N GLN J 278 -33.60 -50.59 16.91
CA GLN J 278 -32.66 -50.16 15.87
C GLN J 278 -31.92 -51.34 15.22
N GLY J 279 -31.87 -51.34 13.89
CA GLY J 279 -31.22 -52.41 13.15
C GLY J 279 -30.30 -51.95 12.02
N ASN J 280 -29.28 -52.77 11.73
CA ASN J 280 -28.33 -52.50 10.66
C ASN J 280 -29.01 -52.86 9.35
N ILE J 281 -29.23 -51.83 8.52
CA ILE J 281 -29.95 -52.01 7.28
C ILE J 281 -29.08 -52.64 6.20
N GLN J 282 -29.38 -53.85 5.79
CA GLN J 282 -28.78 -54.40 4.58
C GLN J 282 -29.74 -54.14 3.42
N ILE J 283 -29.29 -53.40 2.40
CA ILE J 283 -30.06 -53.18 1.18
C ILE J 283 -29.97 -54.45 0.32
N SER J 284 -31.09 -54.84 -0.26
CA SER J 284 -31.13 -56.02 -1.10
C SER J 284 -30.17 -55.83 -2.31
N GLU J 285 -29.61 -56.92 -2.83
CA GLU J 285 -28.55 -56.78 -3.82
C GLU J 285 -28.98 -56.52 -5.25
N TYR J 286 -30.28 -56.45 -5.51
CA TYR J 286 -30.74 -56.16 -6.88
C TYR J 286 -31.83 -55.08 -6.96
N ASN J 287 -32.21 -54.58 -5.79
CA ASN J 287 -33.17 -53.50 -5.69
C ASN J 287 -32.65 -52.54 -4.64
N PHE J 288 -32.14 -51.40 -5.07
CA PHE J 288 -31.56 -50.44 -4.14
C PHE J 288 -32.63 -49.76 -3.29
N LEU J 289 -33.88 -49.89 -3.72
CA LEU J 289 -35.04 -49.35 -2.99
C LEU J 289 -35.76 -50.37 -2.10
N GLU J 290 -35.14 -51.53 -1.88
CA GLU J 290 -35.59 -52.51 -0.88
C GLU J 290 -34.47 -52.81 0.07
N GLY J 291 -34.79 -52.78 1.37
CA GLY J 291 -33.79 -53.03 2.38
C GLY J 291 -34.40 -53.86 3.46
N SER J 292 -33.53 -54.51 4.25
CA SER J 292 -33.99 -55.31 5.41
C SER J 292 -33.20 -54.99 6.69
N VAL J 293 -33.78 -55.33 7.81
CA VAL J 293 -33.12 -55.18 9.08
C VAL J 293 -33.41 -56.35 9.98
N SER J 294 -32.38 -57.01 10.49
CA SER J 294 -32.56 -58.17 11.35
C SER J 294 -32.98 -57.76 12.76
N LEU J 295 -33.98 -58.44 13.30
CA LEU J 295 -34.50 -58.15 14.61
C LEU J 295 -34.79 -59.46 15.32
N PRO J 296 -34.45 -59.51 16.63
CA PRO J 296 -34.61 -60.77 17.36
C PRO J 296 -36.05 -61.27 17.40
N ARG J 297 -36.96 -60.38 17.72
CA ARG J 297 -38.39 -60.71 17.80
C ARG J 297 -38.88 -61.55 16.61
N PHE J 298 -38.33 -61.26 15.44
CA PHE J 298 -38.86 -61.78 14.18
C PHE J 298 -37.97 -62.84 13.57
N SER J 299 -38.58 -63.90 13.06
CA SER J 299 -37.83 -64.98 12.41
C SER J 299 -37.17 -64.56 11.08
N LYS J 300 -37.91 -63.93 10.15
CA LYS J 300 -37.32 -63.44 8.87
C LYS J 300 -36.96 -61.99 9.03
N PRO J 301 -36.08 -61.45 8.15
CA PRO J 301 -35.63 -60.06 8.20
C PRO J 301 -36.79 -59.07 8.00
N VAL J 302 -36.87 -58.02 8.81
CA VAL J 302 -37.99 -57.10 8.60
C VAL J 302 -37.71 -56.13 7.43
N LEU J 303 -38.61 -56.13 6.46
CA LEU J 303 -38.39 -55.40 5.21
C LEU J 303 -38.64 -53.92 5.40
N ILE J 304 -37.93 -53.12 4.60
CA ILE J 304 -38.13 -51.67 4.51
C ILE J 304 -38.15 -51.29 3.05
N VAL J 305 -39.31 -50.86 2.55
CA VAL J 305 -39.56 -50.79 1.11
C VAL J 305 -39.98 -49.41 0.60
N GLY J 306 -39.21 -48.91 -0.38
CA GLY J 306 -39.47 -47.61 -1.00
C GLY J 306 -38.63 -46.42 -0.54
N GLN J 307 -38.54 -45.40 -1.38
CA GLN J 307 -37.89 -44.14 -0.99
C GLN J 307 -38.29 -43.62 0.42
N LYS J 308 -39.58 -43.52 0.69
CA LYS J 308 -40.04 -42.84 1.90
C LYS J 308 -39.72 -43.61 3.15
N ASN J 309 -40.05 -44.89 3.17
CA ASN J 309 -39.88 -45.71 4.36
C ASN J 309 -38.41 -45.91 4.60
N LEU J 310 -37.63 -46.00 3.52
CA LEU J 310 -36.16 -46.03 3.66
C LEU J 310 -35.61 -44.73 4.26
N ASN J 311 -36.33 -43.63 4.11
CA ASN J 311 -35.99 -42.35 4.68
C ASN J 311 -34.46 -41.99 4.68
N ARG J 312 -33.89 -41.93 3.48
CA ARG J 312 -32.52 -41.48 3.28
C ARG J 312 -31.45 -42.32 3.94
N ALA J 313 -31.80 -43.50 4.40
CA ALA J 313 -30.77 -44.40 4.91
C ALA J 313 -29.81 -44.78 3.76
N PHE J 314 -28.59 -45.17 4.11
CA PHE J 314 -27.64 -45.86 3.23
C PHE J 314 -27.37 -47.28 3.77
N ASN J 315 -27.17 -48.24 2.86
CA ASN J 315 -26.79 -49.61 3.27
C ASN J 315 -25.65 -49.55 4.30
N GLY J 316 -25.74 -50.31 5.38
CA GLY J 316 -24.76 -50.20 6.45
C GLY J 316 -25.22 -49.36 7.62
N ASP J 317 -26.05 -48.34 7.40
CA ASP J 317 -26.36 -47.39 8.47
C ASP J 317 -26.99 -48.11 9.66
N GLN J 318 -26.65 -47.68 10.88
CA GLN J 318 -27.47 -48.05 12.06
C GLN J 318 -28.76 -47.24 11.98
N VAL J 319 -29.89 -47.87 12.15
CA VAL J 319 -31.17 -47.19 11.92
C VAL J 319 -32.17 -47.53 13.04
N ILE J 320 -33.08 -46.62 13.34
CA ILE J 320 -34.21 -46.98 14.18
C ILE J 320 -35.38 -47.23 13.26
N VAL J 321 -36.12 -48.32 13.48
CA VAL J 321 -37.34 -48.54 12.69
C VAL J 321 -38.58 -48.61 13.53
N GLU J 322 -39.72 -48.46 12.84
CA GLU J 322 -41.06 -48.68 13.40
C GLU J 322 -41.74 -49.66 12.47
N LEU J 323 -42.54 -50.58 12.99
CA LEU J 323 -43.26 -51.49 12.10
C LEU J 323 -44.42 -50.76 11.53
N LEU J 324 -44.71 -51.05 10.27
CA LEU J 324 -45.91 -50.53 9.66
C LEU J 324 -47.06 -51.51 9.99
N PRO J 325 -48.31 -51.03 9.91
CA PRO J 325 -49.46 -51.88 10.01
C PRO J 325 -49.42 -53.01 8.99
N GLN J 326 -50.05 -54.14 9.30
CA GLN J 326 -50.03 -55.31 8.42
C GLN J 326 -50.63 -55.07 7.04
N SER J 327 -51.56 -54.13 6.94
CA SER J 327 -52.02 -53.64 5.65
C SER J 327 -50.86 -53.21 4.72
N GLU J 328 -49.68 -52.99 5.28
CA GLU J 328 -48.53 -52.45 4.54
C GLU J 328 -47.41 -53.47 4.36
N TRP J 329 -47.52 -54.60 5.04
CA TRP J 329 -46.50 -55.62 4.91
C TRP J 329 -46.42 -56.09 3.46
N LYS J 330 -45.21 -56.52 3.07
CA LYS J 330 -44.83 -56.90 1.68
C LYS J 330 -43.94 -58.16 1.66
N ALA J 331 -44.07 -58.96 0.59
CA ALA J 331 -43.06 -60.01 0.28
C ALA J 331 -41.84 -59.41 -0.41
N PRO J 332 -40.75 -60.19 -0.46
CA PRO J 332 -39.58 -59.68 -1.17
C PRO J 332 -39.95 -59.28 -2.58
N SER J 333 -39.49 -58.11 -2.98
CA SER J 333 -39.75 -57.54 -4.29
C SER J 333 -39.44 -58.49 -5.46
N SER J 334 -40.17 -58.33 -6.55
CA SER J 334 -39.93 -59.12 -7.75
C SER J 334 -39.33 -58.25 -8.87
N ILE J 335 -38.84 -57.05 -8.56
CA ILE J 335 -38.16 -56.25 -9.57
C ILE J 335 -36.76 -55.84 -9.14
N VAL J 336 -35.87 -55.73 -10.10
CA VAL J 336 -34.53 -55.22 -9.87
C VAL J 336 -34.46 -53.73 -10.18
N LEU J 337 -33.54 -53.05 -9.49
CA LEU J 337 -33.40 -51.60 -9.60
C LEU J 337 -32.03 -51.07 -9.15
N ASP J 338 -31.55 -50.03 -9.84
CA ASP J 338 -30.47 -49.19 -9.33
C ASP J 338 -30.69 -47.66 -9.53
N SER J 339 -29.78 -46.87 -8.99
CA SER J 339 -29.83 -45.44 -9.12
C SER J 339 -29.71 -45.01 -10.58
N GLU J 340 -28.96 -45.79 -11.35
CA GLU J 340 -28.71 -45.45 -12.74
C GLU J 340 -29.98 -45.55 -13.57
N HIS J 341 -30.93 -46.37 -13.10
CA HIS J 341 -32.17 -46.73 -13.83
C HIS J 341 -33.49 -46.43 -13.12
N PHE J 342 -33.47 -45.54 -12.12
CA PHE J 342 -34.68 -45.12 -11.42
C PHE J 342 -34.79 -43.61 -11.47
N ASP J 343 -35.97 -43.09 -11.77
CA ASP J 343 -36.14 -41.63 -11.83
C ASP J 343 -35.02 -41.00 -12.66
N VAL J 344 -34.83 -41.51 -13.87
CA VAL J 344 -33.68 -41.14 -14.70
C VAL J 344 -33.81 -39.74 -15.30
N ASN J 345 -34.99 -39.17 -15.23
CA ASN J 345 -35.24 -37.80 -15.68
C ASN J 345 -34.52 -36.71 -14.85
N ASP J 346 -34.49 -36.88 -13.54
CA ASP J 346 -34.07 -35.83 -12.60
C ASP J 346 -32.61 -35.38 -12.71
N ASN J 347 -32.40 -34.07 -12.54
CA ASN J 347 -31.07 -33.48 -12.52
C ASN J 347 -30.80 -32.69 -11.23
N PRO J 348 -29.64 -32.92 -10.62
CA PRO J 348 -29.26 -32.25 -9.37
C PRO J 348 -28.99 -30.75 -9.52
N ASP J 349 -29.35 -29.97 -8.50
CA ASP J 349 -29.09 -28.53 -8.49
C ASP J 349 -28.63 -28.05 -7.11
N ILE J 350 -27.91 -26.94 -7.07
CA ILE J 350 -27.42 -26.37 -5.79
C ILE J 350 -27.38 -24.82 -5.81
N ASN J 364 -42.72 -27.22 -7.14
CA ASN J 364 -42.27 -27.71 -8.44
C ASN J 364 -43.16 -28.82 -8.99
N THR J 365 -42.93 -29.19 -10.24
CA THR J 365 -43.70 -30.25 -10.88
C THR J 365 -42.81 -31.42 -11.26
N THR J 366 -43.28 -32.64 -10.99
CA THR J 366 -42.54 -33.87 -11.33
C THR J 366 -43.30 -34.84 -12.26
N VAL J 367 -42.57 -35.50 -13.16
CA VAL J 367 -43.15 -36.42 -14.15
C VAL J 367 -42.39 -37.75 -14.30
N ILE J 368 -43.07 -38.79 -14.80
CA ILE J 368 -42.47 -40.14 -14.91
C ILE J 368 -42.65 -40.84 -16.28
N SER J 369 -41.71 -41.72 -16.61
CA SER J 369 -41.67 -42.47 -17.88
C SER J 369 -42.69 -43.62 -18.03
N ASP J 370 -43.02 -43.94 -19.27
CA ASP J 370 -44.02 -44.99 -19.59
C ASP J 370 -43.69 -46.42 -19.15
N LYS J 371 -42.46 -46.88 -19.39
CA LYS J 371 -42.02 -48.15 -18.82
C LYS J 371 -42.06 -48.17 -17.30
N GLN J 372 -41.58 -47.08 -16.71
CA GLN J 372 -41.54 -46.94 -15.27
C GLN J 372 -42.97 -46.95 -14.77
N ARG J 373 -43.84 -46.28 -15.51
CA ARG J 373 -45.23 -46.17 -15.14
C ARG J 373 -45.87 -47.54 -15.13
N ARG J 374 -45.71 -48.21 -16.28
CA ARG J 374 -46.20 -49.56 -16.51
C ARG J 374 -45.48 -50.53 -15.61
N LEU J 375 -44.17 -50.31 -15.46
CA LEU J 375 -43.37 -51.14 -14.57
C LEU J 375 -43.91 -50.97 -13.17
N LEU J 376 -44.24 -49.72 -12.83
CA LEU J 376 -44.79 -49.41 -11.52
C LEU J 376 -46.14 -50.10 -11.32
N ALA J 377 -46.94 -50.12 -12.38
CA ALA J 377 -48.24 -50.79 -12.34
C ALA J 377 -48.08 -52.29 -12.11
N LYS J 378 -47.16 -52.90 -12.84
CA LYS J 378 -46.91 -54.33 -12.72
C LYS J 378 -46.38 -54.70 -11.33
N ASP J 379 -45.46 -53.89 -10.82
CA ASP J 379 -44.91 -54.12 -9.49
C ASP J 379 -45.99 -54.00 -8.43
N ALA J 380 -46.85 -52.99 -8.58
CA ALA J 380 -47.94 -52.77 -7.65
C ALA J 380 -48.89 -53.96 -7.67
N MET J 381 -49.17 -54.46 -8.87
CA MET J 381 -50.05 -55.60 -9.03
C MET J 381 -49.44 -56.83 -8.36
N ILE J 382 -48.14 -57.00 -8.52
CA ILE J 382 -47.44 -58.12 -7.91
C ILE J 382 -47.53 -58.03 -6.39
N ALA J 383 -47.37 -56.83 -5.86
CA ALA J 383 -47.48 -56.61 -4.42
C ALA J 383 -48.88 -56.93 -3.93
N GLN J 384 -49.87 -56.53 -4.71
CA GLN J 384 -51.27 -56.69 -4.35
C GLN J 384 -51.71 -58.14 -4.19
N ARG J 385 -51.23 -59.01 -5.09
CA ARG J 385 -51.69 -60.40 -5.07
C ARG J 385 -50.79 -61.40 -4.35
N SER J 386 -49.59 -61.01 -3.95
CA SER J 386 -48.64 -62.01 -3.47
C SER J 386 -49.06 -62.53 -2.10
N LYS J 387 -48.95 -63.85 -1.92
CA LYS J 387 -48.91 -64.50 -0.61
C LYS J 387 -47.50 -64.29 -0.01
N LYS J 388 -47.32 -64.62 1.27
CA LYS J 388 -46.03 -64.48 1.95
C LYS J 388 -45.41 -63.08 2.10
N ILE J 389 -46.25 -62.08 2.37
CA ILE J 389 -45.85 -60.72 2.68
C ILE J 389 -45.02 -60.79 3.94
N GLN J 390 -44.09 -59.87 4.15
CA GLN J 390 -43.29 -59.88 5.38
C GLN J 390 -43.21 -58.49 6.09
N PRO J 391 -42.97 -58.50 7.41
CA PRO J 391 -42.91 -57.29 8.25
C PRO J 391 -42.17 -56.13 7.65
N THR J 392 -42.84 -55.00 7.49
CA THR J 392 -42.20 -53.84 6.90
C THR J 392 -42.18 -52.69 7.89
N ALA J 393 -41.12 -51.89 7.82
CA ALA J 393 -40.90 -50.77 8.71
C ALA J 393 -40.48 -49.51 7.95
N LYS J 394 -40.13 -48.47 8.69
CA LYS J 394 -39.75 -47.20 8.12
C LYS J 394 -38.76 -46.54 9.02
N VAL J 395 -37.84 -45.78 8.41
CA VAL J 395 -36.68 -45.22 9.11
C VAL J 395 -37.07 -43.88 9.72
N VAL J 396 -36.92 -43.76 11.03
CA VAL J 396 -37.27 -42.52 11.73
C VAL J 396 -36.07 -41.76 12.30
N TYR J 397 -34.94 -42.44 12.39
CA TYR J 397 -33.69 -41.87 12.88
C TYR J 397 -32.52 -42.75 12.49
N ILE J 398 -31.30 -42.21 12.52
CA ILE J 398 -30.11 -43.04 12.35
C ILE J 398 -29.20 -42.95 13.58
N GLN J 399 -28.94 -44.08 14.21
CA GLN J 399 -28.04 -44.12 15.36
C GLN J 399 -26.61 -43.75 14.98
N ARG J 400 -26.16 -44.29 13.85
CA ARG J 400 -24.81 -44.04 13.34
C ARG J 400 -24.82 -44.14 11.82
N ARG J 401 -23.81 -43.57 11.19
CA ARG J 401 -23.73 -43.46 9.73
C ARG J 401 -22.50 -44.14 9.13
N SER J 402 -22.68 -44.73 7.95
CA SER J 402 -21.66 -45.50 7.29
C SER J 402 -21.10 -44.71 6.11
N TRP J 403 -21.10 -43.40 6.24
CA TRP J 403 -20.54 -42.56 5.22
C TRP J 403 -19.06 -42.46 5.44
N ARG J 404 -18.33 -43.08 4.54
CA ARG J 404 -16.88 -43.06 4.45
C ARG J 404 -16.62 -42.27 3.19
N GLN J 405 -15.42 -42.34 2.65
CA GLN J 405 -15.19 -41.87 1.28
C GLN J 405 -15.59 -42.97 0.31
N TYR J 406 -16.29 -42.62 -0.75
CA TYR J 406 -16.75 -43.60 -1.73
C TYR J 406 -16.16 -43.40 -3.14
N VAL J 407 -16.38 -44.37 -4.01
CA VAL J 407 -15.92 -44.33 -5.40
C VAL J 407 -17.04 -44.47 -6.42
N GLY J 408 -16.95 -43.72 -7.52
CA GLY J 408 -18.04 -43.61 -8.50
C GLY J 408 -17.54 -42.98 -9.79
N GLN J 409 -18.42 -42.89 -10.78
CA GLN J 409 -18.15 -42.16 -12.01
C GLN J 409 -19.37 -41.30 -12.33
N LEU J 410 -19.16 -40.12 -12.88
CA LEU J 410 -20.28 -39.25 -13.25
C LEU J 410 -21.30 -39.88 -14.25
N ALA J 411 -22.54 -39.41 -14.13
CA ALA J 411 -23.59 -39.64 -15.09
C ALA J 411 -23.36 -38.74 -16.29
N PRO J 412 -22.90 -39.32 -17.42
CA PRO J 412 -22.69 -38.46 -18.61
C PRO J 412 -23.95 -37.66 -18.94
N SER J 413 -25.11 -38.26 -18.71
CA SER J 413 -26.43 -37.63 -18.96
C SER J 413 -26.73 -36.37 -18.14
N SER J 414 -25.97 -36.15 -17.05
CA SER J 414 -26.15 -34.95 -16.21
C SER J 414 -25.09 -33.89 -16.48
N VAL J 415 -24.09 -34.26 -17.28
CA VAL J 415 -22.93 -33.41 -17.57
C VAL J 415 -22.93 -32.91 -19.00
N ASP J 416 -22.58 -31.64 -19.16
CA ASP J 416 -22.31 -31.02 -20.45
C ASP J 416 -20.82 -31.19 -20.77
N PRO J 417 -20.50 -32.03 -21.77
CA PRO J 417 -19.12 -32.44 -21.90
C PRO J 417 -18.20 -31.39 -22.50
N GLN J 418 -18.77 -30.36 -23.12
CA GLN J 418 -17.97 -29.35 -23.82
C GLN J 418 -18.00 -27.98 -23.10
N SER J 419 -18.36 -27.96 -21.83
CA SER J 419 -18.49 -26.72 -21.08
C SER J 419 -17.61 -26.69 -19.81
N SER J 420 -16.76 -25.68 -19.70
CA SER J 420 -15.80 -25.57 -18.59
C SER J 420 -16.40 -24.91 -17.33
N SER J 421 -17.69 -24.57 -17.38
CA SER J 421 -18.39 -24.03 -16.22
C SER J 421 -18.45 -25.02 -15.08
N THR J 422 -18.76 -24.52 -13.89
CA THR J 422 -18.99 -25.42 -12.77
C THR J 422 -20.38 -26.00 -13.01
N GLN J 423 -20.60 -27.23 -12.59
CA GLN J 423 -21.83 -27.97 -12.94
C GLN J 423 -22.36 -28.79 -11.75
N ASN J 424 -23.68 -28.70 -11.52
CA ASN J 424 -24.37 -29.64 -10.65
C ASN J 424 -24.56 -30.90 -11.46
N VAL J 425 -24.19 -32.06 -10.91
CA VAL J 425 -24.15 -33.28 -11.69
C VAL J 425 -24.43 -34.49 -10.79
N PHE J 426 -24.66 -35.65 -11.40
CA PHE J 426 -24.93 -36.87 -10.64
C PHE J 426 -23.78 -37.88 -10.72
N VAL J 427 -23.36 -38.36 -9.55
CA VAL J 427 -22.33 -39.38 -9.45
C VAL J 427 -23.01 -40.71 -9.19
N ILE J 428 -22.71 -41.70 -10.03
CA ILE J 428 -23.09 -43.09 -9.76
C ILE J 428 -21.93 -43.75 -9.05
N LEU J 429 -22.19 -44.16 -7.80
CA LEU J 429 -21.27 -45.00 -7.01
C LEU J 429 -21.13 -46.47 -7.53
N MET J 430 -19.99 -47.03 -7.21
CA MET J 430 -19.56 -48.34 -7.67
C MET J 430 -20.38 -49.46 -6.99
N ASP J 431 -20.73 -49.25 -5.72
CA ASP J 431 -21.61 -50.18 -5.03
C ASP J 431 -23.02 -50.06 -5.60
N LYS J 432 -23.66 -51.20 -5.84
CA LYS J 432 -25.01 -51.22 -6.38
C LYS J 432 -26.07 -50.59 -5.47
N CYS J 433 -25.95 -50.87 -4.18
CA CYS J 433 -26.96 -50.46 -3.20
C CYS J 433 -27.12 -48.95 -3.04
N LEU J 434 -26.01 -48.23 -3.04
CA LEU J 434 -26.04 -46.80 -2.74
C LEU J 434 -26.81 -45.96 -3.78
N PRO J 435 -27.58 -45.01 -3.29
CA PRO J 435 -28.29 -44.04 -4.13
C PRO J 435 -27.30 -43.07 -4.76
N LYS J 436 -27.58 -42.57 -5.96
CA LYS J 436 -26.66 -41.69 -6.62
C LYS J 436 -26.56 -40.36 -5.86
N VAL J 437 -25.52 -39.60 -6.12
CA VAL J 437 -25.17 -38.46 -5.29
C VAL J 437 -25.05 -37.18 -6.11
N ARG J 438 -25.52 -36.06 -5.55
CA ARG J 438 -25.39 -34.79 -6.25
C ARG J 438 -24.19 -34.01 -5.71
N ILE J 439 -23.27 -33.69 -6.60
CA ILE J 439 -22.09 -32.90 -6.25
C ILE J 439 -21.99 -31.76 -7.25
N ARG J 440 -21.44 -30.63 -6.83
CA ARG J 440 -21.19 -29.50 -7.70
C ARG J 440 -19.68 -29.39 -7.92
N THR J 441 -19.25 -29.30 -9.17
CA THR J 441 -17.82 -29.42 -9.48
C THR J 441 -17.40 -28.55 -10.65
N ARG J 442 -16.31 -27.81 -10.46
CA ARG J 442 -15.69 -27.03 -11.55
C ARG J 442 -15.22 -27.84 -12.75
N ARG J 443 -14.99 -29.14 -12.55
CA ARG J 443 -14.34 -30.01 -13.53
C ARG J 443 -15.23 -31.13 -14.06
N ALA J 444 -16.54 -30.91 -14.02
CA ALA J 444 -17.49 -31.85 -14.63
C ALA J 444 -16.96 -32.54 -15.90
N ALA J 445 -16.56 -31.74 -16.89
CA ALA J 445 -16.19 -32.26 -18.20
C ALA J 445 -14.87 -33.03 -18.17
N GLU J 446 -13.92 -32.57 -17.36
CA GLU J 446 -12.61 -33.22 -17.24
C GLU J 446 -12.70 -34.59 -16.58
N LEU J 447 -13.45 -34.66 -15.48
CA LEU J 447 -13.66 -35.91 -14.77
C LEU J 447 -14.58 -36.91 -15.49
N LEU J 448 -15.09 -36.58 -16.68
CA LEU J 448 -16.19 -37.35 -17.27
C LEU J 448 -15.91 -38.82 -17.65
N ASP J 449 -14.67 -39.25 -17.82
CA ASP J 449 -14.44 -40.67 -17.99
C ASP J 449 -13.46 -41.17 -16.91
N LYS J 450 -13.50 -40.52 -15.75
CA LYS J 450 -12.65 -40.90 -14.63
C LYS J 450 -13.45 -41.66 -13.62
N ARG J 451 -12.81 -42.67 -13.09
CA ARG J 451 -13.21 -43.25 -11.85
C ARG J 451 -12.79 -42.34 -10.67
N ILE J 452 -13.74 -41.57 -10.09
CA ILE J 452 -13.47 -40.64 -8.95
C ILE J 452 -13.91 -41.12 -7.56
N VAL J 453 -13.44 -40.42 -6.51
CA VAL J 453 -13.82 -40.69 -5.10
C VAL J 453 -14.61 -39.51 -4.58
N ILE J 454 -15.72 -39.75 -3.88
CA ILE J 454 -16.47 -38.64 -3.26
C ILE J 454 -16.89 -38.95 -1.81
N SER J 455 -17.41 -37.93 -1.13
CA SER J 455 -17.85 -38.05 0.26
C SER J 455 -19.23 -37.40 0.41
N ILE J 456 -20.10 -38.06 1.16
CA ILE J 456 -21.44 -37.56 1.36
C ILE J 456 -21.34 -36.48 2.42
N ASP J 457 -22.07 -35.39 2.24
CA ASP J 457 -22.10 -34.31 3.21
C ASP J 457 -23.42 -34.24 3.97
N SER J 458 -24.54 -34.43 3.25
CA SER J 458 -25.87 -34.47 3.88
C SER J 458 -26.91 -35.13 2.99
N TRP J 459 -28.02 -35.53 3.62
CA TRP J 459 -29.23 -36.02 2.95
C TRP J 459 -30.52 -35.51 3.59
N PRO J 460 -30.86 -34.24 3.38
CA PRO J 460 -32.04 -33.63 4.00
C PRO J 460 -33.43 -34.08 3.48
N THR J 461 -34.47 -33.97 4.32
CA THR J 461 -35.84 -34.37 3.90
C THR J 461 -36.26 -33.82 2.53
N THR J 462 -35.85 -32.60 2.21
CA THR J 462 -36.36 -31.91 1.02
C THR J 462 -35.48 -32.08 -0.21
N HIS J 463 -34.66 -33.14 -0.23
CA HIS J 463 -33.84 -33.47 -1.40
C HIS J 463 -33.91 -34.95 -1.72
N LYS J 464 -34.24 -35.26 -2.95
CA LYS J 464 -34.48 -36.65 -3.37
C LYS J 464 -33.19 -37.49 -3.34
N TYR J 465 -32.03 -36.84 -3.34
CA TYR J 465 -30.71 -37.51 -3.37
C TYR J 465 -29.74 -36.89 -2.39
N PRO J 466 -28.79 -37.68 -1.88
CA PRO J 466 -27.77 -37.09 -1.02
C PRO J 466 -26.90 -36.10 -1.78
N LEU J 467 -26.30 -35.18 -1.03
CA LEU J 467 -25.33 -34.24 -1.58
C LEU J 467 -23.95 -34.64 -1.10
N GLY J 468 -23.00 -34.61 -2.01
CA GLY J 468 -21.63 -34.95 -1.66
C GLY J 468 -20.67 -34.00 -2.33
N HIS J 469 -19.40 -34.36 -2.32
CA HIS J 469 -18.40 -33.46 -2.89
C HIS J 469 -17.19 -34.24 -3.37
N PHE J 470 -16.56 -33.74 -4.43
CA PHE J 470 -15.46 -34.45 -5.07
C PHE J 470 -14.23 -34.51 -4.17
N VAL J 471 -13.59 -35.68 -4.11
CA VAL J 471 -12.41 -35.81 -3.24
C VAL J 471 -11.18 -35.95 -4.08
N ARG J 472 -11.17 -36.92 -4.97
CA ARG J 472 -10.07 -37.08 -5.92
C ARG J 472 -10.38 -38.03 -7.10
N ASP J 473 -9.45 -38.01 -8.02
CA ASP J 473 -9.60 -38.68 -9.28
C ASP J 473 -8.56 -39.80 -9.27
N LEU J 474 -9.00 -41.04 -9.38
CA LEU J 474 -8.11 -42.18 -9.41
C LEU J 474 -7.52 -42.52 -10.80
N GLY J 475 -8.02 -41.84 -11.83
CA GLY J 475 -7.60 -42.10 -13.21
C GLY J 475 -8.73 -42.65 -14.07
N THR J 476 -8.43 -43.05 -15.30
CA THR J 476 -9.49 -43.38 -16.26
C THR J 476 -10.23 -44.69 -15.93
N ILE J 477 -11.39 -44.88 -16.55
CA ILE J 477 -12.26 -46.01 -16.20
C ILE J 477 -11.75 -47.31 -16.78
N GLU J 478 -10.98 -47.23 -17.86
CA GLU J 478 -10.32 -48.42 -18.42
C GLU J 478 -9.03 -48.75 -17.65
N SER J 479 -8.51 -47.82 -16.86
CA SER J 479 -7.20 -48.08 -16.27
C SER J 479 -7.27 -49.30 -15.36
N ALA J 480 -6.39 -50.26 -15.60
CA ALA J 480 -6.31 -51.46 -14.79
C ALA J 480 -5.85 -51.16 -13.37
N GLN J 481 -4.85 -50.30 -13.26
CA GLN J 481 -4.25 -49.95 -11.98
C GLN J 481 -5.23 -49.24 -11.05
N ALA J 482 -6.04 -48.35 -11.63
CA ALA J 482 -6.88 -47.48 -10.83
C ALA J 482 -8.02 -48.33 -10.30
N GLU J 483 -8.47 -49.30 -11.08
CA GLU J 483 -9.53 -50.18 -10.60
C GLU J 483 -9.07 -50.89 -9.34
N THR J 484 -7.81 -51.33 -9.32
CA THR J 484 -7.25 -51.98 -8.14
C THR J 484 -7.15 -51.05 -6.92
N GLU J 485 -6.68 -49.83 -7.12
CA GLU J 485 -6.59 -48.85 -6.04
C GLU J 485 -7.99 -48.51 -5.54
N ALA J 486 -8.89 -48.35 -6.50
CA ALA J 486 -10.33 -48.19 -6.26
C ALA J 486 -10.90 -49.33 -5.43
N LEU J 487 -10.51 -50.55 -5.77
CA LEU J 487 -10.99 -51.74 -5.10
C LEU J 487 -10.60 -51.75 -3.61
N LEU J 488 -9.40 -51.27 -3.32
CA LEU J 488 -8.84 -51.34 -1.98
C LEU J 488 -9.38 -50.21 -1.10
N LEU J 489 -9.78 -49.13 -1.75
CA LEU J 489 -10.44 -48.04 -1.07
C LEU J 489 -11.86 -48.48 -0.66
N GLU J 490 -12.65 -48.93 -1.64
CA GLU J 490 -13.99 -49.48 -1.36
C GLU J 490 -14.05 -50.50 -0.21
N HIS J 491 -12.94 -51.20 0.01
CA HIS J 491 -12.83 -52.19 1.06
C HIS J 491 -12.12 -51.71 2.29
N ASP J 492 -11.69 -50.45 2.27
CA ASP J 492 -10.98 -49.87 3.43
C ASP J 492 -9.73 -50.67 3.83
N VAL J 493 -8.95 -51.10 2.85
CA VAL J 493 -7.76 -51.90 3.11
C VAL J 493 -6.47 -51.11 2.94
N GLU J 494 -5.63 -51.13 3.98
CA GLU J 494 -4.35 -50.46 3.93
C GLU J 494 -3.43 -51.21 2.99
N TYR J 495 -2.67 -50.48 2.18
CA TYR J 495 -1.67 -51.11 1.34
C TYR J 495 -0.38 -50.30 1.17
N ARG J 496 -0.29 -49.26 1.93
CA ARG J 496 0.94 -48.44 2.00
C ARG J 496 2.14 -49.28 2.44
N PRO J 497 3.34 -48.80 2.18
CA PRO J 497 4.54 -49.49 2.63
C PRO J 497 4.52 -49.52 4.15
N PHE J 498 5.01 -50.60 4.75
CA PHE J 498 4.89 -50.78 6.19
C PHE J 498 5.58 -49.62 6.88
N SER J 499 4.99 -49.15 7.97
CA SER J 499 5.47 -47.94 8.62
C SER J 499 6.91 -48.15 9.04
N LYS J 500 7.73 -47.13 8.82
CA LYS J 500 9.15 -47.23 9.06
C LYS J 500 9.23 -47.75 10.48
N LYS J 501 8.31 -47.28 11.31
CA LYS J 501 8.30 -47.70 12.70
C LYS J 501 8.27 -49.23 12.83
N VAL J 502 7.54 -49.87 11.93
CA VAL J 502 7.40 -51.32 11.91
C VAL J 502 8.74 -52.00 11.69
N LEU J 503 9.59 -51.39 10.88
CA LEU J 503 10.85 -52.00 10.45
C LEU J 503 11.81 -52.32 11.61
N GLU J 504 11.87 -51.44 12.61
CA GLU J 504 12.78 -51.65 13.73
C GLU J 504 12.45 -52.95 14.44
N CYS J 505 11.17 -53.28 14.51
CA CYS J 505 10.73 -54.52 15.12
C CYS J 505 11.35 -55.70 14.37
N LEU J 506 11.45 -55.55 13.04
CA LEU J 506 12.09 -56.57 12.22
C LEU J 506 13.56 -56.69 12.59
N PRO J 507 14.10 -57.91 12.47
CA PRO J 507 15.44 -58.22 12.96
C PRO J 507 16.56 -57.43 12.31
N ALA J 508 17.56 -57.07 13.11
CA ALA J 508 18.71 -56.26 12.68
C ALA J 508 19.43 -56.78 11.42
N GLU J 509 19.43 -58.09 11.27
CA GLU J 509 20.26 -58.77 10.28
C GLU J 509 19.46 -59.20 9.05
N GLY J 510 18.19 -58.83 9.02
CA GLY J 510 17.37 -59.00 7.81
C GLY J 510 17.54 -60.36 7.20
N HIS J 511 17.82 -60.40 5.88
CA HIS J 511 17.85 -61.66 5.14
C HIS J 511 18.98 -62.57 5.64
N ASP J 512 19.94 -62.02 6.37
CA ASP J 512 21.05 -62.84 6.88
C ASP J 512 20.70 -63.60 8.17
N TRP J 513 19.54 -63.28 8.76
CA TRP J 513 19.04 -64.03 9.92
C TRP J 513 19.16 -65.55 9.75
N LYS J 514 19.62 -66.22 10.79
CA LYS J 514 19.86 -67.67 10.71
C LYS J 514 19.44 -68.38 12.00
N ALA J 515 18.75 -69.51 11.86
CA ALA J 515 18.49 -70.35 13.03
C ALA J 515 19.83 -70.80 13.60
N PRO J 516 20.01 -70.69 14.93
CA PRO J 516 21.25 -71.19 15.54
C PRO J 516 21.57 -72.66 15.23
N THR J 517 22.86 -72.99 15.10
CA THR J 517 23.27 -74.36 14.80
C THR J 517 23.08 -75.23 16.04
N LYS J 518 23.65 -74.78 17.16
CA LYS J 518 23.50 -75.45 18.45
C LYS J 518 22.48 -74.70 19.31
N LEU J 519 21.37 -75.34 19.66
CA LEU J 519 20.33 -74.71 20.53
C LEU J 519 20.87 -74.31 21.89
N ASP J 520 21.88 -75.04 22.37
CA ASP J 520 22.55 -74.73 23.63
C ASP J 520 23.74 -73.76 23.48
N ASP J 521 23.92 -73.18 22.29
CA ASP J 521 24.94 -72.16 22.08
C ASP J 521 24.74 -70.99 23.06
N PRO J 522 25.83 -70.55 23.73
CA PRO J 522 25.66 -69.61 24.85
C PRO J 522 25.34 -68.16 24.42
N GLU J 523 25.99 -67.67 23.38
CA GLU J 523 25.72 -66.34 22.81
C GLU J 523 24.27 -66.24 22.33
N ALA J 524 23.82 -67.25 21.59
CA ALA J 524 22.41 -67.41 21.22
C ALA J 524 21.47 -67.39 22.44
N VAL J 525 21.85 -68.11 23.49
CA VAL J 525 21.02 -68.24 24.68
C VAL J 525 20.91 -66.93 25.46
N SER J 526 21.94 -66.08 25.36
CA SER J 526 21.89 -64.76 25.99
C SER J 526 21.05 -63.81 25.12
N LYS J 527 21.31 -63.82 23.80
CA LYS J 527 20.54 -63.00 22.87
C LYS J 527 19.05 -63.35 22.89
N ASP J 528 18.72 -64.59 23.32
CA ASP J 528 17.33 -65.08 23.36
C ASP J 528 17.17 -66.28 24.32
N PRO J 529 16.68 -66.03 25.55
CA PRO J 529 16.69 -67.11 26.56
C PRO J 529 15.60 -68.17 26.37
N LEU J 530 14.53 -67.84 25.65
CA LEU J 530 13.46 -68.81 25.43
C LEU J 530 13.90 -70.03 24.63
N LEU J 531 15.12 -69.98 24.11
CA LEU J 531 15.61 -71.00 23.19
C LEU J 531 15.72 -72.33 23.91
N THR J 532 16.03 -72.28 25.20
CA THR J 532 16.21 -73.48 26.02
C THR J 532 14.98 -74.38 25.92
N LYS J 533 13.79 -73.77 25.95
CA LYS J 533 12.50 -74.49 25.83
C LYS J 533 12.14 -74.97 24.41
N ARG J 534 12.88 -74.53 23.39
CA ARG J 534 12.57 -74.90 22.01
C ARG J 534 13.09 -76.31 21.71
N LYS J 535 12.26 -77.15 21.08
CA LYS J 535 12.69 -78.52 20.73
C LYS J 535 13.41 -78.55 19.38
N ASP J 536 14.26 -79.56 19.17
CA ASP J 536 14.95 -79.71 17.87
C ASP J 536 14.34 -80.84 17.00
N LEU J 537 13.49 -80.43 16.06
CA LEU J 537 12.70 -81.35 15.25
C LEU J 537 13.26 -81.55 13.85
N ARG J 538 14.46 -81.03 13.62
CA ARG J 538 15.05 -81.03 12.29
C ARG J 538 15.24 -82.44 11.75
N ASP J 539 15.65 -83.37 12.61
CA ASP J 539 15.91 -84.73 12.15
C ASP J 539 14.69 -85.30 11.46
N LYS J 540 13.55 -84.64 11.66
CA LYS J 540 12.29 -85.08 11.06
C LYS J 540 12.25 -84.72 9.58
N LEU J 541 11.38 -85.39 8.84
CA LEU J 541 11.26 -85.18 7.40
C LEU J 541 10.08 -84.28 7.05
N ILE J 542 10.29 -82.97 7.20
CA ILE J 542 9.24 -81.98 6.98
C ILE J 542 9.16 -81.53 5.53
N CYS J 543 7.93 -81.44 5.01
CA CYS J 543 7.72 -80.91 3.67
C CYS J 543 6.50 -80.00 3.65
N SER J 544 6.48 -79.03 2.73
CA SER J 544 5.37 -78.09 2.63
C SER J 544 4.64 -78.20 1.30
N ILE J 545 3.33 -78.35 1.36
CA ILE J 545 2.51 -78.49 0.17
C ILE J 545 1.66 -77.23 -0.05
N ASP J 546 2.12 -76.38 -0.96
CA ASP J 546 1.54 -75.06 -1.18
C ASP J 546 1.28 -74.82 -2.66
N PRO J 547 0.47 -73.81 -2.96
CA PRO J 547 0.08 -73.47 -4.33
C PRO J 547 1.31 -73.05 -5.13
N PRO J 548 1.24 -73.21 -6.45
CA PRO J 548 2.44 -73.13 -7.29
C PRO J 548 3.14 -71.79 -7.19
N GLY J 549 2.41 -70.69 -7.14
CA GLY J 549 3.06 -69.41 -6.87
C GLY J 549 3.05 -69.00 -5.41
N CYS J 550 3.12 -69.97 -4.51
CA CYS J 550 3.10 -69.69 -3.08
C CYS J 550 4.51 -69.45 -2.54
N VAL J 551 4.73 -68.24 -2.02
CA VAL J 551 6.01 -67.87 -1.45
C VAL J 551 5.91 -67.75 0.07
N ASP J 552 4.69 -67.45 0.55
CA ASP J 552 4.44 -67.36 1.98
C ASP J 552 3.93 -68.69 2.54
N ILE J 553 4.85 -69.56 2.96
CA ILE J 553 4.43 -70.91 3.37
C ILE J 553 4.18 -71.05 4.88
N ASN J 554 2.91 -71.17 5.24
CA ASN J 554 2.51 -71.33 6.65
C ASN J 554 2.95 -72.60 7.40
N ASP J 555 2.86 -73.77 6.76
CA ASP J 555 3.04 -75.03 7.49
C ASP J 555 3.75 -76.19 6.77
N ALA J 556 4.30 -77.11 7.56
CA ALA J 556 4.93 -78.33 7.06
C ALA J 556 4.55 -79.54 7.93
N LEU J 557 4.60 -80.75 7.36
CA LEU J 557 4.21 -81.96 8.10
C LEU J 557 5.24 -83.10 8.06
N HIS J 558 5.22 -83.95 9.09
CA HIS J 558 6.16 -85.07 9.21
C HIS J 558 5.51 -86.33 9.71
N ALA J 559 6.13 -87.48 9.42
CA ALA J 559 5.61 -88.80 9.83
C ALA J 559 6.67 -89.86 10.22
N LYS J 560 6.29 -90.79 11.07
CA LYS J 560 7.17 -91.86 11.50
C LYS J 560 6.33 -93.02 11.98
N LYS J 561 6.94 -94.21 12.04
CA LYS J 561 6.26 -95.34 12.63
C LYS J 561 6.91 -95.60 13.98
N LEU J 562 6.12 -95.52 15.04
CA LEU J 562 6.63 -95.79 16.38
C LEU J 562 6.77 -97.30 16.61
N PRO J 563 7.72 -97.70 17.47
CA PRO J 563 7.99 -99.12 17.72
C PRO J 563 6.81 -99.88 18.33
N ASN J 564 5.85 -99.16 18.90
CA ASN J 564 4.69 -99.81 19.51
C ASN J 564 3.56 -100.08 18.51
N GLY J 565 3.86 -99.91 17.22
CA GLY J 565 2.89 -100.17 16.17
C GLY J 565 2.12 -98.95 15.73
N ASN J 566 2.04 -97.95 16.60
CA ASN J 566 1.31 -96.73 16.29
C ASN J 566 2.09 -95.77 15.41
N TRP J 567 1.39 -94.78 14.85
CA TRP J 567 2.02 -93.81 13.96
C TRP J 567 2.27 -92.48 14.66
N GLU J 568 3.35 -91.81 14.26
CA GLU J 568 3.65 -90.48 14.76
C GLU J 568 3.48 -89.45 13.65
N VAL J 569 2.42 -88.63 13.77
CA VAL J 569 2.18 -87.56 12.81
C VAL J 569 2.27 -86.19 13.48
N GLY J 570 3.03 -85.28 12.86
CA GLY J 570 3.24 -83.95 13.43
C GLY J 570 3.02 -82.82 12.45
N VAL J 571 2.56 -81.69 12.96
CA VAL J 571 2.30 -80.51 12.13
C VAL J 571 3.14 -79.31 12.58
N HIS J 572 3.77 -78.64 11.61
CA HIS J 572 4.60 -77.49 11.90
C HIS J 572 4.10 -76.23 11.25
N ILE J 573 4.02 -75.15 12.03
CA ILE J 573 3.52 -73.83 11.52
C ILE J 573 4.52 -72.75 11.86
N ALA J 574 4.65 -71.84 10.89
CA ALA J 574 5.48 -70.66 11.01
C ALA J 574 5.31 -70.07 12.43
N ASP J 575 6.43 -69.84 13.10
CA ASP J 575 6.46 -69.27 14.46
C ASP J 575 6.45 -67.75 14.41
N VAL J 576 5.33 -67.17 14.01
CA VAL J 576 5.29 -65.73 13.74
C VAL J 576 5.46 -64.87 15.00
N THR J 577 4.94 -65.38 16.13
CA THR J 577 4.91 -64.64 17.40
C THR J 577 6.27 -64.60 18.14
N HIS J 578 7.23 -65.41 17.67
CA HIS J 578 8.65 -65.23 18.02
C HIS J 578 9.19 -63.86 17.53
N PHE J 579 8.74 -63.44 16.35
CA PHE J 579 9.18 -62.20 15.70
C PHE J 579 8.22 -61.02 15.92
N VAL J 580 6.94 -61.33 16.07
CA VAL J 580 5.89 -60.32 16.22
C VAL J 580 5.44 -60.26 17.68
N LYS J 581 5.98 -59.28 18.41
CA LYS J 581 5.81 -59.17 19.85
C LYS J 581 4.70 -58.18 20.19
N PRO J 582 3.93 -58.45 21.26
CA PRO J 582 2.81 -57.55 21.59
C PRO J 582 3.31 -56.15 21.94
N GLY J 583 2.47 -55.14 21.69
CA GLY J 583 2.81 -53.77 21.98
C GLY J 583 3.85 -53.10 21.08
N THR J 584 4.37 -53.84 20.09
CA THR J 584 5.32 -53.25 19.13
C THR J 584 4.53 -52.62 17.99
N ALA J 585 5.19 -51.78 17.18
CA ALA J 585 4.54 -51.14 16.04
C ALA J 585 4.20 -52.15 14.94
N LEU J 586 5.02 -53.20 14.84
CA LEU J 586 4.82 -54.28 13.88
C LEU J 586 3.62 -55.14 14.22
N ASP J 587 3.46 -55.48 15.50
CA ASP J 587 2.25 -56.15 15.96
C ASP J 587 1.03 -55.26 15.71
N ALA J 588 1.19 -53.95 15.93
CA ALA J 588 0.10 -52.98 15.82
C ALA J 588 -0.40 -52.79 14.40
N GLU J 589 0.50 -52.78 13.42
CA GLU J 589 0.14 -52.72 12.01
C GLU J 589 -0.50 -54.02 11.52
N GLY J 590 0.07 -55.16 11.88
CA GLY J 590 -0.53 -56.47 11.64
C GLY J 590 -1.90 -56.71 12.26
N ALA J 591 -2.09 -56.29 13.51
CA ALA J 591 -3.38 -56.40 14.22
C ALA J 591 -4.46 -55.58 13.52
N ALA J 592 -4.06 -54.39 13.05
CA ALA J 592 -4.94 -53.47 12.33
C ALA J 592 -5.32 -54.01 10.96
N ARG J 593 -4.32 -54.39 10.17
CA ARG J 593 -4.55 -55.08 8.89
C ARG J 593 -5.40 -56.36 9.05
N GLY J 594 -5.14 -57.12 10.10
CA GLY J 594 -6.00 -58.24 10.49
C GLY J 594 -5.87 -59.49 9.63
N THR J 595 -5.46 -59.30 8.38
CA THR J 595 -5.43 -60.37 7.41
C THR J 595 -4.63 -59.91 6.18
N SER J 596 -4.11 -60.87 5.43
CA SER J 596 -3.60 -60.60 4.11
C SER J 596 -4.78 -60.58 3.16
N VAL J 597 -4.65 -59.77 2.12
CA VAL J 597 -5.67 -59.62 1.09
C VAL J 597 -5.04 -60.06 -0.25
N TYR J 598 -5.68 -61.04 -0.87
CA TYR J 598 -5.24 -61.57 -2.15
C TYR J 598 -6.12 -61.07 -3.26
N LEU J 599 -5.59 -60.16 -4.06
CA LEU J 599 -6.24 -59.74 -5.28
C LEU J 599 -5.71 -60.63 -6.43
N VAL J 600 -6.28 -60.51 -7.62
CA VAL J 600 -5.85 -61.31 -8.79
C VAL J 600 -4.38 -61.06 -9.13
N ASP J 601 -4.03 -59.79 -9.28
CA ASP J 601 -2.68 -59.38 -9.61
C ASP J 601 -1.81 -58.93 -8.43
N LYS J 602 -2.37 -58.97 -7.23
CA LYS J 602 -1.64 -58.48 -6.07
C LYS J 602 -1.88 -59.31 -4.83
N ARG J 603 -0.88 -59.34 -3.97
CA ARG J 603 -1.04 -59.90 -2.64
C ARG J 603 -0.74 -58.76 -1.68
N ILE J 604 -1.67 -58.51 -0.76
CA ILE J 604 -1.46 -57.45 0.22
C ILE J 604 -1.07 -58.13 1.51
N ASP J 605 0.09 -57.79 2.03
CA ASP J 605 0.59 -58.47 3.22
C ASP J 605 0.13 -57.87 4.54
N MET J 606 -0.08 -58.73 5.52
CA MET J 606 -0.34 -58.32 6.89
C MET J 606 0.96 -57.92 7.56
N LEU J 607 2.04 -58.59 7.14
CA LEU J 607 3.37 -58.45 7.73
C LEU J 607 4.44 -58.15 6.67
N PRO J 608 5.55 -57.48 7.08
CA PRO J 608 6.66 -57.23 6.15
C PRO J 608 7.17 -58.54 5.54
N MET J 609 7.53 -58.51 4.26
CA MET J 609 7.82 -59.76 3.55
C MET J 609 9.13 -60.45 3.97
N LEU J 610 9.98 -59.73 4.70
CA LEU J 610 11.13 -60.36 5.37
C LEU J 610 10.66 -61.50 6.28
N LEU J 611 9.57 -61.27 7.01
CA LEU J 611 8.93 -62.31 7.78
C LEU J 611 8.18 -63.29 6.86
N GLY J 612 7.13 -62.80 6.23
CA GLY J 612 6.20 -63.64 5.48
C GLY J 612 6.85 -64.60 4.50
N THR J 613 7.82 -64.10 3.73
CA THR J 613 8.40 -64.87 2.63
C THR J 613 9.84 -65.31 2.87
N ASP J 614 10.39 -64.96 4.02
CA ASP J 614 11.74 -65.43 4.31
C ASP J 614 11.88 -66.08 5.69
N LEU J 615 11.91 -65.28 6.75
CA LEU J 615 12.25 -65.76 8.10
C LEU J 615 11.20 -66.63 8.81
N CYS J 616 9.92 -66.35 8.57
CA CYS J 616 8.85 -67.18 9.16
C CYS J 616 8.38 -68.29 8.22
N SER J 617 8.53 -68.06 6.92
CA SER J 617 8.18 -69.06 5.91
C SER J 617 8.95 -70.34 6.19
N LEU J 618 8.26 -71.48 6.17
CA LEU J 618 8.89 -72.77 6.41
C LEU J 618 9.56 -73.24 5.14
N LYS J 619 10.57 -72.47 4.73
CA LYS J 619 11.31 -72.68 3.48
C LYS J 619 12.05 -74.01 3.52
N PRO J 620 12.18 -74.64 2.35
CA PRO J 620 12.83 -75.95 2.24
C PRO J 620 14.36 -75.88 2.31
N TYR J 621 14.95 -76.81 3.06
CA TYR J 621 16.41 -76.96 3.11
C TYR J 621 17.05 -75.95 4.05
N VAL J 622 16.23 -75.16 4.73
CA VAL J 622 16.72 -74.17 5.68
C VAL J 622 16.08 -74.36 7.05
N ASP J 623 16.91 -74.36 8.08
CA ASP J 623 16.39 -74.47 9.45
C ASP J 623 15.45 -73.31 9.72
N ARG J 624 14.24 -73.62 10.17
CA ARG J 624 13.29 -72.59 10.56
C ARG J 624 12.76 -72.91 11.95
N PHE J 625 12.45 -71.87 12.73
CA PHE J 625 11.63 -72.05 13.95
C PHE J 625 10.19 -72.36 13.55
N ALA J 626 9.48 -73.07 14.43
CA ALA J 626 8.11 -73.45 14.15
C ALA J 626 7.33 -73.79 15.41
N PHE J 627 6.01 -73.79 15.31
CA PHE J 627 5.17 -74.30 16.37
C PHE J 627 4.64 -75.63 15.86
N SER J 628 4.91 -76.70 16.61
CA SER J 628 4.57 -78.04 16.14
C SER J 628 3.69 -78.81 17.10
N VAL J 629 2.63 -79.41 16.55
CA VAL J 629 1.79 -80.32 17.31
C VAL J 629 1.96 -81.72 16.74
N ILE J 630 2.29 -82.67 17.59
CA ILE J 630 2.54 -84.03 17.14
C ILE J 630 1.55 -85.01 17.77
N TRP J 631 0.94 -85.84 16.93
CA TRP J 631 -0.01 -86.83 17.42
C TRP J 631 0.61 -88.21 17.51
N GLU J 632 0.05 -89.04 18.38
CA GLU J 632 0.34 -90.47 18.38
C GLU J 632 -0.97 -91.21 18.14
N LEU J 633 -1.12 -91.78 16.96
CA LEU J 633 -2.38 -92.43 16.59
C LEU J 633 -2.17 -93.82 16.02
N ASP J 634 -3.19 -94.67 16.14
CA ASP J 634 -3.12 -96.04 15.65
C ASP J 634 -3.30 -96.12 14.14
N ASP J 635 -3.44 -97.34 13.63
CA ASP J 635 -3.60 -97.55 12.19
C ASP J 635 -4.98 -97.10 11.71
N SER J 636 -5.94 -97.04 12.63
CA SER J 636 -7.29 -96.62 12.29
C SER J 636 -7.45 -95.11 12.49
N ALA J 637 -6.33 -94.41 12.56
CA ALA J 637 -6.31 -92.95 12.66
C ALA J 637 -7.02 -92.41 13.91
N ASN J 638 -6.96 -93.16 15.00
CA ASN J 638 -7.57 -92.72 16.25
C ASN J 638 -6.50 -92.12 17.16
N ILE J 639 -6.73 -90.87 17.56
CA ILE J 639 -5.78 -90.14 18.41
C ILE J 639 -5.69 -90.76 19.79
N VAL J 640 -4.48 -91.17 20.17
CA VAL J 640 -4.22 -91.67 21.51
C VAL J 640 -3.81 -90.51 22.41
N ASN J 641 -2.94 -89.66 21.89
CA ASN J 641 -2.51 -88.45 22.60
C ASN J 641 -2.00 -87.39 21.65
N VAL J 642 -1.90 -86.16 22.13
CA VAL J 642 -1.48 -85.03 21.29
C VAL J 642 -0.64 -84.03 22.09
N ASN J 643 0.44 -83.55 21.49
CA ASN J 643 1.35 -82.63 22.17
C ASN J 643 1.72 -81.39 21.34
N PHE J 644 2.03 -80.30 22.03
CA PHE J 644 2.40 -79.04 21.38
C PHE J 644 3.73 -78.50 21.91
N MET J 645 4.50 -77.88 21.02
CA MET J 645 5.83 -77.37 21.39
C MET J 645 6.37 -76.37 20.37
N LYS J 646 7.38 -75.60 20.80
CA LYS J 646 8.07 -74.66 19.92
C LYS J 646 9.36 -75.34 19.50
N SER J 647 9.61 -75.38 18.19
CA SER J 647 10.65 -76.24 17.66
C SER J 647 11.35 -75.66 16.43
N VAL J 648 12.53 -76.20 16.11
CA VAL J 648 13.25 -75.82 14.92
C VAL J 648 13.23 -76.98 13.93
N ILE J 649 12.83 -76.69 12.69
CA ILE J 649 12.68 -77.73 11.67
C ILE J 649 13.34 -77.35 10.36
N ARG J 650 13.70 -78.35 9.57
CA ARG J 650 14.32 -78.13 8.27
C ARG J 650 13.45 -78.77 7.20
N SER J 651 13.07 -77.98 6.19
CA SER J 651 12.14 -78.47 5.18
C SER J 651 12.89 -79.34 4.19
N ARG J 652 12.51 -80.61 4.15
CA ARG J 652 13.11 -81.54 3.21
C ARG J 652 12.81 -81.11 1.79
N GLU J 653 11.59 -80.62 1.57
CA GLU J 653 11.11 -80.31 0.22
C GLU J 653 9.86 -79.46 0.28
N ALA J 654 9.77 -78.48 -0.60
CA ALA J 654 8.54 -77.71 -0.75
C ALA J 654 7.89 -78.15 -2.05
N PHE J 655 6.70 -78.75 -1.95
CA PHE J 655 5.96 -79.22 -3.12
C PHE J 655 4.80 -78.31 -3.42
N SER J 656 4.46 -78.28 -4.71
CA SER J 656 3.13 -78.01 -5.20
C SER J 656 2.33 -79.29 -4.93
N TYR J 657 1.02 -79.22 -4.97
CA TYR J 657 0.18 -80.34 -4.56
C TYR J 657 0.39 -81.60 -5.40
N GLU J 658 0.54 -81.42 -6.70
CA GLU J 658 0.60 -82.53 -7.66
C GLU J 658 1.77 -83.47 -7.41
N GLN J 659 2.92 -82.92 -7.06
CA GLN J 659 4.13 -83.72 -6.88
C GLN J 659 3.95 -84.76 -5.77
N ALA J 660 3.29 -84.35 -4.69
CA ALA J 660 3.04 -85.25 -3.57
C ALA J 660 2.17 -86.44 -3.98
N GLN J 661 1.16 -86.17 -4.81
CA GLN J 661 0.22 -87.21 -5.25
C GLN J 661 0.90 -88.24 -6.15
N LEU J 662 1.77 -87.75 -7.04
CA LEU J 662 2.49 -88.64 -7.95
C LEU J 662 3.46 -89.55 -7.21
N ARG J 663 4.09 -89.02 -6.16
CA ARG J 663 5.06 -89.79 -5.38
C ARG J 663 4.37 -90.86 -4.54
N ILE J 664 3.12 -90.61 -4.18
CA ILE J 664 2.34 -91.58 -3.40
C ILE J 664 1.81 -92.69 -4.30
N ASP J 665 1.32 -92.29 -5.47
CA ASP J 665 0.74 -93.16 -6.50
C ASP J 665 1.70 -94.14 -7.19
N ASP J 666 2.91 -93.69 -7.47
CA ASP J 666 3.80 -94.38 -8.39
C ASP J 666 4.14 -95.79 -7.94
N LYS J 667 4.40 -95.96 -6.64
CA LYS J 667 4.62 -97.27 -6.07
C LYS J 667 6.05 -97.73 -6.33
N THR J 668 6.84 -96.82 -6.91
CA THR J 668 8.24 -97.11 -7.18
C THR J 668 9.07 -96.67 -5.98
N GLN J 669 8.68 -95.54 -5.41
CA GLN J 669 9.35 -94.99 -4.24
C GLN J 669 8.68 -95.48 -2.96
N ASN J 670 9.39 -96.32 -2.21
CA ASN J 670 8.87 -96.82 -0.94
C ASN J 670 9.76 -96.46 0.24
N ASP J 671 10.40 -95.30 0.15
CA ASP J 671 11.24 -94.79 1.23
C ASP J 671 10.41 -94.47 2.46
N GLU J 672 11.08 -94.29 3.61
CA GLU J 672 10.40 -94.05 4.87
C GLU J 672 9.48 -92.84 4.84
N LEU J 673 9.87 -91.82 4.08
CA LEU J 673 9.07 -90.60 3.96
C LEU J 673 7.76 -90.86 3.22
N THR J 674 7.85 -91.51 2.07
CA THR J 674 6.68 -91.81 1.26
C THR J 674 5.74 -92.77 1.98
N MET J 675 6.32 -93.71 2.72
CA MET J 675 5.53 -94.66 3.51
C MET J 675 4.73 -93.93 4.59
N GLY J 676 5.27 -92.82 5.08
CA GLY J 676 4.58 -92.00 6.06
C GLY J 676 3.50 -91.16 5.40
N MET J 677 3.77 -90.70 4.19
CA MET J 677 2.81 -89.89 3.43
C MET J 677 1.55 -90.69 3.11
N ARG J 678 1.73 -91.96 2.75
CA ARG J 678 0.61 -92.85 2.49
C ARG J 678 -0.15 -93.15 3.77
N ALA J 679 0.59 -93.22 4.88
CA ALA J 679 -0.01 -93.42 6.19
C ALA J 679 -0.85 -92.21 6.57
N LEU J 680 -0.40 -91.03 6.16
CA LEU J 680 -1.15 -89.80 6.40
C LEU J 680 -2.45 -89.80 5.61
N LEU J 681 -2.37 -90.23 4.35
CA LEU J 681 -3.55 -90.27 3.48
C LEU J 681 -4.55 -91.31 3.98
N LYS J 682 -4.04 -92.44 4.43
CA LYS J 682 -4.88 -93.52 4.94
C LYS J 682 -5.64 -93.06 6.19
N LEU J 683 -4.95 -92.35 7.06
CA LEU J 683 -5.56 -91.79 8.27
C LEU J 683 -6.44 -90.59 7.91
N SER J 684 -6.13 -89.95 6.80
CA SER J 684 -6.93 -88.82 6.31
C SER J 684 -8.32 -89.30 5.88
N VAL J 685 -8.37 -90.46 5.24
CA VAL J 685 -9.63 -91.05 4.81
C VAL J 685 -10.48 -91.43 6.01
N LYS J 686 -9.85 -92.01 7.03
CA LYS J 686 -10.54 -92.39 8.26
C LYS J 686 -11.10 -91.18 8.99
N LEU J 687 -10.30 -90.13 9.11
CA LEU J 687 -10.72 -88.91 9.80
C LEU J 687 -11.85 -88.19 9.05
N LYS J 688 -11.77 -88.18 7.74
CA LYS J 688 -12.78 -87.53 6.91
C LYS J 688 -14.09 -88.33 6.93
N GLN J 689 -13.95 -89.65 7.01
CA GLN J 689 -15.11 -90.54 7.11
C GLN J 689 -15.88 -90.27 8.40
N LYS J 690 -15.17 -90.34 9.53
CA LYS J 690 -15.81 -90.17 10.82
C LYS J 690 -16.44 -88.79 10.90
N ARG J 691 -15.75 -87.80 10.34
CA ARG J 691 -16.21 -86.42 10.43
C ARG J 691 -17.55 -86.24 9.72
N LEU J 692 -17.64 -86.76 8.49
CA LEU J 692 -18.87 -86.68 7.72
C LEU J 692 -20.00 -87.44 8.40
N GLU J 693 -19.66 -88.55 9.05
CA GLU J 693 -20.63 -89.33 9.79
C GLU J 693 -21.10 -88.57 11.03
N ALA J 694 -20.22 -87.72 11.56
CA ALA J 694 -20.56 -86.91 12.72
C ALA J 694 -21.49 -85.77 12.33
N GLY J 695 -21.54 -85.46 11.03
CA GLY J 695 -22.43 -84.45 10.53
C GLY J 695 -21.71 -83.29 9.85
N ALA J 696 -20.50 -83.54 9.36
CA ALA J 696 -19.73 -82.52 8.67
C ALA J 696 -20.33 -82.12 7.32
N LEU J 697 -20.35 -80.83 7.04
CA LEU J 697 -20.82 -80.28 5.78
C LEU J 697 -19.85 -80.50 4.61
N ASN J 698 -20.38 -80.58 3.40
CA ASN J 698 -19.54 -80.66 2.21
C ASN J 698 -19.99 -79.64 1.16
N LEU J 699 -19.80 -78.37 1.48
CA LEU J 699 -20.13 -77.29 0.54
C LEU J 699 -19.06 -77.23 -0.54
N ALA J 700 -19.29 -76.42 -1.56
CA ALA J 700 -18.35 -76.33 -2.67
C ALA J 700 -18.39 -74.98 -3.38
N SER J 701 -17.21 -74.49 -3.74
CA SER J 701 -17.09 -73.30 -4.59
C SER J 701 -15.70 -73.24 -5.21
N PRO J 702 -15.37 -74.21 -6.08
CA PRO J 702 -14.04 -74.23 -6.69
C PRO J 702 -13.88 -73.15 -7.74
N GLU J 703 -13.44 -71.96 -7.31
CA GLU J 703 -13.25 -70.85 -8.23
C GLU J 703 -12.16 -71.12 -9.26
N VAL J 704 -12.23 -70.38 -10.36
CA VAL J 704 -11.28 -70.48 -11.49
C VAL J 704 -9.90 -69.85 -11.25
N LYS J 705 -8.92 -70.24 -12.08
CA LYS J 705 -7.54 -69.78 -11.95
C LYS J 705 -6.97 -69.25 -13.27
N VAL J 706 -5.90 -68.47 -13.19
CA VAL J 706 -5.32 -67.82 -14.37
C VAL J 706 -3.85 -68.18 -14.59
N HIS J 707 -3.45 -68.29 -15.86
CA HIS J 707 -2.10 -68.70 -16.21
C HIS J 707 -1.41 -67.77 -17.17
N MET J 708 -0.08 -67.66 -17.02
CA MET J 708 0.75 -66.83 -17.84
C MET J 708 1.33 -67.56 -19.07
N ASP J 709 1.84 -66.76 -20.00
CA ASP J 709 2.62 -67.23 -21.12
C ASP J 709 4.07 -67.23 -20.67
N SER J 710 5.00 -67.28 -21.62
CA SER J 710 6.41 -67.27 -21.27
C SER J 710 6.69 -65.98 -20.51
N GLU J 711 6.07 -64.89 -20.96
CA GLU J 711 6.12 -63.63 -20.22
C GLU J 711 5.39 -63.81 -18.89
N THR J 712 5.91 -63.18 -17.84
CA THR J 712 5.36 -63.36 -16.48
C THR J 712 4.09 -62.53 -16.26
N SER J 713 3.86 -61.53 -17.12
CA SER J 713 2.66 -60.68 -17.07
C SER J 713 1.77 -60.80 -18.32
N ASP J 714 2.11 -61.70 -19.24
CA ASP J 714 1.27 -61.96 -20.42
C ASP J 714 0.40 -63.19 -20.18
N PRO J 715 -0.93 -62.99 -20.00
CA PRO J 715 -1.84 -64.07 -19.61
C PRO J 715 -2.39 -64.91 -20.79
N ASN J 716 -2.37 -66.22 -20.61
CA ASN J 716 -2.77 -67.17 -21.65
C ASN J 716 -4.17 -67.74 -21.43
N GLU J 717 -4.40 -68.37 -20.29
CA GLU J 717 -5.61 -69.18 -20.17
C GLU J 717 -6.36 -69.10 -18.85
N VAL J 718 -7.65 -69.43 -18.92
CA VAL J 718 -8.47 -69.58 -17.74
C VAL J 718 -8.80 -71.06 -17.59
N GLU J 719 -8.47 -71.60 -16.43
CA GLU J 719 -8.65 -73.02 -16.13
C GLU J 719 -9.33 -73.22 -14.78
N ILE J 720 -9.38 -74.46 -14.33
CA ILE J 720 -9.99 -74.79 -13.04
C ILE J 720 -9.07 -75.61 -12.16
N LYS J 721 -8.95 -75.23 -10.89
CA LYS J 721 -8.12 -75.97 -9.94
C LYS J 721 -8.80 -77.27 -9.52
N LYS J 722 -8.06 -78.37 -9.62
CA LYS J 722 -8.60 -79.68 -9.27
C LYS J 722 -8.15 -80.09 -7.87
N LEU J 723 -9.10 -80.58 -7.08
CA LEU J 723 -8.80 -81.05 -5.73
C LEU J 723 -8.21 -82.45 -5.76
N LEU J 724 -6.93 -82.54 -5.41
CA LEU J 724 -6.25 -83.83 -5.33
C LEU J 724 -6.45 -84.45 -3.96
N ALA J 725 -6.07 -85.71 -3.81
CA ALA J 725 -6.22 -86.41 -2.54
C ALA J 725 -5.29 -85.83 -1.48
N THR J 726 -4.22 -85.19 -1.93
CA THR J 726 -3.27 -84.54 -1.03
C THR J 726 -3.88 -83.31 -0.37
N ASN J 727 -4.78 -82.66 -1.11
CA ASN J 727 -5.47 -81.45 -0.65
C ASN J 727 -6.33 -81.74 0.56
N SER J 728 -6.99 -82.89 0.53
CA SER J 728 -7.72 -83.39 1.67
C SER J 728 -6.67 -83.61 2.74
N LEU J 729 -5.50 -84.05 2.28
CA LEU J 729 -4.39 -84.35 3.16
C LEU J 729 -3.92 -83.12 3.95
N VAL J 730 -3.86 -81.95 3.31
CA VAL J 730 -3.43 -80.78 4.06
C VAL J 730 -4.53 -80.23 4.93
N GLU J 731 -5.73 -80.08 4.35
CA GLU J 731 -6.92 -79.59 5.06
C GLU J 731 -7.29 -80.37 6.33
N GLU J 732 -7.28 -81.70 6.24
CA GLU J 732 -7.59 -82.54 7.40
C GLU J 732 -6.63 -82.36 8.58
N PHE J 733 -5.35 -82.17 8.28
CA PHE J 733 -4.37 -81.96 9.33
C PHE J 733 -4.35 -80.53 9.83
N MET J 734 -4.76 -79.58 8.98
CA MET J 734 -4.96 -78.20 9.43
C MET J 734 -6.11 -78.15 10.39
N LEU J 735 -7.20 -78.80 10.02
CA LEU J 735 -8.37 -78.97 10.86
C LEU J 735 -8.00 -79.63 12.18
N LEU J 736 -7.27 -80.75 12.11
CA LEU J 736 -6.78 -81.45 13.29
C LEU J 736 -5.92 -80.52 14.17
N ALA J 737 -5.00 -79.77 13.56
CA ALA J 737 -4.17 -78.79 14.31
C ALA J 737 -5.01 -77.74 15.02
N ASN J 738 -5.97 -77.15 14.30
CA ASN J 738 -6.85 -76.08 14.81
C ASN J 738 -7.78 -76.50 15.95
N ILE J 739 -8.37 -77.69 15.84
CA ILE J 739 -9.20 -78.29 16.89
C ILE J 739 -8.41 -78.66 18.16
N SER J 740 -7.24 -79.25 18.00
CA SER J 740 -6.41 -79.57 19.15
C SER J 740 -5.99 -78.29 19.86
N VAL J 741 -5.63 -77.27 19.09
CA VAL J 741 -5.21 -75.98 19.63
C VAL J 741 -6.33 -75.27 20.40
N ALA J 742 -7.54 -75.31 19.87
CA ALA J 742 -8.68 -74.63 20.49
C ALA J 742 -8.99 -75.22 21.85
N ARG J 743 -8.92 -76.55 21.95
CA ARG J 743 -9.16 -77.27 23.19
C ARG J 743 -8.10 -76.96 24.24
N LYS J 744 -6.87 -76.78 23.78
CA LYS J 744 -5.77 -76.54 24.69
C LYS J 744 -5.87 -75.13 25.25
N ILE J 745 -6.11 -74.14 24.40
CA ILE J 745 -6.11 -72.73 24.84
C ILE J 745 -7.37 -72.36 25.61
N TYR J 746 -8.48 -72.99 25.29
CA TYR J 746 -9.69 -72.82 26.07
C TYR J 746 -9.51 -73.45 27.44
N ASP J 747 -8.71 -74.51 27.48
CA ASP J 747 -8.35 -75.16 28.73
C ASP J 747 -7.54 -74.23 29.62
N ALA J 748 -6.49 -73.64 29.06
CA ALA J 748 -5.62 -72.72 29.80
C ALA J 748 -6.27 -71.38 30.11
N PHE J 749 -7.10 -70.88 29.21
CA PHE J 749 -7.71 -69.55 29.35
C PHE J 749 -9.21 -69.52 29.08
N PRO J 750 -10.02 -70.12 29.98
CA PRO J 750 -11.47 -70.29 29.78
C PRO J 750 -12.24 -68.98 29.57
N GLN J 751 -11.62 -67.85 29.94
CA GLN J 751 -12.30 -66.57 29.80
C GLN J 751 -11.95 -65.79 28.53
N THR J 752 -10.76 -66.00 27.99
CA THR J 752 -10.29 -65.12 26.90
C THR J 752 -9.66 -65.85 25.70
N ALA J 753 -9.92 -67.14 25.58
CA ALA J 753 -9.37 -67.94 24.48
C ALA J 753 -9.89 -67.40 23.16
N MET J 754 -8.96 -67.25 22.21
CA MET J 754 -9.28 -66.83 20.84
C MET J 754 -9.86 -68.03 20.07
N LEU J 755 -11.17 -67.97 19.81
CA LEU J 755 -11.90 -69.06 19.18
C LEU J 755 -12.65 -68.62 17.93
N ARG J 756 -13.24 -69.57 17.20
CA ARG J 756 -14.09 -69.29 16.02
C ARG J 756 -15.31 -70.22 15.96
N ARG J 757 -16.50 -69.61 15.95
CA ARG J 757 -17.79 -70.33 15.99
C ARG J 757 -18.50 -70.15 14.66
N HIS J 758 -19.55 -70.94 14.44
CA HIS J 758 -20.36 -70.80 13.23
C HIS J 758 -21.79 -71.23 13.57
N ALA J 759 -22.72 -70.28 13.53
CA ALA J 759 -24.10 -70.52 13.93
C ALA J 759 -24.81 -71.41 12.91
N ALA J 760 -25.85 -72.12 13.36
CA ALA J 760 -26.74 -72.86 12.47
C ALA J 760 -27.55 -71.84 11.67
N PRO J 761 -27.87 -72.18 10.40
CA PRO J 761 -28.71 -71.25 9.66
C PRO J 761 -30.18 -71.37 10.10
N PRO J 762 -30.88 -70.24 10.27
CA PRO J 762 -32.32 -70.35 10.41
C PRO J 762 -32.93 -71.00 9.16
N SER J 763 -34.09 -71.61 9.32
CA SER J 763 -34.81 -72.24 8.21
C SER J 763 -35.17 -71.21 7.15
N THR J 764 -35.30 -69.97 7.61
CA THR J 764 -35.64 -68.83 6.77
C THR J 764 -34.53 -68.55 5.75
N ASN J 765 -33.29 -68.89 6.10
CA ASN J 765 -32.17 -68.80 5.17
C ASN J 765 -32.31 -69.70 3.95
N PHE J 766 -33.01 -70.83 4.12
CA PHE J 766 -33.18 -71.85 3.09
C PHE J 766 -34.59 -71.92 2.56
N GLU J 767 -35.38 -70.90 2.87
CA GLU J 767 -36.80 -70.91 2.55
C GLU J 767 -37.02 -70.86 1.05
N ILE J 768 -36.33 -69.94 0.38
CA ILE J 768 -36.52 -69.70 -1.06
C ILE J 768 -35.92 -70.86 -1.84
N LEU J 769 -34.67 -71.20 -1.50
CA LEU J 769 -33.99 -72.28 -2.19
C LEU J 769 -34.76 -73.61 -2.10
N ASN J 770 -35.21 -73.97 -0.89
CA ASN J 770 -35.92 -75.23 -0.70
C ASN J 770 -37.26 -75.31 -1.43
N GLU J 771 -38.04 -74.24 -1.40
CA GLU J 771 -39.40 -74.34 -1.96
C GLU J 771 -39.44 -74.67 -3.45
N MET J 772 -38.57 -74.03 -4.24
CA MET J 772 -38.56 -74.24 -5.68
C MET J 772 -38.20 -75.66 -6.08
N LEU J 773 -37.20 -76.23 -5.41
CA LEU J 773 -36.76 -77.58 -5.71
C LEU J 773 -37.87 -78.57 -5.40
N ASN J 774 -38.54 -78.35 -4.27
CA ASN J 774 -39.65 -79.21 -3.87
C ASN J 774 -40.76 -79.13 -4.89
N THR J 775 -41.11 -77.92 -5.32
CA THR J 775 -42.17 -77.77 -6.30
C THR J 775 -41.82 -78.37 -7.66
N ARG J 776 -40.66 -77.99 -8.19
CA ARG J 776 -40.26 -78.45 -9.52
C ARG J 776 -39.99 -79.94 -9.66
N LYS J 777 -39.27 -80.51 -8.69
CA LYS J 777 -38.89 -81.92 -8.76
C LYS J 777 -39.38 -82.76 -7.58
N ASN J 778 -39.99 -82.12 -6.59
CA ASN J 778 -40.39 -82.81 -5.38
C ASN J 778 -39.19 -83.45 -4.69
N MET J 779 -38.05 -82.79 -4.76
CA MET J 779 -36.82 -83.25 -4.12
C MET J 779 -36.36 -82.19 -3.13
N SER J 780 -36.02 -82.60 -1.90
CA SER J 780 -35.74 -81.62 -0.85
C SER J 780 -34.45 -81.87 -0.04
N ILE J 781 -33.94 -80.80 0.56
CA ILE J 781 -32.75 -80.86 1.42
C ILE J 781 -33.16 -80.56 2.87
N SER J 782 -32.67 -81.36 3.81
CA SER J 782 -33.23 -81.37 5.16
C SER J 782 -32.43 -80.53 6.14
N LEU J 783 -33.14 -79.70 6.90
CA LEU J 783 -32.54 -78.79 7.87
C LEU J 783 -32.51 -79.35 9.29
N GLU J 784 -32.89 -80.62 9.44
CA GLU J 784 -33.00 -81.22 10.77
C GLU J 784 -31.66 -81.21 11.50
N SER J 785 -30.59 -81.53 10.78
CA SER J 785 -29.24 -81.38 11.32
C SER J 785 -28.30 -81.02 10.17
N SER J 786 -27.02 -80.82 10.48
CA SER J 786 -26.00 -80.58 9.44
C SER J 786 -25.72 -81.85 8.64
N LYS J 787 -25.85 -83.01 9.28
CA LYS J 787 -25.72 -84.26 8.54
C LYS J 787 -26.84 -84.48 7.52
N ALA J 788 -28.08 -84.22 7.93
CA ALA J 788 -29.22 -84.26 7.01
C ALA J 788 -29.06 -83.21 5.89
N LEU J 789 -28.62 -82.01 6.25
CA LEU J 789 -28.27 -80.99 5.27
C LEU J 789 -27.23 -81.48 4.23
N ALA J 790 -26.12 -82.03 4.73
CA ALA J 790 -25.04 -82.55 3.88
C ALA J 790 -25.48 -83.73 3.02
N ASP J 791 -26.19 -84.68 3.61
CA ASP J 791 -26.67 -85.87 2.89
C ASP J 791 -27.73 -85.59 1.79
N SER J 792 -28.70 -84.73 2.10
CA SER J 792 -29.73 -84.38 1.11
C SER J 792 -29.12 -83.57 -0.01
N LEU J 793 -28.14 -82.72 0.33
CA LEU J 793 -27.42 -81.95 -0.67
C LEU J 793 -26.68 -82.90 -1.63
N ASP J 794 -25.94 -83.86 -1.07
CA ASP J 794 -25.33 -84.95 -1.86
C ASP J 794 -26.26 -85.68 -2.80
N ARG J 795 -27.51 -85.84 -2.40
CA ARG J 795 -28.48 -86.58 -3.20
C ARG J 795 -29.24 -85.71 -4.21
N CYS J 796 -28.98 -84.41 -4.22
CA CYS J 796 -29.57 -83.49 -5.19
C CYS J 796 -28.87 -83.62 -6.54
N VAL J 797 -29.27 -84.66 -7.29
CA VAL J 797 -28.59 -85.08 -8.50
C VAL J 797 -29.52 -85.09 -9.70
N ASP J 798 -29.02 -84.55 -10.81
CA ASP J 798 -29.68 -84.70 -12.09
C ASP J 798 -28.76 -85.65 -12.86
N PRO J 799 -29.29 -86.82 -13.24
CA PRO J 799 -28.49 -87.81 -13.97
C PRO J 799 -28.02 -87.27 -15.31
N GLU J 800 -28.89 -86.52 -16.00
CA GLU J 800 -28.55 -85.98 -17.30
C GLU J 800 -27.39 -85.00 -17.23
N ASP J 801 -27.38 -84.14 -16.21
CA ASP J 801 -26.29 -83.19 -16.03
C ASP J 801 -25.60 -83.33 -14.68
N PRO J 802 -24.28 -83.51 -14.71
CA PRO J 802 -23.47 -83.58 -13.49
C PRO J 802 -23.45 -82.27 -12.70
N TYR J 803 -23.36 -81.16 -13.41
CA TYR J 803 -23.15 -79.84 -12.79
C TYR J 803 -24.25 -79.40 -11.85
N PHE J 804 -25.47 -79.88 -12.06
CA PHE J 804 -26.59 -79.41 -11.26
C PHE J 804 -26.29 -79.49 -9.77
N ASN J 805 -25.72 -80.60 -9.35
CA ASN J 805 -25.38 -80.78 -7.95
C ASN J 805 -24.44 -79.70 -7.39
N THR J 806 -23.52 -79.21 -8.23
CA THR J 806 -22.58 -78.19 -7.84
C THR J 806 -23.30 -76.85 -7.80
N LEU J 807 -24.22 -76.65 -8.74
CA LEU J 807 -25.05 -75.43 -8.73
C LEU J 807 -25.72 -75.27 -7.36
N VAL J 808 -26.38 -76.32 -6.88
CA VAL J 808 -27.13 -76.29 -5.62
C VAL J 808 -26.22 -76.15 -4.41
N ARG J 809 -25.07 -76.79 -4.48
CA ARG J 809 -24.03 -76.71 -3.45
C ARG J 809 -23.49 -75.28 -3.27
N ILE J 810 -23.22 -74.59 -4.40
CA ILE J 810 -22.81 -73.20 -4.35
C ILE J 810 -23.91 -72.26 -3.84
N MET J 811 -25.17 -72.59 -4.15
CA MET J 811 -26.34 -71.80 -3.75
C MET J 811 -26.67 -71.99 -2.28
N SER J 812 -26.36 -73.17 -1.75
CA SER J 812 -26.48 -73.46 -0.30
C SER J 812 -25.46 -72.71 0.53
N THR J 813 -24.24 -72.60 0.02
CA THR J 813 -23.16 -71.82 0.63
C THR J 813 -23.59 -70.36 0.93
N ARG J 814 -24.35 -69.76 0.02
CA ARG J 814 -24.80 -68.38 0.17
C ARG J 814 -25.69 -68.20 1.40
N CYS J 815 -26.55 -69.20 1.63
CA CYS J 815 -27.50 -69.17 2.73
C CYS J 815 -26.83 -69.12 4.10
N MET J 816 -25.71 -69.83 4.23
CA MET J 816 -25.08 -70.05 5.53
C MET J 816 -24.65 -68.78 6.26
N MET J 817 -24.90 -68.78 7.56
CA MET J 817 -24.56 -67.66 8.42
C MET J 817 -23.05 -67.51 8.50
N ALA J 818 -22.62 -66.28 8.74
CA ALA J 818 -21.19 -65.98 8.80
C ALA J 818 -20.56 -66.65 10.02
N ALA J 819 -19.49 -67.43 9.81
CA ALA J 819 -18.60 -67.84 10.91
C ALA J 819 -17.93 -66.60 11.50
N GLN J 820 -17.69 -66.63 12.80
CA GLN J 820 -17.25 -65.44 13.54
C GLN J 820 -16.23 -65.80 14.60
N TYR J 821 -15.09 -65.10 14.60
CA TYR J 821 -14.13 -65.14 15.73
C TYR J 821 -14.79 -64.61 16.98
N PHE J 822 -14.37 -65.12 18.14
CA PHE J 822 -14.91 -64.66 19.42
C PHE J 822 -13.97 -65.03 20.55
N TYR J 823 -14.06 -64.35 21.68
CA TYR J 823 -13.29 -64.81 22.82
C TYR J 823 -14.20 -65.67 23.70
N SER J 824 -13.65 -66.79 24.19
CA SER J 824 -14.42 -67.81 24.92
C SER J 824 -15.38 -67.29 26.01
N GLY J 825 -15.00 -66.20 26.67
CA GLY J 825 -15.80 -65.60 27.73
C GLY J 825 -17.11 -64.97 27.30
N ALA J 826 -17.25 -64.70 25.99
CA ALA J 826 -18.43 -64.02 25.45
C ALA J 826 -19.69 -64.89 25.37
N TYR J 827 -19.50 -66.20 25.25
CA TYR J 827 -20.61 -67.16 25.07
C TYR J 827 -20.47 -68.31 26.07
N SER J 828 -21.49 -69.17 26.14
CA SER J 828 -21.38 -70.40 26.91
C SER J 828 -20.97 -71.54 25.97
N TYR J 829 -20.37 -72.59 26.53
CA TYR J 829 -19.81 -73.69 25.72
C TYR J 829 -20.66 -74.21 24.52
N PRO J 830 -21.98 -74.45 24.72
CA PRO J 830 -22.74 -74.99 23.57
C PRO J 830 -22.78 -74.03 22.38
N ASP J 831 -22.52 -72.75 22.62
CA ASP J 831 -22.51 -71.73 21.57
C ASP J 831 -21.13 -71.50 20.93
N PHE J 832 -20.16 -72.34 21.30
CA PHE J 832 -18.82 -72.35 20.72
C PHE J 832 -18.88 -73.12 19.40
N ARG J 833 -20.00 -73.84 19.25
CA ARG J 833 -20.31 -74.76 18.15
C ARG J 833 -19.88 -74.24 16.77
N HIS J 834 -19.13 -75.04 16.03
CA HIS J 834 -18.93 -74.76 14.63
C HIS J 834 -19.90 -75.67 13.86
N TYR J 835 -20.98 -75.09 13.32
CA TYR J 835 -22.03 -75.85 12.62
C TYR J 835 -21.48 -76.51 11.37
N GLY J 836 -20.86 -75.70 10.52
CA GLY J 836 -20.33 -76.12 9.22
C GLY J 836 -19.36 -77.26 9.37
N LEU J 837 -18.52 -77.19 10.40
CA LEU J 837 -17.52 -78.22 10.63
C LEU J 837 -17.98 -79.32 11.58
N ALA J 838 -19.14 -79.13 12.22
CA ALA J 838 -19.69 -80.08 13.18
C ALA J 838 -18.70 -80.47 14.29
N VAL J 839 -17.98 -79.47 14.80
CA VAL J 839 -17.15 -79.67 15.98
C VAL J 839 -17.59 -78.72 17.07
N ASP J 840 -17.31 -79.08 18.32
CA ASP J 840 -17.76 -78.31 19.49
C ASP J 840 -16.98 -77.03 19.79
N ILE J 841 -15.75 -76.97 19.29
CA ILE J 841 -14.85 -75.85 19.56
C ILE J 841 -13.81 -75.78 18.45
N TYR J 842 -13.51 -74.57 17.98
CA TYR J 842 -12.61 -74.41 16.86
C TYR J 842 -11.86 -73.10 16.99
N THR J 843 -10.75 -72.97 16.28
CA THR J 843 -10.00 -71.72 16.21
C THR J 843 -9.16 -71.69 14.96
N HIS J 844 -8.52 -70.56 14.70
CA HIS J 844 -7.56 -70.43 13.60
C HIS J 844 -6.14 -70.30 14.18
N PHE J 845 -5.30 -71.27 13.86
CA PHE J 845 -3.94 -71.40 14.42
C PHE J 845 -2.88 -71.54 13.33
N THR J 846 -3.28 -72.16 12.21
CA THR J 846 -2.37 -72.71 11.23
C THR J 846 -1.76 -71.69 10.25
N SER J 847 -2.19 -70.44 10.32
CA SER J 847 -1.77 -69.41 9.37
C SER J 847 -1.43 -68.02 9.95
N PRO J 848 -0.54 -67.98 10.94
CA PRO J 848 -0.28 -66.78 11.73
C PRO J 848 0.22 -65.63 10.86
N ILE J 849 1.03 -65.94 9.86
CA ILE J 849 1.59 -64.92 8.99
C ILE J 849 0.52 -64.16 8.24
N ARG J 850 -0.52 -64.86 7.78
CA ARG J 850 -1.54 -64.20 6.95
C ARG J 850 -2.85 -63.83 7.65
N ARG J 851 -2.99 -64.23 8.91
CA ARG J 851 -4.13 -63.86 9.73
C ARG J 851 -3.66 -63.44 11.12
N TYR J 852 -4.36 -62.49 11.72
CA TYR J 852 -4.06 -62.04 13.09
C TYR J 852 -4.65 -62.91 14.21
N CYS J 853 -5.83 -63.48 14.01
CA CYS J 853 -6.38 -64.47 14.94
C CYS J 853 -5.35 -65.52 15.37
N ASP J 854 -4.55 -66.00 14.41
CA ASP J 854 -3.56 -67.03 14.69
C ASP J 854 -2.48 -66.50 15.62
N VAL J 855 -1.99 -65.30 15.32
CA VAL J 855 -0.99 -64.68 16.15
C VAL J 855 -1.42 -64.78 17.65
N VAL J 856 -2.66 -64.40 17.95
CA VAL J 856 -3.22 -64.45 19.31
C VAL J 856 -3.29 -65.88 19.82
N ALA J 857 -3.78 -66.79 18.99
CA ALA J 857 -3.90 -68.22 19.35
C ALA J 857 -2.54 -68.81 19.69
N HIS J 858 -1.55 -68.44 18.89
CA HIS J 858 -0.15 -68.78 19.10
C HIS J 858 0.39 -68.32 20.46
N ARG J 859 0.09 -67.07 20.83
CA ARG J 859 0.53 -66.55 22.14
C ARG J 859 -0.17 -67.30 23.28
N GLN J 860 -1.44 -67.63 23.07
CA GLN J 860 -2.24 -68.34 24.06
C GLN J 860 -1.79 -69.78 24.26
N LEU J 861 -1.30 -70.39 23.18
CA LEU J 861 -0.75 -71.73 23.23
C LEU J 861 0.62 -71.73 23.93
N ALA J 862 1.48 -70.78 23.57
CA ALA J 862 2.72 -70.58 24.30
C ALA J 862 2.48 -70.26 25.80
N GLY J 863 1.39 -69.57 26.09
CA GLY J 863 0.91 -69.38 27.47
C GLY J 863 0.47 -70.68 28.11
N ALA J 864 -0.36 -71.44 27.40
CA ALA J 864 -0.88 -72.76 27.83
C ALA J 864 0.18 -73.81 28.18
N ILE J 865 1.23 -73.89 27.38
CA ILE J 865 2.27 -74.90 27.60
C ILE J 865 3.39 -74.44 28.55
N GLY J 866 3.29 -73.21 29.05
CA GLY J 866 4.26 -72.70 30.02
C GLY J 866 5.57 -72.26 29.38
N TYR J 867 5.54 -72.05 28.06
CA TYR J 867 6.73 -71.61 27.36
C TYR J 867 7.06 -70.15 27.68
N GLU J 868 6.02 -69.31 27.72
CA GLU J 868 6.12 -67.88 28.03
C GLU J 868 4.83 -67.46 28.75
N PRO J 869 4.86 -66.40 29.58
CA PRO J 869 3.56 -65.87 30.05
C PRO J 869 2.71 -65.17 28.98
N LEU J 870 1.40 -65.37 29.04
CA LEU J 870 0.48 -64.72 28.11
C LEU J 870 0.37 -63.23 28.42
N SER J 871 0.53 -62.44 27.37
CA SER J 871 0.37 -61.00 27.42
C SER J 871 -0.99 -60.65 28.03
N LEU J 872 -0.99 -59.68 28.94
CA LEU J 872 -2.19 -59.35 29.68
C LEU J 872 -3.23 -58.75 28.76
N THR J 873 -2.75 -58.25 27.62
CA THR J 873 -3.59 -57.82 26.49
C THR J 873 -4.60 -58.89 26.09
N HIS J 874 -4.15 -60.15 26.00
CA HIS J 874 -5.04 -61.22 25.57
C HIS J 874 -5.74 -61.93 26.75
N ARG J 875 -5.81 -61.23 27.89
CA ARG J 875 -6.42 -61.72 29.14
C ARG J 875 -7.41 -60.69 29.65
N ASP J 876 -7.45 -59.57 28.95
CA ASP J 876 -8.38 -58.46 29.14
C ASP J 876 -9.52 -58.67 28.15
N LYS J 877 -10.73 -58.84 28.66
CA LYS J 877 -11.90 -59.13 27.83
C LYS J 877 -12.26 -57.98 26.91
N ASN J 878 -12.14 -56.75 27.40
CA ASN J 878 -12.45 -55.58 26.60
C ASN J 878 -11.53 -55.40 25.40
N LYS J 879 -10.22 -55.66 25.58
CA LYS J 879 -9.27 -55.58 24.48
C LYS J 879 -9.48 -56.74 23.48
N MET J 880 -9.72 -57.94 24.02
CA MET J 880 -10.04 -59.11 23.23
C MET J 880 -11.28 -58.91 22.35
N ASP J 881 -12.34 -58.38 22.97
CA ASP J 881 -13.59 -58.05 22.32
C ASP J 881 -13.42 -57.04 21.17
N MET J 882 -12.50 -56.10 21.33
CA MET J 882 -12.21 -55.12 20.31
C MET J 882 -11.39 -55.70 19.16
N ILE J 883 -10.54 -56.67 19.51
CA ILE J 883 -9.69 -57.36 18.54
C ILE J 883 -10.54 -58.23 17.60
N CYS J 884 -11.50 -58.95 18.15
CA CYS J 884 -12.39 -59.86 17.42
C CYS J 884 -13.30 -59.09 16.49
N ARG J 885 -13.82 -57.99 17.02
CA ARG J 885 -14.63 -57.07 16.25
C ARG J 885 -13.88 -56.64 15.00
N ASN J 886 -12.65 -56.15 15.21
CA ASN J 886 -11.80 -55.69 14.11
C ASN J 886 -11.48 -56.80 13.09
N ILE J 887 -11.05 -57.97 13.56
CA ILE J 887 -10.63 -59.06 12.66
C ILE J 887 -11.75 -59.79 11.91
N ASN J 888 -12.95 -59.80 12.48
CA ASN J 888 -14.16 -60.21 11.75
C ASN J 888 -14.46 -59.23 10.63
N ARG J 889 -14.12 -57.97 10.86
CA ARG J 889 -14.36 -56.93 9.89
C ARG J 889 -13.32 -56.99 8.78
N LYS J 890 -12.07 -57.18 9.16
CA LYS J 890 -10.98 -57.33 8.22
C LYS J 890 -11.11 -58.62 7.40
N HIS J 891 -11.54 -59.72 8.05
CA HIS J 891 -11.81 -60.99 7.35
C HIS J 891 -12.89 -60.84 6.26
N ARG J 892 -14.04 -60.27 6.62
CA ARG J 892 -15.13 -60.01 5.69
C ARG J 892 -14.67 -59.13 4.52
N ASN J 893 -14.10 -57.97 4.84
CA ASN J 893 -13.61 -57.04 3.81
C ASN J 893 -12.66 -57.69 2.80
N ALA J 894 -11.78 -58.55 3.31
CA ALA J 894 -10.84 -59.31 2.49
C ALA J 894 -11.51 -60.34 1.58
N GLN J 895 -12.56 -61.01 2.07
CA GLN J 895 -13.37 -61.90 1.22
C GLN J 895 -14.04 -61.12 0.10
N PHE J 896 -14.62 -59.96 0.44
CA PHE J 896 -15.29 -59.09 -0.52
C PHE J 896 -14.31 -58.61 -1.59
N ALA J 897 -13.13 -58.17 -1.15
CA ALA J 897 -12.15 -57.58 -2.03
C ALA J 897 -11.61 -58.66 -2.98
N GLY J 898 -11.36 -59.84 -2.40
CA GLY J 898 -10.97 -61.03 -3.15
C GLY J 898 -11.91 -61.31 -4.30
N ARG J 899 -13.20 -61.43 -4.00
CA ARG J 899 -14.25 -61.76 -4.98
C ARG J 899 -14.43 -60.72 -6.07
N ALA J 900 -14.29 -59.44 -5.71
CA ALA J 900 -14.51 -58.36 -6.64
C ALA J 900 -13.33 -58.15 -7.59
N SER J 901 -12.13 -58.51 -7.16
CA SER J 901 -10.97 -58.59 -8.05
C SER J 901 -11.16 -59.70 -9.11
N ILE J 902 -11.54 -60.89 -8.66
CA ILE J 902 -11.86 -62.00 -9.57
C ILE J 902 -12.97 -61.63 -10.57
N GLU J 903 -14.08 -61.09 -10.07
CA GLU J 903 -15.21 -60.64 -10.92
C GLU J 903 -14.77 -59.63 -11.97
N TYR J 904 -13.92 -58.69 -11.57
CA TYR J 904 -13.36 -57.71 -12.46
C TYR J 904 -12.50 -58.30 -13.58
N TYR J 905 -11.55 -59.16 -13.23
CA TYR J 905 -10.67 -59.76 -14.24
C TYR J 905 -11.40 -60.75 -15.12
N VAL J 906 -12.28 -61.56 -14.52
CA VAL J 906 -13.05 -62.51 -15.29
C VAL J 906 -13.98 -61.78 -16.28
N GLY J 907 -14.59 -60.70 -15.82
CA GLY J 907 -15.42 -59.88 -16.67
C GLY J 907 -14.72 -59.32 -17.88
N GLN J 908 -13.49 -58.84 -17.71
CA GLN J 908 -12.69 -58.42 -18.86
C GLN J 908 -12.29 -59.59 -19.74
N VAL J 909 -11.89 -60.69 -19.10
CA VAL J 909 -11.31 -61.83 -19.79
C VAL J 909 -12.26 -62.53 -20.76
N MET J 910 -13.50 -62.75 -20.34
CA MET J 910 -14.44 -63.46 -21.19
C MET J 910 -14.69 -62.65 -22.45
N ARG J 911 -14.88 -61.35 -22.29
CA ARG J 911 -15.13 -60.48 -23.42
C ARG J 911 -13.92 -60.49 -24.33
N ASN J 912 -12.73 -60.44 -23.75
CA ASN J 912 -11.52 -60.41 -24.55
C ASN J 912 -11.41 -61.68 -25.38
N ASN J 913 -11.74 -62.81 -24.76
CA ASN J 913 -11.71 -64.09 -25.45
C ASN J 913 -12.73 -64.20 -26.59
N GLU J 914 -13.93 -63.68 -26.35
CA GLU J 914 -15.03 -63.88 -27.29
C GLU J 914 -15.58 -65.28 -27.04
N SER J 915 -15.04 -65.90 -26.00
CA SER J 915 -15.41 -67.25 -25.56
C SER J 915 -16.90 -67.43 -25.22
N THR J 916 -17.40 -68.65 -25.40
CA THR J 916 -18.77 -69.00 -25.02
C THR J 916 -18.76 -69.91 -23.81
N GLU J 917 -19.48 -69.52 -22.75
CA GLU J 917 -19.56 -70.29 -21.51
C GLU J 917 -20.99 -70.46 -21.01
N THR J 918 -21.29 -71.65 -20.47
CA THR J 918 -22.61 -71.98 -19.92
C THR J 918 -22.92 -71.29 -18.58
N GLY J 919 -24.20 -71.04 -18.33
CA GLY J 919 -24.66 -70.45 -17.08
C GLY J 919 -25.93 -71.11 -16.56
N TYR J 920 -26.16 -71.06 -15.25
CA TYR J 920 -27.34 -71.67 -14.65
C TYR J 920 -28.20 -70.57 -14.05
N VAL J 921 -29.52 -70.65 -14.21
CA VAL J 921 -30.38 -69.60 -13.67
C VAL J 921 -30.69 -69.84 -12.18
N ILE J 922 -30.19 -68.92 -11.32
CA ILE J 922 -30.48 -68.95 -9.87
C ILE J 922 -31.46 -67.88 -9.40
N LYS J 923 -31.99 -67.05 -10.29
CA LYS J 923 -33.01 -66.09 -9.84
C LYS J 923 -33.85 -65.57 -11.03
N VAL J 924 -35.13 -65.35 -10.81
CA VAL J 924 -36.02 -64.87 -11.87
C VAL J 924 -36.85 -63.76 -11.30
N PHE J 925 -36.68 -62.57 -11.87
CA PHE J 925 -37.47 -61.40 -11.52
C PHE J 925 -38.40 -61.13 -12.66
N ASN J 926 -39.24 -60.11 -12.50
CA ASN J 926 -40.14 -59.64 -13.56
C ASN J 926 -39.38 -58.94 -14.68
N ASN J 927 -38.21 -58.38 -14.37
CA ASN J 927 -37.42 -57.58 -15.34
C ASN J 927 -35.93 -57.98 -15.44
N GLY J 928 -35.65 -59.24 -15.10
CA GLY J 928 -34.33 -59.78 -15.33
C GLY J 928 -34.15 -61.11 -14.66
N ILE J 929 -33.04 -61.76 -14.99
CA ILE J 929 -32.64 -62.98 -14.29
C ILE J 929 -31.19 -62.84 -13.80
N VAL J 930 -30.82 -63.74 -12.90
CA VAL J 930 -29.47 -63.81 -12.41
C VAL J 930 -28.90 -65.15 -12.74
N VAL J 931 -27.72 -65.13 -13.34
CA VAL J 931 -27.05 -66.35 -13.77
C VAL J 931 -25.77 -66.54 -12.97
N LEU J 932 -25.47 -67.79 -12.64
CA LEU J 932 -24.22 -68.16 -11.96
C LEU J 932 -23.37 -69.04 -12.87
N VAL J 933 -22.09 -68.74 -12.97
CA VAL J 933 -21.21 -69.45 -13.90
C VAL J 933 -20.27 -70.44 -13.21
N PRO J 934 -20.30 -71.68 -13.69
CA PRO J 934 -19.49 -72.78 -13.14
C PRO J 934 -17.99 -72.58 -13.26
N LYS J 935 -17.52 -72.12 -14.42
CA LYS J 935 -16.09 -71.93 -14.65
C LYS J 935 -15.48 -70.87 -13.74
N PHE J 936 -16.19 -69.75 -13.58
CA PHE J 936 -15.73 -68.67 -12.71
C PHE J 936 -16.55 -68.59 -11.43
N GLY J 937 -17.72 -69.23 -11.45
CA GLY J 937 -18.61 -69.21 -10.31
C GLY J 937 -18.99 -67.80 -9.88
N VAL J 938 -19.18 -66.91 -10.86
CA VAL J 938 -19.55 -65.53 -10.56
C VAL J 938 -20.91 -65.16 -11.15
N GLU J 939 -21.80 -64.68 -10.30
CA GLU J 939 -23.14 -64.25 -10.70
C GLU J 939 -23.14 -62.92 -11.46
N GLY J 940 -24.09 -62.79 -12.39
CA GLY J 940 -24.37 -61.51 -13.04
C GLY J 940 -25.86 -61.34 -13.25
N LEU J 941 -26.27 -60.11 -13.55
CA LEU J 941 -27.67 -59.83 -13.82
C LEU J 941 -27.85 -59.57 -15.30
N ILE J 942 -28.66 -60.37 -15.98
CA ILE J 942 -29.09 -60.03 -17.33
C ILE J 942 -30.43 -59.28 -17.19
N ARG J 943 -30.43 -58.00 -17.57
CA ARG J 943 -31.61 -57.15 -17.48
C ARG J 943 -32.61 -57.41 -18.60
N LEU J 944 -33.89 -57.16 -18.33
CA LEU J 944 -34.96 -57.49 -19.27
C LEU J 944 -34.76 -56.82 -20.62
N ASP J 945 -34.44 -55.54 -20.64
CA ASP J 945 -34.31 -54.86 -21.94
C ASP J 945 -32.94 -55.09 -22.59
N ASN J 946 -32.08 -55.83 -21.92
CA ASN J 946 -30.96 -56.48 -22.59
C ASN J 946 -31.30 -57.94 -22.96
N LEU J 947 -32.51 -58.40 -22.67
CA LEU J 947 -32.94 -59.77 -23.04
C LEU J 947 -33.95 -59.78 -24.19
N THR J 948 -34.49 -58.61 -24.52
CA THR J 948 -35.52 -58.47 -25.54
C THR J 948 -35.55 -57.06 -26.12
N GLU J 949 -35.92 -56.97 -27.40
CA GLU J 949 -36.18 -55.68 -28.03
C GLU J 949 -37.57 -55.16 -27.66
N ASP J 950 -38.45 -56.05 -27.19
CA ASP J 950 -39.76 -55.64 -26.65
C ASP J 950 -40.02 -56.23 -25.26
N PRO J 951 -39.88 -55.41 -24.20
CA PRO J 951 -40.19 -55.85 -22.83
C PRO J 951 -41.69 -55.96 -22.54
N ASN J 952 -42.48 -55.04 -23.08
CA ASN J 952 -43.88 -54.89 -22.70
C ASN J 952 -44.73 -56.12 -22.95
N SER J 953 -44.20 -57.14 -23.65
CA SER J 953 -44.95 -58.38 -23.90
C SER J 953 -44.52 -59.58 -23.03
N ALA J 954 -43.71 -59.32 -22.01
CA ALA J 954 -43.10 -60.40 -21.22
C ALA J 954 -44.05 -60.94 -20.14
N ALA J 955 -43.93 -62.21 -19.81
CA ALA J 955 -44.72 -62.82 -18.77
C ALA J 955 -43.83 -63.19 -17.62
N PHE J 956 -44.20 -62.77 -16.42
CA PHE J 956 -43.52 -63.22 -15.23
C PHE J 956 -44.47 -64.01 -14.37
N ASP J 957 -44.02 -65.16 -13.86
CA ASP J 957 -44.77 -65.96 -12.91
C ASP J 957 -43.95 -66.18 -11.66
N GLU J 958 -44.45 -65.69 -10.53
CA GLU J 958 -43.72 -65.76 -9.25
C GLU J 958 -43.91 -67.09 -8.51
N VAL J 959 -44.92 -67.87 -8.91
CA VAL J 959 -45.14 -69.18 -8.28
C VAL J 959 -44.34 -70.20 -9.02
N GLU J 960 -44.28 -70.03 -10.33
CA GLU J 960 -43.60 -70.99 -11.18
C GLU J 960 -42.13 -70.64 -11.41
N TYR J 961 -41.70 -69.49 -10.89
CA TYR J 961 -40.30 -69.02 -11.02
C TYR J 961 -39.86 -69.04 -12.48
N LYS J 962 -40.63 -68.32 -13.31
CA LYS J 962 -40.62 -68.43 -14.77
C LYS J 962 -40.64 -67.04 -15.40
N LEU J 963 -39.77 -66.81 -16.36
CA LEU J 963 -39.84 -65.60 -17.17
C LEU J 963 -40.07 -66.01 -18.62
N THR J 964 -41.08 -65.41 -19.25
CA THR J 964 -41.39 -65.64 -20.66
C THR J 964 -41.18 -64.35 -21.46
N PHE J 965 -40.46 -64.46 -22.57
CA PHE J 965 -40.08 -63.31 -23.39
C PHE J 965 -39.68 -63.67 -24.82
N VAL J 966 -39.62 -62.65 -25.66
CA VAL J 966 -39.21 -62.79 -27.06
C VAL J 966 -37.76 -62.35 -27.20
N PRO J 967 -36.84 -63.30 -27.46
CA PRO J 967 -35.43 -62.88 -27.53
C PRO J 967 -35.12 -61.86 -28.65
N THR J 968 -33.99 -61.17 -28.51
CA THR J 968 -33.42 -60.35 -29.59
C THR J 968 -32.79 -61.30 -30.59
N ASN J 969 -32.71 -60.87 -31.85
CA ASN J 969 -32.17 -61.73 -32.89
C ASN J 969 -32.98 -63.02 -32.98
N SER J 970 -34.27 -62.92 -32.71
CA SER J 970 -35.19 -64.05 -32.83
C SER J 970 -36.63 -63.58 -32.73
N ASP J 971 -37.54 -64.48 -33.06
CA ASP J 971 -38.95 -64.15 -33.21
C ASP J 971 -39.88 -64.97 -32.31
N LYS J 972 -39.36 -66.00 -31.64
CA LYS J 972 -40.21 -67.00 -30.96
C LYS J 972 -40.28 -66.72 -29.47
N PRO J 973 -41.47 -66.90 -28.85
CA PRO J 973 -41.54 -66.70 -27.41
C PRO J 973 -40.68 -67.72 -26.70
N ARG J 974 -39.95 -67.26 -25.69
CA ARG J 974 -39.06 -68.12 -24.93
C ARG J 974 -39.42 -68.16 -23.45
N ASP J 975 -39.45 -69.37 -22.90
CA ASP J 975 -39.64 -69.59 -21.48
C ASP J 975 -38.30 -69.89 -20.86
N VAL J 976 -37.95 -69.14 -19.81
CA VAL J 976 -36.81 -69.44 -18.96
C VAL J 976 -37.29 -69.65 -17.50
N TYR J 977 -36.72 -70.64 -16.83
CA TYR J 977 -37.07 -70.98 -15.47
C TYR J 977 -35.82 -70.96 -14.59
N VAL J 978 -36.02 -71.04 -13.29
CA VAL J 978 -34.91 -71.22 -12.36
C VAL J 978 -34.33 -72.65 -12.50
N PHE J 979 -33.01 -72.75 -12.30
CA PHE J 979 -32.23 -73.97 -12.46
C PHE J 979 -31.96 -74.38 -13.90
N ASP J 980 -32.33 -73.53 -14.86
CA ASP J 980 -32.15 -73.86 -16.28
C ASP J 980 -30.69 -73.65 -16.70
N LYS J 981 -30.12 -74.69 -17.32
CA LYS J 981 -28.81 -74.56 -17.95
C LYS J 981 -28.95 -73.64 -19.13
N VAL J 982 -28.20 -72.54 -19.12
CA VAL J 982 -28.19 -71.62 -20.25
C VAL J 982 -26.77 -71.37 -20.70
N GLU J 983 -26.65 -70.57 -21.74
CA GLU J 983 -25.38 -70.18 -22.28
C GLU J 983 -25.34 -68.68 -22.32
N VAL J 984 -24.16 -68.14 -22.03
CA VAL J 984 -24.00 -66.72 -21.76
C VAL J 984 -22.67 -66.18 -22.30
N GLN J 985 -22.60 -64.86 -22.43
CA GLN J 985 -21.42 -64.19 -22.99
C GLN J 985 -21.46 -62.70 -22.65
N VAL J 986 -20.37 -61.99 -22.88
CA VAL J 986 -20.29 -60.57 -22.53
C VAL J 986 -19.96 -59.74 -23.78
N ARG J 987 -20.65 -58.61 -23.93
CA ARG J 987 -20.45 -57.68 -25.04
C ARG J 987 -20.73 -56.24 -24.56
N SER J 988 -20.26 -55.27 -25.34
CA SER J 988 -20.41 -53.84 -25.02
C SER J 988 -21.74 -53.29 -25.57
N VAL J 989 -22.67 -53.08 -24.65
CA VAL J 989 -23.97 -52.45 -24.95
C VAL J 989 -23.90 -50.97 -24.51
N MET J 990 -24.48 -50.08 -25.32
CA MET J 990 -24.70 -48.67 -24.92
C MET J 990 -26.15 -48.52 -24.54
N ASP J 991 -26.39 -47.99 -23.35
CA ASP J 991 -27.73 -47.78 -22.82
C ASP J 991 -28.30 -46.48 -23.41
N PRO J 992 -29.54 -46.53 -23.95
CA PRO J 992 -30.17 -45.30 -24.42
C PRO J 992 -30.51 -44.29 -23.31
N ILE J 993 -30.81 -44.79 -22.11
CA ILE J 993 -31.24 -43.94 -20.98
C ILE J 993 -30.02 -43.36 -20.28
N THR J 994 -29.11 -44.25 -19.89
CA THR J 994 -27.78 -43.91 -19.39
C THR J 994 -26.84 -43.77 -20.59
N SER J 995 -26.33 -42.58 -20.87
CA SER J 995 -25.44 -42.44 -22.03
C SER J 995 -24.19 -43.35 -21.98
N LYS J 996 -23.98 -44.03 -20.86
CA LYS J 996 -22.84 -44.94 -20.69
C LYS J 996 -22.92 -46.24 -21.52
N ARG J 997 -21.74 -46.67 -22.00
CA ARG J 997 -21.56 -47.90 -22.76
C ARG J 997 -20.67 -48.90 -22.00
N LYS J 998 -21.22 -49.53 -20.96
CA LYS J 998 -20.53 -50.60 -20.21
C LYS J 998 -20.56 -51.96 -20.96
N ALA J 999 -19.88 -52.96 -20.41
CA ALA J 999 -19.79 -54.29 -21.02
C ALA J 999 -20.66 -55.29 -20.27
N GLU J 1000 -21.94 -55.35 -20.62
CA GLU J 1000 -22.92 -56.12 -19.87
C GLU J 1000 -22.98 -57.60 -20.29
N LEU J 1001 -23.48 -58.43 -19.35
CA LEU J 1001 -23.64 -59.87 -19.51
C LEU J 1001 -24.93 -60.18 -20.24
N LEU J 1002 -24.84 -60.97 -21.32
CA LEU J 1002 -26.01 -61.33 -22.14
C LEU J 1002 -26.27 -62.84 -22.22
N LEU J 1003 -27.41 -63.20 -22.81
CA LEU J 1003 -27.81 -64.60 -23.03
C LEU J 1003 -27.51 -65.04 -24.48
N LYS J 1004 -26.66 -66.05 -24.67
CA LYS J 1004 -26.18 -66.47 -26.02
C LYS J 1004 -27.23 -66.45 -27.15
N ASN K 7 19.78 88.03 -29.11
CA ASN K 7 20.52 86.83 -28.77
C ASN K 7 21.85 87.13 -28.08
N PRO K 8 22.88 86.40 -28.46
CA PRO K 8 24.21 86.60 -27.88
C PRO K 8 24.73 88.01 -28.11
N ASP K 9 24.73 88.44 -29.37
CA ASP K 9 25.20 89.78 -29.73
C ASP K 9 24.43 90.86 -28.96
N VAL K 10 23.11 90.84 -29.10
CA VAL K 10 22.26 91.81 -28.42
C VAL K 10 22.56 91.84 -26.92
N LEU K 11 22.63 90.67 -26.31
CA LEU K 11 22.90 90.56 -24.88
C LEU K 11 24.29 91.09 -24.57
N LEU K 12 25.25 90.76 -25.44
CA LEU K 12 26.62 91.23 -25.28
C LEU K 12 26.67 92.75 -25.37
N SER K 13 25.90 93.31 -26.30
CA SER K 13 25.83 94.75 -26.47
C SER K 13 25.26 95.40 -25.22
N ARG K 14 24.24 94.76 -24.64
CA ARG K 14 23.62 95.27 -23.42
C ARG K 14 24.63 95.24 -22.28
N VAL K 15 25.43 94.19 -22.22
CA VAL K 15 26.45 94.07 -21.19
C VAL K 15 27.49 95.18 -21.36
N ILE K 16 27.84 95.47 -22.61
CA ILE K 16 28.80 96.53 -22.90
C ILE K 16 28.23 97.88 -22.45
N ASN K 17 26.95 98.07 -22.69
CA ASN K 17 26.28 99.30 -22.27
C ASN K 17 26.29 99.44 -20.75
N VAL K 18 26.13 98.34 -20.03
CA VAL K 18 26.24 98.42 -18.57
C VAL K 18 27.65 98.85 -18.16
N VAL K 19 28.65 98.32 -18.87
CA VAL K 19 30.05 98.56 -18.55
C VAL K 19 30.47 100.03 -18.67
N ARG K 20 29.99 100.71 -19.71
CA ARG K 20 30.33 102.11 -19.91
C ARG K 20 29.77 102.97 -18.77
N ALA K 21 28.55 102.66 -18.37
CA ALA K 21 27.92 103.37 -17.26
C ALA K 21 28.71 103.13 -15.99
N ALA K 22 29.15 101.88 -15.79
CA ALA K 22 29.93 101.55 -14.61
C ALA K 22 31.22 102.36 -14.60
N SER K 23 31.82 102.48 -15.78
CA SER K 23 33.06 103.24 -15.97
C SER K 23 32.90 104.72 -15.67
N SER K 24 31.78 105.32 -16.07
CA SER K 24 31.61 106.77 -15.90
C SER K 24 31.64 107.18 -14.43
N LEU K 25 31.00 106.36 -13.60
CA LEU K 25 30.92 106.55 -12.16
C LEU K 25 32.33 106.64 -11.56
N ALA K 26 33.21 105.77 -12.05
CA ALA K 26 34.58 105.72 -11.58
C ALA K 26 35.26 107.05 -11.88
N SER K 27 34.90 107.65 -13.01
CA SER K 27 35.53 108.90 -13.41
C SER K 27 35.28 109.97 -12.35
N GLN K 28 34.05 109.99 -11.83
CA GLN K 28 33.71 110.89 -10.73
C GLN K 28 34.44 110.48 -9.44
N ASP K 29 34.83 111.48 -8.65
CA ASP K 29 35.49 111.23 -7.38
C ASP K 29 34.63 111.78 -6.25
N VAL K 30 34.41 110.96 -5.22
CA VAL K 30 33.49 111.34 -4.14
C VAL K 30 34.00 111.47 -2.69
N ASP K 31 35.30 111.42 -2.45
CA ASP K 31 35.79 111.41 -1.05
C ASP K 31 35.40 112.68 -0.29
N PHE K 32 35.55 113.81 -0.94
CA PHE K 32 34.93 115.07 -0.58
C PHE K 32 33.51 114.88 -0.06
N TYR K 33 32.75 114.02 -0.73
CA TYR K 33 31.37 113.78 -0.33
C TYR K 33 31.28 112.92 0.93
N LYS K 34 32.30 112.16 1.28
CA LYS K 34 32.09 111.31 2.44
C LYS K 34 31.68 112.15 3.66
N ASN K 35 32.28 113.31 3.84
CA ASN K 35 31.97 114.14 5.00
C ASN K 35 30.50 114.56 5.03
N LEU K 36 29.96 114.90 3.87
CA LEU K 36 28.61 115.47 3.76
C LEU K 36 27.42 114.59 4.17
N ASP K 37 27.34 113.37 3.67
CA ASP K 37 26.13 112.56 3.94
C ASP K 37 26.36 111.06 4.13
N ARG K 38 25.76 110.51 5.19
CA ARG K 38 25.68 109.07 5.38
C ARG K 38 24.78 108.37 4.35
N GLY K 39 23.63 108.97 4.05
CA GLY K 39 22.60 108.34 3.25
C GLY K 39 22.93 108.00 1.81
N PHE K 40 23.61 108.92 1.13
CA PHE K 40 24.04 108.72 -0.25
C PHE K 40 24.67 107.35 -0.45
N SER K 41 25.44 106.90 0.53
CA SER K 41 26.13 105.62 0.44
C SER K 41 25.15 104.46 0.34
N LYS K 42 24.05 104.53 1.08
CA LYS K 42 23.08 103.44 1.13
C LYS K 42 22.42 103.17 -0.23
N ASP K 43 22.07 104.23 -0.95
CA ASP K 43 21.48 104.09 -2.28
C ASP K 43 22.49 103.45 -3.22
N LEU K 44 23.74 103.87 -3.08
CA LEU K 44 24.87 103.33 -3.83
C LEU K 44 25.28 101.94 -3.36
N LYS K 45 25.32 101.75 -2.05
CA LYS K 45 25.72 100.47 -1.48
C LYS K 45 24.75 99.38 -1.92
N SER K 46 23.47 99.71 -1.95
CA SER K 46 22.45 98.76 -2.40
C SER K 46 22.67 98.38 -3.86
N LYS K 47 23.02 99.38 -4.67
CA LYS K 47 23.32 99.14 -6.08
C LYS K 47 24.54 98.24 -6.22
N ALA K 48 25.54 98.49 -5.38
CA ALA K 48 26.74 97.67 -5.32
C ALA K 48 26.44 96.25 -4.85
N ASP K 49 25.51 96.12 -3.92
CA ASP K 49 25.13 94.81 -3.40
C ASP K 49 24.35 94.01 -4.43
N LYS K 50 23.60 94.70 -5.30
CA LYS K 50 22.90 94.05 -6.40
C LYS K 50 23.91 93.46 -7.38
N LEU K 51 24.95 94.23 -7.67
CA LEU K 51 26.03 93.79 -8.55
C LEU K 51 26.73 92.57 -7.97
N ALA K 52 27.02 92.63 -6.67
CA ALA K 52 27.67 91.51 -5.98
C ALA K 52 26.78 90.27 -6.01
N ASP K 53 25.47 90.47 -5.89
CA ASP K 53 24.52 89.36 -5.93
C ASP K 53 24.66 88.55 -7.21
N MET K 54 24.78 89.25 -8.33
CA MET K 54 24.91 88.59 -9.62
C MET K 54 26.20 87.77 -9.68
N ALA K 55 27.28 88.32 -9.12
CA ALA K 55 28.56 87.63 -9.09
C ALA K 55 28.44 86.36 -8.25
N ASN K 56 27.72 86.46 -7.14
CA ASN K 56 27.49 85.31 -6.28
C ASN K 56 26.70 84.23 -7.01
N GLU K 57 25.70 84.66 -7.77
CA GLU K 57 24.90 83.73 -8.55
C GLU K 57 25.77 83.03 -9.59
N ILE K 58 26.68 83.77 -10.20
CA ILE K 58 27.59 83.21 -11.19
C ILE K 58 28.50 82.17 -10.52
N ILE K 59 28.95 82.49 -9.32
CA ILE K 59 29.79 81.56 -8.56
C ILE K 59 29.03 80.28 -8.26
N LEU K 60 27.75 80.43 -7.90
CA LEU K 60 26.90 79.28 -7.62
C LEU K 60 26.74 78.41 -8.87
N SER K 61 26.58 79.08 -10.01
CA SER K 61 26.45 78.38 -11.29
C SER K 61 27.72 77.60 -11.58
N ILE K 62 28.87 78.22 -11.30
CA ILE K 62 30.16 77.58 -11.50
C ILE K 62 30.29 76.34 -10.61
N ASP K 63 29.82 76.46 -9.37
CA ASP K 63 29.88 75.36 -8.42
C ASP K 63 29.34 74.07 -9.02
N TRP K 80 35.74 87.60 -4.25
CA TRP K 80 36.95 87.81 -5.03
C TRP K 80 37.79 86.53 -5.17
N ASN K 81 37.98 85.80 -4.08
CA ASN K 81 38.74 84.56 -4.12
C ASN K 81 37.97 83.49 -4.88
N ASN K 82 36.67 83.47 -4.68
CA ASN K 82 35.84 82.53 -5.40
C ASN K 82 35.95 82.79 -6.91
N PHE K 83 35.88 84.06 -7.28
CA PHE K 83 35.99 84.51 -8.66
C PHE K 83 37.34 84.10 -9.28
N GLY K 84 38.42 84.27 -8.53
CA GLY K 84 39.72 83.90 -9.04
C GLY K 84 39.86 82.41 -9.28
N ASN K 85 39.41 81.59 -8.34
CA ASN K 85 39.49 80.14 -8.51
C ASN K 85 38.63 79.67 -9.69
N ILE K 86 37.44 80.23 -9.81
CA ILE K 86 36.55 79.90 -10.91
C ILE K 86 37.12 80.32 -12.28
N MET K 87 37.78 81.48 -12.37
CA MET K 87 38.37 81.90 -13.63
C MET K 87 39.46 80.90 -14.07
N ASP K 88 40.27 80.44 -13.13
CA ASP K 88 41.27 79.42 -13.44
C ASP K 88 40.62 78.14 -13.96
N ASN K 89 39.49 77.73 -13.37
CA ASN K 89 38.79 76.56 -13.85
C ASN K 89 38.22 76.78 -15.28
N LEU K 90 37.65 77.95 -15.52
CA LEU K 90 37.08 78.23 -16.84
C LEU K 90 38.15 78.23 -17.92
N LEU K 91 39.28 78.89 -17.65
CA LEU K 91 40.34 79.00 -18.64
C LEU K 91 41.15 77.70 -18.80
N GLU K 92 41.11 76.82 -17.79
CA GLU K 92 41.64 75.47 -17.96
C GLU K 92 40.81 74.67 -18.98
N MET K 93 39.49 74.75 -18.87
CA MET K 93 38.59 74.04 -19.78
C MET K 93 38.75 74.53 -21.22
N SER K 94 38.89 75.85 -21.37
CA SER K 94 39.02 76.46 -22.69
C SER K 94 40.28 76.01 -23.41
N ASP K 95 41.38 75.90 -22.67
CA ASP K 95 42.66 75.52 -23.24
C ASP K 95 42.63 74.12 -23.84
N HIS K 96 41.97 73.20 -23.13
CA HIS K 96 41.89 71.81 -23.56
C HIS K 96 41.20 71.66 -24.88
N SER K 97 40.13 72.42 -25.08
CA SER K 97 39.35 72.32 -26.29
C SER K 97 40.18 72.67 -27.54
N LEU K 98 40.93 73.77 -27.49
CA LEU K 98 41.75 74.14 -28.61
C LEU K 98 42.89 73.14 -28.86
N ASP K 99 43.46 72.59 -27.79
CA ASP K 99 44.53 71.59 -27.93
C ASP K 99 43.98 70.35 -28.67
N LYS K 100 42.74 69.98 -28.34
CA LYS K 100 42.05 68.88 -29.01
C LYS K 100 41.80 69.16 -30.50
N LEU K 101 41.40 70.39 -30.82
CA LEU K 101 41.18 70.79 -32.20
C LEU K 101 42.47 70.74 -33.03
N ASN K 102 43.55 71.29 -32.45
CA ASN K 102 44.84 71.32 -33.10
C ASN K 102 45.44 69.93 -33.24
N CYS K 103 45.24 69.09 -32.23
CA CYS K 103 45.71 67.73 -32.30
C CYS K 103 45.05 66.98 -33.45
N ALA K 104 43.74 67.18 -33.60
CA ALA K 104 43.01 66.48 -34.64
C ALA K 104 43.47 66.95 -36.02
N ILE K 105 43.59 68.27 -36.21
CA ILE K 105 43.95 68.76 -37.53
C ILE K 105 45.40 68.45 -37.92
N ASN K 106 46.32 68.40 -36.95
CA ASN K 106 47.72 68.07 -37.23
C ASN K 106 47.94 66.58 -37.52
N SER K 107 47.08 65.74 -36.99
CA SER K 107 47.16 64.30 -37.23
C SER K 107 46.57 63.96 -38.59
N LYS K 108 45.55 64.73 -38.97
CA LYS K 108 44.86 64.53 -40.25
C LYS K 108 45.80 64.41 -41.45
N THR K 128 57.42 55.55 -26.83
CA THR K 128 56.21 56.34 -26.62
C THR K 128 55.01 55.73 -27.34
N LYS K 129 53.91 55.61 -26.63
CA LYS K 129 52.66 55.11 -27.19
C LYS K 129 51.58 56.15 -27.00
N ARG K 130 50.84 56.43 -28.07
CA ARG K 130 49.77 57.43 -28.00
C ARG K 130 48.41 56.76 -28.08
N VAL K 131 47.55 57.05 -27.11
CA VAL K 131 46.22 56.48 -27.08
C VAL K 131 45.41 56.94 -28.28
N GLU K 132 44.62 56.03 -28.84
CA GLU K 132 43.79 56.36 -29.98
C GLU K 132 42.32 56.24 -29.63
N LYS K 133 41.55 57.28 -29.93
CA LYS K 133 40.12 57.28 -29.65
C LYS K 133 39.35 57.53 -30.94
N PRO K 134 38.38 56.66 -31.21
CA PRO K 134 37.61 56.75 -32.47
C PRO K 134 36.53 57.82 -32.51
N GLN K 135 35.85 58.04 -31.39
CA GLN K 135 34.60 58.81 -31.34
C GLN K 135 34.72 60.25 -31.81
N LEU K 136 35.83 60.91 -31.51
CA LEU K 136 36.01 62.32 -31.85
C LEU K 136 35.96 62.56 -33.35
N LYS K 137 36.51 61.61 -34.11
CA LYS K 137 36.63 61.72 -35.56
C LYS K 137 35.30 61.84 -36.32
N PHE K 138 34.28 61.12 -35.85
CA PHE K 138 33.04 60.96 -36.60
C PHE K 138 32.30 62.25 -36.92
N LYS K 139 31.71 62.30 -38.12
CA LYS K 139 31.07 63.50 -38.67
C LYS K 139 29.87 64.00 -37.86
N SER K 140 29.00 63.09 -37.40
CA SER K 140 28.01 63.50 -36.43
C SER K 140 28.62 63.21 -35.06
N PRO K 141 28.85 64.25 -34.24
CA PRO K 141 29.55 64.05 -32.97
C PRO K 141 28.61 63.42 -31.96
N ILE K 142 29.10 63.04 -30.79
CA ILE K 142 28.30 62.22 -29.87
C ILE K 142 27.34 63.04 -28.99
N ASP K 143 26.10 62.55 -28.86
CA ASP K 143 25.06 63.25 -28.11
C ASP K 143 24.54 62.38 -26.98
N ASN K 144 24.97 62.69 -25.76
CA ASN K 144 24.57 61.94 -24.57
C ASN K 144 23.38 62.58 -23.85
N SER K 145 22.83 63.65 -24.42
CA SER K 145 21.77 64.41 -23.78
C SER K 145 20.51 63.59 -23.55
N GLU K 146 20.14 62.76 -24.51
CA GLU K 146 18.94 61.93 -24.40
C GLU K 146 17.71 62.79 -24.16
N SER K 147 17.64 63.93 -24.83
CA SER K 147 16.53 64.85 -24.70
C SER K 147 15.21 64.21 -25.17
N HIS K 148 15.31 63.43 -26.25
CA HIS K 148 14.15 62.81 -26.84
C HIS K 148 14.37 61.33 -26.99
N PRO K 149 13.28 60.57 -27.07
CA PRO K 149 13.38 59.11 -27.11
C PRO K 149 14.16 58.65 -28.35
N PHE K 150 14.99 57.64 -28.18
CA PHE K 150 15.90 57.19 -29.21
C PHE K 150 15.18 57.26 -30.55
N ILE K 151 15.83 57.91 -31.52
CA ILE K 151 15.30 58.02 -32.87
C ILE K 151 16.11 57.09 -33.76
N PRO K 152 15.46 56.05 -34.30
CA PRO K 152 16.16 55.10 -35.17
C PRO K 152 16.97 55.80 -36.26
N LEU K 153 18.12 55.24 -36.57
CA LEU K 153 19.04 55.85 -37.51
C LEU K 153 18.72 55.35 -38.91
N LEU K 154 17.74 54.45 -38.97
CA LEU K 154 17.33 53.81 -40.20
C LEU K 154 16.76 54.82 -41.18
N LYS K 155 17.28 54.82 -42.41
CA LYS K 155 16.75 55.70 -43.45
C LYS K 155 16.15 54.93 -44.63
N GLU K 156 16.60 53.70 -44.84
CA GLU K 156 15.95 52.83 -45.82
C GLU K 156 15.38 51.58 -45.16
N LYS K 157 14.41 50.97 -45.81
CA LYS K 157 13.82 49.78 -45.22
C LYS K 157 13.61 48.74 -46.32
N PRO K 158 14.67 47.97 -46.64
CA PRO K 158 14.56 46.87 -47.58
C PRO K 158 13.71 45.76 -46.96
N ASN K 159 13.15 44.88 -47.78
CA ASN K 159 12.40 43.74 -47.26
C ASN K 159 11.29 44.17 -46.30
N ALA K 160 10.58 45.24 -46.65
CA ALA K 160 9.50 45.83 -45.86
C ALA K 160 8.12 45.23 -46.13
N LEU K 161 7.34 44.99 -45.08
CA LEU K 161 5.91 44.70 -45.26
C LEU K 161 5.07 45.94 -44.93
N LYS K 162 5.67 46.85 -44.16
CA LYS K 162 5.00 48.10 -43.80
C LYS K 162 5.88 49.24 -44.24
N PRO K 163 5.27 50.34 -44.69
CA PRO K 163 6.05 51.48 -45.14
C PRO K 163 6.95 51.98 -44.02
N LEU K 164 8.13 52.45 -44.39
CA LEU K 164 9.01 53.10 -43.44
C LEU K 164 8.25 54.26 -42.83
N SER K 165 7.47 54.94 -43.67
CA SER K 165 6.57 56.02 -43.29
C SER K 165 5.78 55.62 -42.05
N GLU K 166 4.94 54.60 -42.23
CA GLU K 166 4.06 54.11 -41.19
C GLU K 166 4.88 53.64 -40.01
N SER K 167 6.11 53.26 -40.28
CA SER K 167 7.01 52.73 -39.28
C SER K 167 7.54 53.85 -38.38
N LEU K 168 7.85 54.99 -38.97
CA LEU K 168 8.31 56.14 -38.17
C LEU K 168 7.10 56.98 -37.81
N ARG K 169 6.70 56.91 -36.55
CA ARG K 169 5.51 57.61 -36.07
C ARG K 169 5.59 57.89 -34.56
N LEU K 170 4.75 58.81 -34.10
CA LEU K 170 4.71 59.17 -32.69
C LEU K 170 3.41 58.73 -32.04
N VAL K 171 3.51 58.05 -30.92
CA VAL K 171 2.34 57.54 -30.21
C VAL K 171 2.24 58.17 -28.82
N ASP K 172 1.05 58.66 -28.48
CA ASP K 172 0.82 59.30 -27.19
C ASP K 172 1.05 58.33 -26.04
N ASP K 173 1.65 58.83 -24.97
CA ASP K 173 1.95 57.99 -23.81
C ASP K 173 0.71 57.48 -23.10
N ASP K 174 0.79 56.24 -22.63
CA ASP K 174 -0.30 55.63 -21.87
C ASP K 174 -0.14 56.07 -20.43
N GLU K 175 -1.25 56.16 -19.69
CA GLU K 175 -1.14 56.52 -18.28
C GLU K 175 -0.33 55.44 -17.59
N ASN K 176 -0.62 54.19 -17.95
CA ASN K 176 0.13 53.04 -17.46
C ASN K 176 1.58 53.01 -17.93
N ASN K 177 1.81 53.33 -19.21
CA ASN K 177 3.14 53.22 -19.81
C ASN K 177 3.59 54.46 -20.57
N PRO K 178 4.85 54.84 -20.39
CA PRO K 178 5.46 55.95 -21.14
C PRO K 178 5.66 55.61 -22.61
N SER K 179 5.42 56.57 -23.49
CA SER K 179 5.53 56.37 -24.93
C SER K 179 6.97 56.15 -25.40
N HIS K 180 7.13 55.27 -26.38
CA HIS K 180 8.43 55.01 -26.98
C HIS K 180 8.30 54.84 -28.46
N TYR K 181 9.38 55.14 -29.19
CA TYR K 181 9.40 54.95 -30.64
C TYR K 181 9.25 53.46 -30.92
N PRO K 182 8.50 53.11 -31.97
CA PRO K 182 8.21 51.71 -32.24
C PRO K 182 9.26 51.10 -33.17
N HIS K 183 9.91 50.04 -32.71
CA HIS K 183 10.90 49.37 -33.54
C HIS K 183 10.38 49.30 -34.93
N PRO K 184 11.25 49.56 -35.89
CA PRO K 184 10.83 49.75 -37.29
C PRO K 184 10.55 48.47 -38.07
N TYR K 185 10.98 47.32 -37.56
CA TYR K 185 10.73 46.05 -38.25
C TYR K 185 9.87 45.15 -37.38
N GLU K 186 9.20 45.73 -36.40
CA GLU K 186 8.39 44.93 -35.50
C GLU K 186 7.39 44.09 -36.27
N TYR K 187 6.78 44.69 -37.28
CA TYR K 187 5.74 44.02 -38.06
C TYR K 187 6.36 42.91 -38.88
N GLU K 188 7.44 43.25 -39.55
CA GLU K 188 8.16 42.29 -40.36
C GLU K 188 8.59 41.09 -39.51
N ILE K 189 9.06 41.31 -38.29
CA ILE K 189 9.49 40.18 -37.47
C ILE K 189 8.32 39.27 -37.11
N ASP K 190 7.17 39.89 -36.87
CA ASP K 190 5.98 39.17 -36.43
C ASP K 190 5.29 38.43 -37.59
N HIS K 191 5.39 38.98 -38.79
CA HIS K 191 4.58 38.46 -39.88
C HIS K 191 5.35 38.00 -41.14
N GLN K 192 6.66 38.21 -41.20
CA GLN K 192 7.46 37.65 -42.29
C GLN K 192 7.74 36.14 -42.11
N GLU K 193 7.75 35.41 -43.21
CA GLU K 193 7.85 33.94 -43.15
C GLU K 193 9.30 33.46 -43.22
N TYR K 194 9.65 32.52 -42.34
CA TYR K 194 10.99 31.93 -42.28
C TYR K 194 11.27 31.08 -43.52
N SER K 195 12.52 31.04 -43.95
CA SER K 195 12.89 30.21 -45.07
C SER K 195 12.63 28.77 -44.67
N PRO K 196 12.19 27.98 -45.64
CA PRO K 196 11.82 26.57 -45.38
C PRO K 196 13.03 25.82 -44.86
N GLU K 197 14.20 26.19 -45.36
CA GLU K 197 15.42 25.45 -45.11
C GLU K 197 15.86 25.33 -43.64
N ILE K 198 15.74 26.38 -42.83
CA ILE K 198 16.31 26.24 -41.50
C ILE K 198 15.51 25.18 -40.73
N LEU K 199 14.25 25.00 -41.15
CA LEU K 199 13.27 24.20 -40.43
C LEU K 199 13.19 22.71 -40.71
N GLN K 200 13.95 22.26 -41.70
CA GLN K 200 13.96 20.85 -42.10
C GLN K 200 15.34 20.28 -41.89
N ILE K 201 15.41 19.08 -41.33
CA ILE K 201 16.69 18.47 -41.02
C ILE K 201 17.51 18.28 -42.29
N ARG K 202 18.79 18.61 -42.20
CA ARG K 202 19.70 18.52 -43.32
C ARG K 202 21.07 18.07 -42.83
N GLU K 203 21.88 17.51 -43.72
CA GLU K 203 23.20 17.05 -43.33
C GLU K 203 24.01 18.25 -42.84
N GLU K 204 24.75 18.06 -41.76
CA GLU K 204 25.52 19.11 -41.16
C GLU K 204 26.76 19.42 -41.98
N ILE K 205 26.94 20.69 -42.30
CA ILE K 205 28.09 21.18 -43.05
C ILE K 205 29.19 21.70 -42.14
N PRO K 206 30.32 20.95 -42.07
CA PRO K 206 31.36 21.33 -41.12
C PRO K 206 31.94 22.71 -41.41
N SER K 207 32.61 23.27 -40.41
CA SER K 207 33.21 24.58 -40.55
C SER K 207 34.39 24.40 -41.48
N LYS K 208 34.80 25.47 -42.16
CA LYS K 208 35.97 25.40 -43.01
C LYS K 208 37.19 25.07 -42.16
N SER K 209 38.09 24.25 -42.69
CA SER K 209 39.24 23.79 -41.92
C SER K 209 40.12 24.97 -41.52
N TRP K 210 40.67 24.90 -40.31
CA TRP K 210 41.46 26.00 -39.79
C TRP K 210 42.68 26.24 -40.62
N ASP K 211 42.94 27.51 -40.91
CA ASP K 211 44.09 27.91 -41.71
C ASP K 211 43.75 27.75 -43.19
N ASP K 212 42.54 27.28 -43.46
CA ASP K 212 42.06 27.14 -44.83
C ASP K 212 41.92 28.51 -45.49
N SER K 213 41.41 29.46 -44.72
CA SER K 213 41.21 30.82 -45.21
C SER K 213 41.60 31.85 -44.16
N VAL K 214 42.00 33.03 -44.63
CA VAL K 214 42.36 34.12 -43.76
C VAL K 214 41.06 34.87 -43.47
N PRO K 215 40.94 35.50 -42.29
CA PRO K 215 39.74 36.32 -42.10
C PRO K 215 39.81 37.53 -42.99
N ILE K 216 38.66 37.96 -43.51
CA ILE K 216 38.61 39.09 -44.41
C ILE K 216 38.39 40.36 -43.59
N TRP K 217 39.36 41.26 -43.61
CA TRP K 217 39.25 42.52 -42.89
C TRP K 217 38.45 43.53 -43.72
N VAL K 218 37.41 44.10 -43.12
CA VAL K 218 36.55 45.02 -43.86
C VAL K 218 36.59 46.42 -43.20
N ASP K 219 37.30 47.35 -43.82
CA ASP K 219 37.39 48.70 -43.26
C ASP K 219 37.27 49.80 -44.33
N THR K 220 37.02 49.42 -45.57
CA THR K 220 36.70 50.41 -46.58
C THR K 220 35.26 50.23 -47.05
N SER K 221 34.73 51.26 -47.68
CA SER K 221 33.37 51.22 -48.18
C SER K 221 33.29 50.16 -49.25
N THR K 222 34.40 49.99 -49.98
CA THR K 222 34.44 49.10 -51.13
C THR K 222 34.42 47.63 -50.71
N GLU K 223 35.27 47.30 -49.75
CA GLU K 223 35.31 45.97 -49.19
C GLU K 223 33.96 45.59 -48.61
N LEU K 224 33.32 46.56 -47.97
CA LEU K 224 32.01 46.37 -47.36
C LEU K 224 30.95 46.06 -48.41
N GLU K 225 31.06 46.71 -49.55
CA GLU K 225 30.09 46.54 -50.60
C GLU K 225 30.29 45.18 -51.25
N SER K 226 31.54 44.78 -51.39
CA SER K 226 31.83 43.45 -51.89
C SER K 226 31.25 42.44 -50.89
N MET K 227 31.52 42.64 -49.61
CA MET K 227 31.00 41.73 -48.58
C MET K 227 29.48 41.63 -48.68
N LEU K 228 28.84 42.76 -48.94
CA LEU K 228 27.37 42.80 -49.02
C LEU K 228 26.87 41.94 -50.17
N GLU K 229 27.49 42.07 -51.33
CA GLU K 229 27.15 41.28 -52.51
C GLU K 229 27.30 39.79 -52.24
N ASP K 230 28.27 39.49 -51.39
CA ASP K 230 28.59 38.13 -50.99
C ASP K 230 27.53 37.58 -50.04
N LEU K 231 27.08 38.39 -49.09
CA LEU K 231 26.12 37.88 -48.14
C LEU K 231 24.78 37.70 -48.80
N LYS K 232 24.56 38.43 -49.88
CA LYS K 232 23.32 38.37 -50.62
C LYS K 232 23.15 36.98 -51.24
N ASN K 233 24.26 36.27 -51.37
CA ASN K 233 24.30 34.95 -52.00
C ASN K 233 24.19 33.76 -51.03
N THR K 234 24.03 34.05 -49.74
CA THR K 234 23.93 32.98 -48.75
C THR K 234 22.49 32.58 -48.46
N LYS K 235 22.32 31.50 -47.70
CA LYS K 235 21.00 31.15 -47.21
C LYS K 235 21.03 31.31 -45.71
N GLU K 236 22.25 31.44 -45.18
CA GLU K 236 22.45 31.64 -43.75
C GLU K 236 23.80 32.29 -43.50
N ILE K 237 23.88 33.13 -42.48
CA ILE K 237 25.16 33.72 -42.07
C ILE K 237 25.25 33.79 -40.55
N ALA K 238 26.47 33.77 -40.02
CA ALA K 238 26.70 33.87 -38.57
C ALA K 238 27.28 35.25 -38.23
N VAL K 239 26.76 35.89 -37.18
CA VAL K 239 27.13 37.25 -36.84
C VAL K 239 27.51 37.39 -35.36
N ASP K 240 28.52 38.20 -35.08
CA ASP K 240 28.85 38.54 -33.69
C ASP K 240 29.41 39.97 -33.64
N LEU K 241 29.53 40.54 -32.45
CA LEU K 241 30.09 41.88 -32.28
C LEU K 241 31.03 41.93 -31.12
N GLU K 242 31.90 42.93 -31.11
CA GLU K 242 32.61 43.31 -29.90
C GLU K 242 32.24 44.73 -29.49
N HIS K 243 32.00 44.92 -28.20
CA HIS K 243 31.46 46.17 -27.66
C HIS K 243 32.40 46.66 -26.57
N HIS K 244 32.65 47.96 -26.54
CA HIS K 244 33.52 48.58 -25.54
C HIS K 244 32.80 49.66 -24.74
N ASP K 245 32.93 49.60 -23.41
CA ASP K 245 32.20 50.54 -22.57
C ASP K 245 33.02 51.29 -21.51
N TYR K 246 34.36 51.14 -21.50
CA TYR K 246 35.20 51.86 -20.54
C TYR K 246 35.47 53.32 -20.93
N ARG K 247 35.74 53.58 -22.20
CA ARG K 247 36.03 54.94 -22.65
C ARG K 247 34.91 55.52 -23.51
N SER K 248 33.69 55.33 -23.04
CA SER K 248 32.50 55.78 -23.76
C SER K 248 31.34 55.69 -22.77
N TYR K 249 30.42 56.66 -22.79
CA TYR K 249 29.34 56.63 -21.81
C TYR K 249 28.36 55.47 -22.04
N TYR K 250 27.68 55.43 -23.18
CA TYR K 250 26.76 54.33 -23.50
C TYR K 250 27.47 53.08 -24.01
N GLY K 251 28.58 53.30 -24.70
CA GLY K 251 29.33 52.23 -25.35
C GLY K 251 29.45 52.46 -26.85
N ILE K 252 30.40 51.80 -27.49
CA ILE K 252 30.54 51.83 -28.95
C ILE K 252 30.81 50.44 -29.50
N VAL K 253 30.28 50.16 -30.69
CA VAL K 253 30.50 48.87 -31.33
C VAL K 253 31.83 48.87 -32.08
N CYS K 254 32.77 48.05 -31.62
CA CYS K 254 34.14 48.08 -32.13
C CYS K 254 34.46 47.11 -33.26
N LEU K 255 33.78 45.99 -33.30
CA LEU K 255 34.01 45.01 -34.35
C LEU K 255 32.73 44.30 -34.69
N MET K 256 32.60 43.89 -35.95
CA MET K 256 31.56 42.94 -36.30
C MET K 256 32.17 41.77 -37.01
N GLN K 257 31.78 40.57 -36.57
CA GLN K 257 32.22 39.33 -37.17
C GLN K 257 31.08 38.73 -37.96
N ILE K 258 31.33 38.40 -39.21
CA ILE K 258 30.31 37.71 -39.99
C ILE K 258 30.92 36.54 -40.75
N SER K 259 30.32 35.36 -40.61
CA SER K 259 30.77 34.20 -41.35
C SER K 259 29.70 33.66 -42.29
N THR K 260 30.11 33.34 -43.51
CA THR K 260 29.34 32.52 -44.41
C THR K 260 29.82 31.06 -44.29
N ARG K 261 29.25 30.15 -45.06
CA ARG K 261 29.75 28.78 -45.03
C ARG K 261 31.20 28.71 -45.49
N GLU K 262 31.59 29.66 -46.34
CA GLU K 262 32.91 29.64 -46.96
C GLU K 262 33.95 30.56 -46.30
N ARG K 263 33.54 31.75 -45.86
CA ARG K 263 34.51 32.74 -45.36
C ARG K 263 34.10 33.45 -44.09
N ASP K 264 35.10 34.00 -43.39
CA ASP K 264 34.89 34.81 -42.19
C ASP K 264 35.23 36.26 -42.40
N TYR K 265 34.35 37.15 -41.97
CA TYR K 265 34.57 38.58 -42.11
C TYR K 265 34.73 39.28 -40.78
N LEU K 266 35.65 40.23 -40.73
CA LEU K 266 35.90 41.04 -39.54
C LEU K 266 35.75 42.49 -39.90
N VAL K 267 34.74 43.14 -39.34
CA VAL K 267 34.35 44.46 -39.80
C VAL K 267 34.73 45.57 -38.80
N ASP K 268 35.53 46.52 -39.26
CA ASP K 268 35.82 47.71 -38.49
C ASP K 268 34.57 48.57 -38.43
N THR K 269 33.84 48.49 -37.32
CA THR K 269 32.58 49.18 -37.14
C THR K 269 32.84 50.57 -36.62
N LEU K 270 34.10 50.87 -36.36
CA LEU K 270 34.46 52.22 -35.98
C LEU K 270 34.56 53.05 -37.25
N LYS K 271 35.38 52.59 -38.20
CA LYS K 271 35.57 53.33 -39.43
C LYS K 271 34.30 53.32 -40.27
N LEU K 272 33.51 52.26 -40.18
CA LEU K 272 32.35 52.12 -41.05
C LEU K 272 31.03 52.33 -40.34
N ARG K 273 31.07 53.01 -39.21
CA ARG K 273 29.86 53.30 -38.43
C ARG K 273 28.68 53.81 -39.27
N GLU K 274 28.97 54.73 -40.17
CA GLU K 274 27.92 55.42 -40.91
C GLU K 274 27.62 54.70 -42.21
N ASN K 275 28.34 53.61 -42.46
CA ASN K 275 28.18 52.85 -43.69
C ASN K 275 27.41 51.54 -43.52
N LEU K 276 27.43 50.99 -42.32
CA LEU K 276 26.97 49.62 -42.11
C LEU K 276 25.46 49.40 -42.32
N HIS K 277 24.67 50.47 -42.35
CA HIS K 277 23.23 50.31 -42.55
C HIS K 277 22.81 49.53 -43.81
N ILE K 278 23.66 49.50 -44.83
CA ILE K 278 23.33 48.82 -46.08
C ILE K 278 23.18 47.31 -45.91
N LEU K 279 23.66 46.78 -44.80
CA LEU K 279 23.51 45.37 -44.51
C LEU K 279 22.08 45.01 -44.19
N ASN K 280 21.25 46.02 -44.01
CA ASN K 280 19.84 45.76 -43.77
C ASN K 280 19.21 44.96 -44.91
N GLU K 281 19.82 45.02 -46.08
CA GLU K 281 19.32 44.26 -47.22
C GLU K 281 19.38 42.77 -46.90
N VAL K 282 20.45 42.36 -46.25
CA VAL K 282 20.64 40.97 -45.86
C VAL K 282 20.12 40.69 -44.44
N PHE K 283 20.37 41.61 -43.52
CA PHE K 283 20.00 41.39 -42.12
C PHE K 283 18.49 41.37 -41.89
N THR K 284 17.73 42.03 -42.76
CA THR K 284 16.27 41.97 -42.66
C THR K 284 15.62 41.16 -43.78
N ASN K 285 16.45 40.47 -44.55
CA ASN K 285 15.97 39.53 -45.56
C ASN K 285 15.57 38.27 -44.84
N PRO K 286 14.29 37.94 -44.84
CA PRO K 286 13.85 36.84 -43.97
C PRO K 286 14.24 35.44 -44.47
N SER K 287 14.66 35.34 -45.72
CA SER K 287 15.02 34.06 -46.32
C SER K 287 16.50 33.70 -46.11
N ILE K 288 17.20 34.53 -45.32
CA ILE K 288 18.60 34.29 -44.98
C ILE K 288 18.66 34.24 -43.48
N VAL K 289 19.01 33.10 -42.92
CA VAL K 289 19.08 32.97 -41.48
C VAL K 289 20.28 33.76 -40.97
N LYS K 290 20.08 34.48 -39.87
CA LYS K 290 21.16 35.15 -39.15
C LYS K 290 21.31 34.45 -37.83
N VAL K 291 22.47 33.82 -37.65
CA VAL K 291 22.73 33.03 -36.48
C VAL K 291 23.58 33.84 -35.51
N PHE K 292 23.06 33.99 -34.30
CA PHE K 292 23.76 34.67 -33.23
C PHE K 292 23.82 33.71 -32.07
N HIS K 293 24.85 33.84 -31.24
CA HIS K 293 24.85 33.28 -29.91
C HIS K 293 24.94 34.40 -28.92
N GLY K 294 24.07 34.38 -27.90
CA GLY K 294 24.06 35.43 -26.90
C GLY K 294 23.89 36.84 -27.43
N ALA K 295 22.96 37.01 -28.36
CA ALA K 295 22.79 38.27 -29.08
C ALA K 295 21.77 39.28 -28.53
N PHE K 296 21.20 39.01 -27.36
CA PHE K 296 20.11 39.86 -26.84
C PHE K 296 20.53 41.32 -26.64
N MET K 297 21.73 41.51 -26.09
CA MET K 297 22.38 42.82 -26.08
C MET K 297 22.84 43.26 -27.46
N ASN K 298 23.45 42.37 -28.23
CA ASN K 298 23.95 42.72 -29.56
C ASN K 298 22.86 43.29 -30.49
N ILE K 299 21.62 42.80 -30.36
CA ILE K 299 20.48 43.35 -31.12
C ILE K 299 20.24 44.84 -30.84
N ILE K 300 20.27 45.19 -29.56
CA ILE K 300 20.20 46.57 -29.08
C ILE K 300 21.28 47.46 -29.67
N TRP K 301 22.52 47.01 -29.59
CA TRP K 301 23.69 47.75 -30.05
C TRP K 301 23.77 47.96 -31.57
N LEU K 302 23.33 46.96 -32.35
CA LEU K 302 23.25 47.13 -33.79
C LEU K 302 22.35 48.32 -34.09
N GLN K 303 21.18 48.34 -33.44
CA GLN K 303 20.24 49.44 -33.53
C GLN K 303 20.86 50.78 -33.18
N ARG K 304 21.35 50.85 -31.95
CA ARG K 304 21.89 52.07 -31.38
C ARG K 304 22.95 52.69 -32.27
N ASP K 305 24.04 51.95 -32.45
CA ASP K 305 25.19 52.32 -33.29
C ASP K 305 25.09 52.38 -34.82
N LEU K 306 24.45 51.39 -35.45
CA LEU K 306 24.62 51.15 -36.87
C LEU K 306 23.29 51.21 -37.60
N GLY K 307 22.22 51.20 -36.83
CA GLY K 307 20.90 51.27 -37.40
C GLY K 307 20.54 49.98 -38.08
N LEU K 308 21.04 48.86 -37.55
CA LEU K 308 20.83 47.54 -38.18
C LEU K 308 19.86 46.68 -37.41
N TYR K 309 19.03 45.96 -38.15
CA TYR K 309 17.96 45.16 -37.60
C TYR K 309 18.07 43.75 -38.11
N VAL K 310 17.42 42.83 -37.42
CA VAL K 310 17.52 41.42 -37.79
C VAL K 310 16.12 40.83 -37.92
N VAL K 311 15.80 40.35 -39.11
CA VAL K 311 14.61 39.57 -39.38
C VAL K 311 15.12 38.26 -39.98
N GLY K 312 14.82 37.16 -39.31
CA GLY K 312 15.34 35.84 -39.63
C GLY K 312 16.39 35.39 -38.62
N LEU K 313 16.22 35.79 -37.36
CA LEU K 313 17.19 35.42 -36.32
C LEU K 313 17.00 34.00 -35.79
N PHE K 314 18.11 33.28 -35.69
CA PHE K 314 18.18 32.06 -34.87
C PHE K 314 19.27 32.21 -33.79
N ASP K 315 18.90 32.19 -32.51
CA ASP K 315 19.83 32.38 -31.39
C ASP K 315 20.18 31.02 -30.82
N THR K 316 21.44 30.59 -30.95
CA THR K 316 21.81 29.25 -30.49
C THR K 316 21.74 29.09 -28.96
N TYR K 317 21.69 30.20 -28.23
CA TYR K 317 21.51 30.14 -26.80
C TYR K 317 20.14 29.58 -26.40
N HIS K 318 19.12 30.01 -27.12
CA HIS K 318 17.79 29.49 -26.88
C HIS K 318 17.74 28.05 -27.38
N ALA K 319 18.46 27.79 -28.47
CA ALA K 319 18.56 26.44 -28.99
C ALA K 319 19.17 25.53 -27.93
N SER K 320 20.26 25.97 -27.33
CA SER K 320 20.94 25.16 -26.32
C SER K 320 20.04 24.92 -25.13
N LYS K 321 19.29 25.94 -24.72
CA LYS K 321 18.39 25.80 -23.59
C LYS K 321 17.25 24.86 -23.88
N ALA K 322 16.64 25.01 -25.06
CA ALA K 322 15.49 24.21 -25.40
C ALA K 322 15.86 22.75 -25.46
N ILE K 323 17.06 22.48 -25.97
CA ILE K 323 17.56 21.13 -26.04
C ILE K 323 17.91 20.59 -24.65
N GLY K 324 18.30 21.49 -23.75
CA GLY K 324 18.61 21.11 -22.39
C GLY K 324 20.06 20.67 -22.24
N LEU K 325 20.96 21.34 -22.97
CA LEU K 325 22.40 21.15 -22.80
C LEU K 325 22.84 21.55 -21.38
N PRO K 326 23.90 20.91 -20.84
CA PRO K 326 24.24 21.27 -19.46
C PRO K 326 24.75 22.71 -19.31
N ARG K 327 25.43 23.24 -20.32
CA ARG K 327 25.98 24.57 -20.27
C ARG K 327 25.62 25.35 -21.53
N HIS K 328 25.29 26.62 -21.36
CA HIS K 328 24.90 27.47 -22.47
C HIS K 328 26.04 28.27 -23.06
N SER K 329 27.23 28.12 -22.49
CA SER K 329 28.38 28.92 -22.92
C SER K 329 28.78 28.65 -24.38
N LEU K 330 29.11 29.72 -25.09
CA LEU K 330 29.51 29.62 -26.50
C LEU K 330 30.79 28.83 -26.71
N ALA K 331 31.77 29.05 -25.85
CA ALA K 331 33.05 28.34 -25.94
C ALA K 331 32.88 26.83 -25.85
N TYR K 332 32.00 26.39 -24.95
CA TYR K 332 31.67 24.98 -24.81
C TYR K 332 31.50 24.31 -26.15
N LEU K 333 30.78 24.98 -27.05
CA LEU K 333 30.56 24.46 -28.40
C LEU K 333 31.88 24.37 -29.17
N LEU K 334 32.69 25.41 -29.06
CA LEU K 334 33.99 25.46 -29.70
C LEU K 334 34.91 24.38 -29.12
N GLU K 335 34.83 24.23 -27.80
CA GLU K 335 35.67 23.28 -27.07
C GLU K 335 35.40 21.84 -27.48
N ASN K 336 34.13 21.51 -27.68
CA ASN K 336 33.77 20.13 -27.95
C ASN K 336 33.61 19.78 -29.43
N PHE K 337 33.23 20.76 -30.25
CA PHE K 337 33.00 20.52 -31.66
C PHE K 337 34.09 20.98 -32.61
N ALA K 338 34.87 21.96 -32.18
CA ALA K 338 35.87 22.56 -33.06
C ALA K 338 37.22 22.20 -32.50
N ASN K 339 37.23 21.53 -31.36
CA ASN K 339 38.49 21.14 -30.74
C ASN K 339 39.36 22.37 -30.52
N PHE K 340 38.73 23.48 -30.14
CA PHE K 340 39.42 24.75 -29.99
C PHE K 340 39.37 25.28 -28.57
N LYS K 341 40.51 25.74 -28.06
CA LYS K 341 40.57 26.18 -26.68
C LYS K 341 40.39 27.69 -26.59
N THR K 342 39.36 28.14 -25.88
CA THR K 342 39.06 29.57 -25.75
C THR K 342 40.04 30.37 -24.88
N SER K 343 40.27 31.63 -25.22
CA SER K 343 41.15 32.50 -24.41
C SER K 343 40.47 33.77 -23.87
N LYS K 344 40.47 33.90 -22.55
CA LYS K 344 39.86 35.02 -21.83
C LYS K 344 40.44 36.45 -21.92
N LYS K 345 41.76 36.57 -21.88
CA LYS K 345 42.46 37.78 -21.43
C LYS K 345 42.26 39.12 -22.16
N TYR K 346 42.27 39.09 -23.49
CA TYR K 346 42.16 40.30 -24.30
C TYR K 346 40.89 41.11 -24.06
N GLN K 347 39.79 40.41 -23.77
CA GLN K 347 38.48 41.04 -23.72
C GLN K 347 38.41 42.15 -22.68
N LEU K 348 39.06 41.92 -21.53
CA LEU K 348 39.08 42.90 -20.46
C LEU K 348 39.84 44.16 -20.87
N ALA K 349 40.65 44.04 -21.91
CA ALA K 349 41.43 45.16 -22.42
C ALA K 349 40.58 46.08 -23.29
N ASP K 350 41.22 46.70 -24.28
CA ASP K 350 40.52 47.61 -25.19
C ASP K 350 40.70 47.18 -26.63
N TRP K 351 39.62 46.65 -27.22
CA TRP K 351 39.67 46.21 -28.61
C TRP K 351 39.98 47.33 -29.53
N ARG K 352 40.01 48.55 -28.98
CA ARG K 352 40.21 49.76 -29.76
C ARG K 352 41.56 49.80 -30.48
N ILE K 353 42.61 49.34 -29.80
CA ILE K 353 43.97 49.46 -30.33
C ILE K 353 44.17 48.69 -31.64
N ARG K 354 44.90 49.30 -32.56
CA ARG K 354 45.21 48.72 -33.86
C ARG K 354 46.66 49.00 -34.22
N PRO K 355 47.23 48.18 -35.09
CA PRO K 355 46.51 47.07 -35.73
C PRO K 355 46.18 45.95 -34.76
N LEU K 356 45.08 45.25 -35.01
CA LEU K 356 44.66 44.14 -34.16
C LEU K 356 45.69 43.01 -34.20
N SER K 357 45.91 42.39 -33.04
CA SER K 357 46.89 41.31 -32.91
C SER K 357 46.41 40.04 -33.62
N LYS K 358 47.35 39.32 -34.23
CA LYS K 358 47.03 38.11 -34.96
C LYS K 358 46.33 37.10 -34.06
N PRO K 359 46.78 37.01 -32.81
CA PRO K 359 46.14 36.16 -31.81
C PRO K 359 44.71 36.62 -31.58
N MET K 360 44.53 37.94 -31.56
CA MET K 360 43.23 38.56 -31.40
C MET K 360 42.29 38.18 -32.54
N THR K 361 42.84 38.09 -33.74
CA THR K 361 42.03 37.83 -34.92
C THR K 361 41.31 36.48 -34.83
N ALA K 362 42.01 35.46 -34.32
CA ALA K 362 41.36 34.19 -34.06
C ALA K 362 40.16 34.32 -33.14
N TYR K 363 40.30 35.12 -32.07
CA TYR K 363 39.21 35.33 -31.14
C TYR K 363 38.03 36.03 -31.81
N ALA K 364 38.31 37.07 -32.58
CA ALA K 364 37.27 37.67 -33.42
C ALA K 364 36.82 36.65 -34.47
N ARG K 365 37.79 35.96 -35.06
CA ARG K 365 37.54 34.91 -36.05
C ARG K 365 36.80 33.71 -35.45
N ALA K 366 37.19 33.36 -34.23
CA ALA K 366 36.69 32.15 -33.56
C ALA K 366 35.19 32.18 -33.34
N ASP K 367 34.66 33.36 -33.01
CA ASP K 367 33.27 33.49 -32.59
C ASP K 367 32.26 33.05 -33.65
N THR K 368 32.50 33.37 -34.91
CA THR K 368 31.54 33.03 -35.94
C THR K 368 32.00 31.89 -36.86
N HIS K 369 33.31 31.63 -36.88
CA HIS K 369 33.89 30.66 -37.81
C HIS K 369 33.17 29.34 -37.66
N PHE K 370 32.75 29.04 -36.43
CA PHE K 370 32.16 27.74 -36.10
C PHE K 370 30.65 27.68 -35.98
N LEU K 371 30.00 28.84 -35.97
CA LEU K 371 28.62 28.88 -35.51
C LEU K 371 27.61 28.24 -36.45
N LEU K 372 27.83 28.31 -37.76
CA LEU K 372 26.81 27.80 -38.67
C LEU K 372 26.64 26.29 -38.56
N ASN K 373 27.72 25.57 -38.33
CA ASN K 373 27.64 24.12 -38.11
C ASN K 373 26.88 23.80 -36.83
N ILE K 374 27.21 24.53 -35.78
CA ILE K 374 26.52 24.38 -34.51
C ILE K 374 25.03 24.60 -34.72
N TYR K 375 24.67 25.65 -35.45
CA TYR K 375 23.30 25.86 -35.91
C TYR K 375 22.73 24.62 -36.63
N ASP K 376 23.45 24.04 -37.58
CA ASP K 376 22.99 22.81 -38.22
C ASP K 376 22.65 21.72 -37.20
N GLN K 377 23.56 21.51 -36.26
CA GLN K 377 23.35 20.44 -35.31
C GLN K 377 22.22 20.70 -34.34
N LEU K 378 22.15 21.91 -33.81
CA LEU K 378 21.10 22.32 -32.88
C LEU K 378 19.74 22.36 -33.57
N ARG K 379 19.72 22.90 -34.79
CA ARG K 379 18.50 22.97 -35.57
C ARG K 379 17.92 21.57 -35.73
N ASN K 380 18.75 20.65 -36.21
CA ASN K 380 18.31 19.29 -36.48
C ASN K 380 17.74 18.62 -35.25
N LYS K 381 18.37 18.81 -34.10
CA LYS K 381 17.89 18.17 -32.89
C LYS K 381 16.58 18.82 -32.42
N LEU K 382 16.50 20.15 -32.53
CA LEU K 382 15.27 20.85 -32.20
C LEU K 382 14.13 20.34 -33.07
N ILE K 383 14.38 20.17 -34.37
CA ILE K 383 13.34 19.63 -35.24
C ILE K 383 12.92 18.25 -34.76
N GLU K 384 13.91 17.40 -34.49
CA GLU K 384 13.69 16.05 -33.95
C GLU K 384 12.93 16.02 -32.62
N SER K 385 13.24 16.97 -31.75
CA SER K 385 12.72 17.00 -30.39
C SER K 385 11.35 17.64 -30.24
N ASN K 386 10.78 18.09 -31.35
CA ASN K 386 9.55 18.88 -31.35
C ASN K 386 9.69 20.20 -30.58
N LYS K 387 10.86 20.83 -30.68
CA LYS K 387 11.07 22.07 -29.94
C LYS K 387 11.53 23.27 -30.79
N LEU K 388 11.52 23.13 -32.12
CA LEU K 388 12.04 24.19 -32.98
C LEU K 388 11.16 25.43 -32.96
N ALA K 389 9.85 25.21 -32.94
CA ALA K 389 8.91 26.32 -32.96
C ALA K 389 9.11 27.24 -31.76
N GLY K 390 9.43 26.65 -30.62
CA GLY K 390 9.72 27.41 -29.43
C GLY K 390 10.92 28.32 -29.53
N VAL K 391 11.99 27.82 -30.13
CA VAL K 391 13.22 28.58 -30.28
C VAL K 391 13.05 29.73 -31.27
N LEU K 392 12.28 29.53 -32.33
CA LEU K 392 12.08 30.65 -33.25
C LEU K 392 11.26 31.73 -32.59
N TYR K 393 10.34 31.34 -31.73
CA TYR K 393 9.56 32.32 -30.99
C TYR K 393 10.44 33.18 -30.08
N GLU K 394 11.28 32.53 -29.27
CA GLU K 394 12.25 33.22 -28.43
C GLU K 394 13.16 34.12 -29.25
N SER K 395 13.60 33.60 -30.39
CA SER K 395 14.49 34.35 -31.25
C SER K 395 13.82 35.61 -31.79
N ARG K 396 12.54 35.51 -32.13
CA ARG K 396 11.81 36.71 -32.55
C ARG K 396 11.65 37.69 -31.39
N ASN K 397 11.49 37.19 -30.17
CA ASN K 397 11.44 38.10 -29.03
C ASN K 397 12.79 38.81 -28.79
N VAL K 398 13.89 38.10 -29.02
CA VAL K 398 15.18 38.76 -28.93
C VAL K 398 15.32 39.83 -30.03
N ALA K 399 15.00 39.46 -31.26
CA ALA K 399 15.21 40.35 -32.39
C ALA K 399 14.38 41.62 -32.25
N LYS K 400 13.23 41.47 -31.61
CA LYS K 400 12.24 42.55 -31.42
C LYS K 400 12.65 43.76 -30.59
N ARG K 401 13.42 43.53 -29.52
CA ARG K 401 13.60 44.52 -28.45
C ARG K 401 14.20 45.85 -28.90
N ARG K 402 13.70 46.93 -28.29
CA ARG K 402 14.05 48.30 -28.67
C ARG K 402 14.75 49.07 -27.56
N PHE K 403 15.82 49.76 -27.94
CA PHE K 403 16.66 50.51 -27.02
C PHE K 403 16.09 51.90 -26.77
N GLU K 404 16.07 52.29 -25.51
CA GLU K 404 15.67 53.63 -25.11
C GLU K 404 16.58 54.06 -23.98
N TYR K 405 16.67 55.35 -23.72
CA TYR K 405 17.43 55.81 -22.57
C TYR K 405 16.80 55.22 -21.32
N SER K 406 17.65 54.73 -20.41
CA SER K 406 17.20 53.97 -19.24
C SER K 406 16.35 54.74 -18.23
N LYS K 407 16.71 55.99 -17.97
CA LYS K 407 16.14 56.74 -16.85
C LYS K 407 14.63 56.99 -16.93
N TYR K 408 14.12 57.32 -18.12
CA TYR K 408 12.72 57.70 -18.26
C TYR K 408 11.72 56.60 -17.91
N ARG K 409 12.01 55.37 -18.33
CA ARG K 409 11.08 54.25 -18.16
C ARG K 409 10.95 53.75 -16.71
N PRO K 410 9.72 53.43 -16.32
CA PRO K 410 9.46 52.71 -15.07
C PRO K 410 9.93 51.27 -15.23
N LEU K 411 10.36 50.61 -14.17
CA LEU K 411 10.95 49.29 -14.35
C LEU K 411 9.93 48.40 -15.05
N THR K 412 10.39 47.64 -16.04
CA THR K 412 9.50 46.85 -16.88
C THR K 412 9.85 45.37 -16.89
N PRO K 413 8.83 44.53 -16.69
CA PRO K 413 8.98 43.08 -16.77
C PRO K 413 9.37 42.65 -18.18
N SER K 414 8.80 43.29 -19.19
CA SER K 414 8.99 42.90 -20.58
C SER K 414 10.44 43.00 -21.05
N SER K 415 10.84 42.00 -21.83
CA SER K 415 12.19 41.90 -22.38
C SER K 415 12.56 43.02 -23.35
N GLU K 416 11.58 43.47 -24.13
CA GLU K 416 11.82 44.39 -25.23
C GLU K 416 12.40 45.71 -24.74
N VAL K 417 11.89 46.22 -23.63
CA VAL K 417 12.44 47.45 -23.07
C VAL K 417 13.87 47.19 -22.64
N TYR K 418 14.77 48.12 -22.99
CA TYR K 418 16.17 47.99 -22.64
C TYR K 418 16.66 49.24 -21.91
N SER K 419 17.38 49.04 -20.82
CA SER K 419 17.93 50.18 -20.09
C SER K 419 19.40 49.97 -19.72
N PRO K 420 20.23 50.98 -19.94
CA PRO K 420 21.67 50.83 -19.70
C PRO K 420 21.97 50.52 -18.23
N ILE K 421 21.27 51.18 -17.32
CA ILE K 421 21.45 50.92 -15.89
C ILE K 421 20.13 50.84 -15.15
N GLU K 422 20.07 49.96 -14.14
CA GLU K 422 18.90 49.88 -13.27
C GLU K 422 18.83 51.18 -12.47
N LYS K 423 17.61 51.66 -12.21
CA LYS K 423 17.48 52.96 -11.55
C LYS K 423 16.44 53.05 -10.43
N GLU K 424 16.71 52.43 -9.29
CA GLU K 424 15.87 52.60 -8.12
C GLU K 424 16.68 53.28 -7.03
N SER K 425 17.78 52.64 -6.65
CA SER K 425 18.75 53.23 -5.73
C SER K 425 20.16 53.01 -6.25
N PRO K 426 20.53 53.69 -7.33
CA PRO K 426 21.86 53.49 -7.91
C PRO K 426 22.95 53.91 -6.92
N TRP K 427 22.73 55.04 -6.26
CA TRP K 427 23.60 55.46 -5.17
C TRP K 427 23.50 54.51 -4.02
N LYS K 428 22.28 54.06 -3.76
CA LYS K 428 21.96 53.25 -2.59
C LYS K 428 22.42 51.81 -2.78
N ILE K 429 22.21 51.26 -3.98
CA ILE K 429 22.71 49.96 -4.30
C ILE K 429 24.16 49.86 -3.95
N LEU K 430 24.93 50.83 -4.43
CA LEU K 430 26.35 50.81 -4.24
C LEU K 430 26.66 51.26 -2.79
N MET K 431 25.71 51.96 -2.16
CA MET K 431 25.84 52.27 -0.74
C MET K 431 25.84 50.99 0.07
N TYR K 432 25.02 50.03 -0.32
CA TYR K 432 24.97 48.75 0.41
C TYR K 432 26.29 48.03 0.29
N GLN K 433 26.90 48.10 -0.88
CA GLN K 433 28.11 47.33 -1.17
C GLN K 433 29.29 47.77 -0.31
N TYR K 434 29.46 49.07 -0.13
CA TYR K 434 30.61 49.55 0.63
C TYR K 434 30.15 49.87 2.02
N ASN K 435 28.90 49.53 2.30
CA ASN K 435 28.33 49.74 3.61
C ASN K 435 28.49 51.18 4.02
N ILE K 436 27.93 52.09 3.24
CA ILE K 436 28.05 53.51 3.55
C ILE K 436 26.85 53.91 4.40
N PRO K 437 27.12 54.56 5.56
CA PRO K 437 26.07 55.02 6.46
C PRO K 437 25.15 56.03 5.81
N PRO K 438 23.88 56.08 6.25
CA PRO K 438 22.93 57.02 5.67
C PRO K 438 23.24 58.48 6.02
N GLU K 439 24.09 58.77 7.01
CA GLU K 439 24.42 60.17 7.28
C GLU K 439 25.28 60.75 6.16
N ARG K 440 26.06 59.89 5.52
CA ARG K 440 26.94 60.30 4.45
C ARG K 440 26.15 60.22 3.15
N GLU K 441 24.92 59.74 3.29
CA GLU K 441 24.08 59.44 2.13
C GLU K 441 23.95 60.61 1.19
N VAL K 442 23.80 61.81 1.76
CA VAL K 442 23.63 63.02 0.97
C VAL K 442 24.88 63.32 0.15
N LEU K 443 26.03 63.13 0.78
CA LEU K 443 27.33 63.26 0.11
C LEU K 443 27.46 62.25 -1.01
N VAL K 444 27.12 61.00 -0.71
CA VAL K 444 27.29 59.90 -1.65
C VAL K 444 26.48 60.13 -2.91
N ARG K 445 25.26 60.62 -2.75
CA ARG K 445 24.38 60.90 -3.89
C ARG K 445 24.99 61.97 -4.79
N GLU K 446 25.58 62.99 -4.18
CA GLU K 446 26.17 64.09 -4.94
C GLU K 446 27.34 63.63 -5.80
N LEU K 447 28.18 62.76 -5.23
CA LEU K 447 29.32 62.21 -5.98
C LEU K 447 28.83 61.40 -7.16
N TYR K 448 27.78 60.63 -6.93
CA TYR K 448 27.17 59.80 -7.97
C TYR K 448 26.57 60.67 -9.08
N GLN K 449 25.85 61.73 -8.70
CA GLN K 449 25.22 62.61 -9.67
C GLN K 449 26.23 63.37 -10.50
N TRP K 450 27.22 63.91 -9.81
CA TRP K 450 28.28 64.64 -10.46
C TRP K 450 29.00 63.76 -11.48
N ARG K 451 29.42 62.58 -11.04
CA ARG K 451 30.20 61.69 -11.88
C ARG K 451 29.42 61.30 -13.13
N ASP K 452 28.12 61.05 -12.97
CA ASP K 452 27.25 60.78 -14.09
C ASP K 452 27.21 62.01 -15.00
N LEU K 453 27.17 63.19 -14.38
CA LEU K 453 27.13 64.44 -15.11
C LEU K 453 28.38 64.66 -15.97
N ILE K 454 29.55 64.33 -15.42
CA ILE K 454 30.79 64.48 -16.16
C ILE K 454 30.95 63.38 -17.21
N ALA K 455 30.52 62.17 -16.86
CA ALA K 455 30.59 61.03 -17.76
C ALA K 455 29.72 61.24 -19.00
N ARG K 456 28.62 61.95 -18.84
CA ARG K 456 27.73 62.26 -19.95
C ARG K 456 28.16 63.53 -20.67
N ARG K 457 29.10 64.25 -20.07
CA ARG K 457 29.64 65.47 -20.67
C ARG K 457 30.78 65.13 -21.63
N ASP K 458 31.83 64.53 -21.09
CA ASP K 458 33.02 64.19 -21.88
C ASP K 458 32.86 62.86 -22.59
N ASP K 459 31.68 62.26 -22.49
CA ASP K 459 31.38 60.96 -23.08
C ASP K 459 32.36 59.88 -22.63
N GLU K 460 32.36 59.59 -21.33
CA GLU K 460 33.23 58.57 -20.77
C GLU K 460 32.44 57.64 -19.84
N SER K 461 33.07 56.54 -19.44
CA SER K 461 32.44 55.62 -18.50
C SER K 461 32.54 56.19 -17.08
N PRO K 462 31.51 55.96 -16.26
CA PRO K 462 31.47 56.43 -14.86
C PRO K 462 32.67 55.95 -14.03
N ARG K 463 33.22 54.79 -14.37
CA ARG K 463 34.36 54.26 -13.63
C ARG K 463 35.68 54.92 -14.06
N PHE K 464 35.70 55.46 -15.28
CA PHE K 464 36.87 56.15 -15.79
C PHE K 464 36.96 57.55 -15.19
N VAL K 465 35.79 58.17 -14.98
CA VAL K 465 35.71 59.46 -14.31
C VAL K 465 36.13 59.30 -12.86
N MET K 466 35.62 58.24 -12.22
CA MET K 466 35.97 57.92 -10.83
C MET K 466 35.55 56.50 -10.48
N PRO K 467 36.51 55.66 -10.04
CA PRO K 467 36.17 54.30 -9.63
C PRO K 467 35.42 54.30 -8.30
N ASN K 468 34.67 53.23 -8.05
CA ASN K 468 33.87 53.13 -6.83
C ASN K 468 34.74 53.05 -5.56
N GLN K 469 35.93 52.48 -5.70
CA GLN K 469 36.86 52.36 -4.58
C GLN K 469 37.35 53.72 -4.12
N LEU K 470 37.63 54.61 -5.07
CA LEU K 470 38.10 55.96 -4.76
C LEU K 470 36.96 56.81 -4.20
N LEU K 471 35.74 56.55 -4.68
CA LEU K 471 34.56 57.25 -4.18
C LEU K 471 34.32 56.87 -2.73
N ALA K 472 34.60 55.62 -2.39
CA ALA K 472 34.44 55.12 -1.04
C ALA K 472 35.39 55.83 -0.08
N ALA K 473 36.55 56.22 -0.59
CA ALA K 473 37.53 56.94 0.20
C ALA K 473 37.04 58.36 0.51
N LEU K 474 36.21 58.88 -0.39
CA LEU K 474 35.65 60.22 -0.22
C LEU K 474 34.51 60.22 0.79
N VAL K 475 33.84 59.08 0.92
CA VAL K 475 32.72 58.95 1.84
C VAL K 475 33.20 58.54 3.23
N ALA K 476 34.24 57.71 3.28
CA ALA K 476 34.77 57.21 4.54
C ALA K 476 35.64 58.24 5.24
N TYR K 477 36.60 58.80 4.50
CA TYR K 477 37.56 59.75 5.09
C TYR K 477 37.03 61.18 5.11
N THR K 478 36.28 61.54 4.07
CA THR K 478 35.73 62.88 3.91
C THR K 478 36.78 64.00 4.05
N PRO K 479 37.58 64.21 2.98
CA PRO K 479 38.58 65.27 2.98
C PRO K 479 37.92 66.64 2.84
N THR K 480 38.24 67.56 3.75
CA THR K 480 37.65 68.88 3.74
C THR K 480 38.46 69.87 2.90
N ASP K 481 39.67 69.45 2.52
CA ASP K 481 40.55 70.30 1.72
C ASP K 481 40.86 69.66 0.37
N VAL K 482 41.63 70.39 -0.45
CA VAL K 482 41.99 69.90 -1.78
C VAL K 482 43.22 69.00 -1.68
N ILE K 483 43.84 68.98 -0.51
CA ILE K 483 45.03 68.16 -0.28
C ILE K 483 44.65 66.70 -0.03
N GLY K 484 43.58 66.50 0.72
CA GLY K 484 43.12 65.16 1.06
C GLY K 484 42.39 64.47 -0.08
N VAL K 485 41.95 65.24 -1.07
CA VAL K 485 41.23 64.69 -2.20
C VAL K 485 42.16 64.03 -3.22
N VAL K 486 43.25 64.72 -3.54
CA VAL K 486 44.20 64.23 -4.54
C VAL K 486 44.90 62.94 -4.13
N SER K 487 45.34 62.87 -2.87
CA SER K 487 46.08 61.71 -2.39
C SER K 487 45.20 60.74 -1.60
N LEU K 488 44.74 59.69 -2.27
CA LEU K 488 43.92 58.66 -1.63
C LEU K 488 44.22 57.29 -2.19
N THR K 489 44.28 56.30 -1.29
CA THR K 489 44.54 54.90 -1.65
C THR K 489 45.78 54.71 -2.51
N ASN K 490 45.62 54.00 -3.63
CA ASN K 490 46.74 53.73 -4.53
C ASN K 490 47.01 54.90 -5.48
N GLY K 491 46.07 55.14 -6.40
CA GLY K 491 46.23 56.21 -7.36
C GLY K 491 44.95 57.02 -7.56
N VAL K 492 45.07 58.10 -8.32
CA VAL K 492 43.93 58.97 -8.62
C VAL K 492 43.81 59.21 -10.13
N THR K 493 42.59 59.08 -10.64
CA THR K 493 42.36 59.27 -12.07
C THR K 493 42.46 60.73 -12.49
N GLU K 494 42.25 61.01 -13.77
CA GLU K 494 42.44 62.34 -14.33
C GLU K 494 41.25 63.27 -14.11
N HIS K 495 40.04 62.72 -14.15
CA HIS K 495 38.83 63.53 -14.07
C HIS K 495 38.63 64.20 -12.71
N VAL K 496 38.87 63.46 -11.63
CA VAL K 496 38.67 63.99 -10.28
C VAL K 496 39.87 64.80 -9.78
N ARG K 497 40.96 64.76 -10.54
CA ARG K 497 42.16 65.51 -10.18
C ARG K 497 41.99 67.00 -10.51
N GLN K 498 41.43 67.28 -11.68
CA GLN K 498 41.20 68.65 -12.10
C GLN K 498 40.05 69.29 -11.32
N ASN K 499 39.04 68.47 -11.00
CA ASN K 499 37.90 68.94 -10.25
C ASN K 499 38.01 68.65 -8.76
N ALA K 500 39.24 68.49 -8.29
CA ALA K 500 39.50 68.18 -6.88
C ALA K 500 39.09 69.33 -5.96
N LYS K 501 39.24 70.56 -6.45
CA LYS K 501 38.84 71.72 -5.69
C LYS K 501 37.34 71.70 -5.45
N LEU K 502 36.59 71.32 -6.48
CA LEU K 502 35.15 71.20 -6.38
C LEU K 502 34.78 70.11 -5.37
N LEU K 503 35.52 69.00 -5.41
CA LEU K 503 35.27 67.89 -4.50
C LEU K 503 35.48 68.32 -3.06
N ALA K 504 36.54 69.08 -2.81
CA ALA K 504 36.81 69.59 -1.47
C ALA K 504 35.69 70.53 -1.06
N ASN K 505 35.25 71.37 -1.98
CA ASN K 505 34.11 72.25 -1.75
C ASN K 505 32.83 71.45 -1.53
N LEU K 506 32.67 70.39 -2.31
CA LEU K 506 31.48 69.54 -2.22
C LEU K 506 31.40 68.87 -0.85
N ILE K 507 32.54 68.41 -0.34
CA ILE K 507 32.56 67.76 0.96
C ILE K 507 32.14 68.75 2.04
N ARG K 508 32.65 69.98 1.93
CA ARG K 508 32.23 71.04 2.83
C ARG K 508 30.76 71.34 2.60
N ASP K 509 30.32 71.34 1.35
CA ASP K 509 28.91 71.54 1.06
C ASP K 509 28.08 70.42 1.67
N ALA K 510 28.58 69.19 1.54
CA ALA K 510 27.93 68.00 2.10
C ALA K 510 27.84 68.01 3.62
N LEU K 511 28.89 68.49 4.26
CA LEU K 511 29.04 68.38 5.71
C LEU K 511 27.96 69.11 6.52
N ARG K 512 27.56 70.28 6.05
CA ARG K 512 26.64 71.13 6.81
C ARG K 512 25.28 70.46 7.04
N ASN K 513 24.77 69.77 6.03
CA ASN K 513 23.47 69.12 6.13
C ASN K 513 23.38 68.04 7.21
N ILE K 514 24.45 67.24 7.33
CA ILE K 514 24.47 66.14 8.27
C ILE K 514 24.29 66.66 9.69
N LYS K 515 24.91 67.81 9.98
CA LYS K 515 24.86 68.42 11.30
C LYS K 515 23.45 68.84 11.71
N ASN K 516 22.67 69.35 10.77
CA ASN K 516 21.34 69.86 11.08
C ASN K 516 20.40 68.78 11.62
N THR K 517 20.47 67.58 11.06
CA THR K 517 19.58 66.48 11.41
C THR K 517 19.69 66.02 12.87
N ASN K 518 20.92 65.97 13.39
CA ASN K 518 21.18 65.37 14.70
C ASN K 518 20.50 66.06 15.89
N GLU K 519 20.47 67.39 15.88
CA GLU K 519 19.89 68.15 16.99
C GLU K 519 18.40 67.87 17.17
N GLU K 520 17.69 67.74 16.05
CA GLU K 520 16.24 67.56 16.04
C GLU K 520 15.74 66.29 16.72
N ALA K 521 16.49 65.19 16.57
CA ALA K 521 16.00 63.85 16.87
C ALA K 521 15.56 63.60 18.32
N THR K 522 16.30 64.08 19.31
CA THR K 522 15.93 63.80 20.70
C THR K 522 14.49 64.10 21.13
N PRO K 523 13.95 65.24 20.69
CA PRO K 523 12.59 65.67 21.04
C PRO K 523 11.49 64.64 20.74
N ILE K 524 11.62 63.92 19.63
CA ILE K 524 10.54 63.10 19.07
C ILE K 524 10.02 61.94 19.91
N PRO K 525 10.92 61.28 20.65
CA PRO K 525 10.60 60.10 21.47
C PRO K 525 9.63 60.33 22.64
N SER K 526 9.73 61.48 23.30
CA SER K 526 9.10 61.73 24.60
C SER K 526 7.57 61.64 24.65
N SER K 527 6.91 62.07 23.59
CA SER K 527 5.46 62.31 23.57
C SER K 527 4.54 61.11 23.83
N GLU K 528 5.03 59.90 23.59
CA GLU K 528 4.17 58.72 23.46
C GLU K 528 3.28 58.36 24.67
N THR K 529 3.82 58.49 25.88
CA THR K 529 3.04 58.27 27.09
C THR K 529 1.92 59.32 27.14
N LYS K 530 2.26 60.54 26.74
CA LYS K 530 1.30 61.64 26.70
C LYS K 530 0.17 61.32 25.72
N ALA K 531 0.51 60.71 24.60
CA ALA K 531 -0.50 60.32 23.61
C ALA K 531 -1.44 59.32 24.23
N ASP K 532 -0.89 58.40 25.02
CA ASP K 532 -1.70 57.45 25.78
C ASP K 532 -2.56 58.23 26.76
N GLY K 533 -2.10 59.35 27.31
CA GLY K 533 -2.92 60.08 28.28
C GLY K 533 -4.28 60.59 27.79
N ILE K 534 -4.28 61.02 26.53
CA ILE K 534 -5.43 61.69 25.94
C ILE K 534 -6.66 60.80 25.94
N LEU K 535 -6.48 59.51 25.71
CA LEU K 535 -7.63 58.59 25.70
C LEU K 535 -8.33 58.53 27.06
N LEU K 536 -7.56 58.49 28.14
CA LEU K 536 -8.13 58.51 29.50
C LEU K 536 -8.86 59.83 29.75
N GLU K 537 -8.26 60.91 29.26
CA GLU K 537 -8.90 62.20 29.43
C GLU K 537 -10.27 62.18 28.73
N THR K 538 -10.28 61.68 27.50
CA THR K 538 -11.48 61.69 26.67
C THR K 538 -12.61 60.87 27.30
N ILE K 539 -12.27 59.72 27.86
CA ILE K 539 -13.27 58.88 28.52
C ILE K 539 -13.80 59.62 29.74
N SER K 540 -15.12 59.56 29.93
CA SER K 540 -15.74 60.23 31.06
C SER K 540 -15.40 59.55 32.38
N VAL K 541 -15.11 60.34 33.40
CA VAL K 541 -14.90 59.81 34.74
C VAL K 541 -16.19 59.19 35.23
N PRO K 542 -17.30 59.86 34.91
CA PRO K 542 -18.65 59.40 35.30
C PRO K 542 -18.99 57.95 34.94
N GLN K 543 -18.60 57.49 33.76
CA GLN K 543 -18.91 56.13 33.33
C GLN K 543 -18.23 55.10 34.23
N ILE K 544 -16.99 55.40 34.61
CA ILE K 544 -16.14 54.48 35.34
C ILE K 544 -16.80 54.07 36.66
N ARG K 545 -17.46 55.02 37.29
CA ARG K 545 -18.23 54.75 38.50
C ARG K 545 -19.49 53.95 38.16
N ASP K 546 -19.98 54.13 36.94
CA ASP K 546 -21.17 53.42 36.48
C ASP K 546 -20.86 51.95 36.21
N VAL K 547 -19.79 51.70 35.47
CA VAL K 547 -19.39 50.34 35.13
C VAL K 547 -18.87 49.59 36.35
N MET K 548 -18.47 50.33 37.38
CA MET K 548 -18.04 49.73 38.64
C MET K 548 -19.25 49.32 39.47
N GLU K 549 -20.28 50.16 39.48
CA GLU K 549 -21.52 49.86 40.17
C GLU K 549 -22.24 48.71 39.47
N ARG K 550 -22.16 48.70 38.15
CA ARG K 550 -22.69 47.61 37.35
C ARG K 550 -21.91 46.36 37.71
N PHE K 551 -20.60 46.51 37.87
CA PHE K 551 -19.75 45.42 38.33
C PHE K 551 -20.26 44.86 39.65
N SER K 552 -20.66 45.76 40.55
CA SER K 552 -21.12 45.38 41.88
C SER K 552 -22.39 44.54 41.83
N VAL K 553 -23.39 44.97 41.08
CA VAL K 553 -24.61 44.19 41.08
C VAL K 553 -24.39 42.81 40.46
N LEU K 554 -23.76 42.77 39.30
CA LEU K 554 -23.44 41.50 38.65
C LEU K 554 -22.38 40.71 39.39
N CYS K 555 -21.29 41.40 39.75
CA CYS K 555 -20.18 40.75 40.42
C CYS K 555 -20.63 40.25 41.78
N ASN K 556 -21.37 41.10 42.47
CA ASN K 556 -21.86 40.75 43.79
C ASN K 556 -22.79 39.56 43.66
N SER K 557 -23.65 39.59 42.67
CA SER K 557 -24.61 38.51 42.54
C SER K 557 -23.85 37.20 42.31
N ASN K 558 -22.84 37.26 41.45
CA ASN K 558 -22.09 36.07 41.11
C ASN K 558 -21.36 35.50 42.33
N ILE K 559 -20.77 36.37 43.13
CA ILE K 559 -20.04 35.93 44.31
C ILE K 559 -20.94 35.23 45.32
N SER K 560 -22.15 35.76 45.49
CA SER K 560 -23.12 35.24 46.45
C SER K 560 -23.57 33.81 46.18
N LYS K 561 -23.66 33.48 44.89
CA LYS K 561 -24.31 32.24 44.45
C LYS K 561 -23.68 30.93 44.93
N SER K 562 -22.36 30.88 45.01
CA SER K 562 -21.68 29.62 45.33
C SER K 562 -22.08 29.10 46.70
N ARG K 563 -22.16 30.00 47.69
CA ARG K 563 -22.69 29.66 49.00
C ARG K 563 -21.71 28.89 49.89
N ALA K 564 -20.46 28.75 49.43
CA ALA K 564 -19.45 28.06 50.21
C ALA K 564 -19.91 26.66 50.60
N LYS K 565 -20.52 25.95 49.65
CA LYS K 565 -21.10 24.64 49.92
C LYS K 565 -20.05 23.59 50.33
N PRO K 566 -20.44 22.74 51.28
CA PRO K 566 -19.56 21.68 51.80
C PRO K 566 -19.27 20.58 50.78
N VAL K 567 -18.08 20.00 50.86
CA VAL K 567 -17.67 18.94 49.94
C VAL K 567 -17.40 17.63 50.68
N THR K 568 -17.93 16.53 50.15
CA THR K 568 -17.76 15.21 50.74
C THR K 568 -16.86 14.35 49.87
N ASN K 569 -15.85 13.73 50.49
CA ASN K 569 -14.85 12.97 49.76
C ASN K 569 -15.01 11.46 49.87
N SER K 570 -15.07 10.80 48.71
CA SER K 570 -15.15 9.35 48.66
C SER K 570 -14.62 8.86 47.31
N SER K 571 -14.14 7.62 47.27
CA SER K 571 -13.79 6.97 46.01
C SER K 571 -14.44 5.59 45.95
N ILE K 572 -15.25 5.34 44.93
CA ILE K 572 -15.88 4.03 44.81
C ILE K 572 -14.88 2.91 44.58
N LEU K 573 -13.94 3.14 43.66
CA LEU K 573 -12.90 2.15 43.37
C LEU K 573 -11.54 2.78 43.05
N LEU K 574 -11.50 3.43 41.89
CA LEU K 574 -10.27 3.95 41.29
C LEU K 574 -9.56 5.04 42.09
N GLY K 575 -10.33 5.92 42.71
CA GLY K 575 -9.78 7.13 43.31
C GLY K 575 -8.75 6.89 44.39
N LYS K 576 -8.98 5.90 45.25
CA LYS K 576 -8.05 5.64 46.33
C LYS K 576 -6.67 5.22 45.81
N ILE K 577 -6.68 4.42 44.75
CA ILE K 577 -5.49 3.77 44.23
C ILE K 577 -4.68 4.63 43.24
N LEU K 578 -5.37 5.28 42.31
CA LEU K 578 -4.68 6.07 41.28
C LEU K 578 -3.94 7.31 41.81
N PRO K 579 -4.63 8.19 42.57
CA PRO K 579 -3.94 9.42 43.00
C PRO K 579 -2.93 9.19 44.13
N ARG K 580 -2.77 7.95 44.56
CA ARG K 580 -1.86 7.62 45.65
C ARG K 580 -0.42 8.04 45.36
N GLU K 581 0.16 8.81 46.28
CA GLU K 581 1.53 9.31 46.13
C GLU K 581 2.53 8.17 46.12
N GLU K 582 3.76 8.45 45.69
CA GLU K 582 4.81 7.43 45.67
C GLU K 582 5.21 6.94 47.07
N HIS K 583 5.48 5.63 47.18
CA HIS K 583 5.87 5.02 48.45
C HIS K 583 6.99 4.03 48.30
N ASP K 584 7.75 3.81 49.39
CA ASP K 584 8.88 2.88 49.38
C ASP K 584 8.97 1.98 50.62
N ILE K 585 9.58 0.80 50.46
CA ILE K 585 9.78 -0.15 51.55
C ILE K 585 11.17 -0.79 51.47
N ALA K 586 11.67 -1.28 52.61
CA ALA K 586 13.01 -1.87 52.64
C ALA K 586 12.96 -3.20 53.36
N TYR K 587 13.63 -4.20 52.80
CA TYR K 587 13.63 -5.54 53.40
C TYR K 587 14.87 -5.77 54.24
N SER K 588 14.67 -5.88 55.55
CA SER K 588 15.78 -6.12 56.48
C SER K 588 16.34 -7.53 56.33
N LYS K 589 17.31 -7.87 57.18
CA LYS K 589 17.94 -9.19 57.15
C LYS K 589 16.94 -10.28 57.51
N ASP K 590 15.87 -9.89 58.20
CA ASP K 590 14.82 -10.82 58.59
C ASP K 590 13.99 -11.25 57.38
N GLY K 591 14.06 -10.48 56.31
CA GLY K 591 13.29 -10.74 55.12
C GLY K 591 11.93 -10.06 55.19
N LEU K 592 11.69 -9.39 56.31
CA LEU K 592 10.44 -8.67 56.52
C LEU K 592 10.52 -7.26 55.94
N PRO K 593 9.44 -6.82 55.28
CA PRO K 593 9.39 -5.46 54.71
C PRO K 593 9.31 -4.40 55.79
N ASN K 594 9.91 -3.24 55.54
CA ASN K 594 9.87 -2.14 56.49
C ASN K 594 9.43 -0.83 55.82
N LYS K 595 8.44 -0.17 56.42
CA LYS K 595 7.94 1.14 55.99
C LYS K 595 8.78 2.36 56.43
N VAL K 596 8.61 3.48 55.74
CA VAL K 596 9.34 4.71 56.05
C VAL K 596 8.37 5.88 56.21
N LYS K 597 8.65 6.75 57.18
CA LYS K 597 7.83 7.93 57.40
C LYS K 597 7.89 8.85 56.20
N THR K 598 6.76 9.47 55.86
CA THR K 598 6.71 10.35 54.69
C THR K 598 7.65 11.54 54.87
N GLU K 599 7.68 12.09 56.07
CA GLU K 599 8.60 13.19 56.37
C GLU K 599 10.05 12.73 56.24
N ASP K 600 10.32 11.52 56.71
CA ASP K 600 11.67 10.95 56.65
C ASP K 600 12.13 10.76 55.21
N ILE K 601 11.23 10.31 54.35
CA ILE K 601 11.56 10.07 52.95
C ILE K 601 11.96 11.37 52.26
N ARG K 602 11.23 12.44 52.56
CA ARG K 602 11.54 13.76 52.01
C ARG K 602 12.91 14.22 52.49
N ILE K 603 13.20 13.95 53.77
CA ILE K 603 14.46 14.36 54.36
C ILE K 603 15.64 13.77 53.59
N ARG K 604 15.46 12.53 53.13
CA ARG K 604 16.46 11.86 52.31
C ARG K 604 16.69 12.63 51.01
N ALA K 605 15.63 13.30 50.54
CA ALA K 605 15.70 14.09 49.32
C ALA K 605 16.42 15.42 49.55
N GLN K 606 16.04 16.13 50.60
CA GLN K 606 16.61 17.44 50.88
C GLN K 606 18.07 17.35 51.34
N ASN K 607 18.43 16.22 51.94
CA ASN K 607 19.80 16.01 52.40
C ASN K 607 20.74 15.76 51.23
N PHE K 608 20.26 15.07 50.21
CA PHE K 608 21.05 14.82 49.01
C PHE K 608 21.27 16.12 48.24
N LYS K 609 20.24 16.96 48.19
CA LYS K 609 20.31 18.22 47.47
C LYS K 609 21.35 19.15 48.07
N SER K 610 21.49 19.09 49.39
CA SER K 610 22.48 19.90 50.08
C SER K 610 23.87 19.29 49.93
N ALA K 611 23.92 17.98 49.83
CA ALA K 611 25.19 17.26 49.68
C ALA K 611 25.70 17.31 48.25
N LEU K 612 24.84 17.70 47.33
CA LEU K 612 25.21 17.80 45.92
C LEU K 612 25.60 19.22 45.55
N ALA K 613 24.94 20.19 46.17
CA ALA K 613 25.20 21.59 45.88
C ALA K 613 26.37 22.13 46.70
N ASN K 614 26.12 22.29 48.00
CA ASN K 614 27.06 22.92 48.93
C ASN K 614 28.38 22.19 49.12
N LEU K 615 28.33 20.86 49.17
CA LEU K 615 29.51 20.09 49.51
C LEU K 615 30.40 19.88 48.28
N GLU K 616 31.00 20.97 47.81
CA GLU K 616 32.00 20.92 46.77
C GLU K 616 33.27 20.31 47.35
N ASP K 617 34.05 19.63 46.52
CA ASP K 617 35.28 19.02 46.99
C ASP K 617 36.49 19.77 46.45
N GLU L 5 22.85 118.31 -8.56
CA GLU L 5 21.88 117.65 -9.43
C GLU L 5 22.55 116.99 -10.63
N LYS L 6 23.81 117.33 -10.88
CA LYS L 6 24.58 116.74 -11.97
C LYS L 6 24.80 115.22 -11.86
N ILE L 7 25.08 114.72 -10.66
CA ILE L 7 25.33 113.28 -10.46
C ILE L 7 24.09 112.39 -10.67
N LYS L 8 22.91 112.93 -10.36
CA LYS L 8 21.70 112.11 -10.29
C LYS L 8 21.34 111.39 -11.61
N PRO L 9 21.47 112.07 -12.76
CA PRO L 9 21.16 111.33 -13.98
C PRO L 9 22.10 110.14 -14.23
N TYR L 10 23.35 110.25 -13.79
CA TYR L 10 24.30 109.15 -13.90
C TYR L 10 23.91 107.96 -13.04
N VAL L 11 23.46 108.25 -11.82
CA VAL L 11 23.01 107.19 -10.92
C VAL L 11 21.75 106.54 -11.46
N ARG L 12 20.85 107.36 -12.00
CA ARG L 12 19.60 106.88 -12.55
C ARG L 12 19.86 105.97 -13.74
N SER L 13 20.78 106.38 -14.60
CA SER L 13 21.12 105.64 -15.80
C SER L 13 21.71 104.27 -15.44
N PHE L 14 22.60 104.26 -14.47
CA PHE L 14 23.23 103.04 -14.01
C PHE L 14 22.19 102.09 -13.40
N SER L 15 21.33 102.64 -12.57
CA SER L 15 20.29 101.88 -11.87
C SER L 15 19.32 101.23 -12.85
N LYS L 16 18.97 101.98 -13.88
CA LYS L 16 18.07 101.48 -14.92
C LYS L 16 18.73 100.34 -15.72
N ALA L 17 20.03 100.50 -16.00
CA ALA L 17 20.77 99.49 -16.75
C ALA L 17 20.82 98.17 -15.97
N LEU L 18 21.06 98.26 -14.67
CA LEU L 18 21.09 97.10 -13.80
C LEU L 18 19.77 96.32 -13.83
N ASP L 19 18.66 97.04 -13.74
CA ASP L 19 17.35 96.42 -13.87
C ASP L 19 17.24 95.82 -15.27
N GLU L 20 17.76 96.56 -16.25
CA GLU L 20 17.77 96.10 -17.63
C GLU L 20 18.61 94.84 -17.81
N LEU L 21 19.75 94.78 -17.14
CA LEU L 21 20.63 93.62 -17.26
C LEU L 21 20.18 92.46 -16.37
N LYS L 22 19.64 92.78 -15.19
CA LYS L 22 19.22 91.77 -14.21
C LYS L 22 18.36 90.63 -14.78
N PRO L 23 17.30 90.93 -15.55
CA PRO L 23 16.51 89.82 -16.10
C PRO L 23 17.32 88.95 -17.04
N GLU L 24 18.24 89.55 -17.79
CA GLU L 24 19.03 88.82 -18.77
C GLU L 24 20.00 87.85 -18.12
N ILE L 25 20.57 88.25 -16.99
CA ILE L 25 21.47 87.39 -16.23
C ILE L 25 20.69 86.22 -15.62
N GLU L 26 19.47 86.50 -15.16
CA GLU L 26 18.60 85.45 -14.64
C GLU L 26 18.23 84.48 -15.75
N LYS L 27 17.99 85.02 -16.94
CA LYS L 27 17.62 84.20 -18.09
C LYS L 27 18.82 83.39 -18.60
N LEU L 28 20.00 83.96 -18.49
CA LEU L 28 21.23 83.30 -18.93
C LEU L 28 21.71 82.28 -17.91
N THR L 29 21.51 82.61 -16.63
CA THR L 29 22.04 81.81 -15.53
C THR L 29 21.08 80.74 -15.02
N SER L 30 19.94 80.62 -15.67
CA SER L 30 18.91 79.68 -15.24
C SER L 30 19.39 78.23 -15.26
N LYS L 31 20.18 77.89 -16.27
CA LYS L 31 20.66 76.52 -16.44
C LYS L 31 22.15 76.40 -16.10
N SER L 32 22.49 75.37 -15.33
CA SER L 32 23.87 75.17 -14.90
C SER L 32 24.76 74.94 -16.12
N LEU L 33 25.97 75.49 -16.07
CA LEU L 33 26.80 75.54 -17.25
C LEU L 33 27.11 74.14 -17.76
N ASP L 34 27.36 73.21 -16.85
CA ASP L 34 27.55 71.83 -17.29
C ASP L 34 26.35 71.31 -18.07
N GLU L 35 25.16 71.70 -17.64
CA GLU L 35 23.94 71.32 -18.34
C GLU L 35 23.95 71.87 -19.76
N GLN L 36 24.26 73.16 -19.90
CA GLN L 36 24.32 73.80 -21.21
C GLN L 36 25.37 73.16 -22.12
N LEU L 37 26.52 72.81 -21.53
CA LEU L 37 27.63 72.25 -22.30
C LEU L 37 27.36 70.83 -22.79
N LEU L 38 26.64 70.06 -21.97
CA LEU L 38 26.21 68.72 -22.35
C LEU L 38 25.27 68.79 -23.55
N LEU L 39 24.41 69.81 -23.55
CA LEU L 39 23.36 69.96 -24.56
C LEU L 39 23.88 70.13 -25.98
N LEU L 40 24.95 70.89 -26.15
CA LEU L 40 25.46 71.16 -27.50
C LEU L 40 26.66 70.29 -27.85
N SER L 41 26.50 69.49 -28.91
CA SER L 41 27.53 68.58 -29.37
C SER L 41 28.81 69.26 -29.87
N ASP L 42 28.65 70.35 -30.61
CA ASP L 42 29.78 70.96 -31.30
C ASP L 42 30.86 71.50 -30.37
N GLU L 43 32.11 71.20 -30.68
CA GLU L 43 33.25 71.75 -29.94
C GLU L 43 33.34 73.26 -30.12
N ARG L 44 33.13 73.73 -31.34
CA ARG L 44 33.23 75.16 -31.65
C ARG L 44 32.19 75.98 -30.89
N ALA L 45 30.97 75.46 -30.80
CA ALA L 45 29.91 76.12 -30.05
C ALA L 45 30.29 76.19 -28.58
N LYS L 46 30.88 75.11 -28.08
CA LYS L 46 31.28 75.01 -26.67
C LYS L 46 32.28 76.09 -26.28
N LEU L 47 33.28 76.27 -27.14
CA LEU L 47 34.33 77.22 -26.86
C LEU L 47 33.73 78.61 -26.75
N GLU L 48 32.72 78.85 -27.57
CA GLU L 48 32.04 80.13 -27.57
C GLU L 48 31.30 80.44 -26.29
N LEU L 49 30.57 79.46 -25.77
CA LEU L 49 29.79 79.67 -24.57
C LEU L 49 30.71 79.96 -23.40
N ILE L 50 31.79 79.21 -23.31
CA ILE L 50 32.76 79.39 -22.24
C ILE L 50 33.40 80.77 -22.26
N ASN L 51 33.84 81.20 -23.43
CA ASN L 51 34.52 82.49 -23.54
C ASN L 51 33.55 83.59 -23.14
N ARG L 52 32.29 83.40 -23.49
CA ARG L 52 31.24 84.34 -23.15
C ARG L 52 31.08 84.45 -21.63
N TYR L 53 31.03 83.29 -20.97
CA TYR L 53 30.91 83.22 -19.51
C TYR L 53 32.09 83.94 -18.86
N ALA L 54 33.30 83.70 -19.35
CA ALA L 54 34.48 84.37 -18.81
C ALA L 54 34.38 85.87 -19.01
N TYR L 55 33.84 86.29 -20.16
CA TYR L 55 33.67 87.72 -20.50
C TYR L 55 32.70 88.46 -19.56
N VAL L 56 31.54 87.87 -19.31
CA VAL L 56 30.54 88.50 -18.46
C VAL L 56 31.01 88.67 -17.02
N LEU L 57 31.60 87.63 -16.46
CA LEU L 57 32.05 87.64 -15.07
C LEU L 57 33.16 88.66 -14.94
N SER L 58 34.08 88.68 -15.90
CA SER L 58 35.18 89.61 -15.78
C SER L 58 34.65 91.03 -15.86
N SER L 59 33.73 91.26 -16.79
CA SER L 59 33.19 92.59 -16.96
C SER L 59 32.42 93.05 -15.73
N LEU L 60 31.59 92.17 -15.17
CA LEU L 60 30.80 92.45 -13.96
C LEU L 60 31.72 92.68 -12.76
N MET L 61 32.81 91.95 -12.69
CA MET L 61 33.77 92.19 -11.65
C MET L 61 34.39 93.56 -11.88
N PHE L 62 34.65 93.88 -13.14
CA PHE L 62 35.27 95.17 -13.47
C PHE L 62 34.34 96.29 -13.02
N ALA L 63 33.07 96.18 -13.38
CA ALA L 63 32.09 97.22 -13.06
C ALA L 63 31.98 97.35 -11.55
N ASN L 64 32.08 96.22 -10.87
CA ASN L 64 31.98 96.20 -9.42
C ASN L 64 33.09 97.00 -8.79
N MET L 65 34.33 96.73 -9.22
CA MET L 65 35.49 97.39 -8.66
C MET L 65 35.42 98.89 -8.86
N LYS L 66 34.95 99.30 -10.04
CA LYS L 66 34.79 100.71 -10.34
C LYS L 66 33.79 101.38 -9.40
N VAL L 67 32.70 100.67 -9.11
CA VAL L 67 31.66 101.19 -8.22
C VAL L 67 32.21 101.40 -6.81
N LEU L 68 33.04 100.45 -6.38
CA LEU L 68 33.75 100.50 -5.11
C LEU L 68 34.74 101.66 -5.05
N GLY L 69 35.39 101.96 -6.17
CA GLY L 69 36.42 102.98 -6.19
C GLY L 69 37.76 102.52 -5.63
N VAL L 70 38.00 101.23 -5.63
CA VAL L 70 39.23 100.66 -5.10
C VAL L 70 40.45 101.20 -5.88
N LYS L 71 41.52 101.45 -5.15
CA LYS L 71 42.67 102.20 -5.66
C LYS L 71 43.44 101.58 -6.84
N ASP L 72 43.69 100.28 -6.81
CA ASP L 72 44.53 99.68 -7.84
C ASP L 72 43.70 98.82 -8.77
N MET L 73 43.84 99.03 -10.07
CA MET L 73 43.00 98.32 -11.02
C MET L 73 43.83 97.37 -11.86
N SER L 74 45.10 97.19 -11.52
CA SER L 74 45.92 96.33 -12.35
C SER L 74 45.38 94.89 -12.42
N PRO L 75 44.93 94.35 -11.28
CA PRO L 75 44.46 92.95 -11.24
C PRO L 75 43.19 92.62 -12.04
N ILE L 76 42.13 93.44 -11.96
CA ILE L 76 40.88 93.15 -12.67
C ILE L 76 41.06 93.22 -14.19
N LEU L 77 41.79 94.24 -14.60
CA LEU L 77 42.20 94.50 -15.96
C LEU L 77 42.98 93.29 -16.50
N GLY L 78 43.77 92.66 -15.62
CA GLY L 78 44.55 91.51 -16.00
C GLY L 78 43.67 90.34 -16.39
N GLU L 79 42.53 90.20 -15.74
CA GLU L 79 41.65 89.12 -16.10
C GLU L 79 41.00 89.38 -17.46
N LEU L 80 40.63 90.62 -17.70
CA LEU L 80 40.00 90.99 -18.97
C LEU L 80 40.93 90.77 -20.20
N LYS L 81 42.23 91.06 -20.09
CA LYS L 81 43.11 90.75 -21.21
C LYS L 81 43.22 89.27 -21.44
N ARG L 82 43.26 88.50 -20.36
CA ARG L 82 43.26 87.06 -20.46
C ARG L 82 42.03 86.57 -21.24
N VAL L 83 40.88 87.17 -20.97
CA VAL L 83 39.68 86.84 -21.72
C VAL L 83 39.84 87.29 -23.14
N LYS L 84 40.33 88.51 -23.35
CA LYS L 84 40.54 88.99 -24.71
C LYS L 84 41.50 88.04 -25.41
N SER L 85 42.46 87.54 -24.66
CA SER L 85 43.45 86.61 -25.17
C SER L 85 42.80 85.35 -25.77
N TYR L 86 42.00 84.66 -24.98
CA TYR L 86 41.37 83.42 -25.44
C TYR L 86 40.32 83.61 -26.51
N MET L 87 39.62 84.73 -26.45
CA MET L 87 38.61 85.02 -27.45
C MET L 87 39.23 85.23 -28.81
N ASP L 88 40.38 85.89 -28.83
CA ASP L 88 41.13 86.09 -30.04
C ASP L 88 41.53 84.74 -30.63
N LYS L 89 42.04 83.88 -29.76
CA LYS L 89 42.53 82.56 -30.13
C LYS L 89 41.40 81.77 -30.77
N ALA L 90 40.19 81.95 -30.26
CA ALA L 90 39.02 81.33 -30.86
C ALA L 90 38.80 81.86 -32.26
N LYS L 91 38.76 83.19 -32.39
CA LYS L 91 38.47 83.83 -33.67
C LYS L 91 39.51 83.51 -34.74
N GLN L 92 40.78 83.49 -34.34
CA GLN L 92 41.87 83.25 -35.28
C GLN L 92 41.75 81.87 -35.92
N TYR L 93 41.38 80.88 -35.12
CA TYR L 93 41.25 79.51 -35.61
C TYR L 93 40.16 79.39 -36.68
N ASP L 94 39.05 80.09 -36.47
CA ASP L 94 37.92 80.05 -37.40
C ASP L 94 38.30 80.61 -38.76
N ASN L 95 39.08 81.69 -38.76
CA ASN L 95 39.49 82.33 -40.00
C ASN L 95 40.34 81.41 -40.87
N ARG L 96 41.25 80.67 -40.25
CA ARG L 96 42.12 79.75 -40.98
C ARG L 96 41.30 78.65 -41.65
N ILE L 97 40.30 78.14 -40.92
CA ILE L 97 39.44 77.09 -41.45
C ILE L 97 38.65 77.58 -42.66
N THR L 98 38.17 78.83 -42.58
CA THR L 98 37.39 79.42 -43.65
C THR L 98 38.20 79.55 -44.94
N LYS L 99 39.47 79.94 -44.79
CA LYS L 99 40.34 80.13 -45.95
C LYS L 99 40.56 78.83 -46.70
N SER L 100 40.74 77.73 -45.97
CA SER L 100 40.94 76.43 -46.58
C SER L 100 39.72 76.01 -47.39
N ASN L 101 38.54 76.25 -46.84
CA ASN L 101 37.29 75.93 -47.52
C ASN L 101 37.12 76.72 -48.81
N GLU L 102 37.48 78.00 -48.77
CA GLU L 102 37.36 78.87 -49.93
C GLU L 102 38.24 78.41 -51.09
N LYS L 103 39.45 77.95 -50.77
CA LYS L 103 40.39 77.52 -51.79
C LYS L 103 39.86 76.32 -52.57
N SER L 104 39.25 75.37 -51.85
CA SER L 104 38.69 74.19 -52.48
C SER L 104 37.57 74.57 -53.44
N GLN L 105 36.72 75.51 -53.02
CA GLN L 105 35.63 76.00 -53.84
C GLN L 105 36.14 76.68 -55.10
N ALA L 106 37.21 77.45 -54.95
CA ALA L 106 37.80 78.19 -56.06
C ALA L 106 38.11 77.28 -57.24
N GLU L 107 38.61 76.09 -56.94
CA GLU L 107 38.97 75.13 -57.98
C GLU L 107 37.76 74.70 -58.78
N GLN L 108 36.63 74.49 -58.11
CA GLN L 108 35.41 74.07 -58.77
C GLN L 108 34.98 75.06 -59.85
N GLU L 109 35.11 76.35 -59.53
CA GLU L 109 34.76 77.40 -60.48
C GLU L 109 35.65 77.34 -61.71
N LYS L 110 36.93 77.09 -61.51
CA LYS L 110 37.88 76.96 -62.60
C LYS L 110 37.52 75.77 -63.48
N ALA L 111 37.11 74.67 -62.84
CA ALA L 111 36.73 73.47 -63.56
C ALA L 111 35.49 73.71 -64.40
N LYS L 112 34.53 74.45 -63.83
CA LYS L 112 33.31 74.79 -64.54
C LYS L 112 33.62 75.66 -65.76
N ASN L 113 34.54 76.60 -65.60
CA ASN L 113 34.92 77.49 -66.69
C ASN L 113 35.55 76.74 -67.85
N ILE L 114 36.38 75.76 -67.54
CA ILE L 114 37.05 74.96 -68.54
C ILE L 114 36.04 74.17 -69.37
N ILE L 115 35.05 73.58 -68.69
CA ILE L 115 34.02 72.80 -69.35
C ILE L 115 33.22 73.66 -70.33
N SER L 116 32.91 74.87 -69.92
CA SER L 116 32.14 75.80 -70.76
C SER L 116 32.88 76.13 -72.03
N ASN L 117 34.20 76.33 -71.92
CA ASN L 117 35.03 76.66 -73.07
C ASN L 117 35.21 75.47 -74.01
MG MG O . 0.94 -74.18 3.63
ZN ZN P . -39.81 -16.53 -42.38
#